data_2VHI
#
_entry.id   2VHI
#
_cell.length_a   278.863
_cell.length_b   95.048
_cell.length_c   199.312
_cell.angle_alpha   90.00
_cell.angle_beta   125.82
_cell.angle_gamma   90.00
#
_symmetry.space_group_name_H-M   'C 1 2 1'
#
_entity_poly.entity_id   1
_entity_poly.type   'polypeptide(L)'
_entity_poly.pdbx_seq_one_letter_code
;MSAFELKNLNDCLEKHLPPDELKEVKRILYGVEEDQTLELPTSAKDIAEQNGFDIKGYRFTAREEQTRKRRIVRVGAIQN
SIVIPTTAPIEKQREAIWNKVKTMIKAAAEAGCNIVCTQEAWTMPFAFCTREKFPWCEFAEEAENGPTTKMLAELAKAYN
MVIIHSILERDMEHGETIWNTAVVISNSGRYLGKHRKNHIPRVGDFNESTYYMEGNTGHPVFETEFGKLAVNICYGRHHP
QNWMMFGLNGAEIVFNPSATIGRLSEPLWSIEARNAAIANSYFTVPINRVGTEQFPNEYTSGDGNKAHKEFGPFYGSSYV
AAPDGSRTPSLSRDKDGLLVVELDLNLCRQVKDFWGFRMTQRVPLYAESFKKASEHGFKPQIIKETQFPGDDDDKHHHHH
HHHSG
;
_entity_poly.pdbx_strand_id   A,B,C,D,E,F,G,H
#
# COMPACT_ATOMS: atom_id res chain seq x y z
N GLU A 5 -62.50 -20.74 20.58
CA GLU A 5 -63.12 -21.92 21.26
C GLU A 5 -62.28 -23.21 21.20
N LEU A 6 -61.20 -23.20 20.40
CA LEU A 6 -60.26 -24.34 20.31
C LEU A 6 -59.49 -24.49 21.63
N LYS A 7 -59.60 -25.66 22.24
CA LYS A 7 -59.06 -25.90 23.58
C LYS A 7 -57.74 -26.71 23.63
N ASN A 8 -57.41 -27.40 22.54
CA ASN A 8 -56.14 -28.18 22.39
C ASN A 8 -55.84 -28.63 20.95
N LEU A 9 -54.68 -28.22 20.40
CA LEU A 9 -54.32 -28.57 19.01
C LEU A 9 -54.04 -30.06 18.79
N ASN A 10 -53.31 -30.66 19.72
CA ASN A 10 -53.01 -32.09 19.65
C ASN A 10 -54.29 -32.92 19.71
N ASP A 11 -55.16 -32.59 20.65
CA ASP A 11 -56.45 -33.29 20.80
C ASP A 11 -57.36 -33.11 19.59
N CYS A 12 -57.30 -31.94 18.98
CA CYS A 12 -58.09 -31.66 17.79
C CYS A 12 -57.62 -32.47 16.57
N LEU A 13 -56.32 -32.71 16.47
CA LEU A 13 -55.79 -33.43 15.31
C LEU A 13 -55.97 -34.95 15.41
N GLU A 14 -56.07 -35.44 16.63
CA GLU A 14 -56.36 -36.86 16.88
C GLU A 14 -57.87 -37.14 16.86
N LYS A 15 -58.68 -36.09 16.86
CA LYS A 15 -60.14 -36.23 16.81
C LYS A 15 -60.72 -36.03 15.40
N HIS A 16 -59.87 -35.88 14.40
CA HIS A 16 -60.32 -35.58 13.04
C HIS A 16 -59.57 -36.33 11.93
N LEU A 17 -58.50 -37.04 12.29
CA LEU A 17 -57.67 -37.69 11.28
C LEU A 17 -57.54 -39.21 11.45
N PRO A 18 -57.65 -39.96 10.34
CA PRO A 18 -57.33 -41.39 10.30
C PRO A 18 -55.92 -41.67 10.85
N PRO A 19 -55.78 -42.74 11.66
CA PRO A 19 -54.60 -42.97 12.51
C PRO A 19 -53.27 -43.05 11.74
N ASP A 20 -53.33 -43.51 10.50
CA ASP A 20 -52.17 -43.61 9.63
C ASP A 20 -51.69 -42.24 9.16
N GLU A 21 -52.64 -41.34 8.92
CA GLU A 21 -52.37 -39.95 8.52
C GLU A 21 -51.91 -39.09 9.70
N LEU A 22 -52.63 -39.24 10.82
CA LEU A 22 -52.26 -38.62 12.10
C LEU A 22 -50.81 -38.92 12.47
N LYS A 23 -50.38 -40.17 12.27
CA LYS A 23 -48.98 -40.55 12.47
C LYS A 23 -47.98 -39.76 11.61
N GLU A 24 -48.40 -39.33 10.42
CA GLU A 24 -47.57 -38.51 9.54
C GLU A 24 -47.65 -37.01 9.84
N VAL A 25 -48.86 -36.54 10.19
CA VAL A 25 -49.08 -35.16 10.63
C VAL A 25 -48.30 -34.84 11.90
N LYS A 26 -48.32 -35.78 12.85
CA LYS A 26 -47.57 -35.67 14.09
C LYS A 26 -46.06 -35.69 13.88
N ARG A 27 -45.60 -36.46 12.90
CA ARG A 27 -44.17 -36.55 12.62
C ARG A 27 -43.60 -35.27 12.06
N ILE A 28 -44.39 -34.51 11.29
CA ILE A 28 -43.90 -33.22 10.80
C ILE A 28 -44.14 -32.03 11.74
N LEU A 29 -45.24 -32.08 12.51
CA LEU A 29 -45.54 -31.02 13.47
C LEU A 29 -44.69 -31.14 14.72
N TYR A 30 -44.85 -32.27 15.39
CA TYR A 30 -44.06 -32.61 16.58
C TYR A 30 -42.88 -33.43 16.10
N GLY A 31 -42.07 -33.95 17.01
CA GLY A 31 -40.84 -34.59 16.58
C GLY A 31 -40.96 -36.05 16.20
N VAL A 32 -41.99 -36.71 16.73
CA VAL A 32 -42.17 -38.14 16.59
C VAL A 32 -43.51 -38.51 15.95
N GLU A 33 -43.82 -39.80 15.91
CA GLU A 33 -44.98 -40.35 15.18
C GLU A 33 -46.16 -40.54 16.12
N GLU A 34 -45.86 -40.95 17.36
CA GLU A 34 -46.87 -41.10 18.41
C GLU A 34 -46.29 -40.60 19.73
N ASP A 35 -47.11 -39.85 20.47
CA ASP A 35 -46.75 -39.31 21.81
C ASP A 35 -45.91 -40.28 22.63
N GLN A 36 -44.81 -39.78 23.17
CA GLN A 36 -44.07 -40.56 24.14
C GLN A 36 -44.61 -40.20 25.53
N THR A 37 -45.75 -40.80 25.87
CA THR A 37 -46.47 -40.52 27.11
C THR A 37 -45.63 -40.97 28.28
N LEU A 38 -45.83 -40.31 29.42
CA LEU A 38 -45.22 -40.73 30.65
C LEU A 38 -46.31 -40.97 31.67
N GLU A 39 -46.24 -42.13 32.33
CA GLU A 39 -47.23 -42.51 33.31
C GLU A 39 -46.97 -41.79 34.64
N LEU A 40 -47.96 -41.03 35.10
CA LEU A 40 -47.79 -40.25 36.31
C LEU A 40 -48.43 -40.91 37.53
N PRO A 41 -47.69 -40.97 38.65
CA PRO A 41 -48.21 -41.49 39.92
C PRO A 41 -49.65 -41.08 40.20
N THR A 42 -50.41 -42.00 40.76
CA THR A 42 -51.86 -41.82 40.93
C THR A 42 -52.20 -40.68 41.88
N SER A 43 -51.40 -40.55 42.93
CA SER A 43 -51.58 -39.51 43.93
C SER A 43 -51.41 -38.08 43.38
N ALA A 44 -50.51 -37.92 42.41
CA ALA A 44 -50.29 -36.63 41.76
C ALA A 44 -51.48 -36.20 40.90
N LYS A 45 -51.93 -37.10 40.04
CA LYS A 45 -53.10 -36.88 39.19
C LYS A 45 -54.36 -36.55 40.02
N ASP A 46 -54.41 -37.10 41.23
CA ASP A 46 -55.51 -36.84 42.18
C ASP A 46 -55.55 -35.36 42.59
N ILE A 47 -54.42 -34.83 43.05
CA ILE A 47 -54.34 -33.43 43.48
C ILE A 47 -54.77 -32.50 42.35
N ALA A 48 -54.25 -32.73 41.15
CA ALA A 48 -54.61 -31.95 39.96
C ALA A 48 -56.10 -32.00 39.66
N GLU A 49 -56.65 -33.21 39.69
CA GLU A 49 -58.08 -33.45 39.51
C GLU A 49 -58.91 -32.56 40.42
N GLN A 50 -58.63 -32.63 41.72
CA GLN A 50 -59.41 -31.94 42.74
C GLN A 50 -59.28 -30.42 42.64
N ASN A 51 -58.06 -29.95 42.37
CA ASN A 51 -57.80 -28.51 42.29
C ASN A 51 -58.07 -27.93 40.91
N GLY A 52 -58.53 -28.76 39.99
CA GLY A 52 -58.98 -28.28 38.68
C GLY A 52 -57.91 -27.85 37.70
N PHE A 53 -56.73 -28.47 37.78
CA PHE A 53 -55.68 -28.18 36.81
C PHE A 53 -55.14 -29.40 36.05
N ASP A 54 -54.79 -29.18 34.79
CA ASP A 54 -54.23 -30.24 33.93
C ASP A 54 -52.89 -30.76 34.45
N ILE A 55 -52.68 -32.06 34.26
CA ILE A 55 -51.41 -32.70 34.53
C ILE A 55 -51.11 -33.68 33.42
N LYS A 56 -50.08 -33.39 32.63
CA LYS A 56 -49.65 -34.27 31.54
C LYS A 56 -48.18 -34.63 31.61
N GLY A 57 -47.88 -35.90 31.34
CA GLY A 57 -46.52 -36.42 31.43
C GLY A 57 -46.03 -36.94 30.09
N TYR A 58 -44.80 -36.54 29.72
CA TYR A 58 -44.14 -37.05 28.52
C TYR A 58 -42.67 -37.33 28.75
N ARG A 59 -42.07 -38.09 27.85
CA ARG A 59 -40.69 -38.54 28.03
C ARG A 59 -39.84 -38.38 26.79
N PHE A 60 -38.60 -37.92 27.00
CA PHE A 60 -37.57 -37.88 25.97
C PHE A 60 -36.49 -38.86 26.37
N THR A 61 -35.95 -39.55 25.38
CA THR A 61 -34.99 -40.61 25.63
C THR A 61 -33.68 -40.33 24.90
N ALA A 62 -32.58 -40.88 25.36
CA ALA A 62 -31.33 -40.76 24.65
C ALA A 62 -30.77 -42.15 24.37
N ARG A 63 -29.70 -42.20 23.60
CA ARG A 63 -28.96 -43.41 23.30
C ARG A 63 -28.16 -43.84 24.53
N GLU A 64 -27.96 -45.13 24.70
CA GLU A 64 -27.15 -45.63 25.81
C GLU A 64 -25.66 -45.43 25.51
N GLU A 65 -24.93 -44.89 26.50
CA GLU A 65 -23.51 -44.57 26.32
C GLU A 65 -22.62 -45.51 27.10
N GLN A 66 -21.41 -45.74 26.59
CA GLN A 66 -20.44 -46.61 27.21
C GLN A 66 -19.76 -46.00 28.43
N THR A 67 -19.29 -44.76 28.31
CA THR A 67 -18.52 -44.13 29.39
C THR A 67 -19.35 -43.24 30.33
N ARG A 68 -20.67 -43.21 30.13
CA ARG A 68 -21.55 -42.37 30.94
C ARG A 68 -22.90 -43.02 31.23
N LYS A 69 -23.35 -42.92 32.48
CA LYS A 69 -24.68 -43.41 32.85
C LYS A 69 -25.74 -42.41 32.39
N ARG A 70 -26.95 -42.92 32.15
CA ARG A 70 -28.06 -42.08 31.73
C ARG A 70 -28.29 -41.02 32.79
N ARG A 71 -28.39 -39.77 32.37
CA ARG A 71 -28.65 -38.67 33.30
C ARG A 71 -30.11 -38.25 33.21
N ILE A 72 -30.98 -39.09 33.75
CA ILE A 72 -32.42 -38.89 33.65
C ILE A 72 -32.92 -37.83 34.65
N VAL A 73 -33.66 -36.86 34.15
CA VAL A 73 -34.13 -35.73 34.96
C VAL A 73 -35.57 -35.37 34.61
N ARG A 74 -36.35 -34.97 35.62
CA ARG A 74 -37.78 -34.69 35.46
C ARG A 74 -38.07 -33.23 35.74
N VAL A 75 -38.66 -32.54 34.77
CA VAL A 75 -39.02 -31.12 34.97
C VAL A 75 -40.54 -30.84 34.97
N GLY A 76 -40.92 -29.88 35.81
CA GLY A 76 -42.31 -29.46 35.94
C GLY A 76 -42.49 -28.00 35.57
N ALA A 77 -43.14 -27.78 34.42
CA ALA A 77 -43.58 -26.45 34.00
C ALA A 77 -44.98 -26.16 34.55
N ILE A 78 -45.15 -25.00 35.19
CA ILE A 78 -46.43 -24.62 35.79
C ILE A 78 -47.03 -23.40 35.09
N GLN A 79 -48.15 -23.59 34.41
CA GLN A 79 -48.92 -22.47 33.88
C GLN A 79 -50.21 -22.28 34.67
N ASN A 80 -50.49 -21.03 35.02
CA ASN A 80 -51.68 -20.67 35.78
C ASN A 80 -52.23 -19.29 35.41
N SER A 81 -53.37 -18.93 36.00
CA SER A 81 -53.88 -17.57 35.92
C SER A 81 -53.91 -16.92 37.31
N ILE A 82 -54.04 -15.59 37.33
CA ILE A 82 -54.37 -14.88 38.54
C ILE A 82 -55.77 -15.26 39.05
N VAL A 83 -56.05 -14.93 40.30
CA VAL A 83 -56.98 -15.72 41.10
C VAL A 83 -58.10 -14.83 41.67
N ILE A 84 -57.70 -13.74 42.33
CA ILE A 84 -58.64 -12.73 42.76
C ILE A 84 -58.50 -11.44 41.93
N PRO A 85 -59.58 -10.68 41.85
CA PRO A 85 -59.62 -9.48 41.00
C PRO A 85 -58.52 -8.45 41.30
N THR A 86 -57.96 -7.86 40.24
CA THR A 86 -56.82 -6.91 40.37
C THR A 86 -57.09 -5.71 41.31
N THR A 87 -58.34 -5.54 41.69
CA THR A 87 -58.76 -4.50 42.61
C THR A 87 -58.90 -5.10 44.02
N ALA A 88 -57.76 -5.47 44.61
CA ALA A 88 -57.71 -6.12 45.92
C ALA A 88 -56.31 -5.91 46.48
N PRO A 89 -56.18 -5.67 47.81
CA PRO A 89 -54.85 -5.49 48.38
C PRO A 89 -53.83 -6.41 47.71
N ILE A 90 -52.78 -5.82 47.17
CA ILE A 90 -51.81 -6.56 46.35
C ILE A 90 -51.22 -7.76 47.10
N GLU A 91 -51.17 -7.66 48.43
CA GLU A 91 -50.63 -8.75 49.27
C GLU A 91 -51.55 -9.97 49.27
N LYS A 92 -52.86 -9.73 49.29
CA LYS A 92 -53.85 -10.82 49.16
C LYS A 92 -53.85 -11.45 47.75
N GLN A 93 -53.58 -10.62 46.74
CA GLN A 93 -53.46 -11.08 45.35
C GLN A 93 -52.31 -12.07 45.23
N ARG A 94 -51.15 -11.65 45.74
CA ARG A 94 -49.95 -12.49 45.75
C ARG A 94 -50.18 -13.77 46.56
N GLU A 95 -50.80 -13.62 47.75
CA GLU A 95 -51.18 -14.73 48.63
C GLU A 95 -52.03 -15.81 47.97
N ALA A 96 -52.97 -15.37 47.14
CA ALA A 96 -53.87 -16.26 46.44
C ALA A 96 -53.15 -17.13 45.38
N ILE A 97 -52.34 -16.50 44.54
CA ILE A 97 -51.56 -17.25 43.54
C ILE A 97 -50.55 -18.13 44.26
N TRP A 98 -49.91 -17.59 45.29
CA TRP A 98 -49.10 -18.38 46.21
C TRP A 98 -49.77 -19.71 46.59
N ASN A 99 -50.99 -19.63 47.12
CA ASN A 99 -51.69 -20.81 47.58
C ASN A 99 -52.10 -21.78 46.50
N LYS A 100 -52.42 -21.24 45.31
CA LYS A 100 -52.76 -22.08 44.15
C LYS A 100 -51.54 -22.86 43.68
N VAL A 101 -50.42 -22.15 43.50
CA VAL A 101 -49.21 -22.75 42.97
C VAL A 101 -48.56 -23.67 44.00
N LYS A 102 -48.65 -23.29 45.28
CA LYS A 102 -48.27 -24.17 46.38
C LYS A 102 -48.71 -25.61 46.12
N THR A 103 -49.98 -25.78 45.73
CA THR A 103 -50.56 -27.11 45.57
C THR A 103 -50.16 -27.74 44.25
N MET A 104 -49.82 -26.89 43.28
CA MET A 104 -49.35 -27.38 41.98
C MET A 104 -47.92 -27.91 42.11
N ILE A 105 -47.08 -27.19 42.84
CA ILE A 105 -45.71 -27.61 43.13
C ILE A 105 -45.75 -28.93 43.90
N LYS A 106 -46.77 -29.09 44.74
CA LYS A 106 -46.99 -30.33 45.48
C LYS A 106 -47.22 -31.50 44.50
N ALA A 107 -48.11 -31.28 43.53
CA ALA A 107 -48.42 -32.27 42.51
C ALA A 107 -47.13 -32.65 41.76
N ALA A 108 -46.38 -31.63 41.35
CA ALA A 108 -45.12 -31.80 40.66
C ALA A 108 -44.15 -32.62 41.48
N ALA A 109 -44.24 -32.44 42.79
CA ALA A 109 -43.40 -33.13 43.76
C ALA A 109 -43.72 -34.61 43.78
N GLU A 110 -45.02 -34.90 43.85
CA GLU A 110 -45.50 -36.28 43.86
C GLU A 110 -45.32 -37.01 42.53
N ALA A 111 -45.41 -36.26 41.43
CA ALA A 111 -45.06 -36.78 40.11
C ALA A 111 -43.53 -36.93 39.95
N GLY A 112 -42.80 -36.57 41.01
CA GLY A 112 -41.35 -36.80 41.11
C GLY A 112 -40.47 -35.92 40.24
N CYS A 113 -40.84 -34.64 40.09
CA CYS A 113 -39.98 -33.68 39.38
C CYS A 113 -38.74 -33.30 40.21
N ASN A 114 -37.69 -32.87 39.52
CA ASN A 114 -36.46 -32.41 40.19
C ASN A 114 -36.24 -30.92 39.97
N ILE A 115 -36.89 -30.39 38.92
CA ILE A 115 -36.83 -28.97 38.62
C ILE A 115 -38.22 -28.44 38.28
N VAL A 116 -38.66 -27.44 39.03
CA VAL A 116 -39.96 -26.80 38.80
C VAL A 116 -39.80 -25.34 38.42
N CYS A 117 -40.58 -24.89 37.44
CA CYS A 117 -40.43 -23.56 36.88
C CYS A 117 -41.77 -22.85 36.63
N THR A 118 -41.81 -21.57 37.00
CA THR A 118 -43.03 -20.74 36.91
C THR A 118 -43.06 -19.93 35.61
N GLN A 119 -44.17 -19.27 35.31
CA GLN A 119 -44.20 -18.35 34.16
C GLN A 119 -43.56 -17.00 34.52
N GLU A 120 -43.66 -16.00 33.65
CA GLU A 120 -43.09 -14.68 33.98
C GLU A 120 -44.00 -13.86 34.88
N ALA A 121 -43.37 -13.19 35.86
CA ALA A 121 -44.05 -12.36 36.85
C ALA A 121 -45.22 -13.14 37.46
N TRP A 122 -44.95 -14.39 37.80
CA TRP A 122 -45.99 -15.34 38.16
C TRP A 122 -46.78 -14.95 39.40
N THR A 123 -46.28 -13.96 40.13
CA THR A 123 -46.82 -13.64 41.44
C THR A 123 -47.78 -12.44 41.43
N MET A 124 -48.16 -11.99 40.24
CA MET A 124 -48.92 -10.75 40.07
C MET A 124 -49.70 -10.73 38.76
N PRO A 125 -50.84 -10.01 38.71
CA PRO A 125 -51.48 -9.82 37.41
C PRO A 125 -50.57 -8.95 36.52
N PHE A 126 -50.47 -9.30 35.25
CA PHE A 126 -49.51 -8.64 34.35
C PHE A 126 -49.92 -7.20 34.02
N ALA A 127 -49.39 -6.27 34.81
CA ALA A 127 -49.80 -4.85 34.82
C ALA A 127 -48.83 -3.98 34.03
N CYS A 137 -45.26 -3.75 40.81
CA CYS A 137 -44.45 -2.70 41.37
C CYS A 137 -44.63 -2.65 42.90
N GLU A 138 -45.89 -2.65 43.33
CA GLU A 138 -46.23 -2.91 44.72
C GLU A 138 -45.72 -4.31 45.08
N PHE A 139 -45.85 -5.21 44.09
CA PHE A 139 -45.39 -6.60 44.14
C PHE A 139 -43.86 -6.73 44.09
N ALA A 140 -43.17 -5.73 43.53
CA ALA A 140 -41.72 -5.78 43.45
C ALA A 140 -41.13 -6.12 44.82
N GLU A 141 -40.40 -7.24 44.87
CA GLU A 141 -39.75 -7.67 46.12
C GLU A 141 -38.25 -7.85 45.92
N GLU A 142 -37.52 -8.15 47.00
CA GLU A 142 -36.11 -8.45 46.87
C GLU A 142 -35.91 -9.84 46.30
N ALA A 143 -34.80 -10.01 45.59
CA ALA A 143 -34.56 -11.27 44.88
C ALA A 143 -34.21 -12.40 45.83
N GLU A 144 -33.42 -12.12 46.86
CA GLU A 144 -33.08 -13.22 47.75
C GLU A 144 -33.77 -13.27 49.12
N ASN A 145 -34.20 -12.12 49.63
CA ASN A 145 -34.90 -12.05 50.91
C ASN A 145 -36.39 -11.75 50.73
N GLY A 146 -36.81 -11.58 49.48
CA GLY A 146 -38.21 -11.30 49.17
C GLY A 146 -39.09 -12.43 49.66
N PRO A 147 -40.30 -12.11 50.18
CA PRO A 147 -41.24 -13.11 50.71
C PRO A 147 -41.46 -14.35 49.82
N THR A 148 -41.57 -14.12 48.51
CA THR A 148 -41.83 -15.18 47.54
C THR A 148 -40.67 -16.17 47.48
N THR A 149 -39.47 -15.65 47.32
CA THR A 149 -38.25 -16.45 47.36
C THR A 149 -38.14 -17.23 48.68
N LYS A 150 -38.26 -16.52 49.80
CA LYS A 150 -38.20 -17.12 51.14
C LYS A 150 -39.17 -18.29 51.25
N MET A 151 -40.41 -18.01 50.86
CA MET A 151 -41.52 -18.95 50.85
C MET A 151 -41.18 -20.21 50.02
N LEU A 152 -40.83 -19.97 48.76
CA LEU A 152 -40.53 -21.04 47.81
C LEU A 152 -39.29 -21.82 48.18
N ALA A 153 -38.32 -21.15 48.82
CA ALA A 153 -37.09 -21.80 49.29
C ALA A 153 -37.40 -22.96 50.23
N GLU A 154 -38.48 -22.83 50.99
CA GLU A 154 -38.90 -23.91 51.90
C GLU A 154 -39.39 -25.15 51.18
N LEU A 155 -40.27 -24.96 50.21
CA LEU A 155 -40.80 -26.05 49.40
C LEU A 155 -39.68 -26.76 48.66
N ALA A 156 -38.64 -25.99 48.31
CA ALA A 156 -37.47 -26.54 47.62
C ALA A 156 -36.66 -27.48 48.51
N LYS A 157 -36.37 -27.05 49.74
CA LYS A 157 -35.68 -27.89 50.71
C LYS A 157 -36.51 -29.15 51.04
N ALA A 158 -37.80 -28.93 51.29
CA ALA A 158 -38.75 -29.99 51.67
C ALA A 158 -38.96 -31.05 50.58
N TYR A 159 -39.11 -30.61 49.33
CA TYR A 159 -39.33 -31.52 48.21
C TYR A 159 -38.04 -31.91 47.48
N ASN A 160 -36.88 -31.49 47.99
CA ASN A 160 -35.58 -31.70 47.32
C ASN A 160 -35.67 -31.49 45.80
N MET A 161 -36.04 -30.27 45.43
CA MET A 161 -36.11 -29.90 44.01
C MET A 161 -35.68 -28.44 43.79
N VAL A 162 -35.08 -28.20 42.63
CA VAL A 162 -34.65 -26.87 42.20
C VAL A 162 -35.90 -26.09 41.76
N ILE A 163 -36.08 -24.89 42.30
CA ILE A 163 -37.21 -24.06 41.92
C ILE A 163 -36.76 -22.78 41.23
N ILE A 164 -37.15 -22.63 39.97
CA ILE A 164 -36.87 -21.44 39.19
C ILE A 164 -38.15 -20.63 39.15
N HIS A 165 -38.09 -19.37 39.58
CA HIS A 165 -39.27 -18.51 39.50
C HIS A 165 -39.00 -17.06 39.06
N SER A 166 -40.01 -16.44 38.47
CA SER A 166 -39.84 -15.12 37.88
C SER A 166 -40.72 -14.05 38.54
N ILE A 167 -40.08 -13.01 39.07
CA ILE A 167 -40.74 -11.97 39.86
C ILE A 167 -40.35 -10.57 39.41
N LEU A 168 -40.98 -9.56 40.01
CA LEU A 168 -40.49 -8.19 39.87
C LEU A 168 -39.50 -7.95 40.98
N GLU A 169 -38.31 -7.49 40.61
CA GLU A 169 -37.24 -7.27 41.57
C GLU A 169 -37.03 -5.80 41.83
N ARG A 170 -37.08 -5.43 43.11
CA ARG A 170 -36.67 -4.10 43.57
C ARG A 170 -35.30 -4.27 44.22
N ASP A 171 -34.28 -3.67 43.61
CA ASP A 171 -32.92 -3.72 44.16
C ASP A 171 -32.73 -2.56 45.10
N MET A 172 -32.47 -2.88 46.37
CA MET A 172 -32.23 -1.83 47.38
C MET A 172 -30.94 -1.03 47.12
N GLU A 173 -29.82 -1.76 47.09
CA GLU A 173 -28.47 -1.18 47.00
C GLU A 173 -28.31 -0.18 45.85
N HIS A 174 -28.77 -0.54 44.66
CA HIS A 174 -28.62 0.40 43.56
C HIS A 174 -29.92 1.15 43.28
N GLY A 175 -30.23 2.01 44.25
CA GLY A 175 -31.28 3.02 44.14
C GLY A 175 -32.70 2.50 43.99
N GLU A 176 -33.01 1.45 44.73
CA GLU A 176 -34.35 0.85 44.74
C GLU A 176 -35.02 0.78 43.33
N THR A 177 -34.22 0.36 42.34
CA THR A 177 -34.67 0.17 40.95
C THR A 177 -35.46 -1.15 40.75
N ILE A 178 -36.37 -1.14 39.77
CA ILE A 178 -37.17 -2.33 39.44
C ILE A 178 -36.57 -3.10 38.26
N TRP A 179 -36.63 -4.43 38.35
CA TRP A 179 -36.10 -5.31 37.32
C TRP A 179 -36.98 -6.55 37.15
N ASN A 180 -36.95 -7.10 35.95
CA ASN A 180 -37.62 -8.34 35.61
C ASN A 180 -36.67 -9.52 35.80
N THR A 181 -36.87 -10.30 36.85
CA THR A 181 -35.85 -11.25 37.33
C THR A 181 -36.31 -12.68 37.53
N ALA A 182 -35.52 -13.62 37.01
CA ALA A 182 -35.69 -15.03 37.35
C ALA A 182 -34.74 -15.41 38.48
N VAL A 183 -35.25 -16.08 39.52
CA VAL A 183 -34.38 -16.57 40.60
C VAL A 183 -34.31 -18.10 40.62
N VAL A 184 -33.09 -18.61 40.79
CA VAL A 184 -32.82 -20.04 40.86
C VAL A 184 -32.61 -20.41 42.30
N ILE A 185 -33.51 -21.24 42.84
CA ILE A 185 -33.37 -21.76 44.20
C ILE A 185 -32.99 -23.23 44.12
N SER A 186 -31.85 -23.56 44.71
CA SER A 186 -31.33 -24.91 44.72
C SER A 186 -32.19 -25.87 45.57
N ASN A 187 -32.12 -27.18 45.26
CA ASN A 187 -32.82 -28.22 46.00
C ASN A 187 -32.39 -28.32 47.47
N SER A 188 -31.25 -27.70 47.79
CA SER A 188 -30.76 -27.58 49.16
C SER A 188 -31.62 -26.61 49.96
N GLY A 189 -32.35 -25.76 49.23
CA GLY A 189 -33.14 -24.69 49.84
C GLY A 189 -32.43 -23.35 49.73
N ARG A 190 -31.13 -23.40 49.46
CA ARG A 190 -30.26 -22.20 49.38
C ARG A 190 -30.37 -21.47 48.04
N TYR A 191 -30.47 -20.14 48.11
CA TYR A 191 -30.61 -19.26 46.95
C TYR A 191 -29.36 -19.36 46.07
N LEU A 192 -29.51 -19.84 44.85
CA LEU A 192 -28.37 -19.96 43.96
C LEU A 192 -27.94 -18.63 43.33
N GLY A 193 -28.92 -17.80 42.97
CA GLY A 193 -28.65 -16.57 42.24
C GLY A 193 -29.81 -16.13 41.38
N LYS A 194 -29.58 -15.12 40.56
CA LYS A 194 -30.64 -14.50 39.75
C LYS A 194 -30.16 -14.14 38.34
N HIS A 195 -31.12 -13.94 37.45
CA HIS A 195 -30.82 -13.37 36.16
C HIS A 195 -31.92 -12.41 35.71
N ARG A 196 -31.49 -11.29 35.15
CA ARG A 196 -32.37 -10.22 34.73
C ARG A 196 -32.62 -10.20 33.23
N LYS A 197 -33.89 -10.03 32.87
CA LYS A 197 -34.39 -9.91 31.50
C LYS A 197 -33.46 -9.11 30.59
N ASN A 198 -32.80 -9.79 29.66
CA ASN A 198 -31.84 -9.13 28.77
C ASN A 198 -32.48 -8.24 27.71
N HIS A 199 -33.70 -8.57 27.28
CA HIS A 199 -34.33 -7.80 26.22
C HIS A 199 -35.69 -7.20 26.64
N ILE A 200 -35.83 -5.90 26.46
CA ILE A 200 -37.00 -5.15 26.95
C ILE A 200 -37.87 -4.68 25.79
N PRO A 201 -39.14 -5.14 25.71
CA PRO A 201 -40.03 -4.72 24.62
C PRO A 201 -39.85 -3.25 24.25
N TYR A 212 -38.46 0.00 32.57
CA TYR A 212 -37.24 -0.25 33.34
C TYR A 212 -36.04 -0.63 32.45
N MET A 213 -34.83 -0.49 32.99
CA MET A 213 -33.59 -0.63 32.22
C MET A 213 -33.33 -2.08 31.77
N GLU A 214 -32.41 -2.27 30.82
CA GLU A 214 -32.12 -3.62 30.30
C GLU A 214 -31.18 -4.42 31.20
N GLY A 215 -31.30 -5.74 31.14
CA GLY A 215 -30.56 -6.65 32.02
C GLY A 215 -29.03 -6.61 31.89
N ASN A 216 -28.37 -6.50 33.04
N ASN A 216 -28.36 -6.44 33.02
CA ASN A 216 -26.91 -6.42 33.12
CA ASN A 216 -26.91 -6.45 33.07
C ASN A 216 -26.23 -7.69 33.64
C ASN A 216 -26.37 -7.57 33.97
N THR A 217 -27.00 -8.75 33.87
CA THR A 217 -26.49 -9.99 34.51
C THR A 217 -25.82 -10.95 33.51
N GLY A 218 -25.78 -10.54 32.24
CA GLY A 218 -25.13 -11.32 31.18
C GLY A 218 -25.98 -12.48 30.73
N HIS A 219 -25.39 -13.67 30.66
CA HIS A 219 -26.10 -14.88 30.26
C HIS A 219 -25.77 -16.06 31.18
N PRO A 220 -26.17 -15.96 32.47
CA PRO A 220 -25.72 -16.95 33.45
C PRO A 220 -26.29 -18.35 33.23
N VAL A 221 -25.46 -19.35 33.47
CA VAL A 221 -25.90 -20.74 33.46
C VAL A 221 -25.71 -21.27 34.87
N PHE A 222 -26.72 -21.93 35.41
CA PHE A 222 -26.64 -22.42 36.78
C PHE A 222 -26.33 -23.89 36.76
N GLU A 223 -25.26 -24.26 37.43
CA GLU A 223 -24.94 -25.65 37.46
C GLU A 223 -25.46 -26.28 38.72
N THR A 224 -26.65 -26.87 38.57
CA THR A 224 -27.31 -27.65 39.61
C THR A 224 -27.01 -29.12 39.39
N GLU A 225 -27.27 -29.95 40.39
CA GLU A 225 -27.04 -31.38 40.25
C GLU A 225 -28.14 -32.08 39.42
N PHE A 226 -29.00 -31.30 38.79
CA PHE A 226 -30.00 -31.83 37.86
C PHE A 226 -29.87 -31.16 36.48
N GLY A 227 -28.64 -30.71 36.19
CA GLY A 227 -28.34 -30.13 34.89
C GLY A 227 -27.96 -28.67 34.92
N LYS A 228 -27.32 -28.23 33.86
CA LYS A 228 -26.98 -26.82 33.73
C LYS A 228 -28.21 -26.11 33.18
N LEU A 229 -28.80 -25.29 34.03
CA LEU A 229 -30.06 -24.60 33.69
C LEU A 229 -29.84 -23.13 33.36
N ALA A 230 -30.72 -22.59 32.53
CA ALA A 230 -30.69 -21.19 32.14
C ALA A 230 -32.09 -20.66 31.98
N VAL A 231 -32.26 -19.37 32.27
CA VAL A 231 -33.56 -18.71 32.08
C VAL A 231 -33.50 -17.59 31.04
N ASN A 232 -34.25 -17.77 29.96
CA ASN A 232 -34.43 -16.74 28.93
C ASN A 232 -35.80 -16.11 29.11
N ILE A 233 -35.84 -14.84 29.52
CA ILE A 233 -37.08 -14.21 29.96
C ILE A 233 -37.91 -13.57 28.85
N CYS A 234 -39.18 -13.97 28.81
CA CYS A 234 -40.23 -13.39 28.00
C CYS A 234 -39.80 -12.96 26.58
N TYR A 235 -39.78 -11.65 26.36
CA TYR A 235 -39.36 -11.00 25.10
C TYR A 235 -38.07 -11.57 24.50
N GLY A 236 -37.15 -11.99 25.37
CA GLY A 236 -35.86 -12.58 24.97
C GLY A 236 -36.03 -13.78 24.06
N ARG A 237 -37.20 -14.39 24.15
CA ARG A 237 -37.74 -15.40 23.21
C ARG A 237 -37.42 -15.11 21.75
N HIS A 238 -37.64 -13.86 21.35
CA HIS A 238 -37.51 -13.41 19.97
C HIS A 238 -36.07 -13.26 19.48
N HIS A 239 -35.10 -13.26 20.39
CA HIS A 239 -33.72 -12.98 20.01
C HIS A 239 -32.83 -14.23 19.95
N PRO A 240 -32.63 -14.79 18.74
CA PRO A 240 -31.85 -16.03 18.57
C PRO A 240 -30.41 -15.96 19.09
N GLN A 241 -29.84 -14.76 19.06
CA GLN A 241 -28.50 -14.52 19.59
C GLN A 241 -28.49 -14.63 21.12
N ASN A 242 -29.64 -14.40 21.76
CA ASN A 242 -29.80 -14.54 23.21
C ASN A 242 -29.73 -16.02 23.57
N TRP A 243 -30.61 -16.81 22.97
CA TRP A 243 -30.54 -18.27 23.06
C TRP A 243 -29.11 -18.76 22.81
N MET A 244 -28.51 -18.34 21.69
CA MET A 244 -27.15 -18.78 21.29
C MET A 244 -26.09 -18.57 22.38
N MET A 245 -26.18 -17.46 23.12
CA MET A 245 -25.21 -17.19 24.17
C MET A 245 -25.37 -18.17 25.35
N PHE A 246 -26.61 -18.43 25.74
CA PHE A 246 -26.86 -19.37 26.82
C PHE A 246 -26.24 -20.71 26.43
N GLY A 247 -26.42 -21.05 25.15
CA GLY A 247 -25.79 -22.22 24.55
C GLY A 247 -24.28 -22.19 24.68
N LEU A 248 -23.67 -21.07 24.31
CA LEU A 248 -22.22 -20.91 24.40
C LEU A 248 -21.70 -21.06 25.83
N ASN A 249 -22.56 -20.75 26.80
CA ASN A 249 -22.20 -20.87 28.21
C ASN A 249 -22.44 -22.27 28.78
N GLY A 250 -22.92 -23.17 27.93
CA GLY A 250 -23.02 -24.58 28.28
C GLY A 250 -24.36 -25.08 28.79
N ALA A 251 -25.41 -24.29 28.56
CA ALA A 251 -26.75 -24.63 29.01
C ALA A 251 -27.18 -25.99 28.49
N GLU A 252 -28.04 -26.70 29.25
CA GLU A 252 -28.59 -28.01 28.86
C GLU A 252 -30.13 -27.98 28.81
N ILE A 253 -30.73 -27.30 29.78
CA ILE A 253 -32.15 -26.99 29.80
C ILE A 253 -32.28 -25.47 29.90
N VAL A 254 -33.01 -24.87 28.96
CA VAL A 254 -33.23 -23.41 28.95
C VAL A 254 -34.71 -23.04 29.08
N PHE A 255 -35.10 -22.66 30.30
CA PHE A 255 -36.49 -22.34 30.59
C PHE A 255 -36.82 -20.98 29.99
N ASN A 256 -38.06 -20.82 29.54
CA ASN A 256 -38.49 -19.56 28.94
C ASN A 256 -39.84 -19.06 29.49
N PRO A 257 -39.84 -18.50 30.72
CA PRO A 257 -41.09 -18.01 31.32
C PRO A 257 -41.55 -16.77 30.58
N SER A 258 -42.83 -16.71 30.22
CA SER A 258 -43.32 -15.60 29.41
C SER A 258 -44.70 -15.16 29.85
N ALA A 259 -45.24 -14.18 29.12
CA ALA A 259 -46.62 -13.75 29.25
C ALA A 259 -47.04 -13.04 27.97
N THR A 260 -47.75 -13.74 27.08
CA THR A 260 -48.24 -13.10 25.86
C THR A 260 -49.67 -13.42 25.46
N ILE A 261 -50.38 -12.34 25.12
CA ILE A 261 -51.63 -12.35 24.33
C ILE A 261 -51.10 -12.49 22.91
N GLY A 262 -51.81 -12.98 21.89
CA GLY A 262 -52.98 -12.43 21.25
C GLY A 262 -52.85 -13.02 19.83
N ARG A 263 -53.54 -12.44 18.85
CA ARG A 263 -53.67 -13.04 17.50
C ARG A 263 -52.36 -13.03 16.70
N LEU A 264 -51.60 -11.96 16.86
CA LEU A 264 -50.31 -11.80 16.17
C LEU A 264 -49.20 -12.68 16.76
N SER A 265 -49.17 -12.78 18.09
CA SER A 265 -48.05 -13.44 18.74
C SER A 265 -48.20 -14.96 18.80
N GLU A 266 -49.43 -15.44 18.65
CA GLU A 266 -49.75 -16.87 18.79
C GLU A 266 -49.01 -17.82 17.83
N PRO A 267 -48.99 -17.49 16.52
CA PRO A 267 -48.31 -18.40 15.60
C PRO A 267 -46.80 -18.50 15.85
N LEU A 268 -46.21 -17.46 16.44
CA LEU A 268 -44.79 -17.45 16.79
C LEU A 268 -44.46 -18.43 17.93
N TRP A 269 -45.43 -18.71 18.79
CA TRP A 269 -45.19 -19.54 19.98
C TRP A 269 -44.64 -20.94 19.71
N SER A 270 -45.18 -21.61 18.67
CA SER A 270 -44.73 -22.96 18.28
C SER A 270 -43.39 -22.96 17.50
N ILE A 271 -42.95 -21.78 17.09
CA ILE A 271 -41.73 -21.64 16.30
C ILE A 271 -40.49 -21.35 17.14
N GLU A 272 -40.52 -20.20 17.84
CA GLU A 272 -39.33 -19.54 18.40
C GLU A 272 -38.51 -20.43 19.31
N ALA A 273 -39.14 -20.84 20.41
CA ALA A 273 -38.49 -21.65 21.42
C ALA A 273 -38.03 -23.03 20.88
N ARG A 274 -38.76 -23.54 19.88
CA ARG A 274 -38.41 -24.81 19.25
C ARG A 274 -37.10 -24.71 18.48
N ASN A 275 -36.97 -23.65 17.67
CA ASN A 275 -35.77 -23.41 16.85
C ASN A 275 -34.49 -23.29 17.71
N ALA A 276 -34.62 -22.53 18.80
CA ALA A 276 -33.57 -22.43 19.79
C ALA A 276 -33.10 -23.80 20.28
N ALA A 277 -34.04 -24.72 20.54
CA ALA A 277 -33.69 -26.07 21.00
C ALA A 277 -32.82 -26.76 19.97
N ILE A 278 -33.31 -26.73 18.72
CA ILE A 278 -32.64 -27.29 17.53
C ILE A 278 -31.25 -26.72 17.34
N ALA A 279 -31.20 -25.39 17.22
CA ALA A 279 -29.99 -24.62 16.91
C ALA A 279 -28.87 -24.80 17.92
N ASN A 280 -29.24 -24.70 19.19
CA ASN A 280 -28.27 -24.74 20.27
C ASN A 280 -28.07 -26.12 20.88
N SER A 281 -28.82 -27.11 20.40
CA SER A 281 -28.69 -28.50 20.87
C SER A 281 -28.84 -28.62 22.39
N TYR A 282 -29.95 -28.10 22.91
CA TYR A 282 -30.34 -28.31 24.31
C TYR A 282 -31.88 -28.29 24.47
N PHE A 283 -32.36 -28.56 25.68
CA PHE A 283 -33.81 -28.57 25.95
C PHE A 283 -34.36 -27.17 26.20
N THR A 284 -35.56 -26.93 25.69
CA THR A 284 -36.25 -25.65 25.79
C THR A 284 -37.63 -25.80 26.47
N VAL A 285 -37.92 -24.97 27.47
CA VAL A 285 -39.19 -25.09 28.20
C VAL A 285 -39.94 -23.76 28.20
N PRO A 286 -40.66 -23.44 27.12
CA PRO A 286 -41.41 -22.19 27.15
C PRO A 286 -42.74 -22.31 27.90
N ILE A 287 -42.88 -21.54 28.98
CA ILE A 287 -44.09 -21.49 29.78
C ILE A 287 -44.83 -20.18 29.50
N ASN A 288 -46.15 -20.22 29.55
CA ASN A 288 -46.95 -19.03 29.30
C ASN A 288 -48.13 -18.92 30.24
N ARG A 289 -48.42 -17.68 30.64
CA ARG A 289 -49.59 -17.36 31.46
C ARG A 289 -50.93 -17.85 30.86
N VAL A 290 -51.96 -17.92 31.70
CA VAL A 290 -53.27 -18.40 31.27
C VAL A 290 -54.43 -17.47 31.70
N GLY A 291 -55.51 -17.47 30.90
CA GLY A 291 -56.71 -16.73 31.26
C GLY A 291 -56.66 -15.29 30.79
N THR A 292 -57.70 -14.54 31.14
CA THR A 292 -57.83 -13.12 30.74
C THR A 292 -57.92 -12.28 32.02
N GLU A 293 -57.22 -11.16 32.04
CA GLU A 293 -57.14 -10.34 33.25
C GLU A 293 -57.71 -8.94 33.01
N GLN A 294 -58.39 -8.39 34.02
CA GLN A 294 -58.96 -7.05 33.85
C GLN A 294 -58.69 -6.09 35.01
N PHE A 295 -58.53 -4.81 34.67
CA PHE A 295 -58.16 -3.76 35.62
C PHE A 295 -59.26 -2.68 35.65
N PRO A 296 -59.29 -1.85 36.72
CA PRO A 296 -60.18 -0.67 36.72
C PRO A 296 -59.69 0.38 35.72
N GLY A 312 -56.05 -10.99 27.73
CA GLY A 312 -57.37 -11.06 27.08
C GLY A 312 -57.36 -11.51 25.62
N PRO A 313 -57.27 -12.84 25.38
CA PRO A 313 -56.88 -13.89 26.32
C PRO A 313 -55.37 -14.22 26.31
N PHE A 314 -54.84 -14.70 27.45
CA PHE A 314 -53.48 -15.27 27.53
C PHE A 314 -53.54 -16.74 27.20
N TYR A 315 -52.83 -17.14 26.16
CA TYR A 315 -53.11 -18.42 25.48
C TYR A 315 -52.35 -19.68 25.99
N GLY A 316 -51.76 -19.64 27.18
CA GLY A 316 -51.06 -20.81 27.75
C GLY A 316 -50.23 -21.56 26.73
N SER A 317 -50.52 -22.85 26.57
CA SER A 317 -49.87 -23.70 25.55
C SER A 317 -48.39 -23.98 25.82
N SER A 318 -48.03 -24.15 27.08
CA SER A 318 -46.66 -24.48 27.44
C SER A 318 -46.26 -25.87 26.91
N TYR A 319 -44.98 -26.05 26.60
CA TYR A 319 -44.47 -27.33 26.11
C TYR A 319 -42.97 -27.42 26.29
N VAL A 320 -42.41 -28.59 25.97
CA VAL A 320 -40.96 -28.75 25.97
C VAL A 320 -40.47 -29.11 24.55
N ALA A 321 -39.35 -28.52 24.14
CA ALA A 321 -38.69 -28.88 22.89
C ALA A 321 -37.35 -29.58 23.14
N ALA A 322 -37.03 -30.55 22.29
CA ALA A 322 -35.80 -31.33 22.44
C ALA A 322 -34.73 -30.92 21.46
N PRO A 323 -33.45 -31.13 21.82
CA PRO A 323 -32.29 -30.84 20.96
C PRO A 323 -32.27 -31.56 19.62
N ASP A 324 -32.96 -32.70 19.54
CA ASP A 324 -33.01 -33.48 18.30
C ASP A 324 -34.10 -33.00 17.35
N GLY A 325 -34.95 -32.10 17.82
CA GLY A 325 -36.04 -31.58 17.01
C GLY A 325 -37.42 -32.03 17.44
N SER A 326 -37.49 -33.02 18.32
CA SER A 326 -38.76 -33.50 18.84
C SER A 326 -39.34 -32.53 19.86
N ARG A 327 -40.66 -32.59 20.09
CA ARG A 327 -41.32 -31.70 21.05
C ARG A 327 -42.59 -32.28 21.68
N THR A 328 -42.78 -31.96 22.96
CA THR A 328 -43.99 -32.29 23.70
C THR A 328 -45.20 -31.56 23.10
N PRO A 329 -46.40 -32.20 23.12
CA PRO A 329 -47.64 -31.45 22.84
C PRO A 329 -47.82 -30.33 23.84
N SER A 330 -48.62 -29.33 23.50
CA SER A 330 -48.84 -28.22 24.40
C SER A 330 -49.91 -28.51 25.44
N LEU A 331 -49.84 -27.82 26.57
CA LEU A 331 -50.91 -27.79 27.55
C LEU A 331 -52.08 -26.98 26.98
N SER A 332 -53.14 -26.84 27.78
CA SER A 332 -54.37 -26.18 27.31
C SER A 332 -54.19 -24.67 27.07
N ARG A 333 -55.09 -24.11 26.26
CA ARG A 333 -55.04 -22.69 25.88
C ARG A 333 -55.66 -21.75 26.90
N ASP A 334 -56.39 -22.31 27.87
CA ASP A 334 -57.17 -21.51 28.82
C ASP A 334 -57.36 -22.17 30.21
N LYS A 335 -56.71 -23.31 30.41
CA LYS A 335 -56.85 -24.05 31.66
C LYS A 335 -55.49 -24.11 32.38
N ASP A 336 -55.51 -23.93 33.70
CA ASP A 336 -54.32 -24.11 34.55
C ASP A 336 -53.70 -25.49 34.28
N GLY A 337 -52.38 -25.56 34.29
CA GLY A 337 -51.71 -26.80 33.95
C GLY A 337 -50.36 -27.03 34.61
N LEU A 338 -50.03 -28.30 34.79
CA LEU A 338 -48.68 -28.72 35.18
C LEU A 338 -48.15 -29.73 34.17
N LEU A 339 -47.12 -29.32 33.44
CA LEU A 339 -46.48 -30.21 32.49
C LEU A 339 -45.28 -30.92 33.13
N VAL A 340 -45.36 -32.24 33.25
CA VAL A 340 -44.25 -33.03 33.77
C VAL A 340 -43.62 -33.75 32.61
N VAL A 341 -42.31 -33.55 32.43
CA VAL A 341 -41.60 -34.27 31.39
C VAL A 341 -40.24 -34.76 31.88
N GLU A 342 -39.98 -36.03 31.63
CA GLU A 342 -38.72 -36.68 31.98
C GLU A 342 -37.82 -36.73 30.76
N LEU A 343 -36.57 -36.36 30.95
CA LEU A 343 -35.63 -36.31 29.86
C LEU A 343 -34.28 -36.91 30.22
N ASP A 344 -33.56 -37.39 29.20
CA ASP A 344 -32.19 -37.85 29.35
C ASP A 344 -31.23 -36.79 28.86
N LEU A 345 -30.48 -36.20 29.79
CA LEU A 345 -29.60 -35.07 29.52
C LEU A 345 -28.49 -35.37 28.54
N ASN A 346 -28.23 -36.66 28.31
CA ASN A 346 -27.20 -37.11 27.37
C ASN A 346 -27.53 -36.89 25.91
N LEU A 347 -28.82 -36.69 25.63
CA LEU A 347 -29.29 -36.36 24.28
C LEU A 347 -28.62 -35.10 23.73
N CYS A 348 -28.30 -34.17 24.64
CA CYS A 348 -27.59 -32.94 24.32
C CYS A 348 -26.29 -33.20 23.56
N ARG A 349 -25.30 -33.77 24.24
CA ARG A 349 -24.00 -34.09 23.62
C ARG A 349 -24.14 -34.97 22.37
N GLN A 350 -24.97 -36.00 22.47
CA GLN A 350 -25.21 -36.89 21.35
C GLN A 350 -25.68 -36.18 20.08
N VAL A 351 -26.61 -35.25 20.20
CA VAL A 351 -27.06 -34.50 19.02
C VAL A 351 -25.95 -33.58 18.52
N LYS A 352 -25.21 -32.99 19.47
CA LYS A 352 -24.08 -32.13 19.14
C LYS A 352 -23.04 -32.86 18.33
N ASP A 353 -22.79 -34.13 18.65
CA ASP A 353 -21.77 -34.92 17.96
C ASP A 353 -22.24 -35.40 16.59
N PHE A 354 -23.54 -35.61 16.44
CA PHE A 354 -24.07 -36.15 15.19
C PHE A 354 -24.34 -35.06 14.14
N TRP A 355 -25.04 -34.00 14.54
CA TRP A 355 -25.31 -32.88 13.65
C TRP A 355 -24.14 -31.90 13.55
N GLY A 356 -23.40 -31.75 14.64
CA GLY A 356 -22.21 -30.89 14.71
C GLY A 356 -22.43 -29.40 14.53
N PHE A 357 -23.53 -28.86 15.06
CA PHE A 357 -23.84 -27.43 14.91
C PHE A 357 -22.80 -26.53 15.55
N ARG A 358 -22.31 -26.95 16.71
CA ARG A 358 -21.36 -26.14 17.47
C ARG A 358 -19.97 -26.24 16.89
N MET A 359 -19.72 -27.33 16.18
CA MET A 359 -18.49 -27.56 15.46
C MET A 359 -18.34 -26.63 14.26
N THR A 360 -19.47 -26.18 13.73
CA THR A 360 -19.51 -25.41 12.49
C THR A 360 -20.09 -24.01 12.71
N GLN A 361 -20.05 -23.52 13.95
CA GLN A 361 -20.62 -22.23 14.32
C GLN A 361 -19.87 -21.04 13.76
N ARG A 362 -18.55 -21.13 13.69
CA ARG A 362 -17.72 -20.03 13.21
C ARG A 362 -17.84 -18.79 14.11
N VAL A 363 -17.91 -19.01 15.42
CA VAL A 363 -18.05 -17.93 16.41
C VAL A 363 -17.09 -16.74 16.17
N PRO A 364 -15.77 -17.03 15.99
CA PRO A 364 -14.82 -15.96 15.71
C PRO A 364 -15.30 -14.97 14.64
N LEU A 365 -15.77 -15.52 13.52
CA LEU A 365 -16.25 -14.76 12.38
C LEU A 365 -17.45 -13.86 12.70
N TYR A 366 -18.38 -14.39 13.50
CA TYR A 366 -19.57 -13.62 13.89
C TYR A 366 -19.27 -12.58 14.96
N ALA A 367 -18.35 -12.92 15.87
CA ALA A 367 -17.90 -11.96 16.85
C ALA A 367 -17.44 -10.71 16.10
N GLU A 368 -16.63 -10.94 15.06
CA GLU A 368 -16.05 -9.91 14.23
C GLU A 368 -17.10 -9.15 13.42
N SER A 369 -18.01 -9.89 12.78
CA SER A 369 -19.13 -9.32 12.00
C SER A 369 -20.02 -8.41 12.84
N PHE A 370 -20.28 -8.85 14.07
CA PHE A 370 -21.23 -8.19 14.96
C PHE A 370 -20.61 -6.93 15.54
N LYS A 371 -19.29 -6.99 15.75
CA LYS A 371 -18.51 -5.82 16.20
C LYS A 371 -18.57 -4.70 15.17
N LYS A 372 -18.30 -5.07 13.91
CA LYS A 372 -18.25 -4.12 12.82
C LYS A 372 -19.62 -3.53 12.57
N ALA A 373 -20.66 -4.36 12.67
CA ALA A 373 -22.05 -3.91 12.54
C ALA A 373 -22.49 -2.90 13.60
N SER A 374 -21.97 -3.06 14.82
CA SER A 374 -22.37 -2.23 15.97
C SER A 374 -21.69 -0.87 15.97
N GLU A 375 -20.60 -0.76 15.23
CA GLU A 375 -19.83 0.47 15.14
C GLU A 375 -20.51 1.55 14.30
N HIS A 376 -20.13 2.79 14.58
CA HIS A 376 -20.82 3.99 14.08
C HIS A 376 -20.62 4.13 12.58
N GLY A 377 -19.41 3.82 12.10
CA GLY A 377 -19.06 3.93 10.69
C GLY A 377 -19.55 2.78 9.81
N PHE A 378 -20.53 2.03 10.31
CA PHE A 378 -21.00 0.78 9.67
C PHE A 378 -21.52 0.93 8.26
N LYS A 379 -20.74 0.48 7.29
CA LYS A 379 -21.18 0.40 5.91
C LYS A 379 -21.54 -1.04 5.54
N PRO A 380 -22.84 -1.30 5.37
CA PRO A 380 -23.31 -2.67 5.16
C PRO A 380 -22.75 -3.29 3.89
N GLN A 381 -22.61 -4.62 3.89
CA GLN A 381 -22.09 -5.37 2.76
C GLN A 381 -23.19 -5.54 1.69
N ILE A 382 -23.53 -4.43 1.02
CA ILE A 382 -24.45 -4.42 -0.14
C ILE A 382 -23.64 -4.47 -1.45
N ILE A 383 -23.98 -5.41 -2.33
CA ILE A 383 -23.40 -5.48 -3.68
C ILE A 383 -24.38 -4.87 -4.71
N LYS A 384 -23.92 -3.82 -5.38
CA LYS A 384 -24.74 -3.10 -6.36
C LYS A 384 -24.37 -3.46 -7.80
N GLU A 385 -25.26 -3.12 -8.72
CA GLU A 385 -25.09 -3.28 -10.16
C GLU A 385 -24.10 -2.26 -10.75
N THR A 386 -23.04 -2.76 -11.38
CA THR A 386 -21.90 -1.94 -11.78
C THR A 386 -22.15 -1.18 -13.08
N ASN B 8 -49.09 -33.17 0.55
CA ASN B 8 -49.42 -31.75 0.91
C ASN B 8 -50.16 -31.63 2.25
N LEU B 9 -49.43 -31.42 3.36
CA LEU B 9 -50.05 -31.28 4.70
C LEU B 9 -51.25 -30.33 4.73
N ASN B 10 -51.16 -29.23 3.98
CA ASN B 10 -52.26 -28.29 3.89
C ASN B 10 -53.52 -28.94 3.31
N ASP B 11 -53.35 -29.71 2.22
CA ASP B 11 -54.46 -30.44 1.60
C ASP B 11 -55.07 -31.48 2.53
N CYS B 12 -54.22 -32.14 3.32
CA CYS B 12 -54.67 -33.13 4.29
C CYS B 12 -55.51 -32.50 5.42
N LEU B 13 -55.11 -31.32 5.86
CA LEU B 13 -55.80 -30.65 6.96
C LEU B 13 -57.15 -30.07 6.54
N GLU B 14 -57.28 -29.70 5.26
CA GLU B 14 -58.57 -29.21 4.74
C GLU B 14 -59.47 -30.35 4.25
N LYS B 15 -58.94 -31.57 4.23
CA LYS B 15 -59.67 -32.76 3.83
C LYS B 15 -60.19 -33.56 5.03
N HIS B 16 -59.99 -33.05 6.25
CA HIS B 16 -60.37 -33.80 7.45
C HIS B 16 -60.92 -32.97 8.61
N LEU B 17 -60.97 -31.65 8.43
CA LEU B 17 -61.39 -30.75 9.50
C LEU B 17 -62.60 -29.87 9.13
N PRO B 18 -63.61 -29.80 10.03
CA PRO B 18 -64.70 -28.81 9.94
C PRO B 18 -64.15 -27.40 9.72
N PRO B 19 -64.78 -26.63 8.80
CA PRO B 19 -64.24 -25.36 8.29
C PRO B 19 -63.90 -24.34 9.37
N ASP B 20 -64.66 -24.32 10.46
CA ASP B 20 -64.41 -23.37 11.53
C ASP B 20 -63.22 -23.76 12.43
N GLU B 21 -62.95 -25.05 12.55
CA GLU B 21 -61.76 -25.49 13.29
C GLU B 21 -60.51 -25.45 12.42
N LEU B 22 -60.68 -25.78 11.13
CA LEU B 22 -59.65 -25.63 10.10
C LEU B 22 -59.14 -24.18 10.07
N LYS B 23 -60.04 -23.22 10.23
CA LYS B 23 -59.69 -21.80 10.31
C LYS B 23 -58.77 -21.50 11.50
N GLU B 24 -58.94 -22.24 12.59
CA GLU B 24 -58.14 -22.03 13.79
C GLU B 24 -56.81 -22.77 13.75
N VAL B 25 -56.82 -23.99 13.21
CA VAL B 25 -55.61 -24.77 13.04
C VAL B 25 -54.66 -24.12 12.02
N LYS B 26 -55.23 -23.56 10.96
CA LYS B 26 -54.47 -22.76 9.98
C LYS B 26 -53.86 -21.50 10.61
N ARG B 27 -54.58 -20.90 11.55
CA ARG B 27 -54.14 -19.68 12.20
C ARG B 27 -52.92 -19.93 13.07
N ILE B 28 -52.85 -21.11 13.70
CA ILE B 28 -51.73 -21.45 14.57
C ILE B 28 -50.54 -22.02 13.78
N LEU B 29 -50.81 -22.83 12.76
CA LEU B 29 -49.72 -23.46 12.01
C LEU B 29 -49.12 -22.54 10.96
N TYR B 30 -49.97 -21.95 10.13
CA TYR B 30 -49.55 -20.96 9.16
C TYR B 30 -49.81 -19.61 9.81
N GLY B 31 -49.68 -18.52 9.07
CA GLY B 31 -49.81 -17.19 9.67
C GLY B 31 -51.21 -16.63 9.73
N VAL B 32 -52.08 -17.11 8.83
CA VAL B 32 -53.44 -16.57 8.65
C VAL B 32 -54.52 -17.62 8.87
N GLU B 33 -55.78 -17.21 8.67
CA GLU B 33 -56.96 -18.06 8.91
C GLU B 33 -57.40 -18.84 7.66
N GLU B 34 -57.26 -18.23 6.49
CA GLU B 34 -57.46 -18.90 5.21
C GLU B 34 -56.45 -18.36 4.19
N ASP B 35 -55.91 -19.26 3.36
CA ASP B 35 -54.84 -18.91 2.43
C ASP B 35 -55.16 -17.68 1.58
N GLN B 36 -54.18 -16.79 1.46
CA GLN B 36 -54.29 -15.68 0.54
C GLN B 36 -53.79 -16.13 -0.83
N THR B 37 -54.68 -16.80 -1.57
CA THR B 37 -54.43 -17.30 -2.92
C THR B 37 -54.06 -16.17 -3.84
N LEU B 38 -53.25 -16.48 -4.85
CA LEU B 38 -53.02 -15.56 -5.95
C LEU B 38 -53.50 -16.23 -7.23
N GLU B 39 -54.28 -15.51 -8.02
CA GLU B 39 -54.73 -16.01 -9.32
C GLU B 39 -53.62 -15.88 -10.35
N LEU B 40 -53.30 -17.01 -10.98
CA LEU B 40 -52.17 -17.07 -11.91
C LEU B 40 -52.64 -17.05 -13.36
N PRO B 41 -51.97 -16.25 -14.22
CA PRO B 41 -52.22 -16.22 -15.66
C PRO B 41 -52.51 -17.59 -16.23
N THR B 42 -53.49 -17.65 -17.12
CA THR B 42 -53.99 -18.90 -17.70
C THR B 42 -52.90 -19.67 -18.46
N SER B 43 -52.08 -18.93 -19.21
CA SER B 43 -51.01 -19.49 -20.03
C SER B 43 -49.90 -20.17 -19.22
N ALA B 44 -49.66 -19.65 -18.01
CA ALA B 44 -48.64 -20.20 -17.10
C ALA B 44 -49.04 -21.56 -16.55
N LYS B 45 -50.26 -21.63 -15.99
CA LYS B 45 -50.80 -22.89 -15.49
C LYS B 45 -50.80 -23.96 -16.56
N ASP B 46 -50.93 -23.53 -17.81
CA ASP B 46 -50.93 -24.44 -18.96
C ASP B 46 -49.59 -25.13 -19.14
N ILE B 47 -48.52 -24.34 -19.14
CA ILE B 47 -47.17 -24.88 -19.29
C ILE B 47 -46.89 -25.90 -18.18
N ALA B 48 -47.28 -25.54 -16.95
CA ALA B 48 -47.10 -26.43 -15.79
C ALA B 48 -47.88 -27.73 -15.92
N GLU B 49 -49.15 -27.61 -16.32
CA GLU B 49 -50.03 -28.75 -16.58
C GLU B 49 -49.38 -29.75 -17.54
N GLN B 50 -48.98 -29.24 -18.71
CA GLN B 50 -48.43 -30.04 -19.79
C GLN B 50 -47.12 -30.73 -19.41
N ASN B 51 -46.22 -30.00 -18.76
CA ASN B 51 -44.93 -30.56 -18.38
C ASN B 51 -44.94 -31.29 -17.03
N GLY B 52 -46.11 -31.33 -16.40
CA GLY B 52 -46.33 -32.17 -15.23
C GLY B 52 -45.70 -31.67 -13.94
N PHE B 53 -45.69 -30.36 -13.76
CA PHE B 53 -45.24 -29.79 -12.49
C PHE B 53 -46.25 -28.83 -11.83
N ASP B 54 -46.26 -28.84 -10.50
CA ASP B 54 -47.15 -27.98 -9.73
C ASP B 54 -46.85 -26.50 -9.92
N ILE B 55 -47.92 -25.70 -9.95
CA ILE B 55 -47.79 -24.25 -9.92
C ILE B 55 -48.82 -23.68 -8.94
N LYS B 56 -48.36 -23.07 -7.86
CA LYS B 56 -49.27 -22.45 -6.90
C LYS B 56 -48.89 -21.02 -6.57
N GLY B 57 -49.92 -20.18 -6.44
CA GLY B 57 -49.75 -18.74 -6.25
C GLY B 57 -50.34 -18.24 -4.96
N TYR B 58 -49.57 -17.42 -4.26
CA TYR B 58 -49.98 -16.84 -2.97
C TYR B 58 -49.56 -15.38 -2.88
N ARG B 59 -50.18 -14.66 -1.95
CA ARG B 59 -50.00 -13.23 -1.84
C ARG B 59 -49.78 -12.80 -0.39
N PHE B 60 -48.75 -11.98 -0.17
CA PHE B 60 -48.56 -11.29 1.10
C PHE B 60 -48.74 -9.80 0.84
N THR B 61 -49.29 -9.13 1.84
CA THR B 61 -49.71 -7.75 1.71
C THR B 61 -49.07 -6.90 2.80
N ALA B 62 -48.97 -5.59 2.57
CA ALA B 62 -48.54 -4.67 3.62
C ALA B 62 -49.58 -3.58 3.84
N ARG B 63 -49.40 -2.79 4.88
CA ARG B 63 -50.19 -1.59 5.14
C ARG B 63 -49.83 -0.50 4.13
N GLU B 64 -50.80 0.32 3.76
CA GLU B 64 -50.56 1.49 2.90
C GLU B 64 -49.77 2.60 3.63
N GLU B 65 -48.69 3.10 3.01
CA GLU B 65 -47.86 4.12 3.65
C GLU B 65 -48.04 5.48 2.99
N GLN B 66 -47.85 6.54 3.77
CA GLN B 66 -47.99 7.93 3.30
C GLN B 66 -46.84 8.37 2.41
N THR B 67 -45.61 8.10 2.86
CA THR B 67 -44.39 8.61 2.19
C THR B 67 -43.74 7.62 1.23
N ARG B 68 -44.33 6.44 1.07
CA ARG B 68 -43.75 5.42 0.19
C ARG B 68 -44.80 4.64 -0.55
N LYS B 69 -44.59 4.46 -1.85
CA LYS B 69 -45.49 3.65 -2.68
C LYS B 69 -45.25 2.17 -2.41
N ARG B 70 -46.31 1.39 -2.58
CA ARG B 70 -46.28 -0.07 -2.37
C ARG B 70 -45.17 -0.66 -3.24
N ARG B 71 -44.28 -1.45 -2.63
CA ARG B 71 -43.20 -2.09 -3.37
C ARG B 71 -43.53 -3.56 -3.61
N ILE B 72 -44.46 -3.79 -4.54
CA ILE B 72 -44.93 -5.14 -4.85
C ILE B 72 -43.94 -5.89 -5.75
N VAL B 73 -43.58 -7.11 -5.33
CA VAL B 73 -42.58 -7.93 -6.02
C VAL B 73 -43.05 -9.38 -6.04
N ARG B 74 -42.77 -10.09 -7.14
CA ARG B 74 -43.17 -11.49 -7.33
C ARG B 74 -41.98 -12.43 -7.41
N VAL B 75 -41.95 -13.45 -6.55
CA VAL B 75 -40.85 -14.42 -6.58
C VAL B 75 -41.31 -15.81 -7.00
N GLY B 76 -40.42 -16.50 -7.73
CA GLY B 76 -40.66 -17.88 -8.18
C GLY B 76 -39.60 -18.84 -7.65
N ALA B 77 -40.03 -19.72 -6.74
CA ALA B 77 -39.18 -20.78 -6.21
C ALA B 77 -39.41 -22.03 -7.01
N ILE B 78 -38.32 -22.65 -7.48
CA ILE B 78 -38.42 -23.83 -8.35
C ILE B 78 -37.81 -25.05 -7.71
N GLN B 79 -38.66 -26.04 -7.38
CA GLN B 79 -38.17 -27.34 -6.91
C GLN B 79 -38.36 -28.40 -7.99
N ASN B 80 -37.34 -29.23 -8.15
CA ASN B 80 -37.35 -30.28 -9.15
C ASN B 80 -36.51 -31.48 -8.73
N SER B 81 -36.55 -32.54 -9.54
CA SER B 81 -35.64 -33.67 -9.36
C SER B 81 -34.71 -33.81 -10.55
N ILE B 82 -33.61 -34.54 -10.34
CA ILE B 82 -32.84 -35.09 -11.45
C ILE B 82 -33.69 -36.00 -12.33
N VAL B 83 -33.24 -36.22 -13.56
CA VAL B 83 -34.14 -36.54 -14.66
C VAL B 83 -33.66 -37.78 -15.41
N ILE B 84 -32.37 -37.85 -15.69
CA ILE B 84 -31.77 -39.04 -16.28
C ILE B 84 -30.76 -39.68 -15.34
N PRO B 85 -30.64 -41.00 -15.42
CA PRO B 85 -29.88 -41.77 -14.43
C PRO B 85 -28.45 -41.28 -14.24
N THR B 86 -27.99 -41.33 -12.99
CA THR B 86 -26.67 -40.83 -12.60
C THR B 86 -25.51 -41.48 -13.34
N THR B 87 -25.77 -42.61 -14.00
CA THR B 87 -24.79 -43.30 -14.84
C THR B 87 -24.98 -42.88 -16.29
N ALA B 88 -24.58 -41.66 -16.60
CA ALA B 88 -24.74 -41.08 -17.94
C ALA B 88 -23.80 -39.91 -18.04
N PRO B 89 -23.26 -39.62 -19.24
CA PRO B 89 -22.32 -38.52 -19.34
C PRO B 89 -22.83 -37.31 -18.56
N ILE B 90 -21.99 -36.79 -17.66
CA ILE B 90 -22.36 -35.69 -16.76
C ILE B 90 -22.92 -34.49 -17.50
N GLU B 91 -22.47 -34.28 -18.73
CA GLU B 91 -22.93 -33.15 -19.52
C GLU B 91 -24.38 -33.37 -20.03
N LYS B 92 -24.71 -34.62 -20.35
CA LYS B 92 -26.09 -35.01 -20.67
C LYS B 92 -27.02 -34.84 -19.46
N GLN B 93 -26.52 -35.19 -18.27
CA GLN B 93 -27.27 -35.05 -17.02
C GLN B 93 -27.63 -33.60 -16.77
N ARG B 94 -26.62 -32.73 -16.82
CA ARG B 94 -26.82 -31.29 -16.59
C ARG B 94 -27.75 -30.72 -17.65
N GLU B 95 -27.59 -31.16 -18.90
CA GLU B 95 -28.42 -30.71 -20.02
C GLU B 95 -29.91 -31.06 -19.87
N ALA B 96 -30.20 -32.22 -19.31
CA ALA B 96 -31.58 -32.65 -19.10
C ALA B 96 -32.27 -31.77 -18.06
N ILE B 97 -31.57 -31.50 -16.95
CA ILE B 97 -32.09 -30.64 -15.89
C ILE B 97 -32.23 -29.21 -16.39
N TRP B 98 -31.24 -28.78 -17.16
CA TRP B 98 -31.30 -27.52 -17.89
C TRP B 98 -32.63 -27.35 -18.68
N ASN B 99 -32.95 -28.35 -19.49
CA ASN B 99 -34.13 -28.28 -20.34
C ASN B 99 -35.43 -28.31 -19.54
N LYS B 100 -35.49 -29.20 -18.55
CA LYS B 100 -36.61 -29.24 -17.61
C LYS B 100 -36.85 -27.87 -17.00
N VAL B 101 -35.82 -27.33 -16.35
CA VAL B 101 -35.97 -26.09 -15.57
C VAL B 101 -36.14 -24.89 -16.49
N LYS B 102 -35.56 -24.97 -17.69
CA LYS B 102 -35.78 -23.97 -18.72
C LYS B 102 -37.26 -23.63 -18.85
N THR B 103 -38.10 -24.66 -18.95
CA THR B 103 -39.52 -24.46 -19.21
C THR B 103 -40.26 -24.07 -17.94
N MET B 104 -39.69 -24.42 -16.79
CA MET B 104 -40.24 -23.98 -15.49
C MET B 104 -40.02 -22.47 -15.28
N ILE B 105 -38.84 -21.99 -15.67
CA ILE B 105 -38.52 -20.57 -15.60
C ILE B 105 -39.42 -19.80 -16.56
N LYS B 106 -39.82 -20.44 -17.66
CA LYS B 106 -40.74 -19.80 -18.61
C LYS B 106 -42.13 -19.62 -18.00
N ALA B 107 -42.62 -20.65 -17.30
CA ALA B 107 -43.91 -20.56 -16.61
C ALA B 107 -43.87 -19.47 -15.53
N ALA B 108 -42.78 -19.42 -14.78
CA ALA B 108 -42.56 -18.38 -13.79
C ALA B 108 -42.60 -17.00 -14.45
N ALA B 109 -42.06 -16.92 -15.67
CA ALA B 109 -42.01 -15.67 -16.45
C ALA B 109 -43.41 -15.23 -16.81
N GLU B 110 -44.24 -16.17 -17.26
CA GLU B 110 -45.59 -15.87 -17.69
C GLU B 110 -46.52 -15.62 -16.51
N ALA B 111 -46.20 -16.21 -15.36
CA ALA B 111 -46.90 -15.89 -14.11
C ALA B 111 -46.41 -14.53 -13.56
N GLY B 112 -45.49 -13.91 -14.30
CA GLY B 112 -45.03 -12.55 -14.02
C GLY B 112 -44.10 -12.40 -12.83
N CYS B 113 -43.21 -13.38 -12.62
CA CYS B 113 -42.22 -13.28 -11.55
C CYS B 113 -41.13 -12.27 -11.89
N ASN B 114 -40.47 -11.75 -10.87
CA ASN B 114 -39.38 -10.78 -11.04
C ASN B 114 -38.06 -11.37 -10.56
N ILE B 115 -38.17 -12.32 -9.63
CA ILE B 115 -37.01 -13.03 -9.10
C ILE B 115 -37.31 -14.53 -9.10
N VAL B 116 -36.46 -15.30 -9.76
CA VAL B 116 -36.60 -16.74 -9.73
C VAL B 116 -35.35 -17.39 -9.12
N CYS B 117 -35.57 -18.48 -8.39
CA CYS B 117 -34.51 -19.09 -7.60
C CYS B 117 -34.56 -20.60 -7.62
N THR B 118 -33.38 -21.22 -7.72
CA THR B 118 -33.24 -22.68 -7.79
C THR B 118 -32.99 -23.29 -6.42
N GLN B 119 -33.01 -24.61 -6.36
CA GLN B 119 -32.59 -25.36 -5.17
C GLN B 119 -31.06 -25.41 -5.11
N GLU B 120 -30.51 -26.17 -4.16
CA GLU B 120 -29.05 -26.30 -4.01
C GLU B 120 -28.44 -27.32 -4.97
N ALA B 121 -27.31 -26.94 -5.59
CA ALA B 121 -26.63 -27.75 -6.61
C ALA B 121 -27.63 -28.29 -7.64
N TRP B 122 -28.47 -27.40 -8.13
CA TRP B 122 -29.65 -27.74 -8.93
C TRP B 122 -29.29 -28.42 -10.24
N THR B 123 -28.02 -28.32 -10.60
CA THR B 123 -27.59 -28.74 -11.92
C THR B 123 -27.03 -30.19 -11.97
N MET B 124 -27.13 -30.91 -10.84
CA MET B 124 -26.46 -32.20 -10.68
C MET B 124 -27.18 -33.08 -9.67
N PRO B 125 -27.08 -34.43 -9.81
CA PRO B 125 -27.54 -35.28 -8.73
C PRO B 125 -26.68 -35.05 -7.50
N PHE B 126 -27.31 -35.03 -6.32
CA PHE B 126 -26.61 -34.72 -5.07
C PHE B 126 -25.64 -35.83 -4.70
N ALA B 127 -24.51 -35.83 -5.40
CA ALA B 127 -23.58 -36.96 -5.44
C ALA B 127 -22.60 -37.05 -4.28
N PHE B 128 -22.76 -36.17 -3.30
CA PHE B 128 -21.81 -36.05 -2.21
C PHE B 128 -21.85 -37.22 -1.24
N CYS B 129 -22.94 -37.99 -1.29
CA CYS B 129 -23.13 -39.15 -0.40
C CYS B 129 -22.14 -40.28 -0.67
N THR B 130 -21.70 -40.38 -1.92
CA THR B 130 -20.77 -41.40 -2.36
C THR B 130 -19.34 -41.16 -1.91
N ARG B 131 -18.99 -39.87 -1.75
CA ARG B 131 -17.61 -39.45 -1.41
C ARG B 131 -16.61 -39.76 -2.53
N GLU B 132 -17.13 -39.91 -3.74
CA GLU B 132 -16.31 -40.15 -4.92
C GLU B 132 -16.00 -38.82 -5.60
N LYS B 133 -14.76 -38.66 -6.05
CA LYS B 133 -14.36 -37.45 -6.74
C LYS B 133 -14.59 -37.53 -8.25
N PHE B 134 -14.70 -38.75 -8.77
CA PHE B 134 -14.85 -38.97 -10.21
C PHE B 134 -16.12 -39.74 -10.51
N PRO B 135 -16.92 -39.25 -11.47
CA PRO B 135 -16.66 -38.07 -12.27
C PRO B 135 -17.36 -36.82 -11.74
N TRP B 136 -17.76 -36.84 -10.46
CA TRP B 136 -18.68 -35.85 -9.90
C TRP B 136 -18.12 -34.43 -9.84
N CYS B 137 -16.79 -34.31 -9.78
CA CYS B 137 -16.14 -33.01 -9.69
C CYS B 137 -16.20 -32.26 -10.99
N GLU B 138 -16.39 -33.00 -12.08
CA GLU B 138 -16.47 -32.40 -13.40
C GLU B 138 -17.75 -31.59 -13.58
N PHE B 139 -18.70 -31.74 -12.64
CA PHE B 139 -19.92 -30.94 -12.58
C PHE B 139 -19.65 -29.50 -12.20
N ALA B 140 -18.53 -29.30 -11.51
CA ALA B 140 -18.12 -27.98 -11.05
C ALA B 140 -17.71 -27.11 -12.22
N GLU B 141 -18.29 -25.91 -12.29
CA GLU B 141 -18.03 -24.96 -13.37
C GLU B 141 -17.59 -23.61 -12.79
N GLU B 142 -17.24 -22.66 -13.65
CA GLU B 142 -16.90 -21.31 -13.24
C GLU B 142 -18.16 -20.57 -12.83
N ALA B 143 -18.03 -19.64 -11.87
CA ALA B 143 -19.18 -18.91 -11.38
C ALA B 143 -19.69 -17.88 -12.40
N GLU B 144 -18.78 -17.19 -13.08
CA GLU B 144 -19.15 -16.12 -13.99
C GLU B 144 -19.27 -16.56 -15.44
N ASN B 145 -18.34 -17.42 -15.88
CA ASN B 145 -18.24 -17.84 -17.27
C ASN B 145 -18.71 -19.27 -17.46
N GLY B 146 -19.11 -19.93 -16.38
CA GLY B 146 -19.60 -21.30 -16.47
C GLY B 146 -20.82 -21.39 -17.37
N PRO B 147 -20.98 -22.54 -18.08
CA PRO B 147 -22.06 -22.74 -19.04
C PRO B 147 -23.46 -22.45 -18.47
N THR B 148 -23.70 -22.88 -17.23
CA THR B 148 -25.00 -22.71 -16.57
C THR B 148 -25.34 -21.24 -16.37
N THR B 149 -24.37 -20.49 -15.85
CA THR B 149 -24.49 -19.04 -15.67
C THR B 149 -24.75 -18.34 -17.00
N LYS B 150 -23.90 -18.63 -17.98
CA LYS B 150 -24.00 -18.06 -19.30
C LYS B 150 -25.40 -18.32 -19.89
N MET B 151 -25.83 -19.58 -19.85
CA MET B 151 -27.15 -19.92 -20.41
C MET B 151 -28.31 -19.26 -19.63
N LEU B 152 -28.27 -19.32 -18.30
CA LEU B 152 -29.29 -18.71 -17.45
C LEU B 152 -29.32 -17.18 -17.60
N ALA B 153 -28.16 -16.58 -17.83
CA ALA B 153 -28.04 -15.13 -18.04
C ALA B 153 -28.89 -14.63 -19.20
N GLU B 154 -29.05 -15.48 -20.22
CA GLU B 154 -29.88 -15.15 -21.40
C GLU B 154 -31.36 -15.08 -21.06
N LEU B 155 -31.85 -16.11 -20.37
CA LEU B 155 -33.23 -16.13 -19.93
C LEU B 155 -33.54 -14.94 -18.99
N ALA B 156 -32.53 -14.49 -18.24
CA ALA B 156 -32.70 -13.34 -17.35
C ALA B 156 -32.90 -12.05 -18.14
N LYS B 157 -32.07 -11.85 -19.16
CA LYS B 157 -32.17 -10.69 -20.04
C LYS B 157 -33.51 -10.70 -20.78
N ALA B 158 -33.87 -11.86 -21.32
CA ALA B 158 -35.06 -12.04 -22.14
C ALA B 158 -36.35 -11.90 -21.35
N TYR B 159 -36.40 -12.43 -20.14
CA TYR B 159 -37.59 -12.36 -19.32
C TYR B 159 -37.58 -11.17 -18.35
N ASN B 160 -36.53 -10.36 -18.41
CA ASN B 160 -36.31 -9.27 -17.46
C ASN B 160 -36.59 -9.67 -16.01
N MET B 161 -35.85 -10.66 -15.54
CA MET B 161 -35.96 -11.11 -14.14
C MET B 161 -34.60 -11.52 -13.57
N VAL B 162 -34.44 -11.27 -12.27
CA VAL B 162 -33.24 -11.66 -11.54
C VAL B 162 -33.29 -13.17 -11.31
N ILE B 163 -32.22 -13.87 -11.70
CA ILE B 163 -32.14 -15.30 -11.47
C ILE B 163 -31.04 -15.62 -10.50
N ILE B 164 -31.40 -16.27 -9.41
CA ILE B 164 -30.42 -16.79 -8.45
C ILE B 164 -30.38 -18.30 -8.58
N HIS B 165 -29.18 -18.84 -8.72
CA HIS B 165 -29.03 -20.27 -8.81
C HIS B 165 -27.81 -20.81 -8.06
N SER B 166 -27.85 -22.08 -7.69
CA SER B 166 -26.80 -22.68 -6.89
C SER B 166 -26.10 -23.80 -7.61
N ILE B 167 -24.79 -23.69 -7.75
CA ILE B 167 -23.99 -24.67 -8.49
C ILE B 167 -22.71 -25.08 -7.73
N LEU B 168 -22.02 -26.10 -8.22
CA LEU B 168 -20.66 -26.38 -7.76
C LEU B 168 -19.74 -25.45 -8.50
N GLU B 169 -18.90 -24.72 -7.76
CA GLU B 169 -17.98 -23.78 -8.36
C GLU B 169 -16.54 -24.27 -8.31
N ARG B 170 -15.88 -24.28 -9.45
CA ARG B 170 -14.44 -24.42 -9.49
C ARG B 170 -13.82 -23.04 -9.71
N ASP B 171 -13.00 -22.63 -8.77
CA ASP B 171 -12.33 -21.35 -8.82
C ASP B 171 -10.98 -21.61 -9.48
N MET B 172 -10.76 -21.01 -10.64
CA MET B 172 -9.53 -21.23 -11.41
C MET B 172 -8.32 -20.56 -10.76
N GLU B 173 -8.43 -19.25 -10.52
CA GLU B 173 -7.36 -18.42 -9.98
C GLU B 173 -6.78 -18.94 -8.67
N HIS B 174 -7.66 -19.38 -7.75
CA HIS B 174 -7.25 -19.89 -6.44
C HIS B 174 -7.13 -21.42 -6.43
N GLY B 175 -6.21 -21.95 -7.23
CA GLY B 175 -5.84 -23.38 -7.20
C GLY B 175 -6.91 -24.38 -7.60
N GLU B 176 -7.76 -24.03 -8.57
CA GLU B 176 -8.80 -24.91 -9.09
C GLU B 176 -9.65 -25.57 -7.98
N THR B 177 -9.92 -24.83 -6.91
CA THR B 177 -10.65 -25.38 -5.77
C THR B 177 -12.15 -25.36 -5.99
N ILE B 178 -12.85 -26.28 -5.35
CA ILE B 178 -14.30 -26.45 -5.48
C ILE B 178 -15.01 -25.75 -4.32
N TRP B 179 -16.14 -25.12 -4.63
CA TRP B 179 -16.94 -24.40 -3.63
C TRP B 179 -18.42 -24.58 -3.91
N ASN B 180 -19.24 -24.41 -2.88
CA ASN B 180 -20.67 -24.45 -3.01
C ASN B 180 -21.19 -23.03 -3.09
N THR B 181 -21.64 -22.62 -4.27
CA THR B 181 -21.90 -21.20 -4.54
C THR B 181 -23.27 -20.88 -5.13
N ALA B 182 -23.89 -19.82 -4.61
CA ALA B 182 -25.06 -19.23 -5.23
C ALA B 182 -24.62 -18.05 -6.08
N VAL B 183 -25.14 -17.96 -7.30
CA VAL B 183 -24.83 -16.85 -8.21
C VAL B 183 -26.09 -16.01 -8.46
N VAL B 184 -25.95 -14.70 -8.35
CA VAL B 184 -27.06 -13.81 -8.60
C VAL B 184 -26.85 -13.15 -9.96
N ILE B 185 -27.80 -13.40 -10.87
CA ILE B 185 -27.79 -12.80 -12.20
C ILE B 185 -28.89 -11.77 -12.26
N SER B 186 -28.51 -10.53 -12.58
CA SER B 186 -29.44 -9.41 -12.66
C SER B 186 -30.40 -9.53 -13.84
N ASN B 187 -31.51 -8.78 -13.76
CA ASN B 187 -32.52 -8.72 -14.82
C ASN B 187 -32.01 -8.05 -16.09
N SER B 188 -30.85 -7.41 -16.00
CA SER B 188 -30.19 -6.84 -17.17
C SER B 188 -29.46 -7.92 -17.96
N GLY B 189 -29.24 -9.08 -17.34
CA GLY B 189 -28.52 -10.18 -17.95
C GLY B 189 -27.12 -10.30 -17.39
N ARG B 190 -26.63 -9.22 -16.79
CA ARG B 190 -25.26 -9.15 -16.30
C ARG B 190 -25.08 -9.82 -14.94
N TYR B 191 -23.97 -10.54 -14.80
CA TYR B 191 -23.58 -11.23 -13.57
C TYR B 191 -23.39 -10.24 -12.40
N LEU B 192 -24.21 -10.32 -11.36
CA LEU B 192 -24.07 -9.42 -10.21
C LEU B 192 -22.96 -9.83 -9.26
N GLY B 193 -22.82 -11.13 -9.04
CA GLY B 193 -21.87 -11.63 -8.03
C GLY B 193 -22.23 -13.02 -7.50
N LYS B 194 -21.47 -13.47 -6.52
CA LYS B 194 -21.63 -14.81 -5.99
C LYS B 194 -21.54 -14.81 -4.46
N HIS B 195 -22.03 -15.87 -3.83
CA HIS B 195 -21.87 -16.09 -2.39
C HIS B 195 -21.64 -17.56 -2.10
N ARG B 196 -20.60 -17.84 -1.33
CA ARG B 196 -20.23 -19.22 -0.99
C ARG B 196 -20.79 -19.65 0.37
N LYS B 197 -21.30 -20.88 0.38
CA LYS B 197 -21.85 -21.54 1.57
C LYS B 197 -20.99 -21.35 2.82
N ASN B 198 -21.55 -20.65 3.80
CA ASN B 198 -20.81 -20.32 5.03
C ASN B 198 -20.61 -21.50 5.98
N HIS B 199 -21.59 -22.41 6.02
CA HIS B 199 -21.55 -23.53 6.96
C HIS B 199 -21.56 -24.88 6.27
N ILE B 200 -20.52 -25.67 6.52
CA ILE B 200 -20.35 -26.93 5.80
C ILE B 200 -20.71 -28.17 6.65
N PRO B 201 -21.74 -28.93 6.20
CA PRO B 201 -22.24 -30.14 6.90
C PRO B 201 -21.32 -31.34 6.71
N ARG B 202 -21.21 -32.18 7.74
CA ARG B 202 -20.52 -33.46 7.61
C ARG B 202 -21.32 -34.58 8.26
N VAL B 203 -22.59 -34.29 8.54
CA VAL B 203 -23.55 -35.23 9.16
C VAL B 203 -24.08 -36.26 8.16
N GLY B 204 -23.84 -37.54 8.46
CA GLY B 204 -24.44 -38.67 7.75
C GLY B 204 -24.01 -38.84 6.32
N ASP B 205 -24.97 -38.77 5.39
CA ASP B 205 -24.70 -38.91 3.97
C ASP B 205 -24.28 -37.60 3.33
N PHE B 206 -24.41 -36.53 4.08
CA PHE B 206 -24.09 -35.23 3.60
C PHE B 206 -22.64 -34.92 3.88
N ASN B 207 -21.75 -35.59 3.15
CA ASN B 207 -20.31 -35.40 3.35
C ASN B 207 -19.81 -34.29 2.46
N GLU B 208 -20.32 -33.08 2.66
CA GLU B 208 -19.95 -31.94 1.83
C GLU B 208 -18.58 -31.37 2.19
N SER B 209 -18.14 -31.63 3.43
CA SER B 209 -16.82 -31.20 3.89
C SER B 209 -15.68 -31.89 3.16
N THR B 210 -16.03 -32.96 2.45
CA THR B 210 -15.08 -33.72 1.65
C THR B 210 -14.77 -32.98 0.36
N TYR B 211 -15.71 -32.15 -0.09
CA TYR B 211 -15.64 -31.53 -1.42
C TYR B 211 -15.25 -30.07 -1.41
N TYR B 212 -15.57 -29.35 -0.34
CA TYR B 212 -15.24 -27.94 -0.22
C TYR B 212 -15.16 -27.40 1.19
N MET B 213 -14.42 -26.31 1.33
CA MET B 213 -14.22 -25.65 2.62
C MET B 213 -15.31 -24.65 2.96
N GLU B 214 -15.15 -23.97 4.08
CA GLU B 214 -16.12 -22.98 4.54
C GLU B 214 -15.98 -21.70 3.71
N GLY B 215 -17.11 -21.10 3.40
CA GLY B 215 -17.19 -19.94 2.52
C GLY B 215 -16.58 -18.67 3.06
N ASN B 216 -15.87 -17.98 2.17
CA ASN B 216 -15.10 -16.81 2.54
C ASN B 216 -15.64 -15.53 1.91
N THR B 217 -16.90 -15.56 1.51
CA THR B 217 -17.51 -14.40 0.87
C THR B 217 -18.29 -13.50 1.85
N GLY B 218 -18.24 -13.88 3.14
CA GLY B 218 -18.92 -13.11 4.19
C GLY B 218 -20.42 -13.32 4.15
N HIS B 219 -21.17 -12.23 4.20
CA HIS B 219 -22.65 -12.31 4.20
C HIS B 219 -23.28 -11.29 3.25
N PRO B 220 -23.02 -11.42 1.94
CA PRO B 220 -23.38 -10.38 0.98
C PRO B 220 -24.87 -10.22 0.79
N VAL B 221 -25.31 -8.97 0.64
CA VAL B 221 -26.69 -8.68 0.22
C VAL B 221 -26.64 -8.00 -1.15
N PHE B 222 -27.49 -8.46 -2.06
CA PHE B 222 -27.47 -7.94 -3.41
C PHE B 222 -28.59 -6.95 -3.58
N GLU B 223 -28.23 -5.73 -3.95
CA GLU B 223 -29.24 -4.71 -4.19
C GLU B 223 -29.67 -4.75 -5.66
N THR B 224 -30.73 -5.48 -5.91
CA THR B 224 -31.37 -5.48 -7.21
C THR B 224 -32.55 -4.53 -7.16
N GLU B 225 -33.10 -4.24 -8.33
CA GLU B 225 -34.26 -3.36 -8.46
C GLU B 225 -35.58 -4.02 -8.03
N PHE B 226 -35.51 -5.26 -7.55
CA PHE B 226 -36.69 -5.94 -6.98
C PHE B 226 -36.45 -6.33 -5.52
N GLY B 227 -35.54 -5.62 -4.85
CA GLY B 227 -35.31 -5.80 -3.43
C GLY B 227 -33.88 -6.17 -3.09
N LYS B 228 -33.55 -6.07 -1.81
CA LYS B 228 -32.25 -6.48 -1.31
C LYS B 228 -32.31 -7.97 -1.02
N LEU B 229 -31.61 -8.74 -1.83
CA LEU B 229 -31.70 -10.19 -1.75
C LEU B 229 -30.45 -10.82 -1.14
N ALA B 230 -30.65 -11.95 -0.47
CA ALA B 230 -29.53 -12.73 0.05
C ALA B 230 -29.80 -14.21 -0.07
N VAL B 231 -28.71 -14.98 -0.13
CA VAL B 231 -28.82 -16.41 -0.23
C VAL B 231 -28.08 -17.09 0.94
N ASN B 232 -28.85 -17.87 1.69
CA ASN B 232 -28.37 -18.68 2.80
C ASN B 232 -28.40 -20.14 2.33
N ILE B 233 -27.23 -20.72 2.10
CA ILE B 233 -27.15 -22.03 1.44
C ILE B 233 -27.26 -23.23 2.39
N CYS B 234 -28.25 -24.08 2.09
CA CYS B 234 -28.48 -25.40 2.72
C CYS B 234 -28.28 -25.49 4.25
N TYR B 235 -27.21 -26.16 4.67
CA TYR B 235 -26.88 -26.37 6.08
C TYR B 235 -26.84 -25.09 6.92
N GLY B 236 -26.51 -23.97 6.28
CA GLY B 236 -26.51 -22.63 6.90
C GLY B 236 -27.87 -22.28 7.47
N ARG B 237 -28.89 -23.00 7.01
CA ARG B 237 -30.26 -22.95 7.52
C ARG B 237 -30.33 -23.14 9.04
N HIS B 238 -29.40 -23.92 9.58
CA HIS B 238 -29.40 -24.31 10.99
C HIS B 238 -28.74 -23.27 11.90
N HIS B 239 -28.03 -22.31 11.31
CA HIS B 239 -27.28 -21.34 12.11
C HIS B 239 -27.97 -19.98 12.19
N PRO B 240 -28.72 -19.73 13.29
CA PRO B 240 -29.51 -18.49 13.47
C PRO B 240 -28.65 -17.21 13.39
N GLN B 241 -27.39 -17.34 13.76
CA GLN B 241 -26.40 -16.25 13.68
C GLN B 241 -26.09 -15.90 12.22
N ASN B 242 -26.23 -16.90 11.34
CA ASN B 242 -26.03 -16.73 9.91
C ASN B 242 -27.14 -15.86 9.34
N TRP B 243 -28.37 -16.32 9.54
CA TRP B 243 -29.56 -15.56 9.18
C TRP B 243 -29.43 -14.14 9.70
N MET B 244 -29.04 -14.00 10.98
CA MET B 244 -29.00 -12.68 11.62
C MET B 244 -28.08 -11.70 10.93
N MET B 245 -26.96 -12.20 10.40
CA MET B 245 -25.97 -11.34 9.78
C MET B 245 -26.44 -10.81 8.44
N PHE B 246 -27.13 -11.64 7.65
CA PHE B 246 -27.78 -11.17 6.42
C PHE B 246 -28.76 -10.05 6.76
N GLY B 247 -29.47 -10.21 7.88
CA GLY B 247 -30.39 -9.21 8.40
C GLY B 247 -29.66 -7.91 8.68
N LEU B 248 -28.58 -8.00 9.46
CA LEU B 248 -27.77 -6.82 9.81
C LEU B 248 -27.22 -6.10 8.58
N ASN B 249 -27.04 -6.86 7.48
CA ASN B 249 -26.55 -6.29 6.23
C ASN B 249 -27.69 -5.70 5.39
N GLY B 250 -28.92 -5.78 5.91
CA GLY B 250 -30.08 -5.11 5.30
C GLY B 250 -30.95 -5.90 4.34
N ALA B 251 -30.86 -7.22 4.39
CA ALA B 251 -31.62 -8.09 3.51
C ALA B 251 -33.15 -7.92 3.68
N GLU B 252 -33.90 -8.21 2.62
CA GLU B 252 -35.37 -8.12 2.64
C GLU B 252 -36.01 -9.45 2.23
N ILE B 253 -35.41 -10.14 1.27
CA ILE B 253 -35.75 -11.53 0.97
C ILE B 253 -34.48 -12.36 1.03
N VAL B 254 -34.52 -13.41 1.84
CA VAL B 254 -33.39 -14.32 1.96
C VAL B 254 -33.80 -15.72 1.47
N PHE B 255 -33.27 -16.10 0.31
CA PHE B 255 -33.53 -17.42 -0.25
C PHE B 255 -32.71 -18.46 0.47
N ASN B 256 -33.26 -19.66 0.61
CA ASN B 256 -32.58 -20.77 1.27
C ASN B 256 -32.58 -22.04 0.40
N PRO B 257 -31.74 -22.08 -0.66
CA PRO B 257 -31.67 -23.28 -1.50
C PRO B 257 -31.07 -24.43 -0.70
N SER B 258 -31.70 -25.60 -0.73
CA SER B 258 -31.19 -26.73 0.04
C SER B 258 -31.39 -28.08 -0.65
N ALA B 259 -30.92 -29.13 0.02
CA ALA B 259 -31.11 -30.50 -0.41
C ALA B 259 -31.07 -31.39 0.82
N THR B 260 -32.24 -31.77 1.32
CA THR B 260 -32.33 -32.57 2.53
C THR B 260 -33.27 -33.74 2.40
N ILE B 261 -32.77 -34.92 2.78
CA ILE B 261 -33.59 -36.07 3.02
C ILE B 261 -33.84 -36.09 4.51
N GLY B 262 -34.98 -36.67 4.87
CA GLY B 262 -35.02 -37.72 5.82
C GLY B 262 -35.95 -37.60 6.99
N ARG B 263 -35.93 -38.65 7.81
CA ARG B 263 -36.85 -38.78 8.91
C ARG B 263 -36.56 -37.81 10.04
N LEU B 264 -35.28 -37.59 10.34
CA LEU B 264 -34.87 -36.68 11.41
C LEU B 264 -34.89 -35.20 10.98
N SER B 265 -34.59 -34.96 9.70
CA SER B 265 -34.46 -33.60 9.15
C SER B 265 -35.79 -32.92 8.80
N GLU B 266 -36.83 -33.72 8.56
CA GLU B 266 -38.10 -33.16 8.07
C GLU B 266 -38.90 -32.29 9.05
N PRO B 267 -38.94 -32.66 10.35
CA PRO B 267 -39.70 -31.82 11.28
C PRO B 267 -39.07 -30.43 11.47
N LEU B 268 -37.76 -30.33 11.23
CA LEU B 268 -37.04 -29.08 11.34
C LEU B 268 -37.37 -28.12 10.19
N TRP B 269 -37.90 -28.66 9.09
CA TRP B 269 -38.12 -27.86 7.89
C TRP B 269 -39.12 -26.71 8.05
N SER B 270 -40.23 -26.99 8.75
CA SER B 270 -41.25 -25.99 9.01
C SER B 270 -40.86 -24.99 10.11
N ILE B 271 -39.76 -25.27 10.80
CA ILE B 271 -39.33 -24.46 11.93
C ILE B 271 -38.27 -23.43 11.57
N GLU B 272 -37.14 -23.90 11.05
CA GLU B 272 -35.91 -23.09 10.99
C GLU B 272 -36.00 -21.83 10.16
N ALA B 273 -36.33 -22.01 8.89
CA ALA B 273 -36.49 -20.89 7.93
C ALA B 273 -37.57 -19.90 8.37
N ARG B 274 -38.63 -20.43 8.99
CA ARG B 274 -39.73 -19.63 9.52
C ARG B 274 -39.25 -18.67 10.62
N ASN B 275 -38.53 -19.22 11.61
CA ASN B 275 -38.02 -18.41 12.73
C ASN B 275 -37.18 -17.25 12.23
N ALA B 276 -36.25 -17.56 11.33
CA ALA B 276 -35.38 -16.57 10.75
C ALA B 276 -36.14 -15.37 10.21
N ALA B 277 -37.29 -15.63 9.58
CA ALA B 277 -38.10 -14.57 8.95
C ALA B 277 -38.73 -13.69 10.00
N ILE B 278 -39.22 -14.32 11.08
CA ILE B 278 -39.79 -13.62 12.24
C ILE B 278 -38.74 -12.79 12.99
N ALA B 279 -37.62 -13.46 13.32
CA ALA B 279 -36.53 -12.89 14.11
C ALA B 279 -35.83 -11.71 13.44
N ASN B 280 -35.54 -11.84 12.15
CA ASN B 280 -34.84 -10.80 11.43
C ASN B 280 -35.75 -9.82 10.69
N SER B 281 -37.05 -10.11 10.69
CA SER B 281 -38.09 -9.26 10.09
C SER B 281 -37.82 -9.04 8.60
N TYR B 282 -37.72 -10.15 7.87
CA TYR B 282 -37.65 -10.14 6.41
C TYR B 282 -38.29 -11.41 5.85
N PHE B 283 -38.32 -11.52 4.53
CA PHE B 283 -38.91 -12.67 3.84
C PHE B 283 -37.92 -13.81 3.68
N THR B 284 -38.45 -15.03 3.76
CA THR B 284 -37.62 -16.23 3.69
C THR B 284 -38.19 -17.20 2.67
N VAL B 285 -37.34 -17.69 1.78
CA VAL B 285 -37.80 -18.66 0.75
C VAL B 285 -36.97 -19.95 0.76
N PRO B 286 -37.34 -20.89 1.63
CA PRO B 286 -36.65 -22.18 1.63
C PRO B 286 -37.09 -23.08 0.48
N ILE B 287 -36.14 -23.45 -0.39
CA ILE B 287 -36.40 -24.35 -1.51
C ILE B 287 -35.68 -25.67 -1.27
N ASN B 288 -36.33 -26.79 -1.60
CA ASN B 288 -35.71 -28.11 -1.43
C ASN B 288 -35.91 -29.03 -2.63
N ARG B 289 -34.86 -29.79 -2.93
CA ARG B 289 -34.87 -30.84 -3.95
C ARG B 289 -36.03 -31.83 -3.78
N VAL B 290 -36.35 -32.55 -4.85
CA VAL B 290 -37.43 -33.53 -4.80
C VAL B 290 -37.05 -34.89 -5.43
N GLY B 291 -37.76 -35.94 -5.02
CA GLY B 291 -37.53 -37.28 -5.55
C GLY B 291 -36.40 -38.00 -4.86
N THR B 292 -36.14 -39.22 -5.29
CA THR B 292 -35.01 -40.00 -4.75
C THR B 292 -34.05 -40.39 -5.88
N GLU B 293 -32.75 -40.41 -5.56
CA GLU B 293 -31.71 -40.56 -6.58
C GLU B 293 -30.83 -41.78 -6.28
N GLN B 294 -30.42 -42.51 -7.32
CA GLN B 294 -29.61 -43.74 -7.14
C GLN B 294 -28.30 -43.75 -7.95
N PHE B 295 -27.23 -44.20 -7.31
CA PHE B 295 -25.87 -44.00 -7.78
C PHE B 295 -25.21 -45.30 -8.23
N PRO B 296 -24.19 -45.21 -9.10
CA PRO B 296 -23.57 -46.39 -9.70
C PRO B 296 -23.11 -47.45 -8.69
N ASN B 297 -22.22 -47.10 -7.78
CA ASN B 297 -21.75 -48.07 -6.78
C ASN B 297 -22.20 -47.80 -5.35
N GLU B 298 -22.17 -48.86 -4.54
CA GLU B 298 -22.67 -48.83 -3.17
C GLU B 298 -21.84 -47.94 -2.26
N TYR B 299 -22.49 -47.40 -1.22
CA TYR B 299 -21.85 -46.55 -0.22
C TYR B 299 -22.50 -46.75 1.13
N THR B 300 -21.78 -46.42 2.21
CA THR B 300 -22.32 -46.45 3.58
C THR B 300 -22.59 -45.04 4.13
N SER B 301 -23.56 -44.95 5.04
CA SER B 301 -24.10 -43.68 5.53
C SER B 301 -23.55 -43.22 6.88
N GLY B 302 -22.59 -43.96 7.44
CA GLY B 302 -22.05 -43.63 8.76
C GLY B 302 -22.90 -44.12 9.94
N ASP B 303 -24.07 -44.68 9.64
CA ASP B 303 -24.82 -45.45 10.62
C ASP B 303 -24.29 -46.88 10.64
N GLY B 304 -24.94 -47.75 11.40
CA GLY B 304 -24.55 -49.15 11.46
C GLY B 304 -24.88 -49.94 10.20
N ASN B 305 -25.81 -49.40 9.40
CA ASN B 305 -26.41 -50.08 8.23
C ASN B 305 -25.47 -50.59 7.14
N LYS B 306 -25.98 -51.55 6.37
CA LYS B 306 -25.32 -52.09 5.18
C LYS B 306 -25.28 -51.07 4.04
N ALA B 307 -24.32 -51.26 3.13
CA ALA B 307 -24.12 -50.38 1.98
C ALA B 307 -25.30 -50.43 1.02
N HIS B 308 -25.59 -49.30 0.37
CA HIS B 308 -26.71 -49.19 -0.56
C HIS B 308 -26.37 -48.26 -1.71
N LYS B 309 -27.26 -48.16 -2.70
CA LYS B 309 -27.02 -47.30 -3.85
C LYS B 309 -28.01 -46.13 -3.92
N GLU B 310 -29.16 -46.30 -3.27
CA GLU B 310 -30.26 -45.32 -3.23
C GLU B 310 -29.95 -44.18 -2.29
N PHE B 311 -30.29 -42.95 -2.68
CA PHE B 311 -30.20 -41.81 -1.77
C PHE B 311 -31.51 -41.04 -1.80
N GLY B 312 -32.11 -40.87 -0.63
CA GLY B 312 -33.36 -40.12 -0.53
C GLY B 312 -34.34 -40.65 0.49
N PRO B 313 -35.63 -40.22 0.39
CA PRO B 313 -36.12 -39.29 -0.63
C PRO B 313 -36.06 -37.82 -0.20
N PHE B 314 -35.67 -36.94 -1.13
CA PHE B 314 -35.73 -35.50 -0.89
C PHE B 314 -37.20 -35.10 -0.83
N TYR B 315 -37.57 -34.39 0.22
CA TYR B 315 -38.98 -34.19 0.54
C TYR B 315 -39.59 -32.87 0.08
N GLY B 316 -38.97 -32.21 -0.89
CA GLY B 316 -39.49 -30.94 -1.46
C GLY B 316 -40.05 -30.02 -0.40
N SER B 317 -41.33 -29.64 -0.56
CA SER B 317 -42.09 -28.85 0.41
C SER B 317 -41.59 -27.41 0.58
N SER B 318 -41.25 -26.80 -0.54
CA SER B 318 -40.82 -25.40 -0.59
C SER B 318 -41.96 -24.49 -0.15
N TYR B 319 -41.62 -23.37 0.49
CA TYR B 319 -42.61 -22.36 0.90
C TYR B 319 -41.97 -21.00 1.12
N VAL B 320 -42.80 -20.00 1.42
CA VAL B 320 -42.29 -18.66 1.76
C VAL B 320 -42.75 -18.24 3.16
N ALA B 321 -41.83 -17.70 3.96
CA ALA B 321 -42.17 -17.19 5.27
C ALA B 321 -42.10 -15.67 5.30
N ALA B 322 -43.07 -15.05 5.97
CA ALA B 322 -43.18 -13.60 6.04
C ALA B 322 -42.66 -13.04 7.36
N PRO B 323 -42.20 -11.77 7.35
CA PRO B 323 -41.64 -11.07 8.51
C PRO B 323 -42.60 -10.92 9.69
N ASP B 324 -43.90 -10.98 9.41
CA ASP B 324 -44.92 -10.82 10.45
C ASP B 324 -45.31 -12.14 11.11
N GLY B 325 -44.75 -13.24 10.62
CA GLY B 325 -45.02 -14.56 11.18
C GLY B 325 -45.88 -15.45 10.31
N SER B 326 -46.50 -14.88 9.28
CA SER B 326 -47.32 -15.68 8.36
C SER B 326 -46.46 -16.42 7.32
N ARG B 327 -47.05 -17.44 6.70
CA ARG B 327 -46.33 -18.29 5.76
C ARG B 327 -47.22 -18.99 4.73
N THR B 328 -46.67 -19.13 3.54
CA THR B 328 -47.26 -19.88 2.44
C THR B 328 -47.37 -21.36 2.81
N PRO B 329 -48.45 -22.05 2.38
CA PRO B 329 -48.40 -23.52 2.41
C PRO B 329 -47.24 -24.07 1.58
N SER B 330 -46.89 -25.32 1.82
CA SER B 330 -45.79 -25.97 1.11
C SER B 330 -46.23 -26.50 -0.25
N LEU B 331 -45.26 -26.63 -1.17
CA LEU B 331 -45.44 -27.41 -2.39
C LEU B 331 -45.46 -28.89 -2.04
N SER B 332 -45.57 -29.73 -3.06
CA SER B 332 -45.63 -31.18 -2.90
C SER B 332 -44.35 -31.76 -2.30
N ARG B 333 -44.46 -32.94 -1.69
CA ARG B 333 -43.29 -33.59 -1.11
C ARG B 333 -42.54 -34.49 -2.09
N ASP B 334 -43.12 -34.74 -3.26
CA ASP B 334 -42.51 -35.65 -4.24
C ASP B 334 -42.76 -35.28 -5.70
N LYS B 335 -43.34 -34.11 -5.94
CA LYS B 335 -43.62 -33.65 -7.30
C LYS B 335 -42.89 -32.34 -7.58
N ASP B 336 -42.36 -32.22 -8.81
CA ASP B 336 -41.76 -30.98 -9.32
C ASP B 336 -42.75 -29.82 -9.12
N GLY B 337 -42.23 -28.65 -8.77
CA GLY B 337 -43.10 -27.53 -8.46
C GLY B 337 -42.51 -26.15 -8.69
N LEU B 338 -43.40 -25.22 -9.03
CA LEU B 338 -43.06 -23.82 -9.16
C LEU B 338 -43.95 -23.04 -8.21
N LEU B 339 -43.35 -22.40 -7.21
CA LEU B 339 -44.08 -21.61 -6.24
C LEU B 339 -43.99 -20.14 -6.58
N VAL B 340 -45.12 -19.54 -6.90
CA VAL B 340 -45.16 -18.11 -7.24
C VAL B 340 -45.85 -17.35 -6.12
N VAL B 341 -45.12 -16.46 -5.48
CA VAL B 341 -45.70 -15.61 -4.44
C VAL B 341 -45.36 -14.15 -4.65
N GLU B 342 -46.39 -13.32 -4.53
CA GLU B 342 -46.27 -11.88 -4.65
C GLU B 342 -46.33 -11.27 -3.26
N LEU B 343 -45.43 -10.32 -3.01
CA LEU B 343 -45.30 -9.74 -1.69
C LEU B 343 -45.03 -8.24 -1.78
N ASP B 344 -45.41 -7.52 -0.71
CA ASP B 344 -45.10 -6.10 -0.58
C ASP B 344 -43.89 -5.97 0.34
N LEU B 345 -42.77 -5.55 -0.24
CA LEU B 345 -41.50 -5.41 0.49
C LEU B 345 -41.56 -4.44 1.69
N ASN B 346 -42.60 -3.61 1.75
CA ASN B 346 -42.75 -2.64 2.82
C ASN B 346 -43.14 -3.25 4.16
N LEU B 347 -43.68 -4.47 4.09
CA LEU B 347 -44.02 -5.24 5.29
C LEU B 347 -42.82 -5.41 6.22
N CYS B 348 -41.62 -5.46 5.64
CA CYS B 348 -40.39 -5.57 6.39
C CYS B 348 -40.21 -4.42 7.40
N ARG B 349 -40.03 -3.18 6.92
CA ARG B 349 -39.88 -2.06 7.83
C ARG B 349 -41.07 -1.90 8.77
N GLN B 350 -42.29 -2.12 8.26
CA GLN B 350 -43.49 -2.03 9.08
C GLN B 350 -43.45 -2.93 10.31
N VAL B 351 -43.05 -4.18 10.12
CA VAL B 351 -42.91 -5.14 11.22
C VAL B 351 -41.80 -4.71 12.17
N LYS B 352 -40.67 -4.28 11.59
CA LYS B 352 -39.52 -3.79 12.35
C LYS B 352 -39.93 -2.70 13.32
N ASP B 353 -40.81 -1.80 12.84
CA ASP B 353 -41.23 -0.65 13.59
C ASP B 353 -42.28 -0.99 14.67
N PHE B 354 -43.07 -2.03 14.42
CA PHE B 354 -44.14 -2.45 15.34
C PHE B 354 -43.60 -3.34 16.47
N TRP B 355 -42.84 -4.36 16.09
CA TRP B 355 -42.26 -5.29 17.06
C TRP B 355 -40.94 -4.81 17.64
N GLY B 356 -40.21 -4.04 16.85
CA GLY B 356 -38.95 -3.44 17.28
C GLY B 356 -37.84 -4.42 17.66
N PHE B 357 -37.74 -5.53 16.93
CA PHE B 357 -36.71 -6.54 17.21
C PHE B 357 -35.29 -5.99 17.04
N ARG B 358 -35.11 -5.14 16.03
CA ARG B 358 -33.81 -4.60 15.66
C ARG B 358 -33.39 -3.48 16.60
N MET B 359 -34.38 -2.76 17.12
CA MET B 359 -34.19 -1.73 18.14
C MET B 359 -33.64 -2.32 19.45
N THR B 360 -33.94 -3.59 19.73
CA THR B 360 -33.62 -4.19 21.02
C THR B 360 -32.63 -5.36 20.93
N GLN B 361 -31.93 -5.46 19.81
CA GLN B 361 -31.01 -6.57 19.55
C GLN B 361 -29.79 -6.59 20.50
N ARG B 362 -29.32 -5.41 20.91
CA ARG B 362 -28.13 -5.25 21.75
C ARG B 362 -26.88 -5.90 21.12
N VAL B 363 -26.70 -5.66 19.82
CA VAL B 363 -25.58 -6.25 19.06
C VAL B 363 -24.22 -6.02 19.72
N PRO B 364 -23.96 -4.79 20.23
CA PRO B 364 -22.65 -4.54 20.84
C PRO B 364 -22.32 -5.57 21.94
N LEU B 365 -23.33 -5.91 22.75
CA LEU B 365 -23.20 -6.86 23.85
C LEU B 365 -22.87 -8.25 23.35
N TYR B 366 -23.53 -8.67 22.28
CA TYR B 366 -23.33 -9.99 21.72
C TYR B 366 -22.01 -10.09 20.95
N ALA B 367 -21.61 -8.98 20.34
CA ALA B 367 -20.33 -8.90 19.66
C ALA B 367 -19.24 -9.21 20.66
N GLU B 368 -19.40 -8.62 21.85
CA GLU B 368 -18.45 -8.78 22.95
C GLU B 368 -18.48 -10.17 23.56
N SER B 369 -19.70 -10.67 23.85
CA SER B 369 -19.88 -12.00 24.43
C SER B 369 -19.35 -13.12 23.53
N PHE B 370 -19.54 -12.96 22.21
CA PHE B 370 -19.11 -13.96 21.22
C PHE B 370 -17.60 -13.98 21.07
N LYS B 371 -16.99 -12.80 21.19
CA LYS B 371 -15.54 -12.64 21.11
C LYS B 371 -14.88 -13.38 22.26
N LYS B 372 -15.43 -13.17 23.46
CA LYS B 372 -14.91 -13.79 24.67
C LYS B 372 -15.04 -15.30 24.59
N ALA B 373 -16.19 -15.76 24.07
CA ALA B 373 -16.47 -17.20 23.96
C ALA B 373 -15.56 -17.91 22.98
N SER B 374 -15.10 -17.20 21.96
CA SER B 374 -14.26 -17.77 20.91
C SER B 374 -12.80 -17.87 21.32
N GLU B 375 -12.42 -17.11 22.35
CA GLU B 375 -11.03 -17.09 22.82
C GLU B 375 -10.65 -18.36 23.56
N HIS B 376 -9.35 -18.58 23.65
CA HIS B 376 -8.82 -19.83 24.23
C HIS B 376 -9.05 -19.95 25.71
N GLY B 377 -8.84 -18.86 26.44
CA GLY B 377 -9.01 -18.88 27.90
C GLY B 377 -10.45 -18.85 28.38
N PHE B 378 -11.40 -19.18 27.51
CA PHE B 378 -12.81 -19.00 27.80
C PHE B 378 -13.30 -19.80 29.00
N LYS B 379 -13.74 -19.07 30.01
CA LYS B 379 -14.40 -19.67 31.17
C LYS B 379 -15.87 -19.28 31.17
N PRO B 380 -16.74 -20.26 30.91
CA PRO B 380 -18.19 -20.03 30.78
C PRO B 380 -18.79 -19.43 32.03
N GLN B 381 -19.83 -18.63 31.85
CA GLN B 381 -20.52 -17.96 32.96
C GLN B 381 -21.46 -18.94 33.67
N ILE B 382 -20.87 -19.88 34.41
CA ILE B 382 -21.61 -20.86 35.19
C ILE B 382 -21.64 -20.46 36.67
N ILE B 383 -22.82 -20.43 37.26
CA ILE B 383 -22.98 -20.15 38.68
C ILE B 383 -23.20 -21.45 39.46
N LYS B 384 -22.30 -21.73 40.39
CA LYS B 384 -22.33 -22.93 41.22
C LYS B 384 -22.94 -22.66 42.59
N GLU B 385 -23.32 -23.70 43.30
CA GLU B 385 -23.79 -23.57 44.69
C GLU B 385 -22.62 -23.39 45.65
N THR B 386 -22.72 -22.34 46.48
CA THR B 386 -21.62 -21.92 47.33
C THR B 386 -21.48 -22.74 48.62
N LEU C 6 7.46 -56.39 2.47
CA LEU C 6 8.85 -56.21 2.98
C LEU C 6 8.85 -55.91 4.50
N LYS C 7 10.04 -55.77 5.08
CA LYS C 7 10.18 -55.52 6.52
C LYS C 7 11.00 -54.27 6.89
N ASN C 8 12.26 -54.21 6.44
CA ASN C 8 13.07 -52.96 6.54
C ASN C 8 14.13 -52.72 5.42
N LEU C 9 13.75 -51.84 4.51
CA LEU C 9 14.52 -51.44 3.32
C LEU C 9 16.03 -51.45 3.53
N ASN C 10 16.46 -50.93 4.67
CA ASN C 10 17.87 -50.89 5.03
C ASN C 10 18.46 -52.28 5.07
N ASP C 11 17.76 -53.20 5.73
CA ASP C 11 18.19 -54.60 5.86
C ASP C 11 18.27 -55.30 4.52
N CYS C 12 17.31 -54.97 3.65
CA CYS C 12 17.20 -55.46 2.28
C CYS C 12 18.41 -55.04 1.42
N LEU C 13 18.81 -53.79 1.57
CA LEU C 13 19.90 -53.20 0.80
C LEU C 13 21.27 -53.73 1.20
N GLU C 14 21.40 -54.10 2.47
CA GLU C 14 22.66 -54.65 2.97
C GLU C 14 22.72 -56.17 2.80
N LYS C 15 21.59 -56.77 2.43
CA LYS C 15 21.54 -58.21 2.18
C LYS C 15 21.68 -58.55 0.68
N HIS C 16 21.95 -57.54 -0.15
CA HIS C 16 22.00 -57.76 -1.59
C HIS C 16 23.11 -57.03 -2.34
N LEU C 17 23.84 -56.18 -1.64
CA LEU C 17 24.83 -55.30 -2.29
C LEU C 17 26.26 -55.44 -1.76
N PRO C 18 27.25 -55.65 -2.65
CA PRO C 18 28.66 -55.50 -2.31
C PRO C 18 28.93 -54.28 -1.43
N PRO C 19 29.80 -54.44 -0.42
CA PRO C 19 29.97 -53.47 0.67
C PRO C 19 30.35 -52.08 0.18
N ASP C 20 31.13 -52.00 -0.91
CA ASP C 20 31.57 -50.70 -1.41
C ASP C 20 30.51 -49.96 -2.24
N GLU C 21 29.58 -50.70 -2.84
CA GLU C 21 28.47 -50.09 -3.57
C GLU C 21 27.35 -49.73 -2.60
N LEU C 22 27.15 -50.61 -1.63
CA LEU C 22 26.29 -50.38 -0.46
C LEU C 22 26.61 -49.04 0.24
N LYS C 23 27.91 -48.78 0.36
CA LYS C 23 28.46 -47.55 0.92
C LYS C 23 27.96 -46.33 0.16
N GLU C 24 27.82 -46.48 -1.15
CA GLU C 24 27.44 -45.37 -2.04
C GLU C 24 25.94 -45.18 -2.11
N VAL C 25 25.22 -46.31 -2.12
CA VAL C 25 23.75 -46.31 -2.16
C VAL C 25 23.20 -45.73 -0.86
N LYS C 26 23.84 -46.07 0.25
CA LYS C 26 23.48 -45.50 1.54
C LYS C 26 23.80 -44.01 1.61
N ARG C 27 24.86 -43.60 0.92
CA ARG C 27 25.26 -42.21 0.87
C ARG C 27 24.20 -41.36 0.20
N ILE C 28 23.57 -41.89 -0.84
CA ILE C 28 22.58 -41.09 -1.59
C ILE C 28 21.17 -41.21 -1.03
N LEU C 29 20.82 -42.37 -0.49
CA LEU C 29 19.48 -42.60 0.07
C LEU C 29 19.32 -42.01 1.50
N TYR C 30 20.22 -42.41 2.38
CA TYR C 30 20.32 -41.85 3.73
C TYR C 30 21.33 -40.72 3.69
N GLY C 31 21.72 -40.20 4.83
CA GLY C 31 22.65 -39.07 4.81
C GLY C 31 24.13 -39.42 4.83
N VAL C 32 24.45 -40.65 5.25
CA VAL C 32 25.83 -41.07 5.52
C VAL C 32 26.24 -42.31 4.72
N GLU C 33 27.48 -42.75 4.89
CA GLU C 33 28.05 -43.92 4.18
C GLU C 33 27.80 -45.29 4.86
N GLU C 34 27.85 -45.29 6.20
CA GLU C 34 27.30 -46.40 6.99
C GLU C 34 26.76 -45.90 8.34
N ASP C 35 25.69 -46.56 8.79
CA ASP C 35 24.90 -46.14 9.96
C ASP C 35 25.76 -45.75 11.15
N GLN C 36 25.44 -44.63 11.78
CA GLN C 36 26.05 -44.31 13.06
C GLN C 36 25.19 -44.92 14.17
N THR C 37 25.44 -46.21 14.44
CA THR C 37 24.70 -46.96 15.44
C THR C 37 24.94 -46.37 16.81
N LEU C 38 23.99 -46.58 17.71
CA LEU C 38 24.16 -46.25 19.11
C LEU C 38 24.01 -47.55 19.89
N GLU C 39 24.94 -47.78 20.80
CA GLU C 39 24.88 -48.93 21.69
C GLU C 39 23.91 -48.67 22.84
N LEU C 40 22.93 -49.55 22.99
CA LEU C 40 21.85 -49.36 23.94
C LEU C 40 22.07 -50.20 25.19
N PRO C 41 21.74 -49.63 26.38
CA PRO C 41 21.78 -50.33 27.66
C PRO C 41 21.26 -51.75 27.53
N THR C 42 21.94 -52.68 28.18
CA THR C 42 21.61 -54.10 28.05
C THR C 42 20.22 -54.44 28.61
N SER C 43 19.82 -53.77 29.69
CA SER C 43 18.51 -53.96 30.32
C SER C 43 17.32 -53.48 29.47
N ALA C 44 17.55 -52.45 28.65
CA ALA C 44 16.53 -51.90 27.74
C ALA C 44 16.21 -52.85 26.61
N LYS C 45 17.24 -53.34 25.92
CA LYS C 45 17.12 -54.37 24.88
C LYS C 45 16.35 -55.59 25.37
N ASP C 46 16.48 -55.87 26.66
CA ASP C 46 15.82 -57.03 27.23
C ASP C 46 14.31 -56.86 27.37
N ILE C 47 13.88 -55.72 27.89
CA ILE C 47 12.47 -55.34 27.92
C ILE C 47 11.83 -55.47 26.54
N ALA C 48 12.51 -54.91 25.53
CA ALA C 48 12.07 -54.97 24.13
C ALA C 48 11.99 -56.40 23.57
N GLU C 49 13.03 -57.20 23.83
CA GLU C 49 13.01 -58.59 23.36
C GLU C 49 11.86 -59.40 23.94
N GLN C 50 11.69 -59.33 25.26
CA GLN C 50 10.62 -60.05 25.98
C GLN C 50 9.22 -59.65 25.54
N ASN C 51 8.96 -58.35 25.45
CA ASN C 51 7.66 -57.88 25.02
C ASN C 51 7.44 -57.90 23.52
N GLY C 52 8.48 -58.31 22.78
CA GLY C 52 8.37 -58.53 21.35
C GLY C 52 8.27 -57.30 20.48
N PHE C 53 9.01 -56.25 20.85
CA PHE C 53 9.08 -55.05 20.01
C PHE C 53 10.51 -54.64 19.71
N ASP C 54 10.70 -54.06 18.52
CA ASP C 54 11.99 -53.54 18.04
C ASP C 54 12.54 -52.43 18.90
N ILE C 55 13.84 -52.50 19.18
CA ILE C 55 14.55 -51.34 19.70
C ILE C 55 15.83 -51.11 18.91
N LYS C 56 15.91 -49.94 18.27
CA LYS C 56 17.10 -49.55 17.51
C LYS C 56 17.64 -48.16 17.90
N GLY C 57 18.95 -48.09 18.00
CA GLY C 57 19.63 -46.88 18.46
C GLY C 57 20.58 -46.30 17.43
N TYR C 58 20.49 -44.99 17.26
CA TYR C 58 21.35 -44.26 16.33
C TYR C 58 21.82 -42.95 16.94
N ARG C 59 22.85 -42.37 16.33
CA ARG C 59 23.49 -41.15 16.86
C ARG C 59 23.77 -40.12 15.76
N PHE C 60 23.34 -38.89 16.01
CA PHE C 60 23.71 -37.74 15.19
C PHE C 60 24.67 -36.90 16.02
N THR C 61 25.60 -36.25 15.34
CA THR C 61 26.67 -35.52 16.00
C THR C 61 26.75 -34.10 15.44
N ALA C 62 27.38 -33.20 16.18
CA ALA C 62 27.68 -31.85 15.68
C ALA C 62 29.17 -31.56 15.80
N ARG C 63 29.62 -30.46 15.21
CA ARG C 63 30.99 -30.04 15.47
C ARG C 63 31.12 -29.28 16.79
N GLU C 64 32.33 -29.37 17.37
CA GLU C 64 32.65 -28.81 18.67
C GLU C 64 32.68 -27.29 18.58
N GLU C 65 31.99 -26.61 19.48
CA GLU C 65 31.95 -25.16 19.45
C GLU C 65 32.73 -24.56 20.60
N GLN C 66 33.25 -23.35 20.39
CA GLN C 66 34.06 -22.67 21.39
C GLN C 66 33.25 -22.01 22.48
N THR C 67 32.13 -21.38 22.15
CA THR C 67 31.35 -20.63 23.14
C THR C 67 30.12 -21.36 23.64
N ARG C 68 29.94 -22.61 23.23
CA ARG C 68 28.76 -23.37 23.58
C ARG C 68 29.10 -24.84 23.80
N LYS C 69 28.68 -25.37 24.94
CA LYS C 69 28.87 -26.78 25.27
C LYS C 69 27.92 -27.64 24.42
N ARG C 70 28.35 -28.86 24.12
CA ARG C 70 27.54 -29.79 23.33
C ARG C 70 26.19 -30.00 23.99
N ARG C 71 25.12 -29.84 23.23
CA ARG C 71 23.77 -30.05 23.73
C ARG C 71 23.23 -31.40 23.30
N ILE C 72 23.73 -32.47 23.92
CA ILE C 72 23.31 -33.81 23.54
C ILE C 72 21.99 -34.20 24.20
N VAL C 73 21.06 -34.69 23.37
CA VAL C 73 19.70 -35.04 23.80
C VAL C 73 19.30 -36.37 23.14
N ARG C 74 18.49 -37.15 23.85
CA ARG C 74 18.06 -38.46 23.37
C ARG C 74 16.53 -38.52 23.22
N VAL C 75 16.06 -38.90 22.03
CA VAL C 75 14.62 -39.07 21.78
C VAL C 75 14.19 -40.51 21.50
N GLY C 76 12.99 -40.85 21.98
CA GLY C 76 12.40 -42.17 21.80
C GLY C 76 11.07 -42.07 21.08
N ALA C 77 11.04 -42.54 19.84
CA ALA C 77 9.83 -42.59 19.04
C ALA C 77 9.22 -43.98 19.15
N ILE C 78 7.95 -44.03 19.54
CA ILE C 78 7.27 -45.32 19.73
C ILE C 78 6.15 -45.56 18.74
N GLN C 79 6.34 -46.58 17.91
CA GLN C 79 5.29 -47.05 17.03
C GLN C 79 4.70 -48.36 17.52
N ASN C 80 3.38 -48.46 17.44
CA ASN C 80 2.66 -49.62 17.93
C ASN C 80 1.37 -49.89 17.13
N SER C 81 0.75 -51.04 17.40
CA SER C 81 -0.60 -51.31 16.93
C SER C 81 -1.59 -51.35 18.09
N ILE C 82 -2.87 -51.18 17.78
CA ILE C 82 -3.94 -51.51 18.71
C ILE C 82 -3.96 -53.00 19.02
N VAL C 83 -4.62 -53.37 20.11
CA VAL C 83 -4.19 -54.51 20.92
C VAL C 83 -5.32 -55.51 21.10
N ILE C 84 -6.52 -55.01 21.37
CA ILE C 84 -7.71 -55.85 21.44
C ILE C 84 -8.74 -55.44 20.39
N PRO C 85 -9.50 -56.41 19.91
CA PRO C 85 -10.52 -56.16 18.87
C PRO C 85 -11.34 -54.90 19.09
N THR C 86 -11.56 -54.17 17.99
CA THR C 86 -12.36 -52.94 17.93
C THR C 86 -13.78 -53.04 18.51
N THR C 87 -14.30 -54.26 18.61
CA THR C 87 -15.59 -54.51 19.25
C THR C 87 -15.35 -55.02 20.67
N ALA C 88 -15.04 -54.08 21.55
CA ALA C 88 -14.80 -54.34 22.97
C ALA C 88 -14.96 -52.99 23.66
N PRO C 89 -15.40 -52.97 24.93
CA PRO C 89 -15.57 -51.68 25.56
C PRO C 89 -14.37 -50.76 25.32
N ILE C 90 -14.66 -49.57 24.83
CA ILE C 90 -13.65 -48.59 24.44
C ILE C 90 -12.64 -48.34 25.55
N GLU C 91 -13.07 -48.46 26.80
CA GLU C 91 -12.21 -48.27 27.96
C GLU C 91 -11.18 -49.38 28.06
N LYS C 92 -11.61 -50.61 27.75
CA LYS C 92 -10.74 -51.77 27.74
C LYS C 92 -9.71 -51.65 26.62
N GLN C 93 -10.15 -51.13 25.47
CA GLN C 93 -9.28 -50.87 24.29
C GLN C 93 -8.14 -49.91 24.63
N ARG C 94 -8.51 -48.75 25.15
CA ARG C 94 -7.57 -47.72 25.56
C ARG C 94 -6.59 -48.26 26.60
N GLU C 95 -7.10 -49.08 27.51
CA GLU C 95 -6.32 -49.62 28.61
C GLU C 95 -5.29 -50.66 28.16
N ALA C 96 -5.61 -51.44 27.14
CA ALA C 96 -4.68 -52.44 26.57
C ALA C 96 -3.47 -51.74 25.94
N ILE C 97 -3.76 -50.70 25.14
CA ILE C 97 -2.75 -49.88 24.48
C ILE C 97 -1.89 -49.18 25.53
N TRP C 98 -2.56 -48.60 26.54
CA TRP C 98 -1.89 -48.00 27.69
C TRP C 98 -0.83 -48.93 28.27
N ASN C 99 -1.21 -50.17 28.53
CA ASN C 99 -0.32 -51.10 29.21
C ASN C 99 0.80 -51.63 28.34
N LYS C 100 0.55 -51.74 27.02
CA LYS C 100 1.60 -52.07 26.06
C LYS C 100 2.64 -50.97 26.00
N VAL C 101 2.17 -49.73 25.79
CA VAL C 101 3.05 -48.59 25.63
C VAL C 101 3.76 -48.26 26.94
N LYS C 102 3.09 -48.44 28.08
CA LYS C 102 3.72 -48.22 29.39
C LYS C 102 5.05 -48.94 29.47
N THR C 103 5.10 -50.16 28.96
CA THR C 103 6.32 -50.97 29.01
C THR C 103 7.34 -50.47 28.00
N MET C 104 6.85 -49.94 26.88
CA MET C 104 7.73 -49.38 25.85
C MET C 104 8.37 -48.06 26.32
N ILE C 105 7.60 -47.25 27.04
CA ILE C 105 8.10 -46.02 27.65
C ILE C 105 9.16 -46.33 28.68
N LYS C 106 9.04 -47.48 29.34
CA LYS C 106 10.04 -47.90 30.32
C LYS C 106 11.36 -48.30 29.67
N ALA C 107 11.28 -49.00 28.54
CA ALA C 107 12.49 -49.38 27.79
C ALA C 107 13.21 -48.13 27.28
N ALA C 108 12.43 -47.17 26.80
CA ALA C 108 12.95 -45.87 26.37
C ALA C 108 13.63 -45.16 27.52
N ALA C 109 13.07 -45.30 28.72
CA ALA C 109 13.62 -44.68 29.91
C ALA C 109 14.95 -45.30 30.29
N GLU C 110 15.03 -46.63 30.22
CA GLU C 110 16.27 -47.36 30.51
C GLU C 110 17.34 -47.19 29.43
N ALA C 111 16.88 -46.94 28.20
CA ALA C 111 17.78 -46.57 27.11
C ALA C 111 18.25 -45.11 27.26
N GLY C 112 17.77 -44.44 28.31
CA GLY C 112 18.20 -43.08 28.66
C GLY C 112 17.64 -41.97 27.80
N CYS C 113 16.40 -42.13 27.36
CA CYS C 113 15.72 -41.13 26.56
C CYS C 113 15.36 -39.93 27.42
N ASN C 114 15.23 -38.76 26.79
CA ASN C 114 14.85 -37.53 27.47
C ASN C 114 13.52 -36.99 26.98
N ILE C 115 13.19 -37.30 25.74
CA ILE C 115 11.90 -36.97 25.17
C ILE C 115 11.34 -38.19 24.46
N VAL C 116 10.14 -38.59 24.85
CA VAL C 116 9.47 -39.71 24.22
C VAL C 116 8.18 -39.24 23.57
N CYS C 117 7.85 -39.87 22.45
CA CYS C 117 6.73 -39.45 21.64
C CYS C 117 5.97 -40.60 21.02
N THR C 118 4.66 -40.42 20.96
CA THR C 118 3.73 -41.42 20.43
C THR C 118 3.29 -41.11 18.98
N GLN C 119 2.60 -42.06 18.38
CA GLN C 119 2.00 -41.87 17.07
C GLN C 119 0.73 -41.04 17.20
N GLU C 120 -0.03 -40.93 16.12
CA GLU C 120 -1.25 -40.13 16.10
C GLU C 120 -2.46 -40.92 16.61
N ALA C 121 -3.25 -40.27 17.46
CA ALA C 121 -4.40 -40.89 18.11
C ALA C 121 -4.03 -42.26 18.67
N TRP C 122 -2.89 -42.31 19.38
CA TRP C 122 -2.25 -43.56 19.81
C TRP C 122 -3.12 -44.41 20.74
N THR C 123 -4.17 -43.78 21.23
CA THR C 123 -4.99 -44.23 22.34
C THR C 123 -6.15 -45.10 21.85
N MET C 124 -6.31 -45.21 20.53
CA MET C 124 -7.54 -45.78 19.93
C MET C 124 -7.31 -46.35 18.53
N PRO C 125 -8.17 -47.28 18.09
CA PRO C 125 -8.08 -47.71 16.69
C PRO C 125 -8.48 -46.55 15.80
N PHE C 126 -7.80 -46.40 14.68
CA PHE C 126 -8.03 -45.26 13.80
C PHE C 126 -9.39 -45.36 13.13
N ALA C 127 -10.42 -45.03 13.90
CA ALA C 127 -11.80 -45.39 13.60
C ALA C 127 -12.50 -44.43 12.64
N PHE C 128 -11.77 -43.45 12.14
CA PHE C 128 -12.40 -42.40 11.36
C PHE C 128 -12.84 -42.86 9.97
N CYS C 129 -12.37 -44.02 9.54
CA CYS C 129 -12.70 -44.59 8.24
C CYS C 129 -14.17 -45.01 8.13
N THR C 130 -14.76 -45.37 9.27
CA THR C 130 -16.18 -45.77 9.37
C THR C 130 -17.13 -44.59 9.25
N ARG C 131 -16.69 -43.43 9.72
CA ARG C 131 -17.54 -42.24 9.81
C ARG C 131 -18.71 -42.41 10.78
N GLU C 132 -18.54 -43.34 11.73
CA GLU C 132 -19.50 -43.54 12.80
C GLU C 132 -19.10 -42.67 13.99
N LYS C 133 -20.09 -42.04 14.62
CA LYS C 133 -19.80 -41.25 15.82
C LYS C 133 -19.87 -42.08 17.09
N PHE C 134 -20.51 -43.26 17.01
CA PHE C 134 -20.76 -44.07 18.19
C PHE C 134 -20.25 -45.49 18.00
N PRO C 135 -19.43 -45.99 18.95
CA PRO C 135 -19.03 -45.35 20.20
C PRO C 135 -17.70 -44.59 20.15
N TRP C 136 -17.24 -44.27 18.93
CA TRP C 136 -15.88 -43.78 18.71
C TRP C 136 -15.55 -42.43 19.32
N CYS C 137 -16.57 -41.60 19.51
CA CYS C 137 -16.40 -40.27 20.09
C CYS C 137 -16.11 -40.30 21.57
N GLU C 138 -16.48 -41.39 22.22
CA GLU C 138 -16.23 -41.51 23.65
C GLU C 138 -14.76 -41.76 23.98
N PHE C 139 -13.95 -42.00 22.94
CA PHE C 139 -12.49 -42.06 23.07
C PHE C 139 -11.89 -40.69 23.36
N ALA C 140 -12.62 -39.65 22.98
CA ALA C 140 -12.20 -38.25 23.16
C ALA C 140 -12.20 -37.86 24.63
N GLU C 141 -11.06 -37.40 25.12
CA GLU C 141 -10.88 -37.01 26.52
C GLU C 141 -10.42 -35.56 26.63
N GLU C 142 -10.32 -35.05 27.86
CA GLU C 142 -9.78 -33.71 28.08
C GLU C 142 -8.28 -33.69 27.86
N ALA C 143 -7.75 -32.56 27.38
CA ALA C 143 -6.31 -32.48 27.12
C ALA C 143 -5.48 -32.41 28.42
N GLU C 144 -5.96 -31.65 29.41
CA GLU C 144 -5.22 -31.44 30.66
C GLU C 144 -5.56 -32.47 31.73
N ASN C 145 -6.85 -32.74 31.91
CA ASN C 145 -7.33 -33.61 32.99
C ASN C 145 -7.75 -34.99 32.53
N GLY C 146 -7.67 -35.24 31.22
CA GLY C 146 -8.02 -36.53 30.66
C GLY C 146 -7.16 -37.65 31.24
N PRO C 147 -7.77 -38.83 31.42
CA PRO C 147 -7.13 -40.01 31.99
C PRO C 147 -5.73 -40.29 31.41
N THR C 148 -5.59 -40.25 30.08
CA THR C 148 -4.34 -40.57 29.42
C THR C 148 -3.21 -39.61 29.82
N THR C 149 -3.51 -38.30 29.81
CA THR C 149 -2.55 -37.26 30.24
C THR C 149 -2.15 -37.44 31.70
N LYS C 150 -3.16 -37.56 32.58
CA LYS C 150 -2.94 -37.79 34.00
C LYS C 150 -2.02 -38.99 34.21
N MET C 151 -2.36 -40.13 33.61
CA MET C 151 -1.56 -41.35 33.67
C MET C 151 -0.13 -41.12 33.19
N LEU C 152 -0.01 -40.62 31.96
CA LEU C 152 1.28 -40.37 31.29
C LEU C 152 2.14 -39.37 32.08
N ALA C 153 1.49 -38.39 32.71
CA ALA C 153 2.16 -37.37 33.50
C ALA C 153 2.97 -37.97 34.65
N GLU C 154 2.53 -39.11 35.16
CA GLU C 154 3.22 -39.78 36.24
C GLU C 154 4.51 -40.43 35.76
N LEU C 155 4.45 -41.14 34.65
CA LEU C 155 5.66 -41.72 34.05
C LEU C 155 6.67 -40.62 33.67
N ALA C 156 6.16 -39.44 33.36
CA ALA C 156 7.02 -38.29 33.04
C ALA C 156 7.82 -37.83 34.25
N LYS C 157 7.13 -37.65 35.37
CA LYS C 157 7.75 -37.25 36.63
C LYS C 157 8.73 -38.32 37.08
N ALA C 158 8.31 -39.58 37.01
CA ALA C 158 9.08 -40.74 37.49
C ALA C 158 10.34 -41.02 36.69
N TYR C 159 10.26 -40.93 35.37
CA TYR C 159 11.44 -41.17 34.53
C TYR C 159 12.19 -39.88 34.16
N ASN C 160 11.73 -38.75 34.69
CA ASN C 160 12.26 -37.45 34.31
C ASN C 160 12.48 -37.25 32.82
N MET C 161 11.38 -37.30 32.07
CA MET C 161 11.42 -37.11 30.63
C MET C 161 10.15 -36.45 30.12
N VAL C 162 10.33 -35.61 29.10
CA VAL C 162 9.22 -34.95 28.38
C VAL C 162 8.47 -36.03 27.60
N ILE C 163 7.16 -36.11 27.80
CA ILE C 163 6.35 -37.02 27.00
C ILE C 163 5.37 -36.24 26.14
N ILE C 164 5.44 -36.46 24.83
CA ILE C 164 4.50 -35.88 23.86
C ILE C 164 3.63 -37.01 23.32
N HIS C 165 2.32 -36.81 23.36
CA HIS C 165 1.38 -37.80 22.88
C HIS C 165 0.19 -37.17 22.14
N SER C 166 -0.44 -37.94 21.28
CA SER C 166 -1.57 -37.44 20.51
C SER C 166 -2.85 -38.22 20.77
N ILE C 167 -3.90 -37.49 21.10
CA ILE C 167 -5.21 -38.07 21.43
C ILE C 167 -6.36 -37.29 20.79
N LEU C 168 -7.55 -37.89 20.79
CA LEU C 168 -8.77 -37.15 20.50
C LEU C 168 -9.11 -36.29 21.70
N GLU C 169 -9.33 -35.00 21.45
CA GLU C 169 -9.63 -34.09 22.53
C GLU C 169 -11.09 -33.62 22.49
N ARG C 170 -11.78 -33.73 23.62
CA ARG C 170 -13.02 -33.01 23.82
C ARG C 170 -12.74 -31.76 24.62
N ASP C 171 -13.09 -30.64 24.05
CA ASP C 171 -12.98 -29.36 24.71
C ASP C 171 -14.32 -29.11 25.38
N MET C 172 -14.31 -29.03 26.70
CA MET C 172 -15.53 -28.88 27.47
C MET C 172 -16.10 -27.49 27.37
N GLU C 173 -15.25 -26.50 27.63
CA GLU C 173 -15.66 -25.09 27.69
C GLU C 173 -16.21 -24.55 26.36
N HIS C 174 -15.63 -25.02 25.26
CA HIS C 174 -16.06 -24.64 23.91
C HIS C 174 -16.99 -25.66 23.26
N GLY C 175 -18.17 -25.81 23.84
CA GLY C 175 -19.24 -26.62 23.27
C GLY C 175 -18.98 -28.11 23.06
N GLU C 176 -18.19 -28.72 23.94
CA GLU C 176 -17.94 -30.17 23.90
C GLU C 176 -17.40 -30.65 22.56
N THR C 177 -16.67 -29.80 21.88
CA THR C 177 -16.20 -30.11 20.53
C THR C 177 -14.97 -31.02 20.53
N ILE C 178 -14.86 -31.85 19.50
CA ILE C 178 -13.74 -32.77 19.34
C ILE C 178 -12.60 -32.12 18.52
N TRP C 179 -11.36 -32.41 18.87
CA TRP C 179 -10.19 -31.92 18.14
C TRP C 179 -9.12 -32.99 18.10
N ASN C 180 -8.19 -32.85 17.18
CA ASN C 180 -7.05 -33.73 17.09
C ASN C 180 -5.84 -33.01 17.67
N THR C 181 -5.37 -33.47 18.83
CA THR C 181 -4.48 -32.69 19.69
C THR C 181 -3.21 -33.46 20.11
N ALA C 182 -2.06 -32.80 20.01
CA ALA C 182 -0.83 -33.28 20.65
C ALA C 182 -0.65 -32.56 21.96
N VAL C 183 -0.35 -33.29 23.02
CA VAL C 183 -0.12 -32.68 24.34
C VAL C 183 1.31 -32.94 24.82
N VAL C 184 1.97 -31.86 25.26
CA VAL C 184 3.35 -31.95 25.74
C VAL C 184 3.34 -31.93 27.26
N ILE C 185 3.86 -33.01 27.84
CA ILE C 185 4.03 -33.17 29.27
C ILE C 185 5.48 -32.94 29.59
N SER C 186 5.77 -32.00 30.48
CA SER C 186 7.14 -31.75 30.94
C SER C 186 7.74 -32.87 31.77
N ASN C 187 9.07 -32.89 31.87
CA ASN C 187 9.80 -33.83 32.71
C ASN C 187 9.61 -33.58 34.22
N SER C 188 8.96 -32.47 34.55
CA SER C 188 8.57 -32.16 35.92
C SER C 188 7.30 -32.90 36.30
N GLY C 189 6.57 -33.35 35.28
CA GLY C 189 5.27 -34.01 35.46
C GLY C 189 4.12 -33.09 35.08
N ARG C 190 4.39 -31.79 35.03
CA ARG C 190 3.36 -30.78 34.80
C ARG C 190 3.03 -30.61 33.31
N TYR C 191 1.74 -30.43 33.03
CA TYR C 191 1.23 -30.22 31.67
C TYR C 191 1.73 -28.90 31.10
N LEU C 192 2.52 -28.97 30.02
CA LEU C 192 3.07 -27.75 29.38
C LEU C 192 2.04 -27.03 28.51
N GLY C 193 1.28 -27.80 27.74
CA GLY C 193 0.35 -27.24 26.76
C GLY C 193 -0.06 -28.24 25.69
N LYS C 194 -0.82 -27.74 24.72
CA LYS C 194 -1.36 -28.57 23.66
C LYS C 194 -1.24 -27.86 22.31
N HIS C 195 -1.35 -28.62 21.24
CA HIS C 195 -1.43 -28.06 19.89
C HIS C 195 -2.36 -28.89 19.03
N ARG C 196 -3.25 -28.19 18.36
CA ARG C 196 -4.28 -28.82 17.57
C ARG C 196 -3.89 -28.90 16.10
N LYS C 197 -4.14 -30.06 15.49
CA LYS C 197 -3.84 -30.35 14.09
C LYS C 197 -4.30 -29.24 13.14
N ASN C 198 -3.34 -28.63 12.45
CA ASN C 198 -3.62 -27.49 11.55
C ASN C 198 -4.33 -27.85 10.26
N HIS C 199 -3.95 -28.99 9.68
CA HIS C 199 -4.45 -29.38 8.36
C HIS C 199 -5.22 -30.68 8.41
N ILE C 200 -6.49 -30.61 8.04
CA ILE C 200 -7.38 -31.74 8.23
C ILE C 200 -7.72 -32.46 6.92
N PRO C 201 -7.38 -33.77 6.85
CA PRO C 201 -7.56 -34.60 5.66
C PRO C 201 -9.01 -35.01 5.42
N ARG C 202 -9.38 -35.14 4.15
CA ARG C 202 -10.69 -35.68 3.76
C ARG C 202 -10.54 -36.68 2.61
N VAL C 203 -9.29 -37.03 2.31
CA VAL C 203 -8.98 -37.97 1.25
C VAL C 203 -9.21 -39.43 1.65
N GLY C 204 -10.11 -40.08 0.91
CA GLY C 204 -10.29 -41.54 0.99
C GLY C 204 -10.93 -42.05 2.26
N ASP C 205 -10.21 -42.93 2.96
CA ASP C 205 -10.67 -43.51 4.22
C ASP C 205 -10.43 -42.56 5.38
N PHE C 206 -9.61 -41.54 5.17
CA PHE C 206 -9.26 -40.65 6.24
C PHE C 206 -10.22 -39.49 6.26
N ASN C 207 -11.42 -39.78 6.76
CA ASN C 207 -12.50 -38.82 6.84
C ASN C 207 -12.46 -38.09 8.17
N GLU C 208 -11.35 -37.40 8.42
CA GLU C 208 -11.11 -36.73 9.68
C GLU C 208 -11.90 -35.42 9.78
N SER C 209 -12.25 -34.86 8.63
CA SER C 209 -13.04 -33.61 8.54
C SER C 209 -14.46 -33.80 9.04
N THR C 210 -14.84 -35.05 9.24
CA THR C 210 -16.15 -35.38 9.77
C THR C 210 -16.17 -35.25 11.29
N TYR C 211 -15.00 -35.34 11.92
CA TYR C 211 -14.93 -35.41 13.38
C TYR C 211 -14.42 -34.15 14.04
N TYR C 212 -13.63 -33.35 13.32
CA TYR C 212 -13.11 -32.10 13.86
C TYR C 212 -12.68 -31.07 12.82
N MET C 213 -12.68 -29.81 13.22
CA MET C 213 -12.31 -28.68 12.36
C MET C 213 -10.80 -28.40 12.37
N GLU C 214 -10.41 -27.35 11.65
CA GLU C 214 -9.00 -26.96 11.56
C GLU C 214 -8.51 -26.38 12.88
N GLY C 215 -7.30 -26.75 13.28
CA GLY C 215 -6.72 -26.28 14.54
C GLY C 215 -6.47 -24.79 14.63
N ASN C 216 -6.82 -24.23 15.78
CA ASN C 216 -6.71 -22.80 16.03
C ASN C 216 -5.66 -22.48 17.10
N THR C 217 -4.70 -23.39 17.29
CA THR C 217 -3.62 -23.20 18.26
C THR C 217 -2.40 -22.51 17.65
N GLY C 218 -2.44 -22.24 16.34
CA GLY C 218 -1.35 -21.58 15.65
C GLY C 218 -0.21 -22.55 15.41
N HIS C 219 1.02 -22.13 15.67
CA HIS C 219 2.17 -22.99 15.47
C HIS C 219 3.14 -22.96 16.63
N PRO C 220 2.68 -23.39 17.83
CA PRO C 220 3.47 -23.23 19.04
C PRO C 220 4.74 -24.09 19.10
N VAL C 221 5.79 -23.53 19.68
CA VAL C 221 6.97 -24.31 20.01
C VAL C 221 7.12 -24.34 21.53
N PHE C 222 7.44 -25.51 22.05
CA PHE C 222 7.51 -25.70 23.48
C PHE C 222 8.96 -25.65 23.90
N GLU C 223 9.29 -24.72 24.78
CA GLU C 223 10.64 -24.73 25.27
C GLU C 223 10.78 -25.56 26.55
N THR C 224 11.23 -26.78 26.32
CA THR C 224 11.57 -27.68 27.39
C THR C 224 13.08 -27.66 27.56
N GLU C 225 13.51 -28.23 28.69
CA GLU C 225 14.89 -28.36 29.12
C GLU C 225 15.71 -29.26 28.23
N PHE C 226 15.06 -29.89 27.25
CA PHE C 226 15.74 -30.78 26.30
C PHE C 226 15.59 -30.33 24.85
N GLY C 227 15.30 -29.03 24.67
CA GLY C 227 15.20 -28.43 23.34
C GLY C 227 13.87 -27.75 23.08
N LYS C 228 13.82 -26.97 22.01
CA LYS C 228 12.58 -26.35 21.60
C LYS C 228 11.87 -27.32 20.67
N LEU C 229 10.75 -27.85 21.14
CA LEU C 229 10.04 -28.93 20.46
C LEU C 229 8.74 -28.47 19.82
N ALA C 230 8.39 -29.12 18.72
CA ALA C 230 7.15 -28.84 18.02
C ALA C 230 6.53 -30.12 17.52
N VAL C 231 5.20 -30.13 17.43
CA VAL C 231 4.48 -31.27 16.86
C VAL C 231 3.64 -30.86 15.65
N ASN C 232 3.95 -31.51 14.52
CA ASN C 232 3.26 -31.38 13.26
C ASN C 232 2.44 -32.66 13.06
N ILE C 233 1.13 -32.56 13.16
CA ILE C 233 0.27 -33.74 13.23
C ILE C 233 -0.21 -34.26 11.86
N CYS C 234 0.14 -35.52 11.58
CA CYS C 234 -0.35 -36.34 10.44
C CYS C 234 -0.35 -35.67 9.04
N TYR C 235 -1.54 -35.37 8.54
CA TYR C 235 -1.74 -34.72 7.24
C TYR C 235 -0.97 -33.40 7.06
N GLY C 236 -0.77 -32.66 8.14
CA GLY C 236 0.08 -31.44 8.13
C GLY C 236 1.50 -31.69 7.64
N ARG C 237 1.84 -32.98 7.57
CA ARG C 237 3.02 -33.55 6.93
C ARG C 237 3.23 -33.00 5.55
N HIS C 238 2.11 -32.80 4.84
CA HIS C 238 2.08 -32.45 3.41
C HIS C 238 2.24 -30.96 3.11
N HIS C 239 2.11 -30.14 4.13
CA HIS C 239 2.12 -28.71 3.93
C HIS C 239 3.45 -28.08 4.35
N PRO C 240 4.35 -27.82 3.37
CA PRO C 240 5.69 -27.34 3.72
C PRO C 240 5.68 -25.97 4.36
N GLN C 241 4.61 -25.21 4.11
CA GLN C 241 4.44 -23.93 4.76
C GLN C 241 4.11 -24.11 6.25
N ASN C 242 3.55 -25.27 6.60
CA ASN C 242 3.33 -25.63 8.01
C ASN C 242 4.65 -25.89 8.74
N TRP C 243 5.41 -26.88 8.27
CA TRP C 243 6.78 -27.11 8.74
C TRP C 243 7.55 -25.78 8.86
N MET C 244 7.45 -24.94 7.83
CA MET C 244 8.22 -23.69 7.79
C MET C 244 7.89 -22.74 8.95
N MET C 245 6.63 -22.74 9.39
CA MET C 245 6.17 -21.81 10.41
C MET C 245 6.70 -22.22 11.77
N PHE C 246 6.74 -23.52 12.02
CA PHE C 246 7.35 -24.05 13.22
C PHE C 246 8.80 -23.62 13.28
N GLY C 247 9.47 -23.70 12.12
CA GLY C 247 10.84 -23.24 11.99
C GLY C 247 10.99 -21.77 12.37
N LEU C 248 10.18 -20.91 11.76
CA LEU C 248 10.19 -19.47 12.05
C LEU C 248 9.91 -19.16 13.51
N ASN C 249 9.22 -20.06 14.22
CA ASN C 249 8.98 -19.89 15.65
C ASN C 249 10.09 -20.49 16.52
N GLY C 250 11.13 -21.01 15.87
CA GLY C 250 12.37 -21.40 16.55
C GLY C 250 12.53 -22.84 16.99
N ALA C 251 11.79 -23.75 16.37
CA ALA C 251 11.85 -25.18 16.70
C ALA C 251 13.20 -25.80 16.39
N GLU C 252 13.53 -26.87 17.11
CA GLU C 252 14.79 -27.59 16.89
C GLU C 252 14.53 -29.06 16.62
N ILE C 253 13.53 -29.64 17.29
CA ILE C 253 13.02 -30.95 16.88
C ILE C 253 11.53 -30.84 16.64
N VAL C 254 11.08 -31.26 15.48
CA VAL C 254 9.67 -31.29 15.18
C VAL C 254 9.19 -32.71 14.92
N PHE C 255 8.37 -33.19 15.86
CA PHE C 255 7.81 -34.54 15.81
C PHE C 255 6.64 -34.54 14.85
N ASN C 256 6.47 -35.66 14.14
CA ASN C 256 5.40 -35.84 13.16
C ASN C 256 4.59 -37.12 13.45
N PRO C 257 3.67 -37.07 14.46
CA PRO C 257 2.89 -38.27 14.74
C PRO C 257 1.90 -38.48 13.60
N SER C 258 1.84 -39.69 13.05
CA SER C 258 0.91 -39.95 11.95
C SER C 258 0.25 -41.33 11.95
N ALA C 259 -0.66 -41.51 10.99
CA ALA C 259 -1.35 -42.76 10.78
C ALA C 259 -1.74 -42.85 9.32
N THR C 260 -0.93 -43.54 8.52
CA THR C 260 -1.19 -43.68 7.08
C THR C 260 -1.06 -45.13 6.59
N ILE C 261 -2.05 -45.60 5.83
CA ILE C 261 -1.91 -46.76 4.95
C ILE C 261 -1.44 -46.11 3.64
N GLY C 262 -0.73 -46.75 2.73
CA GLY C 262 -1.13 -47.84 1.88
C GLY C 262 -0.30 -47.57 0.61
N ARG C 263 -0.88 -47.79 -0.56
CA ARG C 263 -0.14 -47.92 -1.82
C ARG C 263 0.40 -46.61 -2.37
N LEU C 264 -0.45 -45.59 -2.41
CA LEU C 264 -0.08 -44.27 -2.95
C LEU C 264 0.68 -43.40 -1.95
N SER C 265 0.38 -43.58 -0.65
CA SER C 265 0.95 -42.77 0.43
C SER C 265 2.35 -43.17 0.90
N GLU C 266 2.76 -44.41 0.64
CA GLU C 266 4.04 -44.93 1.12
C GLU C 266 5.31 -44.32 0.50
N PRO C 267 5.32 -44.08 -0.83
CA PRO C 267 6.53 -43.49 -1.40
C PRO C 267 6.79 -42.06 -0.93
N LEU C 268 5.74 -41.38 -0.47
CA LEU C 268 5.86 -40.03 0.05
C LEU C 268 6.51 -39.99 1.41
N TRP C 269 6.58 -41.15 2.06
CA TRP C 269 7.02 -41.23 3.46
C TRP C 269 8.47 -40.80 3.65
N SER C 270 9.36 -41.33 2.81
CA SER C 270 10.78 -40.99 2.94
C SER C 270 11.14 -39.63 2.33
N ILE C 271 10.15 -38.95 1.73
CA ILE C 271 10.34 -37.65 1.09
C ILE C 271 9.97 -36.46 2.00
N GLU C 272 8.70 -36.40 2.43
CA GLU C 272 8.13 -35.19 3.03
C GLU C 272 8.79 -34.73 4.31
N ALA C 273 8.84 -35.61 5.31
CA ALA C 273 9.47 -35.32 6.61
C ALA C 273 10.94 -34.97 6.46
N ARG C 274 11.61 -35.66 5.54
CA ARG C 274 13.03 -35.45 5.23
C ARG C 274 13.30 -34.03 4.75
N ASN C 275 12.54 -33.61 3.74
CA ASN C 275 12.71 -32.29 3.16
C ASN C 275 12.57 -31.18 4.17
N ALA C 276 11.50 -31.24 4.97
CA ALA C 276 11.25 -30.29 6.06
C ALA C 276 12.45 -30.04 6.97
N ALA C 277 13.19 -31.12 7.25
CA ALA C 277 14.38 -31.09 8.11
C ALA C 277 15.52 -30.37 7.47
N ILE C 278 15.74 -30.65 6.19
CA ILE C 278 16.74 -29.96 5.39
C ILE C 278 16.39 -28.48 5.22
N ALA C 279 15.14 -28.23 4.81
CA ALA C 279 14.64 -26.91 4.47
C ALA C 279 14.59 -25.95 5.64
N ASN C 280 14.11 -26.42 6.78
CA ASN C 280 14.04 -25.53 7.93
C ASN C 280 15.23 -25.63 8.86
N SER C 281 16.13 -26.57 8.55
CA SER C 281 17.37 -26.81 9.30
C SER C 281 17.13 -27.10 10.79
N TYR C 282 16.36 -28.15 11.04
CA TYR C 282 16.15 -28.70 12.37
C TYR C 282 15.91 -30.19 12.27
N PHE C 283 15.59 -30.82 13.41
CA PHE C 283 15.36 -32.27 13.46
C PHE C 283 13.91 -32.66 13.25
N THR C 284 13.72 -33.79 12.60
CA THR C 284 12.39 -34.26 12.29
C THR C 284 12.22 -35.71 12.71
N VAL C 285 11.12 -35.97 13.42
CA VAL C 285 10.80 -37.31 13.93
C VAL C 285 9.41 -37.78 13.43
N PRO C 286 9.35 -38.33 12.20
CA PRO C 286 8.10 -38.90 11.73
C PRO C 286 7.79 -40.30 12.32
N ILE C 287 6.65 -40.38 13.03
CA ILE C 287 6.17 -41.61 13.69
C ILE C 287 4.87 -42.09 13.03
N ASN C 288 4.77 -43.40 12.76
CA ASN C 288 3.60 -43.99 12.11
C ASN C 288 3.11 -45.29 12.76
N ARG C 289 1.79 -45.38 12.91
CA ARG C 289 1.08 -46.57 13.40
C ARG C 289 1.48 -47.83 12.63
N VAL C 290 1.24 -49.00 13.22
CA VAL C 290 1.58 -50.26 12.56
C VAL C 290 0.43 -51.27 12.64
N GLY C 291 0.50 -52.31 11.81
CA GLY C 291 -0.54 -53.34 11.75
C GLY C 291 -1.79 -52.91 10.96
N THR C 292 -2.72 -53.85 10.78
CA THR C 292 -4.01 -53.53 10.15
C THR C 292 -5.15 -53.79 11.12
N GLU C 293 -6.19 -52.95 11.06
CA GLU C 293 -7.26 -52.97 12.07
C GLU C 293 -8.60 -53.21 11.41
N GLN C 294 -9.46 -53.99 12.06
CA GLN C 294 -10.78 -54.32 11.48
C GLN C 294 -11.97 -53.98 12.38
N PHE C 295 -13.00 -53.44 11.75
CA PHE C 295 -14.06 -52.74 12.45
C PHE C 295 -15.40 -53.50 12.38
N PRO C 296 -16.35 -53.19 13.28
CA PRO C 296 -17.55 -54.00 13.46
C PRO C 296 -18.38 -54.11 12.18
N ASN C 297 -18.77 -52.96 11.62
CA ASN C 297 -19.62 -52.91 10.42
C ASN C 297 -18.89 -52.45 9.16
N GLU C 298 -19.40 -52.87 7.99
CA GLU C 298 -18.83 -52.54 6.67
C GLU C 298 -18.85 -51.04 6.37
N TYR C 299 -17.87 -50.59 5.58
CA TYR C 299 -17.78 -49.21 5.12
C TYR C 299 -17.18 -49.16 3.71
N THR C 300 -17.43 -48.06 3.01
CA THR C 300 -16.85 -47.82 1.69
C THR C 300 -15.82 -46.68 1.74
N SER C 301 -14.82 -46.75 0.87
CA SER C 301 -13.68 -45.83 0.96
C SER C 301 -13.62 -44.73 -0.10
N GLY C 302 -14.75 -44.47 -0.77
CA GLY C 302 -14.82 -43.38 -1.73
C GLY C 302 -14.20 -43.69 -3.08
N ASP C 303 -13.63 -44.89 -3.22
CA ASP C 303 -13.29 -45.46 -4.52
C ASP C 303 -14.51 -46.18 -5.08
N GLY C 304 -14.35 -46.84 -6.22
CA GLY C 304 -15.45 -47.62 -6.80
C GLY C 304 -15.77 -48.90 -6.03
N ASN C 305 -14.81 -49.36 -5.22
CA ASN C 305 -14.84 -50.64 -4.51
C ASN C 305 -16.05 -50.97 -3.64
N LYS C 306 -16.24 -52.26 -3.39
CA LYS C 306 -17.29 -52.78 -2.53
C LYS C 306 -16.91 -52.54 -1.07
N ALA C 307 -17.91 -52.52 -0.20
CA ALA C 307 -17.70 -52.26 1.22
C ALA C 307 -16.89 -53.36 1.90
N HIS C 308 -16.10 -52.99 2.89
CA HIS C 308 -15.27 -53.92 3.64
C HIS C 308 -15.18 -53.53 5.13
N LYS C 309 -14.56 -54.38 5.94
CA LYS C 309 -14.42 -54.13 7.38
C LYS C 309 -12.97 -53.82 7.78
N GLU C 310 -12.01 -54.31 7.01
CA GLU C 310 -10.60 -54.14 7.32
C GLU C 310 -10.08 -52.79 6.90
N PHE C 311 -9.16 -52.24 7.69
CA PHE C 311 -8.50 -50.96 7.41
C PHE C 311 -7.00 -51.15 7.58
N GLY C 312 -6.25 -50.91 6.51
CA GLY C 312 -4.80 -51.04 6.57
C GLY C 312 -4.15 -51.51 5.29
N PRO C 313 -2.85 -51.91 5.37
CA PRO C 313 -2.06 -51.96 6.59
C PRO C 313 -1.30 -50.66 6.87
N PHE C 314 -1.25 -50.23 8.12
CA PHE C 314 -0.41 -49.11 8.53
C PHE C 314 1.03 -49.59 8.46
N TYR C 315 1.89 -48.79 7.83
CA TYR C 315 3.20 -49.28 7.39
C TYR C 315 4.39 -48.90 8.26
N GLY C 316 4.11 -48.47 9.48
CA GLY C 316 5.15 -48.08 10.43
C GLY C 316 6.25 -47.25 9.78
N SER C 317 7.49 -47.77 9.87
CA SER C 317 8.67 -47.18 9.23
C SER C 317 9.07 -45.80 9.77
N SER C 318 9.02 -45.65 11.10
CA SER C 318 9.42 -44.39 11.74
C SER C 318 10.93 -44.21 11.61
N TYR C 319 11.35 -42.95 11.50
CA TYR C 319 12.76 -42.59 11.37
C TYR C 319 12.99 -41.17 11.89
N VAL C 320 14.25 -40.74 11.92
CA VAL C 320 14.58 -39.36 12.29
C VAL C 320 15.45 -38.69 11.22
N ALA C 321 15.06 -37.46 10.89
CA ALA C 321 15.71 -36.69 9.85
C ALA C 321 16.54 -35.57 10.48
N ALA C 322 17.78 -35.41 10.02
CA ALA C 322 18.67 -34.37 10.57
C ALA C 322 18.73 -33.15 9.65
N PRO C 323 19.06 -31.97 10.22
CA PRO C 323 19.07 -30.70 9.52
C PRO C 323 20.13 -30.62 8.42
N ASP C 324 21.14 -31.48 8.48
CA ASP C 324 22.23 -31.49 7.48
C ASP C 324 21.91 -32.38 6.27
N GLY C 325 20.75 -33.03 6.30
CA GLY C 325 20.37 -33.91 5.21
C GLY C 325 20.49 -35.38 5.51
N SER C 326 21.13 -35.74 6.62
CA SER C 326 21.25 -37.14 6.99
C SER C 326 20.00 -37.65 7.70
N ARG C 327 19.85 -38.98 7.75
CA ARG C 327 18.69 -39.61 8.37
C ARG C 327 18.93 -41.03 8.87
N THR C 328 18.20 -41.37 9.91
CA THR C 328 18.21 -42.65 10.53
C THR C 328 17.47 -43.66 9.63
N PRO C 329 17.94 -44.93 9.59
CA PRO C 329 17.15 -46.01 8.95
C PRO C 329 15.74 -46.06 9.53
N SER C 330 14.80 -46.67 8.82
CA SER C 330 13.46 -46.83 9.38
C SER C 330 13.34 -48.03 10.34
N LEU C 331 12.33 -47.99 11.21
CA LEU C 331 11.91 -49.18 11.94
C LEU C 331 11.11 -50.12 11.02
N SER C 332 10.59 -51.20 11.60
CA SER C 332 9.84 -52.22 10.85
C SER C 332 8.57 -51.65 10.21
N ARG C 333 8.13 -52.30 9.13
CA ARG C 333 6.87 -51.94 8.46
C ARG C 333 5.63 -52.52 9.16
N ASP C 334 5.85 -53.55 9.99
CA ASP C 334 4.77 -54.42 10.47
C ASP C 334 4.89 -54.79 11.95
N LYS C 335 5.93 -54.32 12.62
CA LYS C 335 6.22 -54.77 13.97
C LYS C 335 6.37 -53.57 14.89
N ASP C 336 5.82 -53.67 16.10
CA ASP C 336 5.94 -52.62 17.12
C ASP C 336 7.41 -52.26 17.34
N GLY C 337 7.69 -51.00 17.62
CA GLY C 337 9.06 -50.55 17.73
C GLY C 337 9.31 -49.30 18.52
N LEU C 338 10.49 -49.27 19.14
CA LEU C 338 10.97 -48.08 19.82
C LEU C 338 12.29 -47.64 19.19
N LEU C 339 12.29 -46.43 18.65
CA LEU C 339 13.45 -45.85 18.00
C LEU C 339 14.12 -44.86 18.94
N VAL C 340 15.34 -45.20 19.36
CA VAL C 340 16.12 -44.32 20.24
C VAL C 340 17.26 -43.70 19.45
N VAL C 341 17.24 -42.37 19.37
CA VAL C 341 18.27 -41.64 18.66
C VAL C 341 18.78 -40.48 19.52
N GLU C 342 20.10 -40.40 19.62
CA GLU C 342 20.79 -39.35 20.37
C GLU C 342 21.35 -38.35 19.40
N LEU C 343 21.16 -37.07 19.68
CA LEU C 343 21.57 -36.01 18.75
C LEU C 343 22.15 -34.84 19.50
N ASP C 344 22.99 -34.06 18.83
CA ASP C 344 23.49 -32.81 19.38
C ASP C 344 22.67 -31.68 18.74
N LEU C 345 21.88 -30.99 19.56
CA LEU C 345 21.03 -29.86 19.12
C LEU C 345 21.78 -28.72 18.43
N ASN C 346 23.10 -28.67 18.62
CA ASN C 346 23.92 -27.62 18.05
C ASN C 346 24.02 -27.70 16.54
N LEU C 347 23.81 -28.89 15.98
CA LEU C 347 23.86 -29.08 14.52
C LEU C 347 22.88 -28.17 13.79
N CYS C 348 21.79 -27.81 14.45
CA CYS C 348 20.80 -26.88 13.90
C CYS C 348 21.43 -25.55 13.50
N ARG C 349 21.84 -24.74 14.47
CA ARG C 349 22.53 -23.48 14.19
C ARG C 349 23.72 -23.65 13.24
N GLN C 350 24.53 -24.69 13.45
CA GLN C 350 25.71 -24.94 12.61
C GLN C 350 25.36 -25.01 11.12
N VAL C 351 24.31 -25.78 10.79
CA VAL C 351 23.85 -25.92 9.42
C VAL C 351 23.26 -24.60 8.92
N LYS C 352 22.47 -23.94 9.77
CA LYS C 352 21.86 -22.65 9.41
C LYS C 352 22.92 -21.64 8.99
N ASP C 353 24.07 -21.70 9.65
CA ASP C 353 25.19 -20.79 9.39
C ASP C 353 25.98 -21.17 8.14
N PHE C 354 26.03 -22.46 7.81
CA PHE C 354 26.79 -22.95 6.66
C PHE C 354 26.00 -22.84 5.36
N TRP C 355 24.77 -23.34 5.37
CA TRP C 355 23.92 -23.26 4.18
C TRP C 355 23.18 -21.92 4.05
N GLY C 356 22.92 -21.27 5.19
CA GLY C 356 22.23 -19.99 5.22
C GLY C 356 20.85 -19.94 4.63
N PHE C 357 20.06 -21.00 4.83
CA PHE C 357 18.68 -21.03 4.29
C PHE C 357 17.78 -19.95 4.88
N ARG C 358 17.98 -19.63 6.15
CA ARG C 358 17.11 -18.70 6.85
C ARG C 358 17.51 -17.26 6.55
N MET C 359 18.80 -17.07 6.27
CA MET C 359 19.35 -15.80 5.85
C MET C 359 18.79 -15.37 4.49
N THR C 360 18.35 -16.35 3.68
CA THR C 360 17.93 -16.10 2.29
C THR C 360 16.43 -16.36 2.04
N GLN C 361 15.65 -16.53 3.10
CA GLN C 361 14.23 -16.92 2.99
C GLN C 361 13.37 -15.90 2.25
N ARG C 362 13.73 -14.61 2.43
CA ARG C 362 12.91 -13.47 2.01
C ARG C 362 11.43 -13.59 2.37
N VAL C 363 11.22 -13.86 3.64
CA VAL C 363 9.91 -14.04 4.19
C VAL C 363 8.97 -12.82 3.99
N PRO C 364 9.49 -11.57 4.08
CA PRO C 364 8.60 -10.44 3.83
C PRO C 364 7.97 -10.49 2.43
N LEU C 365 8.73 -10.96 1.44
CA LEU C 365 8.26 -11.10 0.08
C LEU C 365 7.14 -12.14 -0.02
N TYR C 366 7.32 -13.25 0.67
CA TYR C 366 6.36 -14.34 0.61
C TYR C 366 5.12 -14.06 1.44
N ALA C 367 5.27 -13.28 2.51
CA ALA C 367 4.12 -12.89 3.31
C ALA C 367 3.21 -11.96 2.52
N GLU C 368 3.81 -11.13 1.67
CA GLU C 368 3.06 -10.25 0.79
C GLU C 368 2.43 -11.01 -0.39
N SER C 369 3.19 -11.90 -1.02
CA SER C 369 2.71 -12.65 -2.15
C SER C 369 1.58 -13.61 -1.77
N PHE C 370 1.64 -14.16 -0.56
CA PHE C 370 0.61 -15.08 -0.04
C PHE C 370 -0.67 -14.35 0.29
N LYS C 371 -0.53 -13.12 0.81
CA LYS C 371 -1.67 -12.28 1.15
C LYS C 371 -2.45 -11.92 -0.13
N LYS C 372 -1.71 -11.58 -1.20
CA LYS C 372 -2.30 -11.28 -2.49
C LYS C 372 -3.07 -12.47 -3.03
N ALA C 373 -2.45 -13.64 -2.95
CA ALA C 373 -3.02 -14.85 -3.51
C ALA C 373 -4.29 -15.30 -2.79
N SER C 374 -4.42 -14.94 -1.51
CA SER C 374 -5.58 -15.32 -0.71
C SER C 374 -6.77 -14.40 -0.92
N GLU C 375 -6.52 -13.23 -1.51
CA GLU C 375 -7.57 -12.24 -1.72
C GLU C 375 -8.51 -12.63 -2.84
N HIS C 376 -9.70 -12.04 -2.84
CA HIS C 376 -10.77 -12.38 -3.78
C HIS C 376 -10.40 -12.02 -5.20
N GLY C 377 -9.90 -10.80 -5.40
CA GLY C 377 -9.58 -10.32 -6.74
C GLY C 377 -8.31 -10.86 -7.36
N PHE C 378 -7.79 -11.97 -6.82
CA PHE C 378 -6.49 -12.49 -7.21
C PHE C 378 -6.37 -12.82 -8.69
N LYS C 379 -5.43 -12.16 -9.36
CA LYS C 379 -5.07 -12.45 -10.73
C LYS C 379 -3.65 -13.00 -10.75
N PRO C 380 -3.50 -14.30 -11.00
CA PRO C 380 -2.19 -14.96 -11.04
C PRO C 380 -1.20 -14.26 -11.97
N GLN C 381 0.08 -14.34 -11.64
CA GLN C 381 1.16 -13.77 -12.44
C GLN C 381 1.51 -14.71 -13.60
N ILE C 382 0.62 -14.77 -14.58
CA ILE C 382 0.84 -15.57 -15.77
C ILE C 382 1.19 -14.66 -16.93
N ILE C 383 2.27 -14.99 -17.63
CA ILE C 383 2.65 -14.24 -18.83
C ILE C 383 2.30 -15.01 -20.10
N LYS C 384 1.51 -14.35 -20.95
CA LYS C 384 1.02 -14.93 -22.19
C LYS C 384 1.84 -14.43 -23.37
N GLU C 385 1.71 -15.09 -24.52
CA GLU C 385 2.40 -14.61 -25.73
C GLU C 385 1.63 -13.46 -26.37
N THR C 386 2.36 -12.40 -26.69
CA THR C 386 1.76 -11.15 -27.18
C THR C 386 1.34 -11.22 -28.64
N ASN D 8 24.92 -45.19 -11.94
CA ASN D 8 23.46 -44.85 -11.98
C ASN D 8 22.59 -45.77 -11.10
N LEU D 9 21.99 -45.19 -10.06
CA LEU D 9 21.34 -45.95 -8.98
C LEU D 9 20.30 -46.97 -9.44
N ASN D 10 19.44 -46.58 -10.38
CA ASN D 10 18.41 -47.47 -10.89
C ASN D 10 19.01 -48.73 -11.49
N ASP D 11 20.05 -48.55 -12.31
CA ASP D 11 20.74 -49.66 -12.94
C ASP D 11 21.41 -50.57 -11.92
N CYS D 12 21.92 -49.97 -10.84
CA CYS D 12 22.58 -50.74 -9.80
C CYS D 12 21.59 -51.56 -8.97
N LEU D 13 20.39 -51.02 -8.76
CA LEU D 13 19.37 -51.73 -7.98
C LEU D 13 18.77 -52.90 -8.77
N GLU D 14 18.74 -52.77 -10.10
CA GLU D 14 18.25 -53.83 -10.99
C GLU D 14 19.33 -54.89 -11.25
N LYS D 15 20.56 -54.56 -10.90
CA LYS D 15 21.70 -55.44 -11.12
C LYS D 15 22.06 -56.25 -9.87
N HIS D 16 21.27 -56.12 -8.82
CA HIS D 16 21.62 -56.69 -7.50
C HIS D 16 20.45 -57.33 -6.75
N LEU D 17 19.21 -57.11 -7.21
CA LEU D 17 18.01 -57.54 -6.48
C LEU D 17 17.10 -58.50 -7.26
N PRO D 18 16.66 -59.59 -6.60
CA PRO D 18 15.56 -60.44 -7.06
C PRO D 18 14.37 -59.62 -7.58
N PRO D 19 13.83 -59.96 -8.76
CA PRO D 19 12.79 -59.17 -9.45
C PRO D 19 11.59 -58.79 -8.60
N ASP D 20 11.19 -59.67 -7.67
CA ASP D 20 10.03 -59.42 -6.82
C ASP D 20 10.32 -58.44 -5.69
N GLU D 21 11.56 -58.41 -5.21
CA GLU D 21 11.96 -57.44 -4.20
C GLU D 21 12.31 -56.08 -4.80
N LEU D 22 12.95 -56.12 -5.97
CA LEU D 22 13.21 -54.92 -6.76
C LEU D 22 11.91 -54.19 -7.14
N LYS D 23 10.84 -54.94 -7.37
CA LYS D 23 9.49 -54.41 -7.57
C LYS D 23 9.04 -53.56 -6.37
N GLU D 24 9.42 -54.00 -5.17
CA GLU D 24 9.00 -53.33 -3.94
C GLU D 24 9.90 -52.15 -3.56
N VAL D 25 11.19 -52.31 -3.78
CA VAL D 25 12.14 -51.23 -3.52
C VAL D 25 11.91 -50.09 -4.50
N LYS D 26 11.60 -50.40 -5.76
CA LYS D 26 11.25 -49.38 -6.74
C LYS D 26 9.94 -48.69 -6.38
N ARG D 27 9.03 -49.42 -5.74
CA ARG D 27 7.75 -48.85 -5.30
C ARG D 27 7.95 -47.78 -4.24
N ILE D 28 8.91 -48.01 -3.35
CA ILE D 28 9.16 -47.09 -2.23
C ILE D 28 10.04 -45.92 -2.66
N LEU D 29 11.07 -46.21 -3.45
CA LEU D 29 12.04 -45.17 -3.84
C LEU D 29 11.51 -44.29 -4.96
N TYR D 30 11.08 -44.91 -6.06
CA TYR D 30 10.42 -44.20 -7.15
C TYR D 30 8.92 -44.26 -6.88
N GLY D 31 8.09 -43.83 -7.82
CA GLY D 31 6.65 -43.82 -7.59
C GLY D 31 5.90 -45.10 -7.93
N VAL D 32 6.52 -45.93 -8.78
CA VAL D 32 5.87 -47.10 -9.37
C VAL D 32 6.63 -48.41 -9.11
N GLU D 33 6.07 -49.53 -9.56
CA GLU D 33 6.69 -50.85 -9.34
C GLU D 33 7.68 -51.33 -10.42
N GLU D 34 7.44 -50.93 -11.67
CA GLU D 34 8.48 -50.99 -12.71
C GLU D 34 8.30 -49.83 -13.69
N ASP D 35 9.42 -49.27 -14.15
CA ASP D 35 9.44 -48.03 -14.92
C ASP D 35 8.49 -48.05 -16.14
N GLN D 36 7.78 -46.94 -16.35
CA GLN D 36 6.97 -46.81 -17.54
C GLN D 36 7.83 -46.19 -18.62
N THR D 37 8.56 -47.06 -19.31
CA THR D 37 9.45 -46.66 -20.39
C THR D 37 8.67 -46.03 -21.53
N LEU D 38 9.34 -45.16 -22.29
CA LEU D 38 8.80 -44.63 -23.52
C LEU D 38 9.72 -45.07 -24.64
N GLU D 39 9.14 -45.60 -25.71
CA GLU D 39 9.87 -45.96 -26.91
C GLU D 39 10.17 -44.72 -27.72
N LEU D 40 11.45 -44.53 -28.03
CA LEU D 40 11.89 -43.30 -28.71
C LEU D 40 12.16 -43.55 -30.19
N PRO D 41 11.76 -42.60 -31.07
CA PRO D 41 12.07 -42.66 -32.50
C PRO D 41 13.47 -43.16 -32.77
N THR D 42 13.59 -44.00 -33.78
CA THR D 42 14.86 -44.66 -34.09
C THR D 42 15.98 -43.68 -34.49
N SER D 43 15.62 -42.62 -35.22
CA SER D 43 16.58 -41.62 -35.68
C SER D 43 17.12 -40.71 -34.57
N ALA D 44 16.35 -40.52 -33.49
CA ALA D 44 16.78 -39.71 -32.34
C ALA D 44 17.83 -40.41 -31.48
N LYS D 45 17.60 -41.69 -31.16
CA LYS D 45 18.59 -42.51 -30.46
C LYS D 45 19.90 -42.59 -31.25
N ASP D 46 19.80 -42.48 -32.57
CA ASP D 46 20.95 -42.45 -33.48
C ASP D 46 21.86 -41.26 -33.23
N ILE D 47 21.28 -40.06 -33.25
CA ILE D 47 22.03 -38.83 -32.99
C ILE D 47 22.71 -38.91 -31.63
N ALA D 48 21.98 -39.39 -30.63
CA ALA D 48 22.51 -39.58 -29.28
C ALA D 48 23.69 -40.54 -29.23
N GLU D 49 23.52 -41.69 -29.87
CA GLU D 49 24.57 -42.71 -29.99
C GLU D 49 25.89 -42.12 -30.53
N GLN D 50 25.76 -41.51 -31.71
CA GLN D 50 26.86 -40.95 -32.46
C GLN D 50 27.61 -39.88 -31.70
N ASN D 51 26.89 -38.92 -31.14
CA ASN D 51 27.50 -37.82 -30.44
C ASN D 51 27.84 -38.16 -28.99
N GLY D 52 27.56 -39.39 -28.58
CA GLY D 52 27.98 -39.90 -27.27
C GLY D 52 27.25 -39.35 -26.06
N PHE D 53 25.94 -39.14 -26.18
CA PHE D 53 25.14 -38.74 -25.04
C PHE D 53 23.95 -39.63 -24.82
N ASP D 54 23.58 -39.84 -23.55
CA ASP D 54 22.42 -40.67 -23.18
C ASP D 54 21.08 -40.06 -23.60
N ILE D 55 20.19 -40.95 -24.01
CA ILE D 55 18.82 -40.59 -24.35
C ILE D 55 17.88 -41.62 -23.71
N LYS D 56 17.08 -41.18 -22.75
CA LYS D 56 16.14 -42.08 -22.09
C LYS D 56 14.74 -41.50 -22.07
N GLY D 57 13.76 -42.37 -22.30
CA GLY D 57 12.37 -41.97 -22.45
C GLY D 57 11.46 -42.64 -21.45
N TYR D 58 10.60 -41.84 -20.82
CA TYR D 58 9.63 -42.32 -19.84
C TYR D 58 8.26 -41.65 -20.03
N ARG D 59 7.25 -42.26 -19.43
CA ARG D 59 5.90 -41.81 -19.62
C ARG D 59 5.12 -41.71 -18.29
N PHE D 60 4.44 -40.59 -18.10
CA PHE D 60 3.48 -40.46 -17.04
C PHE D 60 2.11 -40.34 -17.68
N THR D 61 1.10 -40.85 -17.00
CA THR D 61 -0.24 -40.90 -17.55
C THR D 61 -1.27 -40.38 -16.54
N ALA D 62 -2.45 -40.01 -17.04
CA ALA D 62 -3.54 -39.58 -16.19
C ALA D 62 -4.79 -40.41 -16.45
N ARG D 63 -5.81 -40.22 -15.60
CA ARG D 63 -7.11 -40.85 -15.78
C ARG D 63 -7.88 -40.14 -16.87
N GLU D 64 -8.67 -40.88 -17.63
CA GLU D 64 -9.51 -40.31 -18.70
C GLU D 64 -10.65 -39.46 -18.12
N GLU D 65 -10.80 -38.24 -18.64
CA GLU D 65 -11.83 -37.34 -18.15
C GLU D 65 -12.99 -37.21 -19.14
N GLN D 66 -14.17 -36.92 -18.60
CA GLN D 66 -15.38 -36.76 -19.39
C GLN D 66 -15.41 -35.45 -20.16
N THR D 67 -15.08 -34.35 -19.47
CA THR D 67 -15.26 -33.00 -20.02
C THR D 67 -13.98 -32.40 -20.57
N ARG D 68 -12.90 -33.16 -20.59
CA ARG D 68 -11.60 -32.64 -20.99
C ARG D 68 -10.78 -33.68 -21.75
N LYS D 69 -10.27 -33.32 -22.93
CA LYS D 69 -9.37 -34.17 -23.71
C LYS D 69 -8.04 -34.35 -22.98
N ARG D 70 -7.41 -35.52 -23.14
CA ARG D 70 -6.08 -35.78 -22.59
C ARG D 70 -5.10 -34.72 -23.10
N ARG D 71 -4.42 -34.05 -22.18
CA ARG D 71 -3.43 -33.03 -22.58
C ARG D 71 -2.01 -33.57 -22.51
N ILE D 72 -1.64 -34.36 -23.51
CA ILE D 72 -0.37 -35.07 -23.57
C ILE D 72 0.73 -34.13 -24.06
N VAL D 73 1.84 -34.07 -23.33
CA VAL D 73 2.93 -33.16 -23.66
C VAL D 73 4.26 -33.87 -23.40
N ARG D 74 5.28 -33.51 -24.18
CA ARG D 74 6.58 -34.14 -24.08
C ARG D 74 7.68 -33.12 -23.74
N VAL D 75 8.44 -33.39 -22.66
CA VAL D 75 9.56 -32.52 -22.25
C VAL D 75 10.93 -33.17 -22.42
N GLY D 76 11.90 -32.35 -22.78
CA GLY D 76 13.28 -32.78 -22.95
C GLY D 76 14.22 -31.98 -22.08
N ALA D 77 14.76 -32.63 -21.06
CA ALA D 77 15.73 -32.02 -20.16
C ALA D 77 17.10 -32.39 -20.65
N ILE D 78 17.98 -31.40 -20.78
CA ILE D 78 19.30 -31.59 -21.36
C ILE D 78 20.41 -31.27 -20.37
N GLN D 79 21.13 -32.30 -19.95
CA GLN D 79 22.30 -32.09 -19.10
C GLN D 79 23.59 -32.32 -19.90
N ASN D 80 24.57 -31.47 -19.66
CA ASN D 80 25.83 -31.54 -20.37
C ASN D 80 27.00 -31.01 -19.54
N SER D 81 28.21 -31.14 -20.07
CA SER D 81 29.37 -30.46 -19.52
C SER D 81 29.89 -29.38 -20.47
N ILE D 82 30.68 -28.47 -19.93
CA ILE D 82 31.62 -27.70 -20.75
C ILE D 82 32.68 -28.59 -21.37
N VAL D 83 33.49 -28.01 -22.25
CA VAL D 83 33.66 -28.55 -23.59
C VAL D 83 35.04 -28.23 -24.15
N ILE D 84 35.43 -26.95 -24.05
CA ILE D 84 36.83 -26.57 -24.19
C ILE D 84 37.36 -25.96 -22.90
N PRO D 85 38.66 -26.14 -22.66
CA PRO D 85 39.29 -25.61 -21.44
C PRO D 85 38.94 -24.16 -21.11
N THR D 86 38.72 -23.91 -19.82
CA THR D 86 38.35 -22.58 -19.29
C THR D 86 39.31 -21.46 -19.69
N THR D 87 40.53 -21.82 -20.05
CA THR D 87 41.53 -20.86 -20.54
C THR D 87 41.50 -20.79 -22.06
N ALA D 88 40.47 -20.16 -22.60
CA ALA D 88 40.34 -19.96 -24.04
C ALA D 88 39.32 -18.86 -24.24
N PRO D 89 39.43 -18.12 -25.34
CA PRO D 89 38.49 -17.03 -25.56
C PRO D 89 37.05 -17.41 -25.18
N ILE D 90 36.44 -16.62 -24.30
CA ILE D 90 35.10 -16.90 -23.75
C ILE D 90 34.05 -17.13 -24.83
N GLU D 91 34.26 -16.53 -26.00
CA GLU D 91 33.35 -16.67 -27.13
C GLU D 91 33.49 -18.04 -27.79
N LYS D 92 34.73 -18.54 -27.85
CA LYS D 92 35.01 -19.91 -28.29
C LYS D 92 34.36 -20.94 -27.36
N GLN D 93 34.43 -20.67 -26.05
CA GLN D 93 33.85 -21.53 -25.02
C GLN D 93 32.35 -21.64 -25.17
N ARG D 94 31.68 -20.49 -25.25
CA ARG D 94 30.23 -20.45 -25.40
C ARG D 94 29.82 -21.15 -26.69
N GLU D 95 30.60 -20.95 -27.75
CA GLU D 95 30.28 -21.54 -29.04
C GLU D 95 30.43 -23.06 -29.11
N ALA D 96 31.39 -23.62 -28.39
CA ALA D 96 31.55 -25.07 -28.34
C ALA D 96 30.34 -25.73 -27.66
N ILE D 97 29.89 -25.14 -26.55
CA ILE D 97 28.74 -25.64 -25.81
C ILE D 97 27.48 -25.44 -26.64
N TRP D 98 27.40 -24.30 -27.33
CA TRP D 98 26.38 -24.02 -28.34
C TRP D 98 26.21 -25.17 -29.34
N ASN D 99 27.31 -25.56 -29.97
CA ASN D 99 27.29 -26.59 -31.00
C ASN D 99 26.97 -27.99 -30.47
N LYS D 100 27.42 -28.29 -29.26
CA LYS D 100 27.13 -29.54 -28.61
C LYS D 100 25.64 -29.64 -28.36
N VAL D 101 25.10 -28.62 -27.72
CA VAL D 101 23.71 -28.65 -27.31
C VAL D 101 22.78 -28.51 -28.51
N LYS D 102 23.22 -27.77 -29.53
CA LYS D 102 22.49 -27.67 -30.80
C LYS D 102 22.03 -29.02 -31.28
N THR D 103 22.94 -30.00 -31.24
CA THR D 103 22.64 -31.33 -31.75
C THR D 103 21.83 -32.15 -30.75
N MET D 104 21.94 -31.81 -29.46
CA MET D 104 21.10 -32.42 -28.42
C MET D 104 19.65 -31.96 -28.53
N ILE D 105 19.46 -30.67 -28.83
CA ILE D 105 18.12 -30.11 -29.07
C ILE D 105 17.50 -30.74 -30.32
N LYS D 106 18.35 -31.10 -31.28
CA LYS D 106 17.88 -31.77 -32.49
C LYS D 106 17.34 -33.19 -32.19
N ALA D 107 18.05 -33.93 -31.34
CA ALA D 107 17.62 -35.28 -30.97
C ALA D 107 16.31 -35.23 -30.16
N ALA D 108 16.19 -34.22 -29.28
CA ALA D 108 14.95 -33.97 -28.55
C ALA D 108 13.81 -33.62 -29.50
N ALA D 109 14.14 -32.92 -30.58
CA ALA D 109 13.16 -32.55 -31.59
C ALA D 109 12.64 -33.79 -32.32
N GLU D 110 13.55 -34.68 -32.69
CA GLU D 110 13.17 -35.92 -33.38
C GLU D 110 12.51 -36.95 -32.46
N ALA D 111 12.83 -36.89 -31.18
CA ALA D 111 12.10 -37.66 -30.17
C ALA D 111 10.70 -37.06 -29.90
N GLY D 112 10.38 -35.97 -30.60
CA GLY D 112 9.07 -35.34 -30.54
C GLY D 112 8.78 -34.51 -29.30
N CYS D 113 9.79 -33.86 -28.75
CA CYS D 113 9.58 -33.00 -27.60
C CYS D 113 8.81 -31.74 -27.96
N ASN D 114 8.15 -31.14 -26.98
CA ASN D 114 7.43 -29.88 -27.16
C ASN D 114 8.05 -28.77 -26.34
N ILE D 115 8.68 -29.13 -25.23
CA ILE D 115 9.38 -28.18 -24.38
C ILE D 115 10.75 -28.75 -24.05
N VAL D 116 11.79 -27.96 -24.34
CA VAL D 116 13.16 -28.35 -24.07
C VAL D 116 13.79 -27.35 -23.12
N CYS D 117 14.62 -27.85 -22.21
CA CYS D 117 15.16 -27.02 -21.15
C CYS D 117 16.59 -27.36 -20.81
N THR D 118 17.34 -26.32 -20.46
CA THR D 118 18.77 -26.43 -20.19
C THR D 118 19.05 -26.45 -18.69
N GLN D 119 20.29 -26.73 -18.31
CA GLN D 119 20.71 -26.61 -16.93
C GLN D 119 21.01 -25.14 -16.61
N GLU D 120 21.56 -24.86 -15.42
CA GLU D 120 21.82 -23.46 -15.01
C GLU D 120 23.12 -22.93 -15.57
N ALA D 121 23.07 -21.70 -16.10
CA ALA D 121 24.22 -21.03 -16.68
C ALA D 121 24.88 -21.93 -17.73
N TRP D 122 24.05 -22.55 -18.58
CA TRP D 122 24.47 -23.66 -19.46
C TRP D 122 25.49 -23.24 -20.50
N THR D 123 25.67 -21.93 -20.61
CA THR D 123 26.46 -21.28 -21.65
C THR D 123 27.93 -21.07 -21.26
N MET D 124 28.29 -21.39 -20.02
CA MET D 124 29.59 -21.05 -19.45
C MET D 124 30.08 -22.03 -18.39
N PRO D 125 31.42 -22.17 -18.22
CA PRO D 125 31.90 -22.90 -17.05
C PRO D 125 31.43 -22.20 -15.79
N PHE D 126 31.00 -22.98 -14.79
CA PHE D 126 30.45 -22.38 -13.56
C PHE D 126 31.55 -21.70 -12.75
N ALA D 127 31.93 -20.51 -13.20
CA ALA D 127 33.17 -19.87 -12.80
C ALA D 127 33.05 -19.04 -11.54
N PHE D 128 31.91 -19.13 -10.88
CA PHE D 128 31.65 -18.33 -9.68
C PHE D 128 32.49 -18.72 -8.47
N CYS D 129 33.09 -19.91 -8.50
CA CYS D 129 33.93 -20.40 -7.41
C CYS D 129 35.23 -19.63 -7.25
N THR D 130 35.73 -19.06 -8.34
CA THR D 130 36.97 -18.29 -8.31
C THR D 130 36.77 -16.88 -7.74
N ARG D 131 35.55 -16.34 -7.90
CA ARG D 131 35.24 -14.98 -7.48
C ARG D 131 36.01 -13.93 -8.26
N GLU D 132 36.42 -14.30 -9.47
CA GLU D 132 37.06 -13.36 -10.38
C GLU D 132 36.02 -12.76 -11.30
N LYS D 133 36.13 -11.45 -11.55
CA LYS D 133 35.16 -10.80 -12.41
C LYS D 133 35.64 -10.80 -13.85
N PHE D 134 36.91 -11.09 -14.05
CA PHE D 134 37.52 -11.02 -15.36
C PHE D 134 38.20 -12.34 -15.76
N PRO D 135 37.87 -12.87 -16.96
CA PRO D 135 36.93 -12.33 -17.95
C PRO D 135 35.51 -12.90 -17.86
N TRP D 136 35.15 -13.44 -16.71
CA TRP D 136 33.91 -14.23 -16.56
C TRP D 136 32.63 -13.43 -16.72
N CYS D 137 32.69 -12.13 -16.45
CA CYS D 137 31.50 -11.29 -16.55
C CYS D 137 31.12 -11.01 -17.99
N GLU D 138 32.07 -11.24 -18.90
CA GLU D 138 31.83 -11.04 -20.32
C GLU D 138 30.95 -12.15 -20.92
N PHE D 139 30.73 -13.22 -20.17
CA PHE D 139 29.78 -14.26 -20.55
C PHE D 139 28.34 -13.75 -20.45
N ALA D 140 28.13 -12.70 -19.66
CA ALA D 140 26.79 -12.14 -19.45
C ALA D 140 26.32 -11.43 -20.70
N GLU D 141 25.14 -11.80 -21.17
CA GLU D 141 24.57 -11.18 -22.35
C GLU D 141 23.18 -10.64 -22.07
N GLU D 142 22.55 -10.04 -23.07
CA GLU D 142 21.19 -9.53 -22.94
C GLU D 142 20.15 -10.67 -22.95
N ALA D 143 19.07 -10.48 -22.21
CA ALA D 143 18.03 -11.50 -22.10
C ALA D 143 17.28 -11.69 -23.41
N GLU D 144 16.86 -10.59 -24.05
CA GLU D 144 16.05 -10.65 -25.26
C GLU D 144 16.89 -10.68 -26.54
N ASN D 145 17.94 -9.87 -26.59
CA ASN D 145 18.72 -9.72 -27.81
C ASN D 145 20.10 -10.36 -27.76
N GLY D 146 20.39 -11.02 -26.64
CA GLY D 146 21.66 -11.71 -26.48
C GLY D 146 21.80 -12.81 -27.52
N PRO D 147 23.05 -13.08 -27.93
CA PRO D 147 23.34 -14.04 -29.00
C PRO D 147 22.73 -15.42 -28.75
N THR D 148 22.80 -15.91 -27.52
CA THR D 148 22.29 -17.23 -27.20
C THR D 148 20.77 -17.31 -27.38
N THR D 149 20.04 -16.29 -26.92
CA THR D 149 18.58 -16.25 -27.11
C THR D 149 18.21 -16.13 -28.60
N LYS D 150 18.88 -15.23 -29.32
CA LYS D 150 18.69 -15.08 -30.76
C LYS D 150 18.90 -16.41 -31.47
N MET D 151 20.02 -17.07 -31.21
CA MET D 151 20.32 -18.33 -31.88
C MET D 151 19.32 -19.42 -31.51
N LEU D 152 19.07 -19.60 -30.21
CA LEU D 152 18.09 -20.57 -29.71
C LEU D 152 16.69 -20.30 -30.23
N ALA D 153 16.34 -19.03 -30.37
CA ALA D 153 15.02 -18.62 -30.88
C ALA D 153 14.71 -19.20 -32.27
N GLU D 154 15.76 -19.40 -33.08
CA GLU D 154 15.59 -19.99 -34.41
C GLU D 154 15.32 -21.49 -34.38
N LEU D 155 16.05 -22.23 -33.54
CA LEU D 155 15.75 -23.64 -33.31
C LEU D 155 14.33 -23.85 -32.78
N ALA D 156 13.83 -22.87 -32.03
CA ALA D 156 12.48 -22.90 -31.47
C ALA D 156 11.41 -22.78 -32.55
N LYS D 157 11.60 -21.82 -33.47
CA LYS D 157 10.68 -21.62 -34.59
C LYS D 157 10.73 -22.85 -35.48
N ALA D 158 11.94 -23.33 -35.78
CA ALA D 158 12.20 -24.42 -36.73
C ALA D 158 11.67 -25.78 -36.27
N TYR D 159 11.85 -26.08 -34.99
CA TYR D 159 11.37 -27.33 -34.41
C TYR D 159 9.98 -27.21 -33.77
N ASN D 160 9.36 -26.04 -33.87
CA ASN D 160 8.09 -25.77 -33.19
C ASN D 160 8.06 -26.28 -31.75
N MET D 161 9.00 -25.79 -30.93
CA MET D 161 9.05 -26.14 -29.53
C MET D 161 9.47 -24.97 -28.63
N VAL D 162 8.88 -24.93 -27.43
CA VAL D 162 9.20 -23.94 -26.41
C VAL D 162 10.59 -24.29 -25.86
N ILE D 163 11.50 -23.32 -25.88
CA ILE D 163 12.82 -23.55 -25.30
C ILE D 163 13.07 -22.66 -24.09
N ILE D 164 13.38 -23.28 -22.96
CA ILE D 164 13.74 -22.52 -21.75
C ILE D 164 15.20 -22.76 -21.47
N HIS D 165 15.94 -21.68 -21.23
CA HIS D 165 17.36 -21.79 -20.96
C HIS D 165 17.81 -20.78 -19.91
N SER D 166 18.94 -21.07 -19.28
CA SER D 166 19.46 -20.26 -18.19
C SER D 166 20.85 -19.68 -18.51
N ILE D 167 20.96 -18.35 -18.41
CA ILE D 167 22.21 -17.63 -18.72
C ILE D 167 22.55 -16.52 -17.72
N LEU D 168 23.79 -16.02 -17.76
CA LEU D 168 24.12 -14.77 -17.06
C LEU D 168 23.53 -13.62 -17.86
N GLU D 169 22.77 -12.76 -17.19
CA GLU D 169 22.14 -11.66 -17.89
C GLU D 169 22.77 -10.34 -17.51
N ARG D 170 23.12 -9.53 -18.50
CA ARG D 170 23.47 -8.14 -18.29
C ARG D 170 22.25 -7.30 -18.63
N ASP D 171 21.77 -6.54 -17.67
CA ASP D 171 20.65 -5.64 -17.88
C ASP D 171 21.25 -4.29 -18.23
N MET D 172 20.99 -3.85 -19.45
CA MET D 172 21.57 -2.61 -19.98
C MET D 172 20.98 -1.38 -19.31
N GLU D 173 19.64 -1.31 -19.35
CA GLU D 173 18.87 -0.16 -18.88
C GLU D 173 19.06 0.12 -17.41
N HIS D 174 19.17 -0.95 -16.61
CA HIS D 174 19.36 -0.86 -15.16
C HIS D 174 20.84 -0.97 -14.77
N GLY D 175 21.64 0.00 -15.17
CA GLY D 175 23.04 0.10 -14.74
C GLY D 175 23.97 -1.06 -15.07
N GLU D 176 23.74 -1.71 -16.21
CA GLU D 176 24.61 -2.80 -16.72
C GLU D 176 24.86 -3.90 -15.68
N THR D 177 23.85 -4.14 -14.85
CA THR D 177 23.95 -5.11 -13.76
C THR D 177 23.81 -6.55 -14.26
N ILE D 178 24.48 -7.48 -13.58
CA ILE D 178 24.36 -8.89 -13.90
C ILE D 178 23.27 -9.60 -13.05
N TRP D 179 22.60 -10.57 -13.66
CA TRP D 179 21.57 -11.33 -12.99
C TRP D 179 21.66 -12.76 -13.45
N ASN D 180 21.08 -13.67 -12.68
CA ASN D 180 20.94 -15.05 -13.09
C ASN D 180 19.52 -15.29 -13.56
N THR D 181 19.36 -15.47 -14.88
CA THR D 181 18.04 -15.46 -15.54
C THR D 181 17.72 -16.70 -16.38
N ALA D 182 16.50 -17.20 -16.24
CA ALA D 182 15.98 -18.17 -17.20
C ALA D 182 15.11 -17.42 -18.19
N VAL D 183 15.26 -17.78 -19.47
CA VAL D 183 14.50 -17.15 -20.55
C VAL D 183 13.61 -18.20 -21.20
N VAL D 184 12.33 -17.84 -21.37
CA VAL D 184 11.36 -18.69 -22.02
C VAL D 184 11.13 -18.21 -23.47
N ILE D 185 11.48 -19.06 -24.43
CA ILE D 185 11.31 -18.79 -25.85
C ILE D 185 10.16 -19.66 -26.31
N SER D 186 9.14 -19.00 -26.88
CA SER D 186 7.94 -19.64 -27.39
C SER D 186 8.22 -20.49 -28.63
N ASN D 187 7.35 -21.46 -28.91
CA ASN D 187 7.47 -22.28 -30.11
C ASN D 187 7.16 -21.53 -31.42
N SER D 188 6.69 -20.29 -31.30
CA SER D 188 6.55 -19.39 -32.45
C SER D 188 7.89 -18.79 -32.83
N GLY D 189 8.85 -18.87 -31.91
CA GLY D 189 10.16 -18.26 -32.08
C GLY D 189 10.33 -16.99 -31.27
N ARG D 190 9.22 -16.37 -30.87
CA ARG D 190 9.28 -15.08 -30.18
C ARG D 190 9.56 -15.21 -28.68
N TYR D 191 10.34 -14.27 -28.15
CA TYR D 191 10.71 -14.20 -26.73
C TYR D 191 9.48 -13.95 -25.86
N LEU D 192 9.18 -14.93 -24.98
CA LEU D 192 8.05 -14.86 -24.06
C LEU D 192 8.31 -13.95 -22.86
N GLY D 193 9.50 -14.08 -22.28
CA GLY D 193 9.84 -13.36 -21.06
C GLY D 193 11.00 -14.01 -20.34
N LYS D 194 11.34 -13.44 -19.20
CA LYS D 194 12.44 -13.95 -18.39
C LYS D 194 12.03 -14.02 -16.91
N HIS D 195 12.82 -14.76 -16.15
CA HIS D 195 12.64 -14.86 -14.72
C HIS D 195 13.98 -14.95 -14.00
N ARG D 196 14.18 -14.08 -13.02
CA ARG D 196 15.44 -14.01 -12.29
C ARG D 196 15.45 -14.79 -10.98
N LYS D 197 16.53 -15.53 -10.77
CA LYS D 197 16.78 -16.36 -9.60
C LYS D 197 16.40 -15.65 -8.29
N ASN D 198 15.41 -16.18 -7.59
CA ASN D 198 14.88 -15.57 -6.37
C ASN D 198 15.79 -15.71 -5.16
N HIS D 199 16.47 -16.85 -5.05
CA HIS D 199 17.28 -17.15 -3.86
C HIS D 199 18.76 -17.34 -4.22
N ILE D 200 19.62 -16.48 -3.67
CA ILE D 200 21.02 -16.46 -4.06
C ILE D 200 21.96 -17.07 -3.02
N PRO D 201 22.69 -18.13 -3.40
CA PRO D 201 23.58 -18.89 -2.50
C PRO D 201 24.89 -18.17 -2.21
N ARG D 202 25.43 -18.42 -1.02
CA ARG D 202 26.74 -17.90 -0.66
C ARG D 202 27.53 -18.99 0.04
N VAL D 203 27.00 -20.21 0.02
CA VAL D 203 27.63 -21.36 0.66
C VAL D 203 28.79 -21.94 -0.14
N GLY D 204 29.97 -21.94 0.49
CA GLY D 204 31.13 -22.66 -0.02
C GLY D 204 31.71 -22.09 -1.29
N ASP D 205 31.77 -22.92 -2.33
CA ASP D 205 32.31 -22.54 -3.63
C ASP D 205 31.31 -21.76 -4.42
N PHE D 206 30.06 -21.82 -4.00
CA PHE D 206 29.00 -21.19 -4.73
C PHE D 206 28.85 -19.75 -4.28
N ASN D 207 29.78 -18.92 -4.72
CA ASN D 207 29.85 -17.52 -4.34
C ASN D 207 29.07 -16.66 -5.32
N GLU D 208 27.79 -16.94 -5.47
CA GLU D 208 26.98 -16.27 -6.47
C GLU D 208 26.49 -14.90 -6.02
N SER D 209 26.47 -14.69 -4.70
CA SER D 209 26.13 -13.40 -4.07
C SER D 209 27.11 -12.33 -4.46
N THR D 210 28.24 -12.76 -5.00
CA THR D 210 29.31 -11.89 -5.41
C THR D 210 29.03 -11.28 -6.78
N TYR D 211 28.22 -11.97 -7.58
CA TYR D 211 27.98 -11.61 -8.99
C TYR D 211 26.62 -10.99 -9.26
N TYR D 212 25.63 -11.31 -8.43
CA TYR D 212 24.26 -10.82 -8.61
C TYR D 212 23.39 -10.79 -7.36
N MET D 213 22.43 -9.87 -7.35
CA MET D 213 21.46 -9.71 -6.26
C MET D 213 20.26 -10.66 -6.36
N GLU D 214 19.33 -10.54 -5.42
CA GLU D 214 18.14 -11.36 -5.43
C GLU D 214 17.19 -10.90 -6.53
N GLY D 215 16.58 -11.86 -7.20
CA GLY D 215 15.69 -11.60 -8.33
C GLY D 215 14.42 -10.86 -7.97
N ASN D 216 14.06 -9.90 -8.80
CA ASN D 216 12.88 -9.07 -8.55
C ASN D 216 11.77 -9.26 -9.59
N THR D 217 11.78 -10.42 -10.22
CA THR D 217 10.79 -10.75 -11.25
C THR D 217 9.57 -11.41 -10.64
N GLY D 218 9.62 -11.63 -9.33
CA GLY D 218 8.52 -12.28 -8.60
C GLY D 218 8.49 -13.78 -8.81
N HIS D 219 7.31 -14.31 -9.11
CA HIS D 219 7.15 -15.74 -9.35
C HIS D 219 6.34 -16.06 -10.59
N PRO D 220 6.82 -15.65 -11.78
CA PRO D 220 6.00 -15.70 -12.99
C PRO D 220 5.76 -17.12 -13.52
N VAL D 221 4.57 -17.32 -14.06
CA VAL D 221 4.23 -18.54 -14.76
C VAL D 221 3.89 -18.22 -16.23
N PHE D 222 4.47 -19.00 -17.13
CA PHE D 222 4.33 -18.72 -18.55
C PHE D 222 3.28 -19.62 -19.16
N GLU D 223 2.25 -18.99 -19.72
CA GLU D 223 1.18 -19.68 -20.42
C GLU D 223 1.61 -19.95 -21.87
N THR D 224 2.22 -21.10 -22.08
CA THR D 224 2.51 -21.58 -23.42
C THR D 224 1.43 -22.58 -23.80
N GLU D 225 1.37 -22.92 -25.09
CA GLU D 225 0.37 -23.87 -25.57
C GLU D 225 0.73 -25.31 -25.28
N PHE D 226 1.79 -25.52 -24.51
CA PHE D 226 2.16 -26.83 -24.02
C PHE D 226 2.12 -26.91 -22.48
N GLY D 227 1.35 -26.00 -21.88
CA GLY D 227 1.17 -25.95 -20.44
C GLY D 227 1.66 -24.68 -19.76
N LYS D 228 1.28 -24.50 -18.50
CA LYS D 228 1.72 -23.36 -17.70
C LYS D 228 3.06 -23.70 -17.02
N LEU D 229 4.14 -23.09 -17.51
CA LEU D 229 5.47 -23.48 -17.07
C LEU D 229 6.10 -22.45 -16.19
N ALA D 230 6.96 -22.92 -15.30
CA ALA D 230 7.71 -22.02 -14.45
C ALA D 230 9.12 -22.53 -14.25
N VAL D 231 10.03 -21.62 -13.95
CA VAL D 231 11.40 -22.01 -13.68
C VAL D 231 11.85 -21.54 -12.29
N ASN D 232 12.34 -22.50 -11.51
CA ASN D 232 12.87 -22.29 -10.17
C ASN D 232 14.35 -22.56 -10.28
N ILE D 233 15.15 -21.51 -10.17
CA ILE D 233 16.57 -21.63 -10.49
C ILE D 233 17.48 -22.04 -9.33
N CYS D 234 18.16 -23.18 -9.50
CA CYS D 234 19.25 -23.67 -8.63
C CYS D 234 18.99 -23.68 -7.11
N TYR D 235 19.66 -22.81 -6.36
CA TYR D 235 19.53 -22.72 -4.90
C TYR D 235 18.09 -22.54 -4.43
N GLY D 236 17.26 -21.90 -5.25
CA GLY D 236 15.82 -21.74 -4.96
C GLY D 236 15.12 -23.05 -4.76
N ARG D 237 15.81 -24.12 -5.17
CA ARG D 237 15.46 -25.53 -4.93
C ARG D 237 15.15 -25.82 -3.48
N HIS D 238 15.88 -25.12 -2.59
CA HIS D 238 15.86 -25.36 -1.15
C HIS D 238 14.75 -24.64 -0.42
N HIS D 239 14.07 -23.75 -1.11
CA HIS D 239 13.05 -22.92 -0.47
C HIS D 239 11.64 -23.37 -0.86
N PRO D 240 10.99 -24.18 -0.01
CA PRO D 240 9.67 -24.72 -0.29
C PRO D 240 8.57 -23.66 -0.45
N GLN D 241 8.78 -22.50 0.16
CA GLN D 241 7.84 -21.39 -0.03
C GLN D 241 7.99 -20.81 -1.44
N ASN D 242 9.17 -20.99 -2.03
CA ASN D 242 9.43 -20.64 -3.42
C ASN D 242 8.62 -21.51 -4.39
N TRP D 243 8.84 -22.83 -4.38
CA TRP D 243 8.01 -23.76 -5.13
C TRP D 243 6.55 -23.47 -4.91
N MET D 244 6.17 -23.23 -3.64
CA MET D 244 4.77 -22.99 -3.28
C MET D 244 4.13 -21.85 -4.07
N MET D 245 4.90 -20.78 -4.25
CA MET D 245 4.36 -19.58 -4.86
C MET D 245 4.13 -19.76 -6.36
N PHE D 246 5.02 -20.47 -7.05
CA PHE D 246 4.76 -20.79 -8.46
C PHE D 246 3.48 -21.60 -8.53
N GLY D 247 3.28 -22.47 -7.55
CA GLY D 247 2.06 -23.27 -7.44
C GLY D 247 0.83 -22.40 -7.35
N LEU D 248 0.86 -21.45 -6.42
CA LEU D 248 -0.27 -20.55 -6.22
C LEU D 248 -0.56 -19.68 -7.45
N ASN D 249 0.46 -19.50 -8.30
CA ASN D 249 0.31 -18.77 -9.56
C ASN D 249 -0.14 -19.68 -10.72
N GLY D 250 -0.38 -20.95 -10.42
CA GLY D 250 -1.02 -21.86 -11.35
C GLY D 250 -0.13 -22.71 -12.23
N ALA D 251 1.11 -22.92 -11.81
CA ALA D 251 2.09 -23.73 -12.55
C ALA D 251 1.66 -25.19 -12.72
N GLU D 252 2.12 -25.82 -13.79
CA GLU D 252 1.86 -27.24 -14.03
C GLU D 252 3.13 -28.04 -14.26
N ILE D 253 4.12 -27.41 -14.90
CA ILE D 253 5.47 -27.96 -14.95
C ILE D 253 6.44 -26.89 -14.46
N VAL D 254 7.20 -27.21 -13.41
CA VAL D 254 8.21 -26.28 -12.91
C VAL D 254 9.61 -26.87 -13.06
N PHE D 255 10.39 -26.28 -13.95
CA PHE D 255 11.73 -26.75 -14.21
C PHE D 255 12.68 -26.20 -13.17
N ASN D 256 13.69 -27.00 -12.83
CA ASN D 256 14.68 -26.62 -11.85
C ASN D 256 16.11 -26.72 -12.40
N PRO D 257 16.55 -25.72 -13.19
CA PRO D 257 17.89 -25.83 -13.75
C PRO D 257 18.88 -25.57 -12.64
N SER D 258 19.91 -26.39 -12.55
CA SER D 258 20.85 -26.27 -11.44
C SER D 258 22.30 -26.58 -11.78
N ALA D 259 23.17 -26.34 -10.80
CA ALA D 259 24.56 -26.71 -10.90
C ALA D 259 25.12 -26.94 -9.49
N THR D 260 25.16 -28.20 -9.07
CA THR D 260 25.69 -28.56 -7.75
C THR D 260 26.67 -29.70 -7.79
N ILE D 261 27.76 -29.51 -7.08
CA ILE D 261 28.62 -30.61 -6.74
C ILE D 261 28.28 -31.01 -5.33
N GLY D 262 28.60 -32.27 -5.07
CA GLY D 262 29.37 -32.62 -3.91
C GLY D 262 28.79 -33.62 -2.96
N ARG D 263 29.55 -33.82 -1.89
CA ARG D 263 29.29 -34.90 -0.94
C ARG D 263 28.07 -34.61 -0.07
N LEU D 264 27.96 -33.37 0.41
CA LEU D 264 26.87 -32.94 1.29
C LEU D 264 25.57 -32.66 0.50
N SER D 265 25.71 -32.17 -0.73
CA SER D 265 24.58 -31.74 -1.57
C SER D 265 23.85 -32.86 -2.29
N GLU D 266 24.51 -33.99 -2.50
CA GLU D 266 23.95 -35.07 -3.32
C GLU D 266 22.74 -35.82 -2.73
N PRO D 267 22.75 -36.13 -1.42
CA PRO D 267 21.59 -36.80 -0.82
C PRO D 267 20.31 -35.97 -0.88
N LEU D 268 20.44 -34.65 -0.93
CA LEU D 268 19.28 -33.77 -1.00
C LEU D 268 18.66 -33.75 -2.39
N TRP D 269 19.39 -34.25 -3.39
CA TRP D 269 18.95 -34.21 -4.79
C TRP D 269 17.62 -34.94 -5.02
N SER D 270 17.50 -36.16 -4.49
CA SER D 270 16.31 -37.00 -4.69
C SER D 270 15.14 -36.57 -3.81
N ILE D 271 15.40 -35.61 -2.92
CA ILE D 271 14.46 -35.21 -1.90
C ILE D 271 13.70 -33.94 -2.30
N GLU D 272 14.44 -32.85 -2.49
CA GLU D 272 13.84 -31.50 -2.55
C GLU D 272 12.86 -31.26 -3.69
N ALA D 273 13.33 -31.45 -4.93
CA ALA D 273 12.47 -31.30 -6.12
C ALA D 273 11.27 -32.25 -6.12
N ARG D 274 11.48 -33.47 -5.62
CA ARG D 274 10.43 -34.45 -5.49
C ARG D 274 9.29 -33.96 -4.57
N ASN D 275 9.62 -33.50 -3.37
CA ASN D 275 8.59 -33.07 -2.45
C ASN D 275 7.77 -31.94 -3.03
N ALA D 276 8.45 -31.00 -3.66
CA ALA D 276 7.80 -29.86 -4.28
C ALA D 276 6.66 -30.25 -5.23
N ALA D 277 6.89 -31.34 -5.97
CA ALA D 277 5.93 -31.86 -6.95
C ALA D 277 4.71 -32.45 -6.24
N ILE D 278 4.97 -33.14 -5.13
CA ILE D 278 3.94 -33.77 -4.28
C ILE D 278 3.11 -32.70 -3.61
N ALA D 279 3.83 -31.77 -2.99
CA ALA D 279 3.25 -30.70 -2.17
C ALA D 279 2.37 -29.75 -2.97
N ASN D 280 2.87 -29.30 -4.11
CA ASN D 280 2.14 -28.35 -4.90
C ASN D 280 1.24 -28.99 -5.96
N SER D 281 1.39 -30.31 -6.14
CA SER D 281 0.60 -31.09 -7.11
C SER D 281 0.77 -30.62 -8.55
N TYR D 282 2.02 -30.64 -8.98
CA TYR D 282 2.40 -30.35 -10.35
C TYR D 282 3.67 -31.11 -10.69
N PHE D 283 4.15 -30.96 -11.91
CA PHE D 283 5.36 -31.62 -12.40
C PHE D 283 6.64 -30.85 -12.12
N THR D 284 7.70 -31.60 -11.88
CA THR D 284 8.97 -31.02 -11.49
C THR D 284 10.08 -31.60 -12.35
N VAL D 285 10.91 -30.73 -12.92
CA VAL D 285 11.97 -31.16 -13.82
C VAL D 285 13.34 -30.64 -13.34
N PRO D 286 13.94 -31.30 -12.32
CA PRO D 286 15.29 -30.91 -11.89
C PRO D 286 16.41 -31.34 -12.86
N ILE D 287 17.17 -30.36 -13.37
CA ILE D 287 18.28 -30.64 -14.28
C ILE D 287 19.60 -30.14 -13.66
N ASN D 288 20.67 -30.93 -13.80
CA ASN D 288 21.97 -30.59 -13.22
C ASN D 288 23.12 -30.78 -14.19
N ARG D 289 24.05 -29.85 -14.16
CA ARG D 289 25.30 -29.92 -14.92
C ARG D 289 26.10 -31.22 -14.63
N VAL D 290 27.01 -31.57 -15.53
CA VAL D 290 27.79 -32.80 -15.40
C VAL D 290 29.30 -32.57 -15.62
N GLY D 291 30.12 -33.49 -15.16
CA GLY D 291 31.58 -33.41 -15.29
C GLY D 291 32.23 -32.52 -14.25
N THR D 292 33.55 -32.45 -14.30
CA THR D 292 34.30 -31.57 -13.40
C THR D 292 35.09 -30.54 -14.23
N GLU D 293 35.15 -29.29 -13.77
CA GLU D 293 35.74 -28.19 -14.53
C GLU D 293 36.95 -27.59 -13.81
N GLN D 294 37.99 -27.22 -14.56
CA GLN D 294 39.20 -26.67 -13.93
C GLN D 294 39.64 -25.32 -14.49
N PHE D 295 40.04 -24.44 -13.57
CA PHE D 295 40.16 -23.02 -13.81
C PHE D 295 41.62 -22.54 -13.81
N PRO D 296 41.90 -21.42 -14.51
CA PRO D 296 43.26 -20.89 -14.67
C PRO D 296 44.05 -20.79 -13.36
N ASN D 297 43.55 -19.99 -12.42
CA ASN D 297 44.26 -19.71 -11.16
C ASN D 297 43.63 -20.39 -9.94
N GLU D 298 44.45 -20.66 -8.93
CA GLU D 298 44.03 -21.28 -7.66
C GLU D 298 43.02 -20.45 -6.87
N TYR D 299 42.13 -21.14 -6.17
CA TYR D 299 41.12 -20.50 -5.30
C TYR D 299 40.91 -21.37 -4.06
N THR D 300 40.41 -20.76 -2.98
CA THR D 300 40.02 -21.50 -1.76
C THR D 300 38.51 -21.52 -1.58
N SER D 301 38.02 -22.55 -0.89
CA SER D 301 36.60 -22.85 -0.87
C SER D 301 35.85 -22.49 0.43
N GLY D 302 36.52 -21.76 1.32
CA GLY D 302 35.89 -21.34 2.57
C GLY D 302 35.94 -22.41 3.66
N ASP D 303 36.46 -23.58 3.30
CA ASP D 303 36.82 -24.63 4.24
C ASP D 303 38.24 -24.36 4.75
N GLY D 304 38.77 -25.23 5.60
CA GLY D 304 40.15 -25.09 6.05
C GLY D 304 41.20 -25.38 4.98
N ASN D 305 40.79 -26.08 3.92
CA ASN D 305 41.75 -26.67 2.98
C ASN D 305 42.58 -25.72 2.11
N LYS D 306 43.61 -26.30 1.49
CA LYS D 306 44.53 -25.61 0.58
C LYS D 306 43.84 -25.19 -0.70
N ALA D 307 44.40 -24.18 -1.37
CA ALA D 307 43.85 -23.71 -2.65
C ALA D 307 44.06 -24.73 -3.76
N HIS D 308 43.11 -24.76 -4.68
CA HIS D 308 43.11 -25.71 -5.80
C HIS D 308 42.56 -25.04 -7.05
N LYS D 309 42.60 -25.75 -8.18
CA LYS D 309 42.11 -25.21 -9.44
C LYS D 309 40.88 -25.95 -9.95
N GLU D 310 40.71 -27.22 -9.56
CA GLU D 310 39.58 -28.04 -10.00
C GLU D 310 38.29 -27.76 -9.22
N PHE D 311 37.17 -27.84 -9.92
CA PHE D 311 35.85 -27.61 -9.32
C PHE D 311 34.93 -28.73 -9.76
N GLY D 312 34.34 -29.43 -8.78
CA GLY D 312 33.47 -30.55 -9.07
C GLY D 312 33.58 -31.75 -8.12
N PRO D 313 33.02 -32.91 -8.53
CA PRO D 313 32.34 -33.12 -9.82
C PRO D 313 30.86 -32.81 -9.75
N PHE D 314 30.32 -32.15 -10.79
CA PHE D 314 28.87 -31.98 -10.93
C PHE D 314 28.26 -33.34 -11.25
N TYR D 315 27.21 -33.72 -10.52
CA TYR D 315 26.78 -35.12 -10.50
C TYR D 315 25.58 -35.45 -11.37
N GLY D 316 25.29 -34.60 -12.35
CA GLY D 316 24.14 -34.81 -13.25
C GLY D 316 22.89 -35.31 -12.54
N SER D 317 22.39 -36.47 -12.99
CA SER D 317 21.28 -37.17 -12.34
C SER D 317 19.92 -36.47 -12.47
N SER D 318 19.66 -35.92 -13.66
CA SER D 318 18.41 -35.24 -13.94
C SER D 318 17.27 -36.25 -13.93
N TYR D 319 16.10 -35.79 -13.49
CA TYR D 319 14.88 -36.63 -13.46
C TYR D 319 13.61 -35.77 -13.54
N VAL D 320 12.45 -36.41 -13.61
CA VAL D 320 11.18 -35.69 -13.50
C VAL D 320 10.32 -36.26 -12.38
N ALA D 321 9.75 -35.38 -11.56
CA ALA D 321 8.83 -35.80 -10.51
C ALA D 321 7.39 -35.45 -10.87
N ALA D 322 6.49 -36.36 -10.52
CA ALA D 322 5.07 -36.20 -10.84
C ALA D 322 4.26 -35.81 -9.62
N PRO D 323 3.13 -35.13 -9.85
CA PRO D 323 2.25 -34.62 -8.79
C PRO D 323 1.67 -35.69 -7.87
N ASP D 324 1.61 -36.94 -8.34
CA ASP D 324 1.04 -38.06 -7.57
C ASP D 324 2.08 -38.76 -6.70
N GLY D 325 3.32 -38.32 -6.80
CA GLY D 325 4.41 -38.89 -6.01
C GLY D 325 5.38 -39.78 -6.77
N SER D 326 5.04 -40.12 -8.02
CA SER D 326 5.91 -40.96 -8.85
C SER D 326 7.03 -40.15 -9.45
N ARG D 327 8.08 -40.83 -9.90
CA ARG D 327 9.24 -40.15 -10.49
C ARG D 327 10.04 -40.99 -11.47
N THR D 328 10.55 -40.32 -12.47
CA THR D 328 11.44 -40.86 -13.46
C THR D 328 12.78 -41.27 -12.82
N PRO D 329 13.38 -42.40 -13.26
CA PRO D 329 14.78 -42.68 -12.91
C PRO D 329 15.68 -41.50 -13.28
N SER D 330 16.87 -41.42 -12.70
CA SER D 330 17.79 -40.35 -13.08
C SER D 330 18.61 -40.69 -14.33
N LEU D 331 19.13 -39.65 -14.99
CA LEU D 331 20.16 -39.85 -16.01
C LEU D 331 21.52 -40.16 -15.32
N SER D 332 22.58 -40.25 -16.12
CA SER D 332 23.90 -40.61 -15.62
C SER D 332 24.48 -39.53 -14.70
N ARG D 333 25.40 -39.92 -13.83
CA ARG D 333 26.03 -38.96 -12.91
C ARG D 333 27.24 -38.25 -13.52
N ASP D 334 27.70 -38.74 -14.68
CA ASP D 334 28.96 -38.29 -15.28
C ASP D 334 28.95 -38.20 -16.81
N LYS D 335 27.83 -38.52 -17.43
CA LYS D 335 27.73 -38.50 -18.89
C LYS D 335 26.65 -37.53 -19.37
N ASP D 336 26.94 -36.82 -20.47
CA ASP D 336 25.96 -35.97 -21.17
C ASP D 336 24.67 -36.72 -21.38
N GLY D 337 23.52 -36.04 -21.29
CA GLY D 337 22.27 -36.77 -21.40
C GLY D 337 21.06 -35.95 -21.82
N LEU D 338 20.15 -36.62 -22.53
CA LEU D 338 18.89 -36.03 -22.94
C LEU D 338 17.76 -36.85 -22.32
N LEU D 339 16.99 -36.26 -21.43
CA LEU D 339 15.86 -36.95 -20.80
C LEU D 339 14.55 -36.54 -21.47
N VAL D 340 13.89 -37.50 -22.13
CA VAL D 340 12.61 -37.24 -22.80
C VAL D 340 11.51 -37.94 -22.02
N VAL D 341 10.58 -37.16 -21.47
CA VAL D 341 9.44 -37.73 -20.76
C VAL D 341 8.14 -37.10 -21.22
N GLU D 342 7.16 -37.97 -21.47
CA GLU D 342 5.85 -37.58 -21.94
C GLU D 342 4.89 -37.70 -20.78
N LEU D 343 4.02 -36.71 -20.63
CA LEU D 343 3.13 -36.66 -19.48
C LEU D 343 1.80 -36.12 -19.87
N ASP D 344 0.75 -36.50 -19.15
CA ASP D 344 -0.55 -35.87 -19.34
C ASP D 344 -0.71 -34.83 -18.26
N LEU D 345 -0.85 -33.58 -18.69
CA LEU D 345 -1.00 -32.44 -17.78
C LEU D 345 -2.27 -32.47 -16.90
N ASN D 346 -3.21 -33.36 -17.22
CA ASN D 346 -4.44 -33.45 -16.44
C ASN D 346 -4.24 -34.09 -15.10
N LEU D 347 -3.12 -34.82 -14.95
CA LEU D 347 -2.79 -35.48 -13.69
C LEU D 347 -2.69 -34.49 -12.55
N CYS D 348 -2.35 -33.25 -12.88
CA CYS D 348 -2.29 -32.18 -11.87
C CYS D 348 -3.63 -31.94 -11.17
N ARG D 349 -4.63 -31.44 -11.89
CA ARG D 349 -5.96 -31.23 -11.31
C ARG D 349 -6.51 -32.50 -10.65
N GLN D 350 -6.32 -33.65 -11.30
CA GLN D 350 -6.83 -34.91 -10.76
C GLN D 350 -6.29 -35.18 -9.35
N VAL D 351 -4.99 -35.00 -9.16
CA VAL D 351 -4.36 -35.20 -7.86
C VAL D 351 -4.86 -34.15 -6.87
N LYS D 352 -4.92 -32.88 -7.31
CA LYS D 352 -5.40 -31.79 -6.45
C LYS D 352 -6.79 -32.09 -5.92
N ASP D 353 -7.61 -32.76 -6.73
CA ASP D 353 -8.98 -33.10 -6.38
C ASP D 353 -9.04 -34.26 -5.41
N PHE D 354 -8.13 -35.21 -5.55
CA PHE D 354 -8.17 -36.40 -4.71
C PHE D 354 -7.48 -36.21 -3.36
N TRP D 355 -6.29 -35.64 -3.35
CA TRP D 355 -5.59 -35.33 -2.11
C TRP D 355 -6.05 -34.05 -1.43
N GLY D 356 -6.52 -33.10 -2.23
CA GLY D 356 -7.02 -31.82 -1.71
C GLY D 356 -6.02 -30.97 -0.95
N PHE D 357 -4.76 -30.96 -1.38
CA PHE D 357 -3.71 -30.15 -0.72
C PHE D 357 -3.99 -28.66 -0.78
N ARG D 358 -4.51 -28.20 -1.92
CA ARG D 358 -4.75 -26.79 -2.17
C ARG D 358 -6.00 -26.30 -1.48
N MET D 359 -6.97 -27.19 -1.29
CA MET D 359 -8.18 -26.83 -0.55
C MET D 359 -7.93 -26.73 0.97
N THR D 360 -6.81 -27.26 1.44
CA THR D 360 -6.49 -27.28 2.86
C THR D 360 -5.26 -26.45 3.27
N GLN D 361 -4.76 -25.61 2.35
CA GLN D 361 -3.50 -24.88 2.54
C GLN D 361 -3.55 -23.84 3.63
N ARG D 362 -4.72 -23.23 3.81
CA ARG D 362 -4.95 -22.14 4.77
C ARG D 362 -3.97 -20.98 4.56
N VAL D 363 -3.82 -20.58 3.30
CA VAL D 363 -2.85 -19.55 2.95
C VAL D 363 -3.10 -18.23 3.69
N PRO D 364 -4.37 -17.77 3.82
CA PRO D 364 -4.62 -16.56 4.62
C PRO D 364 -3.93 -16.56 5.99
N LEU D 365 -3.95 -17.71 6.68
CA LEU D 365 -3.31 -17.84 7.97
C LEU D 365 -1.78 -17.73 7.87
N TYR D 366 -1.20 -18.34 6.84
CA TYR D 366 0.24 -18.33 6.66
C TYR D 366 0.74 -16.97 6.16
N ALA D 367 -0.11 -16.28 5.42
CA ALA D 367 0.17 -14.94 4.95
C ALA D 367 0.31 -14.02 6.15
N GLU D 368 -0.56 -14.23 7.13
CA GLU D 368 -0.56 -13.48 8.39
C GLU D 368 0.63 -13.82 9.29
N SER D 369 0.84 -15.12 9.47
CA SER D 369 1.92 -15.66 10.30
C SER D 369 3.30 -15.23 9.83
N PHE D 370 3.48 -15.21 8.50
CA PHE D 370 4.77 -14.83 7.92
C PHE D 370 5.02 -13.32 7.97
N LYS D 371 3.95 -12.53 7.89
CA LYS D 371 4.02 -11.07 8.07
C LYS D 371 4.53 -10.73 9.46
N LYS D 372 3.92 -11.35 10.47
CA LYS D 372 4.30 -11.17 11.88
C LYS D 372 5.76 -11.54 12.10
N ALA D 373 6.16 -12.67 11.53
CA ALA D 373 7.50 -13.20 11.71
C ALA D 373 8.57 -12.29 11.11
N SER D 374 8.23 -11.56 10.05
CA SER D 374 9.18 -10.69 9.35
C SER D 374 9.30 -9.32 10.00
N GLU D 375 8.37 -8.98 10.89
CA GLU D 375 8.36 -7.70 11.59
C GLU D 375 9.47 -7.62 12.64
N HIS D 376 9.83 -6.40 13.02
CA HIS D 376 10.95 -6.16 13.91
C HIS D 376 10.66 -6.66 15.30
N GLY D 377 9.47 -6.36 15.78
CA GLY D 377 9.10 -6.68 17.16
C GLY D 377 8.72 -8.13 17.38
N PHE D 378 9.15 -9.01 16.47
CA PHE D 378 8.71 -10.42 16.46
C PHE D 378 9.06 -11.20 17.72
N LYS D 379 8.02 -11.73 18.35
CA LYS D 379 8.12 -12.54 19.56
C LYS D 379 7.62 -13.94 19.23
N PRO D 380 8.53 -14.91 18.99
CA PRO D 380 8.11 -16.26 18.60
C PRO D 380 7.11 -16.87 19.56
N GLN D 381 6.25 -17.75 19.06
CA GLN D 381 5.22 -18.43 19.83
C GLN D 381 5.83 -19.60 20.57
N ILE D 382 6.60 -19.29 21.61
CA ILE D 382 7.27 -20.28 22.44
C ILE D 382 6.51 -20.42 23.75
N ILE D 383 6.18 -21.67 24.11
CA ILE D 383 5.54 -21.92 25.40
C ILE D 383 6.54 -22.50 26.41
N LYS D 384 6.68 -21.79 27.52
CA LYS D 384 7.61 -22.11 28.60
C LYS D 384 6.89 -22.85 29.73
N GLU D 385 7.63 -23.53 30.61
CA GLU D 385 7.01 -24.12 31.81
C GLU D 385 6.75 -23.06 32.86
N THR D 386 5.55 -23.07 33.41
CA THR D 386 5.11 -22.02 34.33
C THR D 386 5.60 -22.23 35.78
N LYS E 7 53.93 9.10 7.89
CA LYS E 7 52.67 8.30 7.93
C LYS E 7 51.50 9.17 8.41
N ASN E 8 51.45 10.41 7.95
CA ASN E 8 50.35 11.33 8.29
C ASN E 8 50.37 12.59 7.42
N LEU E 9 49.35 12.75 6.55
CA LEU E 9 49.41 13.76 5.48
C LEU E 9 49.48 15.21 5.96
N ASN E 10 48.74 15.54 7.01
CA ASN E 10 48.78 16.89 7.60
C ASN E 10 50.17 17.24 8.09
N ASP E 11 50.79 16.31 8.82
CA ASP E 11 52.13 16.52 9.37
C ASP E 11 53.19 16.61 8.27
N CYS E 12 52.97 15.86 7.19
CA CYS E 12 53.83 15.88 6.02
C CYS E 12 53.78 17.21 5.26
N LEU E 13 52.59 17.80 5.15
CA LEU E 13 52.43 19.06 4.42
C LEU E 13 52.94 20.26 5.23
N GLU E 14 52.93 20.14 6.55
CA GLU E 14 53.45 21.15 7.47
C GLU E 14 54.98 21.04 7.61
N LYS E 15 55.52 19.92 7.14
CA LYS E 15 56.94 19.58 7.22
C LYS E 15 57.70 19.89 5.93
N HIS E 16 57.01 20.44 4.94
CA HIS E 16 57.60 20.64 3.59
C HIS E 16 57.24 21.95 2.90
N LEU E 17 56.34 22.74 3.50
CA LEU E 17 55.83 23.94 2.84
C LEU E 17 56.01 25.23 3.65
N PRO E 18 56.51 26.30 3.01
CA PRO E 18 56.46 27.68 3.54
C PRO E 18 55.09 28.04 4.15
N PRO E 19 55.07 28.60 5.37
CA PRO E 19 53.85 28.82 6.15
C PRO E 19 52.73 29.54 5.40
N ASP E 20 53.09 30.42 4.47
CA ASP E 20 52.12 31.19 3.69
C ASP E 20 51.44 30.35 2.59
N GLU E 21 52.19 29.40 2.02
CA GLU E 21 51.64 28.48 1.02
C GLU E 21 50.87 27.37 1.69
N LEU E 22 51.39 26.87 2.81
CA LEU E 22 50.72 25.86 3.62
C LEU E 22 49.35 26.36 4.08
N LYS E 23 49.24 27.65 4.37
CA LYS E 23 47.98 28.29 4.72
C LYS E 23 46.94 28.12 3.60
N GLU E 24 47.41 28.19 2.35
CA GLU E 24 46.54 28.10 1.17
C GLU E 24 46.21 26.67 0.76
N VAL E 25 47.19 25.77 0.90
CA VAL E 25 47.02 24.35 0.62
C VAL E 25 46.06 23.74 1.64
N LYS E 26 46.19 24.14 2.91
CA LYS E 26 45.25 23.74 3.94
C LYS E 26 43.85 24.27 3.69
N ARG E 27 43.77 25.46 3.10
CA ARG E 27 42.48 26.07 2.75
C ARG E 27 41.72 25.24 1.73
N ILE E 28 42.42 24.69 0.75
CA ILE E 28 41.73 23.94 -0.29
C ILE E 28 41.54 22.48 0.06
N LEU E 29 42.49 21.88 0.79
CA LEU E 29 42.37 20.48 1.15
C LEU E 29 41.44 20.23 2.33
N TYR E 30 41.68 20.95 3.42
CA TYR E 30 40.81 20.91 4.59
C TYR E 30 39.88 22.10 4.45
N GLY E 31 39.11 22.42 5.48
CA GLY E 31 38.14 23.52 5.35
C GLY E 31 38.64 24.91 5.69
N VAL E 32 39.72 24.97 6.47
CA VAL E 32 40.21 26.22 7.06
C VAL E 32 41.69 26.49 6.69
N GLU E 33 42.22 27.62 7.16
CA GLU E 33 43.60 28.05 6.84
C GLU E 33 44.69 27.53 7.81
N GLU E 34 44.33 27.38 9.09
CA GLU E 34 45.14 26.67 10.07
C GLU E 34 44.20 25.96 11.05
N ASP E 35 44.56 24.75 11.45
CA ASP E 35 43.66 23.92 12.27
C ASP E 35 43.18 24.60 13.56
N GLN E 36 41.91 24.39 13.86
CA GLN E 36 41.37 24.87 15.11
C GLN E 36 41.56 23.79 16.14
N THR E 37 42.74 23.78 16.75
CA THR E 37 43.07 22.79 17.76
C THR E 37 42.18 22.94 18.98
N LEU E 38 42.05 21.83 19.73
CA LEU E 38 41.39 21.82 21.02
C LEU E 38 42.41 21.38 22.04
N GLU E 39 42.48 22.14 23.12
CA GLU E 39 43.32 21.85 24.27
C GLU E 39 42.68 20.74 25.10
N LEU E 40 43.39 19.63 25.27
CA LEU E 40 42.82 18.48 25.98
C LEU E 40 43.29 18.38 27.42
N PRO E 41 42.38 18.04 28.36
CA PRO E 41 42.72 17.74 29.75
C PRO E 41 44.05 17.00 29.89
N THR E 42 44.83 17.44 30.86
CA THR E 42 46.17 16.91 31.12
C THR E 42 46.17 15.40 31.42
N SER E 43 45.19 14.97 32.20
CA SER E 43 45.09 13.58 32.63
C SER E 43 44.70 12.62 31.51
N ALA E 44 43.99 13.12 30.49
CA ALA E 44 43.56 12.30 29.36
C ALA E 44 44.72 11.99 28.40
N LYS E 45 45.49 13.02 28.06
CA LYS E 45 46.71 12.86 27.26
C LYS E 45 47.67 11.87 27.90
N ASP E 46 47.62 11.80 29.24
CA ASP E 46 48.41 10.87 30.06
C ASP E 46 48.09 9.41 29.77
N ILE E 47 46.81 9.07 29.87
CA ILE E 47 46.33 7.71 29.60
C ILE E 47 46.78 7.29 28.20
N ALA E 48 46.58 8.20 27.24
CA ALA E 48 46.95 7.99 25.86
C ALA E 48 48.42 7.69 25.69
N GLU E 49 49.26 8.54 26.28
CA GLU E 49 50.73 8.40 26.23
C GLU E 49 51.17 7.04 26.73
N GLN E 50 50.72 6.70 27.93
CA GLN E 50 51.06 5.47 28.63
C GLN E 50 50.70 4.22 27.85
N ASN E 51 49.44 4.17 27.39
CA ASN E 51 48.94 3.03 26.63
C ASN E 51 49.35 3.03 25.16
N GLY E 52 50.03 4.08 24.72
CA GLY E 52 50.60 4.13 23.39
C GLY E 52 49.61 4.37 22.27
N PHE E 53 48.60 5.21 22.51
CA PHE E 53 47.68 5.58 21.45
C PHE E 53 47.56 7.09 21.28
N ASP E 54 47.37 7.53 20.03
CA ASP E 54 47.21 8.97 19.72
C ASP E 54 45.95 9.56 20.34
N ILE E 55 46.07 10.80 20.80
CA ILE E 55 44.91 11.60 21.17
C ILE E 55 45.04 13.00 20.58
N LYS E 56 44.11 13.37 19.70
CA LYS E 56 44.14 14.68 19.06
C LYS E 56 42.79 15.37 19.19
N GLY E 57 42.83 16.66 19.51
CA GLY E 57 41.63 17.45 19.76
C GLY E 57 41.46 18.61 18.81
N TYR E 58 40.25 18.75 18.26
CA TYR E 58 39.93 19.86 17.39
C TYR E 58 38.54 20.42 17.69
N ARG E 59 38.25 21.61 17.16
CA ARG E 59 36.99 22.28 17.45
C ARG E 59 36.35 22.89 16.20
N PHE E 60 35.05 22.68 16.08
CA PHE E 60 34.26 23.40 15.10
C PHE E 60 33.32 24.32 15.84
N THR E 61 33.02 25.46 15.24
CA THR E 61 32.21 26.47 15.88
C THR E 61 31.04 26.90 15.00
N ALA E 62 30.05 27.56 15.59
CA ALA E 62 28.95 28.12 14.83
C ALA E 62 28.79 29.59 15.15
N ARG E 63 27.94 30.28 14.40
CA ARG E 63 27.64 31.67 14.69
C ARG E 63 26.67 31.75 15.84
N GLU E 64 26.74 32.81 16.64
CA GLU E 64 25.78 32.88 17.74
C GLU E 64 24.39 33.32 17.33
N GLU E 65 23.40 32.61 17.89
CA GLU E 65 22.00 32.83 17.54
C GLU E 65 21.26 33.59 18.63
N GLN E 66 20.24 34.33 18.21
CA GLN E 66 19.42 35.10 19.13
C GLN E 66 18.45 34.24 19.91
N THR E 67 17.77 33.32 19.23
CA THR E 67 16.69 32.55 19.84
C THR E 67 17.11 31.15 20.28
N ARG E 68 18.39 30.84 20.19
CA ARG E 68 18.87 29.50 20.55
C ARG E 68 20.26 29.54 21.16
N LYS E 69 20.41 28.87 22.30
CA LYS E 69 21.70 28.77 22.97
C LYS E 69 22.64 27.88 22.16
N ARG E 70 23.94 28.17 22.24
CA ARG E 70 24.97 27.36 21.62
C ARG E 70 24.81 25.89 22.06
N ARG E 71 24.72 24.97 21.11
CA ARG E 71 24.59 23.54 21.42
C ARG E 71 25.93 22.82 21.23
N ILE E 72 26.82 23.01 22.18
CA ILE E 72 28.19 22.53 22.10
C ILE E 72 28.26 21.07 22.54
N VAL E 73 28.88 20.22 21.74
CA VAL E 73 28.90 18.79 22.00
C VAL E 73 30.28 18.23 21.61
N ARG E 74 30.73 17.20 22.33
CA ARG E 74 32.05 16.61 22.13
C ARG E 74 31.98 15.14 21.71
N VAL E 75 32.59 14.79 20.58
CA VAL E 75 32.60 13.39 20.11
C VAL E 75 33.99 12.76 20.13
N GLY E 76 34.04 11.47 20.44
CA GLY E 76 35.29 10.74 20.49
C GLY E 76 35.25 9.52 19.59
N ALA E 77 36.01 9.59 18.50
CA ALA E 77 36.10 8.47 17.58
C ALA E 77 37.33 7.66 17.93
N ILE E 78 37.15 6.35 18.05
CA ILE E 78 38.24 5.46 18.49
C ILE E 78 38.60 4.48 17.42
N GLN E 79 39.82 4.57 16.91
CA GLN E 79 40.32 3.57 15.99
C GLN E 79 41.40 2.74 16.66
N ASN E 80 41.38 1.45 16.40
CA ASN E 80 42.32 0.50 16.99
C ASN E 80 42.61 -0.70 16.09
N SER E 81 43.55 -1.54 16.52
CA SER E 81 43.75 -2.84 15.90
C SER E 81 43.35 -3.96 16.85
N ILE E 82 43.10 -5.14 16.29
CA ILE E 82 43.08 -6.38 17.07
C ILE E 82 44.43 -6.64 17.71
N VAL E 83 44.45 -7.50 18.72
CA VAL E 83 45.43 -7.41 19.79
C VAL E 83 46.22 -8.71 19.94
N ILE E 84 45.49 -9.82 20.05
CA ILE E 84 46.12 -11.14 20.10
C ILE E 84 45.86 -11.91 18.82
N PRO E 85 46.80 -12.77 18.45
CA PRO E 85 46.70 -13.55 17.21
C PRO E 85 45.34 -14.23 16.98
N THR E 86 44.88 -14.20 15.73
CA THR E 86 43.59 -14.74 15.30
C THR E 86 43.40 -16.22 15.63
N THR E 87 44.51 -16.92 15.89
CA THR E 87 44.49 -18.33 16.31
C THR E 87 44.53 -18.40 17.84
N ALA E 88 43.40 -18.10 18.48
CA ALA E 88 43.30 -18.13 19.93
C ALA E 88 41.82 -18.09 20.26
N PRO E 89 41.41 -18.71 21.38
CA PRO E 89 40.00 -18.69 21.77
C PRO E 89 39.35 -17.36 21.44
N ILE E 90 38.28 -17.41 20.65
CA ILE E 90 37.56 -16.21 20.19
C ILE E 90 37.10 -15.28 21.34
N GLU E 91 36.88 -15.88 22.51
CA GLU E 91 36.50 -15.12 23.71
C GLU E 91 37.70 -14.35 24.27
N LYS E 92 38.88 -14.96 24.22
CA LYS E 92 40.13 -14.28 24.59
C LYS E 92 40.38 -13.08 23.69
N GLN E 93 40.20 -13.28 22.39
CA GLN E 93 40.41 -12.23 21.39
C GLN E 93 39.49 -11.04 21.61
N ARG E 94 38.20 -11.29 21.77
CA ARG E 94 37.26 -10.22 22.06
C ARG E 94 37.59 -9.52 23.37
N GLU E 95 38.05 -10.29 24.36
CA GLU E 95 38.37 -9.73 25.67
C GLU E 95 39.60 -8.80 25.64
N ALA E 96 40.59 -9.13 24.82
CA ALA E 96 41.78 -8.30 24.72
C ALA E 96 41.42 -6.94 24.14
N ILE E 97 40.60 -6.94 23.06
CA ILE E 97 40.15 -5.72 22.40
C ILE E 97 39.26 -4.91 23.34
N TRP E 98 38.43 -5.62 24.09
CA TRP E 98 37.65 -5.05 25.17
C TRP E 98 38.51 -4.20 26.11
N ASN E 99 39.57 -4.83 26.64
CA ASN E 99 40.43 -4.20 27.64
C ASN E 99 41.19 -3.00 27.10
N LYS E 100 41.64 -3.10 25.85
CA LYS E 100 42.36 -2.02 25.20
C LYS E 100 41.43 -0.83 25.03
N VAL E 101 40.24 -1.10 24.49
CA VAL E 101 39.30 -0.04 24.16
C VAL E 101 38.69 0.55 25.43
N LYS E 102 38.50 -0.30 26.45
CA LYS E 102 38.03 0.17 27.77
C LYS E 102 38.81 1.39 28.25
N THR E 103 40.14 1.30 28.13
CA THR E 103 41.02 2.35 28.60
C THR E 103 40.99 3.55 27.64
N MET E 104 40.70 3.30 26.37
CA MET E 104 40.56 4.37 25.38
C MET E 104 39.28 5.16 25.61
N ILE E 105 38.20 4.46 25.97
CA ILE E 105 36.95 5.15 26.30
C ILE E 105 37.08 5.94 27.60
N LYS E 106 38.01 5.51 28.46
CA LYS E 106 38.30 6.26 29.68
C LYS E 106 38.97 7.60 29.38
N ALA E 107 39.91 7.60 28.43
CA ALA E 107 40.63 8.80 28.04
C ALA E 107 39.68 9.77 27.35
N ALA E 108 38.77 9.23 26.54
CA ALA E 108 37.72 10.03 25.91
C ALA E 108 36.81 10.64 26.96
N ALA E 109 36.58 9.91 28.05
CA ALA E 109 35.75 10.37 29.16
C ALA E 109 36.40 11.54 29.88
N GLU E 110 37.69 11.42 30.17
CA GLU E 110 38.44 12.46 30.83
C GLU E 110 38.69 13.68 29.93
N ALA E 111 38.75 13.45 28.61
CA ALA E 111 38.77 14.53 27.61
C ALA E 111 37.39 15.21 27.50
N GLY E 112 36.43 14.70 28.26
CA GLY E 112 35.10 15.29 28.32
C GLY E 112 34.20 15.02 27.13
N CYS E 113 34.32 13.84 26.52
CA CYS E 113 33.45 13.46 25.40
C CYS E 113 32.04 13.21 25.89
N ASN E 114 31.07 13.35 25.00
CA ASN E 114 29.66 13.08 25.31
C ASN E 114 29.15 11.92 24.47
N ILE E 115 29.76 11.71 23.31
CA ILE E 115 29.41 10.61 22.41
C ILE E 115 30.68 9.93 21.95
N VAL E 116 30.77 8.64 22.16
CA VAL E 116 31.95 7.87 21.80
C VAL E 116 31.52 6.80 20.82
N CYS E 117 32.38 6.50 19.85
CA CYS E 117 32.02 5.61 18.76
C CYS E 117 33.19 4.74 18.33
N THR E 118 32.90 3.49 18.00
CA THR E 118 33.92 2.54 17.55
C THR E 118 33.96 2.40 16.03
N GLN E 119 34.92 1.63 15.56
CA GLN E 119 35.00 1.28 14.15
C GLN E 119 34.03 0.14 13.86
N GLU E 120 34.12 -0.44 12.66
CA GLU E 120 33.22 -1.54 12.26
C GLU E 120 33.70 -2.92 12.73
N ALA E 121 32.77 -3.70 13.30
CA ALA E 121 33.05 -5.02 13.84
C ALA E 121 34.23 -4.96 14.80
N TRP E 122 34.23 -3.92 15.65
CA TRP E 122 35.40 -3.55 16.47
C TRP E 122 35.84 -4.65 17.43
N THR E 123 34.98 -5.65 17.58
CA THR E 123 35.11 -6.67 18.60
C THR E 123 35.85 -7.92 18.10
N MET E 124 36.28 -7.90 16.83
CA MET E 124 36.77 -9.10 16.15
C MET E 124 37.76 -8.79 15.05
N PRO E 125 38.68 -9.74 14.74
CA PRO E 125 39.49 -9.59 13.55
C PRO E 125 38.59 -9.65 12.33
N PHE E 126 38.81 -8.79 11.34
CA PHE E 126 37.93 -8.71 10.18
C PHE E 126 38.05 -9.96 9.32
N ALA E 127 37.40 -11.03 9.80
CA ALA E 127 37.65 -12.40 9.36
C ALA E 127 36.91 -12.80 8.10
N PHE E 128 36.21 -11.83 7.52
CA PHE E 128 35.32 -12.11 6.39
C PHE E 128 36.05 -12.42 5.08
N CYS E 129 37.35 -12.12 5.03
CA CYS E 129 38.18 -12.40 3.87
C CYS E 129 38.41 -13.88 3.62
N THR E 130 38.38 -14.68 4.69
CA THR E 130 38.60 -16.12 4.58
C THR E 130 37.37 -16.86 4.07
N ARG E 131 36.19 -16.31 4.34
CA ARG E 131 34.92 -16.95 4.00
C ARG E 131 34.68 -18.25 4.76
N GLU E 132 35.31 -18.37 5.93
CA GLU E 132 35.09 -19.50 6.82
C GLU E 132 34.02 -19.13 7.83
N LYS E 133 33.13 -20.05 8.13
CA LYS E 133 32.09 -19.76 9.12
C LYS E 133 32.51 -20.21 10.51
N PHE E 134 33.57 -20.99 10.58
CA PHE E 134 34.03 -21.51 11.88
C PHE E 134 35.51 -21.18 12.15
N PRO E 135 35.81 -20.62 13.35
CA PRO E 135 34.88 -20.31 14.42
C PRO E 135 34.37 -18.87 14.41
N TRP E 136 34.46 -18.20 13.26
CA TRP E 136 34.25 -16.75 13.22
C TRP E 136 32.81 -16.28 13.47
N CYS E 137 31.84 -17.16 13.27
CA CYS E 137 30.44 -16.82 13.49
C CYS E 137 30.09 -16.80 14.97
N GLU E 138 30.93 -17.40 15.79
CA GLU E 138 30.73 -17.39 17.23
C GLU E 138 31.04 -16.05 17.86
N PHE E 139 31.66 -15.16 17.09
CA PHE E 139 31.85 -13.77 17.48
C PHE E 139 30.52 -13.01 17.52
N ALA E 140 29.53 -13.48 16.76
CA ALA E 140 28.22 -12.83 16.70
C ALA E 140 27.47 -13.00 18.01
N GLU E 141 27.02 -11.88 18.54
CA GLU E 141 26.31 -11.87 19.81
C GLU E 141 24.96 -11.17 19.66
N GLU E 142 24.18 -11.13 20.74
CA GLU E 142 22.90 -10.43 20.70
C GLU E 142 23.11 -8.93 20.74
N ALA E 143 22.17 -8.19 20.14
CA ALA E 143 22.18 -6.74 20.09
C ALA E 143 21.97 -6.08 21.45
N GLU E 144 20.91 -6.50 22.14
CA GLU E 144 20.54 -5.89 23.40
C GLU E 144 21.22 -6.57 24.61
N ASN E 145 21.32 -7.89 24.58
CA ASN E 145 21.78 -8.65 25.73
C ASN E 145 23.15 -9.27 25.57
N GLY E 146 23.75 -9.04 24.41
CA GLY E 146 25.11 -9.51 24.13
C GLY E 146 26.11 -8.95 25.10
N PRO E 147 27.12 -9.75 25.47
CA PRO E 147 28.18 -9.38 26.41
C PRO E 147 28.78 -8.01 26.18
N THR E 148 29.07 -7.68 24.92
CA THR E 148 29.72 -6.42 24.60
C THR E 148 28.83 -5.24 24.88
N THR E 149 27.56 -5.33 24.53
CA THR E 149 26.61 -4.26 24.85
C THR E 149 26.39 -4.10 26.35
N LYS E 150 26.15 -5.22 27.04
CA LYS E 150 26.06 -5.24 28.51
C LYS E 150 27.24 -4.50 29.14
N MET E 151 28.46 -4.94 28.79
CA MET E 151 29.70 -4.40 29.31
C MET E 151 29.78 -2.89 29.05
N LEU E 152 29.64 -2.50 27.78
CA LEU E 152 29.73 -1.11 27.35
C LEU E 152 28.66 -0.26 27.98
N ALA E 153 27.50 -0.85 28.23
CA ALA E 153 26.38 -0.15 28.84
C ALA E 153 26.74 0.42 30.20
N GLU E 154 27.61 -0.28 30.93
CA GLU E 154 28.09 0.18 32.24
C GLU E 154 28.98 1.42 32.14
N LEU E 155 29.98 1.38 31.25
CA LEU E 155 30.83 2.53 30.99
C LEU E 155 30.03 3.74 30.54
N ALA E 156 28.90 3.50 29.87
CA ALA E 156 27.99 4.57 29.43
C ALA E 156 27.29 5.25 30.61
N LYS E 157 26.77 4.44 31.53
CA LYS E 157 26.11 4.96 32.73
C LYS E 157 27.14 5.71 33.57
N ALA E 158 28.31 5.10 33.76
CA ALA E 158 29.36 5.60 34.66
C ALA E 158 30.00 6.89 34.19
N TYR E 159 30.24 6.99 32.88
CA TYR E 159 30.85 8.18 32.28
C TYR E 159 29.81 9.18 31.76
N ASN E 160 28.54 8.86 31.93
CA ASN E 160 27.44 9.68 31.38
C ASN E 160 27.70 10.09 29.93
N MET E 161 27.86 9.10 29.07
CA MET E 161 28.07 9.34 27.64
C MET E 161 27.37 8.29 26.78
N VAL E 162 26.86 8.73 25.63
CA VAL E 162 26.27 7.85 24.62
C VAL E 162 27.39 7.08 23.93
N ILE E 163 27.24 5.76 23.89
CA ILE E 163 28.22 4.91 23.24
C ILE E 163 27.60 4.21 22.04
N ILE E 164 28.20 4.41 20.87
CA ILE E 164 27.78 3.72 19.65
C ILE E 164 28.89 2.75 19.28
N HIS E 165 28.51 1.50 19.04
CA HIS E 165 29.48 0.50 18.63
C HIS E 165 28.92 -0.46 17.57
N SER E 166 29.83 -1.12 16.87
CA SER E 166 29.46 -1.98 15.77
C SER E 166 29.95 -3.41 15.99
N ILE E 167 29.01 -4.36 15.96
CA ILE E 167 29.31 -5.78 16.19
C ILE E 167 28.63 -6.71 15.19
N LEU E 168 29.06 -7.98 15.16
CA LEU E 168 28.31 -9.02 14.47
C LEU E 168 27.11 -9.40 15.30
N GLU E 169 25.92 -9.37 14.72
CA GLU E 169 24.73 -9.62 15.50
C GLU E 169 24.11 -10.95 15.12
N ARG E 170 23.83 -11.78 16.12
CA ARG E 170 22.94 -12.93 15.91
C ARG E 170 21.56 -12.58 16.41
N ASP E 171 20.58 -12.64 15.52
CA ASP E 171 19.20 -12.42 15.86
C ASP E 171 18.59 -13.78 16.20
N MET E 172 18.16 -13.93 17.45
CA MET E 172 17.65 -15.18 17.98
C MET E 172 16.28 -15.49 17.41
N GLU E 173 15.36 -14.54 17.59
CA GLU E 173 13.96 -14.68 17.20
C GLU E 173 13.76 -14.96 15.73
N HIS E 174 14.58 -14.32 14.88
CA HIS E 174 14.48 -14.46 13.43
C HIS E 174 15.48 -15.50 12.90
N GLY E 175 15.35 -16.76 13.30
CA GLY E 175 16.17 -17.85 12.76
C GLY E 175 17.68 -17.80 13.00
N GLU E 176 18.11 -17.26 14.14
CA GLU E 176 19.53 -17.20 14.52
C GLU E 176 20.42 -16.65 13.42
N THR E 177 19.87 -15.72 12.63
CA THR E 177 20.61 -15.13 11.51
C THR E 177 21.63 -14.08 11.95
N ILE E 178 22.69 -13.94 11.18
CA ILE E 178 23.72 -12.97 11.49
C ILE E 178 23.51 -11.66 10.69
N TRP E 179 23.88 -10.54 11.30
CA TRP E 179 23.71 -9.22 10.72
C TRP E 179 24.90 -8.38 11.10
N ASN E 180 25.16 -7.31 10.34
CA ASN E 180 26.12 -6.29 10.75
C ASN E 180 25.40 -5.08 11.32
N THR E 181 25.58 -4.87 12.62
CA THR E 181 24.74 -3.96 13.42
C THR E 181 25.55 -2.92 14.17
N ALA E 182 25.12 -1.66 14.09
CA ALA E 182 25.58 -0.65 15.06
C ALA E 182 24.51 -0.52 16.15
N VAL E 183 24.96 -0.45 17.41
CA VAL E 183 24.06 -0.35 18.57
C VAL E 183 24.32 0.96 19.25
N VAL E 184 23.26 1.71 19.51
CA VAL E 184 23.37 2.98 20.23
C VAL E 184 22.96 2.79 21.70
N ILE E 185 23.91 3.02 22.60
CA ILE E 185 23.66 2.96 24.04
C ILE E 185 23.63 4.38 24.59
N SER E 186 22.52 4.71 25.27
CA SER E 186 22.28 6.02 25.82
C SER E 186 23.19 6.33 27.00
N ASN E 187 23.33 7.62 27.33
CA ASN E 187 24.14 8.00 28.48
C ASN E 187 23.49 7.68 29.83
N SER E 188 22.26 7.18 29.78
CA SER E 188 21.56 6.68 30.98
C SER E 188 22.00 5.27 31.29
N GLY E 189 22.61 4.63 30.31
CA GLY E 189 23.01 3.24 30.41
C GLY E 189 22.09 2.29 29.65
N ARG E 190 20.89 2.77 29.32
CA ARG E 190 19.89 1.93 28.68
C ARG E 190 20.04 1.84 27.16
N TYR E 191 19.81 0.64 26.63
CA TYR E 191 19.86 0.34 25.20
C TYR E 191 18.82 1.15 24.41
N LEU E 192 19.28 2.04 23.54
CA LEU E 192 18.40 2.87 22.73
C LEU E 192 17.83 2.15 21.51
N GLY E 193 18.65 1.34 20.85
CA GLY E 193 18.25 0.68 19.62
C GLY E 193 19.41 0.29 18.75
N LYS E 194 19.11 -0.31 17.61
CA LYS E 194 20.14 -0.80 16.71
C LYS E 194 19.85 -0.38 15.28
N HIS E 195 20.84 -0.53 14.42
CA HIS E 195 20.66 -0.26 13.02
C HIS E 195 21.56 -1.16 12.19
N ARG E 196 20.97 -1.85 11.22
CA ARG E 196 21.69 -2.82 10.39
C ARG E 196 22.17 -2.25 9.06
N LYS E 197 23.41 -2.59 8.74
CA LYS E 197 24.10 -2.19 7.52
C LYS E 197 23.22 -2.32 6.28
N ASN E 198 22.93 -1.19 5.65
CA ASN E 198 22.03 -1.15 4.50
C ASN E 198 22.65 -1.70 3.22
N HIS E 199 23.94 -1.46 3.01
CA HIS E 199 24.59 -1.86 1.76
C HIS E 199 25.72 -2.85 1.98
N ILE E 200 25.59 -4.03 1.40
CA ILE E 200 26.56 -5.10 1.66
C ILE E 200 27.53 -5.39 0.52
N PRO E 201 28.85 -5.29 0.82
CA PRO E 201 29.91 -5.43 -0.18
C PRO E 201 30.19 -6.87 -0.53
N ARG E 202 30.62 -7.08 -1.77
CA ARG E 202 31.06 -8.39 -2.21
C ARG E 202 32.35 -8.25 -3.02
N VAL E 203 32.92 -7.05 -2.99
CA VAL E 203 34.15 -6.71 -3.71
C VAL E 203 35.41 -7.25 -3.04
N GLY E 204 36.13 -8.10 -3.76
CA GLY E 204 37.47 -8.55 -3.38
C GLY E 204 37.52 -9.43 -2.16
N ASP E 205 38.25 -8.99 -1.14
CA ASP E 205 38.40 -9.71 0.12
C ASP E 205 37.25 -9.44 1.07
N PHE E 206 36.43 -8.47 0.71
CA PHE E 206 35.34 -8.08 1.56
C PHE E 206 34.11 -8.88 1.17
N ASN E 207 34.11 -10.17 1.51
CA ASN E 207 32.99 -11.06 1.20
C ASN E 207 31.98 -11.06 2.31
N GLU E 208 31.39 -9.90 2.57
CA GLU E 208 30.43 -9.78 3.65
C GLU E 208 29.06 -10.32 3.28
N SER E 209 28.77 -10.40 1.97
CA SER E 209 27.54 -10.97 1.43
C SER E 209 27.39 -12.45 1.75
N THR E 210 28.50 -13.06 2.14
CA THR E 210 28.56 -14.46 2.52
C THR E 210 28.04 -14.67 3.94
N TYR E 211 28.11 -13.61 4.74
CA TYR E 211 27.82 -13.67 6.19
C TYR E 211 26.47 -13.11 6.60
N TYR E 212 26.00 -12.10 5.85
CA TYR E 212 24.74 -11.43 6.15
C TYR E 212 24.07 -10.73 4.97
N MET E 213 22.75 -10.60 5.08
CA MET E 213 21.89 -9.95 4.09
C MET E 213 21.81 -8.43 4.27
N GLU E 214 21.06 -7.78 3.38
CA GLU E 214 20.88 -6.32 3.45
C GLU E 214 20.03 -5.96 4.63
N GLY E 215 20.40 -4.87 5.30
CA GLY E 215 19.71 -4.41 6.49
C GLY E 215 18.29 -3.92 6.28
N ASN E 216 17.42 -4.30 7.20
CA ASN E 216 16.00 -4.05 7.10
C ASN E 216 15.52 -3.05 8.15
N THR E 217 16.46 -2.30 8.71
CA THR E 217 16.18 -1.35 9.81
C THR E 217 15.79 0.01 9.25
N GLY E 218 15.90 0.17 7.94
CA GLY E 218 15.61 1.44 7.31
C GLY E 218 16.74 2.43 7.49
N HIS E 219 16.38 3.65 7.88
CA HIS E 219 17.36 4.73 8.07
C HIS E 219 17.18 5.49 9.39
N PRO E 220 17.28 4.79 10.53
CA PRO E 220 16.91 5.37 11.81
C PRO E 220 17.83 6.49 12.28
N VAL E 221 17.24 7.49 12.91
CA VAL E 221 17.98 8.55 13.55
C VAL E 221 17.67 8.53 15.05
N PHE E 222 18.71 8.55 15.88
CA PHE E 222 18.54 8.42 17.32
C PHE E 222 18.57 9.79 17.98
N GLU E 223 17.46 10.13 18.64
CA GLU E 223 17.41 11.36 19.40
C GLU E 223 17.96 11.18 20.81
N THR E 224 19.24 11.46 20.95
CA THR E 224 19.91 11.53 22.24
C THR E 224 19.98 12.98 22.67
N GLU E 225 20.31 13.20 23.94
CA GLU E 225 20.41 14.55 24.52
C GLU E 225 21.67 15.27 24.08
N PHE E 226 22.43 14.61 23.20
CA PHE E 226 23.65 15.18 22.65
C PHE E 226 23.55 15.34 21.12
N GLY E 227 22.32 15.32 20.61
CA GLY E 227 22.09 15.50 19.18
C GLY E 227 21.39 14.33 18.54
N LYS E 228 20.87 14.55 17.32
CA LYS E 228 20.26 13.50 16.53
C LYS E 228 21.30 12.74 15.71
N LEU E 229 21.58 11.50 16.12
CA LEU E 229 22.70 10.76 15.60
C LEU E 229 22.27 9.64 14.68
N ALA E 230 23.14 9.31 13.75
CA ALA E 230 22.88 8.18 12.89
C ALA E 230 24.17 7.48 12.58
N VAL E 231 24.05 6.21 12.20
CA VAL E 231 25.22 5.41 11.83
C VAL E 231 25.03 4.85 10.44
N ASN E 232 26.02 5.12 9.59
CA ASN E 232 26.09 4.64 8.22
C ASN E 232 27.25 3.66 8.17
N ILE E 233 26.96 2.38 8.03
CA ILE E 233 28.00 1.36 8.22
C ILE E 233 28.82 1.06 6.97
N CYS E 234 30.13 1.25 7.09
CA CYS E 234 31.17 0.82 6.13
C CYS E 234 30.90 1.05 4.61
N TYR E 235 30.61 -0.01 3.85
CA TYR E 235 30.34 0.06 2.40
C TYR E 235 29.24 1.08 2.05
N GLY E 236 28.29 1.27 2.96
CA GLY E 236 27.21 2.25 2.81
C GLY E 236 27.75 3.66 2.63
N ARG E 237 29.04 3.80 2.95
CA ARG E 237 29.89 4.96 2.64
C ARG E 237 29.74 5.43 1.20
N HIS E 238 29.62 4.46 0.29
CA HIS E 238 29.68 4.72 -1.14
C HIS E 238 28.34 5.11 -1.76
N HIS E 239 27.26 5.00 -1.02
CA HIS E 239 25.93 5.24 -1.58
C HIS E 239 25.38 6.57 -1.07
N PRO E 240 25.52 7.65 -1.85
CA PRO E 240 25.11 9.00 -1.48
C PRO E 240 23.61 9.13 -1.19
N GLN E 241 22.81 8.25 -1.79
CA GLN E 241 21.38 8.23 -1.48
C GLN E 241 21.14 7.69 -0.07
N ASN E 242 22.07 6.88 0.43
CA ASN E 242 22.09 6.40 1.80
C ASN E 242 22.27 7.56 2.79
N TRP E 243 23.42 8.23 2.71
CA TRP E 243 23.67 9.42 3.52
C TRP E 243 22.49 10.36 3.38
N MET E 244 21.95 10.49 2.17
CA MET E 244 20.85 11.42 1.91
C MET E 244 19.63 11.15 2.80
N MET E 245 19.31 9.86 2.98
CA MET E 245 18.10 9.48 3.68
C MET E 245 18.21 9.72 5.18
N PHE E 246 19.39 9.49 5.76
CA PHE E 246 19.59 9.85 7.16
C PHE E 246 19.38 11.34 7.32
N GLY E 247 19.83 12.11 6.34
CA GLY E 247 19.62 13.54 6.31
C GLY E 247 18.14 13.89 6.32
N LEU E 248 17.38 13.30 5.40
CA LEU E 248 15.93 13.51 5.32
C LEU E 248 15.20 13.14 6.62
N ASN E 249 15.81 12.24 7.40
CA ASN E 249 15.27 11.80 8.70
C ASN E 249 15.70 12.72 9.85
N GLY E 250 16.47 13.75 9.53
CA GLY E 250 16.80 14.79 10.48
C GLY E 250 18.11 14.68 11.25
N ALA E 251 19.05 13.87 10.74
CA ALA E 251 20.35 13.63 11.40
C ALA E 251 21.19 14.88 11.49
N GLU E 252 22.06 14.92 12.52
CA GLU E 252 22.97 16.03 12.75
C GLU E 252 24.43 15.58 12.84
N ILE E 253 24.65 14.40 13.38
CA ILE E 253 25.95 13.75 13.30
C ILE E 253 25.76 12.33 12.77
N VAL E 254 26.40 12.00 11.66
CA VAL E 254 26.32 10.63 11.13
C VAL E 254 27.68 9.96 11.17
N PHE E 255 27.81 8.98 12.05
CA PHE E 255 29.07 8.26 12.20
C PHE E 255 29.20 7.24 11.08
N ASN E 256 30.43 6.98 10.65
CA ASN E 256 30.67 6.01 9.59
C ASN E 256 31.74 4.99 10.02
N PRO E 257 31.35 3.99 10.83
CA PRO E 257 32.30 2.98 11.25
C PRO E 257 32.68 2.13 10.07
N SER E 258 33.97 1.90 9.85
CA SER E 258 34.40 1.18 8.65
C SER E 258 35.60 0.26 8.87
N ALA E 259 35.91 -0.54 7.86
CA ALA E 259 37.12 -1.36 7.84
C ALA E 259 37.55 -1.57 6.40
N THR E 260 38.56 -0.80 5.96
CA THR E 260 39.03 -0.88 4.57
C THR E 260 40.54 -0.88 4.45
N ILE E 261 41.07 -1.83 3.68
CA ILE E 261 42.44 -1.77 3.14
C ILE E 261 42.19 -1.02 1.83
N GLY E 262 43.12 -0.32 1.19
CA GLY E 262 44.35 -0.77 0.59
C GLY E 262 44.53 0.27 -0.53
N ARG E 263 44.99 -0.18 -1.70
CA ARG E 263 45.56 0.72 -2.70
C ARG E 263 44.52 1.51 -3.52
N LEU E 264 43.46 0.82 -3.94
CA LEU E 264 42.36 1.43 -4.71
C LEU E 264 41.36 2.21 -3.82
N SER E 265 41.18 1.72 -2.59
CA SER E 265 40.21 2.24 -1.60
C SER E 265 40.62 3.54 -0.89
N GLU E 266 41.91 3.77 -0.79
CA GLU E 266 42.46 4.85 0.02
C GLU E 266 42.17 6.29 -0.47
N PRO E 267 42.33 6.55 -1.79
CA PRO E 267 42.04 7.90 -2.28
C PRO E 267 40.56 8.31 -2.15
N LEU E 268 39.68 7.32 -2.05
CA LEU E 268 38.26 7.54 -1.87
C LEU E 268 37.94 8.03 -0.44
N TRP E 269 38.87 7.79 0.49
CA TRP E 269 38.63 8.05 1.92
C TRP E 269 38.35 9.52 2.21
N SER E 270 39.14 10.40 1.62
CA SER E 270 39.07 11.83 1.88
C SER E 270 37.89 12.47 1.18
N ILE E 271 37.25 11.68 0.31
CA ILE E 271 36.24 12.20 -0.61
C ILE E 271 34.82 11.94 -0.13
N GLU E 272 34.50 10.67 0.06
CA GLU E 272 33.10 10.23 0.18
C GLU E 272 32.37 10.75 1.42
N ALA E 273 32.95 10.51 2.59
CA ALA E 273 32.37 10.97 3.86
C ALA E 273 32.27 12.51 3.94
N ARG E 274 33.28 13.17 3.39
CA ARG E 274 33.32 14.63 3.27
C ARG E 274 32.13 15.18 2.45
N ASN E 275 31.93 14.66 1.25
CA ASN E 275 30.84 15.14 0.40
C ASN E 275 29.51 15.05 1.13
N ALA E 276 29.26 13.89 1.72
CA ALA E 276 28.02 13.64 2.42
C ALA E 276 27.68 14.72 3.47
N ALA E 277 28.72 15.24 4.12
CA ALA E 277 28.60 16.27 5.17
C ALA E 277 28.18 17.60 4.55
N ILE E 278 28.80 17.91 3.41
CA ILE E 278 28.53 19.11 2.63
C ILE E 278 27.11 19.05 2.07
N ALA E 279 26.82 17.93 1.42
CA ALA E 279 25.59 17.70 0.66
C ALA E 279 24.36 17.70 1.55
N ASN E 280 24.43 16.97 2.67
CA ASN E 280 23.28 16.91 3.56
C ASN E 280 23.26 17.93 4.66
N SER E 281 24.34 18.70 4.79
CA SER E 281 24.48 19.76 5.79
C SER E 281 24.35 19.25 7.22
N TYR E 282 25.23 18.30 7.55
CA TYR E 282 25.37 17.76 8.88
C TYR E 282 26.82 17.31 9.09
N PHE E 283 27.11 16.80 10.28
CA PHE E 283 28.46 16.33 10.65
C PHE E 283 28.67 14.89 10.30
N THR E 284 29.91 14.57 9.97
CA THR E 284 30.29 13.26 9.50
C THR E 284 31.52 12.75 10.25
N VAL E 285 31.44 11.54 10.80
CA VAL E 285 32.55 10.97 11.57
C VAL E 285 33.00 9.61 11.00
N PRO E 286 33.82 9.62 9.94
CA PRO E 286 34.34 8.37 9.40
C PRO E 286 35.43 7.78 10.28
N ILE E 287 35.23 6.54 10.73
CA ILE E 287 36.20 5.83 11.58
C ILE E 287 36.67 4.55 10.86
N ASN E 288 37.96 4.27 10.89
CA ASN E 288 38.52 3.09 10.24
C ASN E 288 39.51 2.30 11.08
N ARG E 289 39.41 0.98 11.00
CA ARG E 289 40.32 0.04 11.62
C ARG E 289 41.78 0.32 11.26
N VAL E 290 42.71 -0.21 12.07
CA VAL E 290 44.14 0.03 11.88
C VAL E 290 44.96 -1.27 11.98
N GLY E 291 46.15 -1.25 11.38
CA GLY E 291 47.06 -2.39 11.41
C GLY E 291 46.72 -3.42 10.35
N THR E 292 47.52 -4.47 10.29
CA THR E 292 47.27 -5.60 9.38
C THR E 292 47.12 -6.89 10.18
N GLU E 293 46.19 -7.75 9.76
CA GLU E 293 45.83 -8.96 10.52
C GLU E 293 46.06 -10.23 9.71
N GLN E 294 46.53 -11.28 10.38
CA GLN E 294 46.80 -12.52 9.66
C GLN E 294 46.14 -13.76 10.25
N PHE E 295 45.67 -14.61 9.34
CA PHE E 295 44.68 -15.64 9.64
C PHE E 295 45.27 -17.05 9.55
N PRO E 296 44.65 -18.03 10.24
CA PRO E 296 45.17 -19.40 10.34
C PRO E 296 45.51 -20.03 9.01
N ASN E 297 44.54 -20.18 8.13
CA ASN E 297 44.82 -20.78 6.80
C ASN E 297 44.64 -19.86 5.61
N GLU E 298 45.30 -20.24 4.51
CA GLU E 298 45.41 -19.46 3.27
C GLU E 298 44.08 -19.24 2.57
N TYR E 299 43.95 -18.08 1.94
CA TYR E 299 42.76 -17.72 1.15
C TYR E 299 43.15 -16.93 -0.11
N THR E 300 42.28 -16.92 -1.11
CA THR E 300 42.49 -16.07 -2.30
C THR E 300 41.50 -14.91 -2.32
N SER E 301 41.91 -13.83 -2.99
CA SER E 301 41.18 -12.57 -2.93
C SER E 301 40.38 -12.20 -4.18
N GLY E 302 40.20 -13.16 -5.10
CA GLY E 302 39.39 -12.92 -6.28
C GLY E 302 40.13 -12.21 -7.40
N ASP E 303 41.39 -11.85 -7.13
CA ASP E 303 42.33 -11.42 -8.16
C ASP E 303 43.00 -12.66 -8.76
N GLY E 304 43.94 -12.44 -9.66
CA GLY E 304 44.70 -13.55 -10.22
C GLY E 304 45.67 -14.18 -9.23
N ASN E 305 46.01 -13.45 -8.17
CA ASN E 305 47.14 -13.80 -7.30
C ASN E 305 47.04 -15.10 -6.48
N LYS E 306 48.19 -15.54 -5.99
CA LYS E 306 48.31 -16.75 -5.17
C LYS E 306 47.69 -16.54 -3.79
N ALA E 307 47.36 -17.65 -3.12
CA ALA E 307 46.74 -17.61 -1.81
C ALA E 307 47.70 -17.11 -0.74
N HIS E 308 47.17 -16.39 0.24
CA HIS E 308 47.97 -15.79 1.31
C HIS E 308 47.22 -15.86 2.65
N LYS E 309 47.91 -15.49 3.74
CA LYS E 309 47.33 -15.52 5.09
C LYS E 309 47.08 -14.11 5.63
N GLU E 310 47.88 -13.14 5.19
CA GLU E 310 47.82 -11.78 5.71
C GLU E 310 46.70 -10.97 5.06
N PHE E 311 46.09 -10.11 5.85
CA PHE E 311 45.01 -9.23 5.38
C PHE E 311 45.32 -7.80 5.83
N GLY E 312 45.39 -6.88 4.87
CA GLY E 312 45.69 -5.48 5.19
C GLY E 312 46.58 -4.76 4.18
N PRO E 313 47.13 -3.59 4.59
CA PRO E 313 46.93 -2.97 5.91
C PRO E 313 45.72 -2.04 5.97
N PHE E 314 44.95 -2.11 7.06
CA PHE E 314 43.89 -1.12 7.32
C PHE E 314 44.55 0.20 7.66
N TYR E 315 44.11 1.25 7.00
CA TYR E 315 44.88 2.48 6.96
C TYR E 315 44.37 3.59 7.89
N GLY E 316 43.60 3.22 8.91
CA GLY E 316 43.11 4.18 9.90
C GLY E 316 42.64 5.48 9.28
N SER E 317 43.21 6.59 9.74
CA SER E 317 42.98 7.92 9.17
C SER E 317 41.57 8.47 9.42
N SER E 318 41.08 8.27 10.63
CA SER E 318 39.78 8.78 11.05
C SER E 318 39.81 10.30 11.09
N TYR E 319 38.66 10.92 10.81
CA TYR E 319 38.52 12.38 10.85
C TYR E 319 37.07 12.78 11.02
N VAL E 320 36.80 14.08 11.14
CA VAL E 320 35.41 14.58 11.17
C VAL E 320 35.19 15.63 10.10
N ALA E 321 34.09 15.51 9.39
CA ALA E 321 33.73 16.51 8.38
C ALA E 321 32.54 17.35 8.83
N ALA E 322 32.62 18.64 8.54
CA ALA E 322 31.63 19.60 8.97
C ALA E 322 30.67 19.97 7.84
N PRO E 323 29.45 20.41 8.19
CA PRO E 323 28.40 20.77 7.21
C PRO E 323 28.76 21.95 6.29
N ASP E 324 29.71 22.79 6.72
CA ASP E 324 30.11 23.98 5.96
C ASP E 324 31.27 23.70 5.00
N GLY E 325 31.74 22.45 5.00
CA GLY E 325 32.81 22.00 4.11
C GLY E 325 34.17 21.85 4.77
N SER E 326 34.32 22.29 6.02
CA SER E 326 35.59 22.15 6.71
C SER E 326 35.74 20.77 7.32
N ARG E 327 36.96 20.39 7.65
CA ARG E 327 37.24 19.06 8.18
C ARG E 327 38.47 18.98 9.05
N THR E 328 38.40 18.09 10.03
CA THR E 328 39.53 17.75 10.88
C THR E 328 40.62 17.04 10.09
N PRO E 329 41.90 17.31 10.42
CA PRO E 329 42.97 16.41 10.01
C PRO E 329 42.69 14.96 10.39
N SER E 330 43.34 14.02 9.71
CA SER E 330 43.16 12.62 10.08
C SER E 330 44.08 12.17 11.21
N LEU E 331 43.71 11.05 11.84
CA LEU E 331 44.59 10.39 12.79
C LEU E 331 45.63 9.61 11.99
N SER E 332 46.46 8.82 12.69
CA SER E 332 47.54 8.08 12.05
C SER E 332 47.04 6.97 11.13
N ARG E 333 47.90 6.55 10.22
CA ARG E 333 47.59 5.49 9.25
C ARG E 333 47.80 4.10 9.84
N ASP E 334 48.58 4.01 10.91
CA ASP E 334 48.92 2.70 11.47
C ASP E 334 49.11 2.64 12.99
N LYS E 335 48.65 3.68 13.70
CA LYS E 335 48.71 3.69 15.16
C LYS E 335 47.31 3.86 15.75
N ASP E 336 47.03 3.13 16.83
CA ASP E 336 45.80 3.32 17.63
C ASP E 336 45.57 4.80 17.90
N GLY E 337 44.31 5.22 17.93
CA GLY E 337 44.05 6.63 18.15
C GLY E 337 42.68 6.97 18.66
N LEU E 338 42.61 8.04 19.45
CA LEU E 338 41.33 8.61 19.88
C LEU E 338 41.22 10.03 19.36
N LEU E 339 40.21 10.28 18.56
CA LEU E 339 40.01 11.61 18.03
C LEU E 339 38.90 12.30 18.82
N VAL E 340 39.23 13.41 19.48
CA VAL E 340 38.25 14.17 20.25
C VAL E 340 37.99 15.48 19.53
N VAL E 341 36.76 15.67 19.07
CA VAL E 341 36.37 16.92 18.44
C VAL E 341 35.10 17.49 19.05
N GLU E 342 35.13 18.79 19.32
CA GLU E 342 34.01 19.50 19.90
C GLU E 342 33.38 20.35 18.82
N LEU E 343 32.04 20.34 18.78
CA LEU E 343 31.33 21.04 17.73
C LEU E 343 30.09 21.72 18.27
N ASP E 344 29.66 22.79 17.59
CA ASP E 344 28.34 23.36 17.87
C ASP E 344 27.36 22.81 16.85
N LEU E 345 26.37 22.06 17.32
CA LEU E 345 25.34 21.47 16.46
C LEU E 345 24.48 22.49 15.68
N ASN E 346 24.56 23.76 16.06
CA ASN E 346 23.79 24.80 15.40
C ASN E 346 24.28 25.10 14.01
N LEU E 347 25.54 24.77 13.76
CA LEU E 347 26.15 25.00 12.45
C LEU E 347 25.35 24.31 11.34
N CYS E 348 24.68 23.21 11.70
CA CYS E 348 23.83 22.49 10.77
C CYS E 348 22.74 23.37 10.16
N ARG E 349 21.77 23.78 10.96
CA ARG E 349 20.71 24.66 10.45
C ARG E 349 21.24 25.94 9.81
N GLN E 350 22.29 26.51 10.40
CA GLN E 350 22.88 27.72 9.87
C GLN E 350 23.32 27.55 8.41
N VAL E 351 24.04 26.47 8.12
CA VAL E 351 24.49 26.15 6.76
C VAL E 351 23.27 25.91 5.86
N LYS E 352 22.31 25.12 6.37
CA LYS E 352 21.08 24.78 5.63
C LYS E 352 20.38 26.04 5.17
N ASP E 353 20.41 27.07 6.02
CA ASP E 353 19.73 28.32 5.72
C ASP E 353 20.51 29.22 4.77
N PHE E 354 21.84 29.13 4.80
CA PHE E 354 22.65 29.96 3.91
C PHE E 354 22.80 29.35 2.50
N TRP E 355 23.14 28.06 2.45
CA TRP E 355 23.31 27.37 1.17
C TRP E 355 22.00 26.91 0.57
N GLY E 356 21.03 26.62 1.43
CA GLY E 356 19.70 26.20 1.00
C GLY E 356 19.64 24.91 0.20
N PHE E 357 20.52 23.94 0.50
CA PHE E 357 20.51 22.64 -0.20
C PHE E 357 19.20 21.88 -0.06
N ARG E 358 18.61 21.88 1.15
CA ARG E 358 17.39 21.13 1.44
C ARG E 358 16.17 21.80 0.82
N MET E 359 16.25 23.12 0.68
CA MET E 359 15.21 23.94 0.10
C MET E 359 15.07 23.65 -1.40
N THR E 360 16.16 23.19 -2.02
CA THR E 360 16.21 22.98 -3.47
C THR E 360 16.37 21.52 -3.89
N GLN E 361 16.16 20.59 -2.97
CA GLN E 361 16.40 19.16 -3.21
C GLN E 361 15.49 18.57 -4.30
N ARG E 362 14.26 19.07 -4.36
CA ARG E 362 13.21 18.54 -5.26
C ARG E 362 13.02 17.02 -5.10
N VAL E 363 12.85 16.61 -3.84
CA VAL E 363 12.73 15.19 -3.50
C VAL E 363 11.54 14.54 -4.22
N PRO E 364 10.37 15.23 -4.27
CA PRO E 364 9.20 14.67 -5.02
C PRO E 364 9.58 14.14 -6.40
N LEU E 365 10.37 14.93 -7.12
CA LEU E 365 10.80 14.59 -8.46
C LEU E 365 11.71 13.37 -8.50
N TYR E 366 12.64 13.28 -7.54
CA TYR E 366 13.58 12.16 -7.46
C TYR E 366 12.91 10.87 -6.96
N ALA E 367 11.92 11.05 -6.09
CA ALA E 367 11.09 9.96 -5.61
C ALA E 367 10.44 9.28 -6.80
N GLU E 368 9.95 10.11 -7.72
CA GLU E 368 9.26 9.69 -8.92
C GLU E 368 10.20 9.05 -9.92
N SER E 369 11.30 9.74 -10.19
CA SER E 369 12.31 9.28 -11.13
C SER E 369 12.93 7.96 -10.73
N PHE E 370 13.15 7.77 -9.42
CA PHE E 370 13.73 6.54 -8.90
C PHE E 370 12.76 5.35 -8.95
N LYS E 371 11.48 5.64 -8.75
CA LYS E 371 10.42 4.63 -8.87
C LYS E 371 10.39 4.09 -10.29
N LYS E 372 10.41 4.99 -11.27
CA LYS E 372 10.40 4.63 -12.68
C LYS E 372 11.61 3.77 -13.04
N ALA E 373 12.77 4.17 -12.55
CA ALA E 373 14.02 3.49 -12.87
C ALA E 373 14.09 2.09 -12.31
N SER E 374 13.39 1.85 -11.21
CA SER E 374 13.40 0.54 -10.52
C SER E 374 12.45 -0.46 -11.17
N GLU E 375 11.51 0.05 -11.97
CA GLU E 375 10.49 -0.76 -12.61
C GLU E 375 11.05 -1.61 -13.74
N HIS E 376 10.34 -2.68 -14.11
CA HIS E 376 10.82 -3.63 -15.11
C HIS E 376 10.87 -3.03 -16.48
N GLY E 377 9.81 -2.31 -16.85
CA GLY E 377 9.71 -1.74 -18.19
C GLY E 377 10.53 -0.49 -18.42
N PHE E 378 11.53 -0.25 -17.58
CA PHE E 378 12.30 1.00 -17.60
C PHE E 378 13.01 1.24 -18.92
N LYS E 379 12.65 2.36 -19.55
CA LYS E 379 13.39 2.86 -20.71
C LYS E 379 14.10 4.17 -20.37
N PRO E 380 15.43 4.14 -20.26
CA PRO E 380 16.24 5.30 -19.91
C PRO E 380 15.94 6.51 -20.79
N GLN E 381 16.08 7.71 -20.23
CA GLN E 381 15.85 8.95 -20.97
C GLN E 381 17.08 9.28 -21.80
N ILE E 382 17.25 8.52 -22.88
CA ILE E 382 18.37 8.69 -23.80
C ILE E 382 17.88 9.40 -25.06
N ILE E 383 18.58 10.47 -25.44
CA ILE E 383 18.26 11.23 -26.64
C ILE E 383 19.26 10.87 -27.76
N LYS E 384 18.71 10.34 -28.84
CA LYS E 384 19.48 9.89 -29.99
C LYS E 384 19.49 10.96 -31.09
N GLU E 385 20.42 10.87 -32.06
CA GLU E 385 20.35 11.76 -33.22
C GLU E 385 19.30 11.29 -34.22
N THR E 386 18.47 12.24 -34.66
CA THR E 386 17.31 11.96 -35.53
C THR E 386 17.73 11.71 -37.00
N ASN F 8 48.28 26.47 -9.50
CA ASN F 8 48.12 25.00 -9.68
C ASN F 8 48.69 24.11 -8.54
N LEU F 9 47.83 23.75 -7.58
CA LEU F 9 48.21 22.93 -6.40
C LEU F 9 49.16 21.78 -6.73
N ASN F 10 48.94 21.14 -7.87
CA ASN F 10 49.81 20.06 -8.33
C ASN F 10 51.24 20.54 -8.47
N ASP F 11 51.42 21.68 -9.12
CA ASP F 11 52.75 22.26 -9.35
C ASP F 11 53.42 22.64 -8.05
N CYS F 12 52.62 23.10 -7.08
CA CYS F 12 53.10 23.48 -5.75
C CYS F 12 53.58 22.25 -4.93
N LEU F 13 52.87 21.13 -5.08
CA LEU F 13 53.20 19.91 -4.37
C LEU F 13 54.44 19.23 -4.90
N GLU F 14 54.71 19.40 -6.20
CA GLU F 14 55.90 18.85 -6.83
C GLU F 14 57.11 19.78 -6.68
N LYS F 15 56.86 21.00 -6.23
CA LYS F 15 57.90 21.99 -6.04
C LYS F 15 58.40 22.03 -4.59
N HIS F 16 57.89 21.15 -3.74
CA HIS F 16 58.23 21.22 -2.33
C HIS F 16 58.42 19.87 -1.63
N LEU F 17 58.22 18.78 -2.35
CA LEU F 17 58.25 17.44 -1.75
C LEU F 17 59.23 16.48 -2.42
N PRO F 18 60.09 15.81 -1.62
CA PRO F 18 60.88 14.68 -2.09
C PRO F 18 60.06 13.69 -2.93
N PRO F 19 60.64 13.22 -4.04
CA PRO F 19 59.90 12.47 -5.06
C PRO F 19 59.16 11.25 -4.52
N ASP F 20 59.71 10.58 -3.50
CA ASP F 20 59.05 9.37 -3.01
C ASP F 20 57.88 9.67 -2.09
N GLU F 21 57.90 10.83 -1.45
CA GLU F 21 56.78 11.29 -0.62
C GLU F 21 55.69 11.88 -1.50
N LEU F 22 56.13 12.64 -2.50
CA LEU F 22 55.25 13.19 -3.55
C LEU F 22 54.43 12.09 -4.23
N LYS F 23 55.07 10.95 -4.46
CA LYS F 23 54.44 9.78 -5.05
C LYS F 23 53.28 9.28 -4.18
N GLU F 24 53.42 9.43 -2.86
CA GLU F 24 52.40 8.98 -1.91
C GLU F 24 51.29 10.00 -1.67
N VAL F 25 51.66 11.28 -1.62
CA VAL F 25 50.71 12.38 -1.51
C VAL F 25 49.82 12.46 -2.76
N LYS F 26 50.42 12.25 -3.92
CA LYS F 26 49.68 12.15 -5.18
C LYS F 26 48.72 10.97 -5.16
N ARG F 27 49.15 9.88 -4.52
CA ARG F 27 48.34 8.66 -4.46
C ARG F 27 47.07 8.88 -3.68
N ILE F 28 47.15 9.68 -2.62
CA ILE F 28 46.01 9.94 -1.73
C ILE F 28 45.12 11.04 -2.29
N LEU F 29 45.72 12.09 -2.83
CA LEU F 29 44.96 13.26 -3.30
C LEU F 29 44.32 13.05 -4.67
N TYR F 30 45.15 12.67 -5.65
CA TYR F 30 44.68 12.27 -6.97
C TYR F 30 44.50 10.76 -6.96
N GLY F 31 44.29 10.15 -8.12
CA GLY F 31 44.02 8.73 -8.12
C GLY F 31 45.24 7.84 -8.26
N VAL F 32 46.33 8.39 -8.77
CA VAL F 32 47.53 7.61 -9.12
C VAL F 32 48.79 8.12 -8.43
N GLU F 33 49.93 7.48 -8.72
CA GLU F 33 51.23 7.80 -8.08
C GLU F 33 52.04 8.89 -8.80
N GLU F 34 51.98 8.92 -10.13
CA GLU F 34 52.40 10.09 -10.91
C GLU F 34 51.54 10.24 -12.18
N ASP F 35 51.32 11.49 -12.60
CA ASP F 35 50.36 11.82 -13.67
C ASP F 35 50.57 10.96 -14.90
N GLN F 36 49.47 10.47 -15.47
CA GLN F 36 49.52 9.87 -16.79
C GLN F 36 49.35 10.98 -17.83
N THR F 37 50.47 11.63 -18.17
CA THR F 37 50.47 12.73 -19.12
C THR F 37 50.07 12.24 -20.50
N LEU F 38 49.53 13.13 -21.32
CA LEU F 38 49.29 12.84 -22.72
C LEU F 38 50.11 13.80 -23.54
N GLU F 39 50.82 13.27 -24.53
CA GLU F 39 51.59 14.10 -25.46
C GLU F 39 50.67 14.72 -26.50
N LEU F 40 50.69 16.05 -26.59
CA LEU F 40 49.76 16.78 -27.45
C LEU F 40 50.46 17.18 -28.75
N PRO F 41 49.71 17.12 -29.88
CA PRO F 41 50.16 17.61 -31.18
C PRO F 41 50.91 18.93 -31.08
N THR F 42 52.01 19.02 -31.82
CA THR F 42 52.88 20.18 -31.79
C THR F 42 52.15 21.48 -32.17
N SER F 43 51.30 21.39 -33.19
CA SER F 43 50.54 22.51 -33.73
C SER F 43 49.49 23.08 -32.78
N ALA F 44 48.95 22.22 -31.91
CA ALA F 44 47.94 22.59 -30.91
C ALA F 44 48.54 23.46 -29.81
N LYS F 45 49.62 22.95 -29.19
CA LYS F 45 50.35 23.70 -28.16
C LYS F 45 50.75 25.07 -28.66
N ASP F 46 50.97 25.17 -29.96
CA ASP F 46 51.36 26.43 -30.57
C ASP F 46 50.24 27.46 -30.52
N ILE F 47 49.04 27.07 -30.94
CA ILE F 47 47.89 27.97 -30.91
C ILE F 47 47.65 28.45 -29.47
N ALA F 48 47.77 27.54 -28.50
CA ALA F 48 47.61 27.86 -27.08
C ALA F 48 48.70 28.81 -26.55
N GLU F 49 49.95 28.54 -26.91
CA GLU F 49 51.09 29.43 -26.57
C GLU F 49 50.85 30.86 -27.02
N GLN F 50 50.59 31.02 -28.32
CA GLN F 50 50.43 32.33 -28.94
C GLN F 50 49.20 33.10 -28.44
N ASN F 51 48.06 32.44 -28.29
CA ASN F 51 46.88 33.09 -27.72
C ASN F 51 46.87 33.21 -26.19
N GLY F 52 47.92 32.71 -25.56
CA GLY F 52 48.14 32.88 -24.12
C GLY F 52 47.21 32.09 -23.22
N PHE F 53 46.87 30.87 -23.62
CA PHE F 53 46.06 30.00 -22.77
C PHE F 53 46.72 28.63 -22.55
N ASP F 54 46.50 28.06 -21.37
CA ASP F 54 47.03 26.74 -21.00
C ASP F 54 46.44 25.61 -21.82
N ILE F 55 47.30 24.66 -22.18
CA ILE F 55 46.84 23.40 -22.74
C ILE F 55 47.55 22.24 -22.05
N LYS F 56 46.79 21.41 -21.36
CA LYS F 56 47.33 20.23 -20.68
C LYS F 56 46.61 18.94 -21.08
N GLY F 57 47.41 17.89 -21.27
CA GLY F 57 46.91 16.61 -21.74
C GLY F 57 47.17 15.46 -20.79
N TYR F 58 46.12 14.67 -20.52
CA TYR F 58 46.23 13.49 -19.66
C TYR F 58 45.46 12.32 -20.23
N ARG F 59 45.73 11.13 -19.69
CA ARG F 59 45.22 9.88 -20.23
C ARG F 59 44.67 8.97 -19.12
N PHE F 60 43.44 8.50 -19.33
CA PHE F 60 42.88 7.43 -18.51
C PHE F 60 42.78 6.19 -19.37
N THR F 61 42.94 5.03 -18.75
CA THR F 61 43.10 3.76 -19.43
C THR F 61 42.09 2.76 -18.86
N ALA F 62 41.74 1.75 -19.63
CA ALA F 62 40.96 0.61 -19.10
C ALA F 62 41.69 -0.70 -19.35
N ARG F 63 41.17 -1.79 -18.76
CA ARG F 63 41.68 -3.14 -19.01
C ARG F 63 41.18 -3.63 -20.38
N GLU F 64 42.00 -4.44 -21.03
CA GLU F 64 41.71 -5.05 -22.32
C GLU F 64 40.58 -6.06 -22.19
N GLU F 65 39.54 -5.92 -23.01
CA GLU F 65 38.39 -6.81 -22.95
C GLU F 65 38.39 -7.80 -24.11
N GLN F 66 37.84 -9.00 -23.88
CA GLN F 66 37.73 -10.04 -24.89
C GLN F 66 36.66 -9.79 -25.95
N THR F 67 35.48 -9.37 -25.50
CA THR F 67 34.32 -9.24 -26.39
C THR F 67 34.02 -7.82 -26.82
N ARG F 68 34.89 -6.89 -26.46
CA ARG F 68 34.66 -5.47 -26.74
C ARG F 68 35.99 -4.77 -27.04
N LYS F 69 36.04 -4.06 -28.17
CA LYS F 69 37.23 -3.28 -28.54
C LYS F 69 37.32 -2.03 -27.68
N ARG F 70 38.54 -1.57 -27.43
CA ARG F 70 38.78 -0.37 -26.60
C ARG F 70 38.03 0.81 -27.16
N ARG F 71 37.24 1.48 -26.31
CA ARG F 71 36.48 2.63 -26.76
C ARG F 71 37.15 3.94 -26.32
N ILE F 72 38.23 4.30 -27.01
CA ILE F 72 39.01 5.47 -26.65
C ILE F 72 38.39 6.74 -27.21
N VAL F 73 38.21 7.74 -26.34
CA VAL F 73 37.58 9.01 -26.71
C VAL F 73 38.33 10.18 -26.02
N ARG F 74 38.35 11.33 -26.69
CA ARG F 74 39.10 12.48 -26.21
C ARG F 74 38.17 13.64 -25.92
N VAL F 75 38.27 14.21 -24.72
CA VAL F 75 37.45 15.38 -24.35
C VAL F 75 38.27 16.64 -24.12
N GLY F 76 37.70 17.79 -24.51
CA GLY F 76 38.34 19.07 -24.30
C GLY F 76 37.45 19.98 -23.48
N ALA F 77 37.87 20.26 -22.26
CA ALA F 77 37.17 21.21 -21.39
C ALA F 77 37.82 22.58 -21.49
N ILE F 78 37.00 23.59 -21.72
CA ILE F 78 37.51 24.93 -21.98
C ILE F 78 37.07 25.92 -20.93
N GLN F 79 38.02 26.41 -20.15
CA GLN F 79 37.77 27.50 -19.20
C GLN F 79 38.35 28.82 -19.69
N ASN F 80 37.58 29.89 -19.55
CA ASN F 80 38.02 31.21 -19.96
C ASN F 80 37.43 32.32 -19.09
N SER F 81 37.86 33.55 -19.34
CA SER F 81 37.21 34.72 -18.75
C SER F 81 36.49 35.55 -19.81
N ILE F 82 35.51 36.32 -19.38
CA ILE F 82 35.07 37.50 -20.14
C ILE F 82 36.24 38.41 -20.46
N VAL F 83 36.09 39.21 -21.52
CA VAL F 83 37.23 39.64 -22.32
C VAL F 83 37.16 41.13 -22.61
N ILE F 84 35.95 41.68 -22.63
CA ILE F 84 35.76 43.12 -22.75
C ILE F 84 34.79 43.63 -21.68
N PRO F 85 34.99 44.88 -21.28
CA PRO F 85 34.25 45.44 -20.14
C PRO F 85 32.73 45.25 -20.23
N THR F 86 32.13 44.92 -19.09
CA THR F 86 30.69 44.70 -18.93
C THR F 86 29.81 45.85 -19.44
N THR F 87 30.39 47.04 -19.52
CA THR F 87 29.72 48.23 -20.01
C THR F 87 30.08 48.43 -21.48
N ALA F 88 29.47 47.61 -22.34
CA ALA F 88 29.72 47.63 -23.79
C ALA F 88 28.56 46.90 -24.44
N PRO F 89 28.18 47.28 -25.68
CA PRO F 89 27.07 46.57 -26.32
C PRO F 89 27.16 45.07 -26.06
N ILE F 90 26.09 44.50 -25.49
CA ILE F 90 26.06 43.07 -25.15
C ILE F 90 26.45 42.19 -26.33
N GLU F 91 26.17 42.64 -27.55
CA GLU F 91 26.49 41.87 -28.74
C GLU F 91 27.98 41.87 -28.99
N LYS F 92 28.65 42.99 -28.72
CA LYS F 92 30.09 43.07 -28.82
C LYS F 92 30.76 42.19 -27.76
N GLN F 93 30.16 42.13 -26.57
CA GLN F 93 30.64 41.28 -25.46
C GLN F 93 30.62 39.81 -25.84
N ARG F 94 29.47 39.34 -26.33
CA ARG F 94 29.30 37.95 -26.72
C ARG F 94 30.26 37.62 -27.85
N GLU F 95 30.41 38.56 -28.79
CA GLU F 95 31.29 38.38 -29.93
C GLU F 95 32.77 38.23 -29.59
N ALA F 96 33.23 38.95 -28.57
CA ALA F 96 34.62 38.89 -28.13
C ALA F 96 34.93 37.51 -27.56
N ILE F 97 34.02 37.01 -26.73
CA ILE F 97 34.15 35.70 -26.11
C ILE F 97 34.05 34.61 -27.18
N TRP F 98 33.12 34.79 -28.11
CA TRP F 98 33.02 33.94 -29.30
C TRP F 98 34.37 33.75 -29.97
N ASN F 99 35.05 34.86 -30.25
CA ASN F 99 36.27 34.83 -31.03
C ASN F 99 37.46 34.28 -30.26
N LYS F 100 37.45 34.48 -28.95
CA LYS F 100 38.48 33.88 -28.10
C LYS F 100 38.31 32.38 -28.08
N VAL F 101 37.09 31.92 -27.80
CA VAL F 101 36.80 30.49 -27.64
C VAL F 101 36.94 29.80 -28.99
N LYS F 102 36.55 30.49 -30.06
CA LYS F 102 36.66 29.92 -31.40
C LYS F 102 38.07 29.37 -31.65
N THR F 103 39.09 30.10 -31.19
CA THR F 103 40.46 29.65 -31.44
C THR F 103 40.85 28.57 -30.45
N MET F 104 40.18 28.57 -29.30
CA MET F 104 40.41 27.51 -28.29
C MET F 104 39.81 26.18 -28.76
N ILE F 105 38.64 26.26 -29.39
CA ILE F 105 37.98 25.11 -29.98
C ILE F 105 38.86 24.55 -31.09
N LYS F 106 39.59 25.44 -31.77
CA LYS F 106 40.48 25.04 -32.84
C LYS F 106 41.67 24.23 -32.31
N ALA F 107 42.24 24.67 -31.18
CA ALA F 107 43.37 23.99 -30.56
C ALA F 107 42.95 22.62 -30.07
N ALA F 108 41.74 22.57 -29.50
CA ALA F 108 41.14 21.32 -29.07
C ALA F 108 40.99 20.38 -30.25
N ALA F 109 40.64 20.93 -31.42
CA ALA F 109 40.45 20.16 -32.64
C ALA F 109 41.74 19.55 -33.11
N GLU F 110 42.80 20.34 -33.09
CA GLU F 110 44.12 19.86 -33.52
C GLU F 110 44.75 18.92 -32.49
N ALA F 111 44.36 19.06 -31.23
CA ALA F 111 44.75 18.12 -30.19
C ALA F 111 43.94 16.83 -30.32
N GLY F 112 43.06 16.79 -31.30
CA GLY F 112 42.30 15.58 -31.64
C GLY F 112 41.16 15.25 -30.70
N CYS F 113 40.52 16.28 -30.15
CA CYS F 113 39.35 16.12 -29.30
C CYS F 113 38.15 15.62 -30.08
N ASN F 114 37.25 14.92 -29.40
CA ASN F 114 36.03 14.40 -30.01
C ASN F 114 34.79 15.07 -29.41
N ILE F 115 34.92 15.48 -28.14
CA ILE F 115 33.88 16.20 -27.44
C ILE F 115 34.51 17.42 -26.80
N VAL F 116 33.98 18.59 -27.10
CA VAL F 116 34.41 19.82 -26.42
C VAL F 116 33.24 20.46 -25.67
N CYS F 117 33.57 21.07 -24.53
CA CYS F 117 32.57 21.59 -23.63
C CYS F 117 32.98 22.90 -23.00
N THR F 118 32.00 23.78 -22.81
CA THR F 118 32.24 25.11 -22.27
C THR F 118 31.86 25.16 -20.80
N GLN F 119 32.16 26.29 -20.15
CA GLN F 119 31.72 26.56 -18.79
C GLN F 119 30.27 27.02 -18.80
N GLU F 120 29.77 27.48 -17.66
CA GLU F 120 28.38 27.88 -17.55
C GLU F 120 28.15 29.34 -17.95
N ALA F 121 27.08 29.56 -18.72
CA ALA F 121 26.73 30.85 -19.34
C ALA F 121 27.98 31.48 -19.96
N TRP F 122 28.71 30.67 -20.73
CA TRP F 122 30.03 30.99 -21.29
C TRP F 122 30.03 32.25 -22.16
N THR F 123 28.83 32.66 -22.53
CA THR F 123 28.60 33.60 -23.58
C THR F 123 28.48 35.03 -23.03
N MET F 124 28.59 35.19 -21.71
CA MET F 124 28.22 36.44 -21.05
C MET F 124 28.93 36.61 -19.70
N PRO F 125 29.11 37.87 -19.25
CA PRO F 125 29.62 38.05 -17.90
C PRO F 125 28.56 37.54 -16.93
N PHE F 126 28.98 36.87 -15.86
CA PHE F 126 28.02 36.27 -14.92
C PHE F 126 27.26 37.33 -14.12
N ALA F 127 26.29 37.94 -14.79
CA ALA F 127 25.68 39.21 -14.39
C ALA F 127 24.58 39.07 -13.37
N PHE F 128 24.38 37.85 -12.89
CA PHE F 128 23.26 37.55 -12.02
C PHE F 128 23.38 38.18 -10.62
N CYS F 129 24.60 38.57 -10.26
CA CYS F 129 24.88 39.16 -8.96
C CYS F 129 24.24 40.53 -8.75
N THR F 130 24.05 41.27 -9.85
CA THR F 130 23.45 42.60 -9.79
C THR F 130 21.93 42.55 -9.61
N ARG F 131 21.32 41.46 -10.06
CA ARG F 131 19.85 41.31 -10.06
C ARG F 131 19.14 42.35 -10.93
N GLU F 132 19.86 42.85 -11.93
CA GLU F 132 19.27 43.75 -12.92
C GLU F 132 18.82 42.95 -14.13
N LYS F 133 17.67 43.31 -14.67
CA LYS F 133 17.14 42.62 -15.84
C LYS F 133 17.65 43.25 -17.13
N PHE F 134 18.10 44.50 -17.04
CA PHE F 134 18.49 45.25 -18.23
C PHE F 134 19.92 45.76 -18.10
N PRO F 135 20.76 45.50 -19.14
CA PRO F 135 20.44 44.86 -20.40
C PRO F 135 20.72 43.35 -20.42
N TRP F 136 20.85 42.75 -19.25
CA TRP F 136 21.42 41.40 -19.12
C TRP F 136 20.56 40.29 -19.74
N CYS F 137 19.25 40.52 -19.80
CA CYS F 137 18.30 39.54 -20.34
C CYS F 137 18.42 39.40 -21.85
N GLU F 138 18.96 40.41 -22.50
CA GLU F 138 19.08 40.35 -23.93
C GLU F 138 20.20 39.41 -24.36
N PHE F 139 20.98 38.94 -23.40
CA PHE F 139 21.96 37.89 -23.63
C PHE F 139 21.31 36.55 -23.93
N ALA F 140 20.08 36.39 -23.46
CA ALA F 140 19.32 35.15 -23.65
C ALA F 140 18.89 34.98 -25.10
N GLU F 141 19.21 33.83 -25.66
CA GLU F 141 18.92 33.51 -27.06
C GLU F 141 18.14 32.20 -27.16
N GLU F 142 17.71 31.83 -28.36
CA GLU F 142 17.05 30.54 -28.56
C GLU F 142 18.05 29.39 -28.47
N ALA F 143 17.57 28.25 -27.99
CA ALA F 143 18.39 27.06 -27.87
C ALA F 143 18.83 26.49 -29.22
N GLU F 144 17.87 26.39 -30.15
CA GLU F 144 18.12 25.73 -31.42
C GLU F 144 18.55 26.69 -32.52
N ASN F 145 17.89 27.85 -32.57
CA ASN F 145 18.13 28.83 -33.62
C ASN F 145 18.96 30.02 -33.18
N GLY F 146 19.31 30.07 -31.89
CA GLY F 146 20.14 31.15 -31.36
C GLY F 146 21.49 31.27 -32.05
N PRO F 147 21.99 32.49 -32.18
CA PRO F 147 23.24 32.81 -32.87
C PRO F 147 24.41 31.93 -32.44
N THR F 148 24.57 31.74 -31.13
CA THR F 148 25.66 30.96 -30.56
C THR F 148 25.62 29.49 -31.03
N THR F 149 24.45 28.88 -30.94
CA THR F 149 24.24 27.51 -31.39
C THR F 149 24.55 27.39 -32.88
N LYS F 150 23.92 28.26 -33.69
CA LYS F 150 24.11 28.29 -35.14
C LYS F 150 25.60 28.36 -35.45
N MET F 151 26.30 29.33 -34.86
CA MET F 151 27.71 29.53 -35.12
C MET F 151 28.55 28.30 -34.69
N LEU F 152 28.35 27.85 -33.45
CA LEU F 152 29.05 26.70 -32.90
C LEU F 152 28.79 25.43 -33.71
N ALA F 153 27.57 25.30 -34.24
CA ALA F 153 27.17 24.14 -35.03
C ALA F 153 28.06 23.95 -36.26
N GLU F 154 28.58 25.06 -36.79
CA GLU F 154 29.48 25.07 -37.94
C GLU F 154 30.81 24.43 -37.59
N LEU F 155 31.42 24.88 -36.50
CA LEU F 155 32.69 24.33 -36.01
C LEU F 155 32.54 22.86 -35.68
N ALA F 156 31.34 22.44 -35.29
CA ALA F 156 31.08 21.04 -34.97
C ALA F 156 31.13 20.18 -36.22
N LYS F 157 30.48 20.66 -37.28
CA LYS F 157 30.46 19.98 -38.58
C LYS F 157 31.88 19.92 -39.15
N ALA F 158 32.58 21.06 -39.11
CA ALA F 158 33.89 21.23 -39.70
C ALA F 158 35.01 20.46 -39.00
N TYR F 159 34.98 20.41 -37.67
CA TYR F 159 35.99 19.67 -36.91
C TYR F 159 35.53 18.25 -36.56
N ASN F 160 34.32 17.88 -36.98
CA ASN F 160 33.74 16.58 -36.64
C ASN F 160 33.83 16.23 -35.15
N MET F 161 33.23 17.09 -34.32
CA MET F 161 33.25 16.92 -32.87
C MET F 161 31.94 17.40 -32.25
N VAL F 162 31.49 16.67 -31.22
CA VAL F 162 30.32 17.05 -30.42
C VAL F 162 30.69 18.27 -29.61
N ILE F 163 29.88 19.31 -29.71
CA ILE F 163 30.08 20.50 -28.92
C ILE F 163 28.94 20.68 -27.91
N ILE F 164 29.28 20.75 -26.63
CA ILE F 164 28.33 21.03 -25.56
C ILE F 164 28.63 22.40 -25.02
N HIS F 165 27.61 23.26 -24.94
CA HIS F 165 27.80 24.60 -24.40
C HIS F 165 26.62 25.07 -23.57
N SER F 166 26.85 26.06 -22.72
CA SER F 166 25.85 26.52 -21.79
C SER F 166 25.53 27.99 -21.98
N ILE F 167 24.25 28.31 -22.22
CA ILE F 167 23.80 29.69 -22.47
C ILE F 167 22.53 30.05 -21.71
N LEU F 168 22.21 31.34 -21.64
CA LEU F 168 20.87 31.75 -21.21
C LEU F 168 19.90 31.51 -22.35
N GLU F 169 18.82 30.80 -22.05
CA GLU F 169 17.85 30.47 -23.07
C GLU F 169 16.56 31.25 -22.89
N ARG F 170 16.11 31.87 -23.98
CA ARG F 170 14.75 32.38 -24.07
C ARG F 170 13.91 31.38 -24.84
N ASP F 171 12.88 30.90 -24.18
CA ASP F 171 11.92 29.98 -24.78
C ASP F 171 10.79 30.85 -25.33
N MET F 172 10.66 30.86 -26.66
CA MET F 172 9.71 31.72 -27.36
C MET F 172 8.28 31.23 -27.16
N GLU F 173 8.08 29.94 -27.46
CA GLU F 173 6.78 29.27 -27.41
C GLU F 173 6.10 29.33 -26.04
N HIS F 174 6.89 29.16 -24.98
CA HIS F 174 6.37 29.17 -23.62
C HIS F 174 6.59 30.52 -22.94
N GLY F 175 5.94 31.55 -23.46
CA GLY F 175 5.91 32.87 -22.81
C GLY F 175 7.21 33.65 -22.67
N GLU F 176 8.12 33.46 -23.64
CA GLU F 176 9.40 34.18 -23.68
C GLU F 176 10.20 34.08 -22.39
N THR F 177 10.09 32.95 -21.71
CA THR F 177 10.74 32.81 -20.43
C THR F 177 12.20 32.45 -20.60
N ILE F 178 12.99 32.81 -19.59
CA ILE F 178 14.43 32.60 -19.57
C ILE F 178 14.74 31.30 -18.79
N TRP F 179 15.72 30.54 -19.28
CA TRP F 179 16.16 29.31 -18.60
C TRP F 179 17.67 29.20 -18.69
N ASN F 180 18.24 28.38 -17.83
CA ASN F 180 19.67 28.11 -17.89
C ASN F 180 19.86 26.75 -18.53
N THR F 181 20.44 26.75 -19.73
CA THR F 181 20.40 25.57 -20.60
C THR F 181 21.74 25.13 -21.15
N ALA F 182 21.99 23.83 -21.12
CA ALA F 182 23.10 23.22 -21.86
C ALA F 182 22.55 22.69 -23.16
N VAL F 183 23.27 22.94 -24.25
CA VAL F 183 22.84 22.50 -25.57
C VAL F 183 23.91 21.55 -26.16
N VAL F 184 23.48 20.39 -26.63
CA VAL F 184 24.40 19.43 -27.20
C VAL F 184 24.27 19.47 -28.71
N ILE F 185 25.37 19.78 -29.36
CA ILE F 185 25.44 19.81 -30.82
C ILE F 185 26.25 18.61 -31.27
N SER F 186 25.67 17.80 -32.17
CA SER F 186 26.35 16.61 -32.67
C SER F 186 27.52 16.91 -33.60
N ASN F 187 28.37 15.91 -33.81
CA ASN F 187 29.51 16.01 -34.74
C ASN F 187 29.08 16.05 -36.22
N SER F 188 27.80 15.81 -36.47
CA SER F 188 27.22 15.97 -37.79
C SER F 188 26.91 17.43 -38.07
N GLY F 189 26.84 18.23 -37.01
CA GLY F 189 26.50 19.65 -37.11
C GLY F 189 25.09 19.91 -36.62
N ARG F 190 24.28 18.85 -36.53
CA ARG F 190 22.86 18.95 -36.22
C ARG F 190 22.61 19.06 -34.72
N TYR F 191 21.65 19.88 -34.33
CA TYR F 191 21.23 20.10 -32.93
C TYR F 191 20.62 18.83 -32.34
N LEU F 192 21.26 18.26 -31.32
CA LEU F 192 20.78 17.04 -30.71
C LEU F 192 19.66 17.27 -29.71
N GLY F 193 19.79 18.33 -28.91
CA GLY F 193 18.84 18.61 -27.84
C GLY F 193 19.42 19.54 -26.78
N LYS F 194 18.62 19.79 -25.75
CA LYS F 194 19.01 20.68 -24.67
C LYS F 194 18.64 20.07 -23.32
N HIS F 195 19.21 20.62 -22.26
CA HIS F 195 18.85 20.23 -20.90
C HIS F 195 18.94 21.45 -19.98
N ARG F 196 17.89 21.65 -19.20
CA ARG F 196 17.77 22.82 -18.37
C ARG F 196 18.20 22.50 -16.93
N LYS F 197 18.95 23.44 -16.34
CA LYS F 197 19.48 23.33 -14.97
C LYS F 197 18.40 22.93 -13.96
N ASN F 198 18.61 21.79 -13.32
CA ASN F 198 17.62 21.22 -12.38
C ASN F 198 17.55 21.95 -11.04
N HIS F 199 18.70 22.38 -10.53
CA HIS F 199 18.77 22.98 -9.21
C HIS F 199 19.23 24.42 -9.24
N ILE F 200 18.39 25.31 -8.75
CA ILE F 200 18.61 26.74 -8.91
C ILE F 200 19.08 27.41 -7.59
N PRO F 201 20.28 28.02 -7.61
CA PRO F 201 20.85 28.61 -6.40
C PRO F 201 20.27 29.98 -6.09
N ARG F 202 20.22 30.31 -4.81
CA ARG F 202 19.82 31.64 -4.37
C ARG F 202 20.76 32.14 -3.25
N VAL F 203 21.84 31.40 -3.04
CA VAL F 203 22.88 31.73 -2.06
C VAL F 203 23.78 32.90 -2.48
N GLY F 204 23.73 33.97 -1.69
CA GLY F 204 24.69 35.07 -1.80
C GLY F 204 24.57 35.92 -3.04
N ASP F 205 25.66 35.99 -3.81
CA ASP F 205 25.72 36.75 -5.06
C ASP F 205 25.04 36.01 -6.21
N PHE F 206 24.81 34.72 -6.01
CA PHE F 206 24.30 33.88 -7.07
C PHE F 206 22.79 33.88 -7.01
N ASN F 207 22.21 34.99 -7.43
CA ASN F 207 20.78 35.17 -7.37
C ASN F 207 20.16 34.69 -8.68
N GLU F 208 20.32 33.40 -8.97
CA GLU F 208 19.87 32.83 -10.24
C GLU F 208 18.37 32.58 -10.25
N SER F 209 17.78 32.43 -9.06
CA SER F 209 16.33 32.20 -8.91
C SER F 209 15.52 33.44 -9.26
N THR F 210 16.21 34.54 -9.44
CA THR F 210 15.59 35.77 -9.87
C THR F 210 15.36 35.78 -11.38
N TYR F 211 16.14 34.97 -12.10
CA TYR F 211 16.15 35.01 -13.55
C TYR F 211 15.45 33.82 -14.23
N TYR F 212 15.42 32.68 -13.54
CA TYR F 212 14.75 31.50 -14.08
C TYR F 212 14.34 30.46 -13.04
N MET F 213 13.35 29.65 -13.39
CA MET F 213 12.83 28.62 -12.51
C MET F 213 13.57 27.29 -12.65
N GLU F 214 13.09 26.28 -11.94
CA GLU F 214 13.70 24.95 -11.97
C GLU F 214 13.46 24.23 -13.29
N GLY F 215 14.51 23.57 -13.78
CA GLY F 215 14.46 22.88 -15.07
C GLY F 215 13.51 21.72 -15.14
N ASN F 216 12.75 21.67 -16.23
CA ASN F 216 11.76 20.63 -16.43
C ASN F 216 12.10 19.68 -17.58
N THR F 217 13.39 19.54 -17.87
CA THR F 217 13.84 18.64 -18.93
C THR F 217 14.17 17.25 -18.37
N GLY F 218 14.03 17.08 -17.06
CA GLY F 218 14.31 15.82 -16.41
C GLY F 218 15.79 15.58 -16.29
N HIS F 219 16.25 14.39 -16.65
CA HIS F 219 17.67 14.04 -16.56
C HIS F 219 18.20 13.34 -17.80
N PRO F 220 18.14 14.03 -18.97
CA PRO F 220 18.43 13.41 -20.26
C PRO F 220 19.88 12.97 -20.44
N VAL F 221 20.07 11.84 -21.11
CA VAL F 221 21.41 11.44 -21.53
C VAL F 221 21.45 11.40 -23.05
N PHE F 222 22.51 11.95 -23.63
CA PHE F 222 22.61 12.07 -25.07
C PHE F 222 23.47 10.96 -25.61
N GLU F 223 22.90 10.16 -26.50
CA GLU F 223 23.65 9.13 -27.16
C GLU F 223 24.36 9.67 -28.41
N THR F 224 25.61 10.06 -28.23
CA THR F 224 26.44 10.47 -29.33
C THR F 224 27.37 9.33 -29.65
N GLU F 225 28.02 9.40 -30.81
CA GLU F 225 28.93 8.35 -31.24
C GLU F 225 30.29 8.39 -30.52
N PHE F 226 30.41 9.29 -29.55
CA PHE F 226 31.59 9.33 -28.67
C PHE F 226 31.24 9.08 -27.20
N GLY F 227 30.11 8.42 -26.96
CA GLY F 227 29.70 8.07 -25.62
C GLY F 227 28.33 8.61 -25.24
N LYS F 228 27.78 8.10 -24.14
CA LYS F 228 26.52 8.62 -23.64
C LYS F 228 26.85 9.76 -22.68
N LEU F 229 26.51 10.98 -23.09
CA LEU F 229 26.92 12.18 -22.36
C LEU F 229 25.79 12.82 -21.61
N ALA F 230 26.13 13.46 -20.49
CA ALA F 230 25.15 14.24 -19.72
C ALA F 230 25.75 15.54 -19.22
N VAL F 231 24.89 16.52 -18.99
CA VAL F 231 25.32 17.79 -18.45
C VAL F 231 24.59 18.09 -17.15
N ASN F 232 25.37 18.23 -16.07
CA ASN F 232 24.90 18.64 -14.76
C ASN F 232 25.35 20.08 -14.53
N ILE F 233 24.40 21.01 -14.54
CA ILE F 233 24.72 22.44 -14.57
C ILE F 233 24.93 23.08 -13.18
N CYS F 234 26.14 23.59 -12.96
CA CYS F 234 26.50 24.49 -11.84
C CYS F 234 26.13 24.02 -10.42
N TYR F 235 25.15 24.70 -9.81
CA TYR F 235 24.62 24.39 -8.49
C TYR F 235 24.16 22.93 -8.32
N GLY F 236 23.66 22.32 -9.40
CA GLY F 236 23.30 20.91 -9.40
C GLY F 236 24.45 20.00 -9.02
N ARG F 237 25.65 20.57 -9.01
CA ARG F 237 26.85 19.89 -8.55
C ARG F 237 26.72 19.43 -7.10
N HIS F 238 25.90 20.13 -6.32
CA HIS F 238 25.71 19.87 -4.88
C HIS F 238 24.70 18.78 -4.55
N HIS F 239 23.90 18.35 -5.52
CA HIS F 239 22.86 17.36 -5.25
C HIS F 239 23.24 15.97 -5.72
N PRO F 240 23.70 15.09 -4.83
CA PRO F 240 24.19 13.78 -5.26
C PRO F 240 23.09 12.95 -5.88
N GLN F 241 21.84 13.24 -5.53
CA GLN F 241 20.68 12.58 -6.10
C GLN F 241 20.52 12.96 -7.59
N ASN F 242 21.01 14.15 -7.96
CA ASN F 242 21.02 14.63 -9.32
C ASN F 242 22.01 13.83 -10.14
N TRP F 243 23.28 13.88 -9.75
CA TRP F 243 24.32 13.02 -10.31
C TRP F 243 23.81 11.57 -10.47
N MET F 244 23.20 11.03 -9.42
CA MET F 244 22.77 9.62 -9.42
C MET F 244 21.76 9.32 -10.53
N MET F 245 20.91 10.30 -10.86
CA MET F 245 19.81 10.07 -11.81
C MET F 245 20.35 9.99 -13.22
N PHE F 246 21.32 10.83 -13.53
CA PHE F 246 22.00 10.76 -14.81
C PHE F 246 22.67 9.39 -14.95
N GLY F 247 23.23 8.89 -13.85
CA GLY F 247 23.80 7.55 -13.81
C GLY F 247 22.77 6.47 -14.13
N LEU F 248 21.64 6.51 -13.43
CA LEU F 248 20.56 5.56 -13.67
C LEU F 248 20.01 5.64 -15.10
N ASN F 249 20.18 6.78 -15.78
CA ASN F 249 19.80 6.88 -17.18
C ASN F 249 20.92 6.46 -18.13
N GLY F 250 22.02 5.98 -17.58
CA GLY F 250 23.06 5.32 -18.36
C GLY F 250 24.22 6.16 -18.88
N ALA F 251 24.46 7.30 -18.23
CA ALA F 251 25.53 8.20 -18.67
C ALA F 251 26.92 7.59 -18.46
N GLU F 252 27.89 8.06 -19.24
CA GLU F 252 29.29 7.59 -19.13
C GLU F 252 30.24 8.75 -18.89
N ILE F 253 29.93 9.91 -19.47
CA ILE F 253 30.64 11.15 -19.15
C ILE F 253 29.60 12.19 -18.79
N VAL F 254 29.73 12.74 -17.58
CA VAL F 254 28.87 13.84 -17.18
C VAL F 254 29.65 15.13 -16.95
N PHE F 255 29.43 16.08 -17.85
CA PHE F 255 30.06 17.38 -17.78
C PHE F 255 29.38 18.20 -16.69
N ASN F 256 30.15 19.06 -16.03
CA ASN F 256 29.62 19.93 -14.99
C ASN F 256 30.07 21.38 -15.23
N PRO F 257 29.40 22.10 -16.15
CA PRO F 257 29.79 23.48 -16.42
C PRO F 257 29.37 24.34 -15.24
N SER F 258 30.27 25.19 -14.75
CA SER F 258 29.98 25.97 -13.56
C SER F 258 30.54 27.39 -13.56
N ALA F 259 30.17 28.14 -12.53
CA ALA F 259 30.67 29.49 -12.34
C ALA F 259 30.61 29.78 -10.85
N THR F 260 31.72 29.56 -10.15
CA THR F 260 31.78 29.82 -8.71
C THR F 260 32.97 30.61 -8.27
N ILE F 261 32.71 31.59 -7.44
CA ILE F 261 33.75 32.25 -6.69
C ILE F 261 33.76 31.64 -5.32
N GLY F 262 34.94 31.68 -4.72
CA GLY F 262 35.06 32.22 -3.40
C GLY F 262 35.72 31.39 -2.34
N ARG F 263 35.68 31.93 -1.13
CA ARG F 263 36.42 31.40 -0.02
C ARG F 263 35.78 30.16 0.57
N LEU F 264 34.45 30.16 0.68
CA LEU F 264 33.70 29.01 1.22
C LEU F 264 33.48 27.91 0.18
N SER F 265 33.37 28.31 -1.08
CA SER F 265 33.03 27.43 -2.20
C SER F 265 34.18 26.60 -2.76
N GLU F 266 35.41 27.09 -2.61
CA GLU F 266 36.58 26.45 -3.21
C GLU F 266 36.99 25.07 -2.64
N PRO F 267 36.93 24.88 -1.31
CA PRO F 267 37.33 23.55 -0.81
C PRO F 267 36.38 22.44 -1.25
N LEU F 268 35.15 22.81 -1.61
CA LEU F 268 34.14 21.85 -2.09
C LEU F 268 34.44 21.39 -3.51
N TRP F 269 35.30 22.12 -4.22
CA TRP F 269 35.54 21.88 -5.64
C TRP F 269 36.18 20.53 -5.93
N SER F 270 37.19 20.15 -5.16
CA SER F 270 37.84 18.86 -5.42
C SER F 270 37.10 17.68 -4.79
N ILE F 271 35.99 17.96 -4.11
CA ILE F 271 35.20 16.94 -3.43
C ILE F 271 33.98 16.50 -4.23
N GLU F 272 33.09 17.42 -4.53
CA GLU F 272 31.77 17.07 -5.04
C GLU F 272 31.73 16.33 -6.36
N ALA F 273 32.30 16.93 -7.41
CA ALA F 273 32.36 16.29 -8.73
C ALA F 273 33.11 14.95 -8.72
N ARG F 274 34.16 14.85 -7.89
CA ARG F 274 34.93 13.63 -7.68
C ARG F 274 34.06 12.48 -7.14
N ASN F 275 33.37 12.74 -6.04
CA ASN F 275 32.52 11.73 -5.41
C ASN F 275 31.55 11.16 -6.42
N ALA F 276 30.85 12.05 -7.13
CA ALA F 276 29.87 11.67 -8.16
C ALA F 276 30.38 10.61 -9.13
N ALA F 277 31.66 10.73 -9.50
CA ALA F 277 32.31 9.86 -10.46
C ALA F 277 32.58 8.50 -9.87
N ILE F 278 32.99 8.47 -8.60
CA ILE F 278 33.20 7.19 -7.92
C ILE F 278 31.87 6.51 -7.64
N ALA F 279 30.91 7.29 -7.14
CA ALA F 279 29.59 6.81 -6.73
C ALA F 279 28.78 6.22 -7.87
N ASN F 280 28.72 6.93 -8.98
CA ASN F 280 27.92 6.48 -10.10
C ASN F 280 28.69 5.65 -11.11
N SER F 281 30.00 5.56 -10.91
CA SER F 281 30.94 4.82 -11.78
C SER F 281 30.90 5.26 -13.26
N TYR F 282 31.14 6.55 -13.45
CA TYR F 282 31.32 7.15 -14.77
C TYR F 282 32.31 8.30 -14.70
N PHE F 283 32.54 8.96 -15.83
CA PHE F 283 33.47 10.09 -15.91
C PHE F 283 32.84 11.44 -15.63
N THR F 284 33.59 12.31 -14.98
CA THR F 284 33.09 13.63 -14.63
C THR F 284 34.06 14.72 -15.06
N VAL F 285 33.51 15.74 -15.72
CA VAL F 285 34.29 16.89 -16.20
C VAL F 285 33.74 18.21 -15.62
N PRO F 286 34.15 18.56 -14.39
CA PRO F 286 33.79 19.88 -13.90
C PRO F 286 34.63 21.03 -14.50
N ILE F 287 33.94 21.99 -15.11
CA ILE F 287 34.56 23.18 -15.71
C ILE F 287 34.11 24.43 -14.98
N ASN F 288 35.05 25.35 -14.74
CA ASN F 288 34.73 26.64 -14.08
C ASN F 288 35.35 27.85 -14.75
N ARG F 289 34.55 28.92 -14.80
CA ARG F 289 34.96 30.25 -15.24
C ARG F 289 36.24 30.72 -14.55
N VAL F 290 36.91 31.71 -15.15
CA VAL F 290 38.13 32.24 -14.60
C VAL F 290 38.13 33.77 -14.61
N GLY F 291 38.98 34.36 -13.76
CA GLY F 291 39.13 35.81 -13.68
C GLY F 291 38.06 36.45 -12.81
N THR F 292 38.16 37.76 -12.60
CA THR F 292 37.13 38.50 -11.87
C THR F 292 36.50 39.58 -12.75
N GLU F 293 35.20 39.81 -12.56
CA GLU F 293 34.41 40.65 -13.48
C GLU F 293 33.81 41.82 -12.75
N GLN F 294 33.79 42.99 -13.39
CA GLN F 294 33.32 44.24 -12.75
C GLN F 294 32.15 44.89 -13.50
N PHE F 295 31.11 45.28 -12.76
CA PHE F 295 29.84 45.68 -13.34
C PHE F 295 29.56 47.18 -13.19
N PRO F 296 28.67 47.73 -14.04
CA PRO F 296 28.49 49.18 -14.12
C PRO F 296 28.09 49.84 -12.79
N ASN F 297 27.02 49.33 -12.15
CA ASN F 297 26.52 49.90 -10.89
C ASN F 297 26.73 48.98 -9.69
N GLU F 298 26.81 49.59 -8.50
CA GLU F 298 27.03 48.89 -7.22
C GLU F 298 25.90 47.95 -6.84
N TYR F 299 26.26 46.88 -6.14
CA TYR F 299 25.30 45.90 -5.62
C TYR F 299 25.77 45.34 -4.27
N THR F 300 24.84 44.81 -3.50
CA THR F 300 25.13 44.15 -2.23
C THR F 300 24.96 42.62 -2.32
N SER F 301 25.73 41.90 -1.52
CA SER F 301 25.83 40.44 -1.64
C SER F 301 25.03 39.65 -0.60
N GLY F 302 24.19 40.31 0.17
CA GLY F 302 23.39 39.63 1.16
C GLY F 302 24.13 39.32 2.45
N ASP F 303 25.41 39.64 2.50
CA ASP F 303 26.10 39.70 3.79
C ASP F 303 25.95 41.10 4.38
N GLY F 304 26.63 41.36 5.49
CA GLY F 304 26.55 42.67 6.14
C GLY F 304 27.24 43.78 5.36
N ASN F 305 28.13 43.38 4.44
CA ASN F 305 29.05 44.28 3.74
C ASN F 305 28.45 45.42 2.93
N LYS F 306 29.30 46.42 2.66
CA LYS F 306 28.94 47.57 1.84
C LYS F 306 28.89 47.16 0.36
N ALA F 307 28.16 47.95 -0.43
CA ALA F 307 27.98 47.67 -1.85
C ALA F 307 29.27 47.81 -2.62
N HIS F 308 29.43 47.02 -3.66
CA HIS F 308 30.61 47.06 -4.51
C HIS F 308 30.25 46.79 -5.99
N LYS F 309 31.24 46.88 -6.87
CA LYS F 309 31.05 46.65 -8.31
C LYS F 309 31.75 45.38 -8.82
N GLU F 310 32.81 44.97 -8.13
CA GLU F 310 33.59 43.81 -8.54
C GLU F 310 32.92 42.50 -8.11
N PHE F 311 33.02 41.49 -8.97
CA PHE F 311 32.54 40.13 -8.69
C PHE F 311 33.63 39.10 -8.98
N GLY F 312 33.97 38.31 -7.97
CA GLY F 312 35.01 37.31 -8.15
C GLY F 312 35.90 37.09 -6.93
N PRO F 313 37.06 36.42 -7.13
CA PRO F 313 37.50 35.88 -8.42
C PRO F 313 37.00 34.45 -8.69
N PHE F 314 36.61 34.18 -9.93
CA PHE F 314 36.29 32.81 -10.38
C PHE F 314 37.60 32.05 -10.44
N TYR F 315 37.61 30.85 -9.84
CA TYR F 315 38.85 30.18 -9.51
C TYR F 315 39.26 29.06 -10.47
N GLY F 316 38.63 29.02 -11.64
CA GLY F 316 38.94 28.02 -12.66
C GLY F 316 39.09 26.62 -12.10
N SER F 317 40.26 26.04 -12.31
CA SER F 317 40.66 24.75 -11.72
C SER F 317 39.86 23.55 -12.23
N SER F 318 39.61 23.54 -13.53
CA SER F 318 38.88 22.46 -14.16
C SER F 318 39.71 21.17 -14.15
N TYR F 319 39.03 20.03 -14.08
CA TYR F 319 39.69 18.71 -14.08
C TYR F 319 38.74 17.64 -14.56
N VAL F 320 39.24 16.40 -14.67
CA VAL F 320 38.37 15.27 -14.97
C VAL F 320 38.49 14.16 -13.91
N ALA F 321 37.33 13.62 -13.52
CA ALA F 321 37.22 12.60 -12.50
C ALA F 321 36.88 11.27 -13.15
N ALA F 322 37.62 10.21 -12.78
CA ALA F 322 37.41 8.88 -13.35
C ALA F 322 36.59 7.98 -12.42
N PRO F 323 35.87 7.00 -13.00
CA PRO F 323 34.99 6.08 -12.27
C PRO F 323 35.70 5.23 -11.21
N ASP F 324 37.01 5.06 -11.36
CA ASP F 324 37.78 4.20 -10.48
C ASP F 324 38.38 4.96 -9.30
N GLY F 325 38.11 6.27 -9.24
CA GLY F 325 38.59 7.09 -8.14
C GLY F 325 39.76 7.98 -8.50
N SER F 326 40.37 7.76 -9.67
CA SER F 326 41.49 8.61 -10.10
C SER F 326 40.99 9.92 -10.70
N ARG F 327 41.89 10.91 -10.80
CA ARG F 327 41.55 12.20 -11.39
C ARG F 327 42.75 12.94 -11.98
N THR F 328 42.46 13.77 -12.98
CA THR F 328 43.42 14.66 -13.58
C THR F 328 43.76 15.84 -12.65
N PRO F 329 45.03 16.32 -12.66
CA PRO F 329 45.33 17.61 -12.03
C PRO F 329 44.40 18.71 -12.50
N SER F 330 44.32 19.80 -11.76
CA SER F 330 43.52 20.93 -12.22
C SER F 330 44.28 21.84 -13.19
N LEU F 331 43.53 22.61 -13.98
CA LEU F 331 44.10 23.72 -14.74
C LEU F 331 44.37 24.90 -13.79
N SER F 332 44.81 26.02 -14.34
CA SER F 332 45.13 27.21 -13.55
C SER F 332 43.94 27.79 -12.79
N ARG F 333 44.22 28.53 -11.73
CA ARG F 333 43.17 29.18 -10.95
C ARG F 333 42.77 30.53 -11.56
N ASP F 334 43.61 31.07 -12.44
CA ASP F 334 43.48 32.45 -12.91
C ASP F 334 43.73 32.66 -14.39
N LYS F 335 44.05 31.59 -15.11
CA LYS F 335 44.48 31.68 -16.49
C LYS F 335 43.58 30.84 -17.40
N ASP F 336 43.19 31.40 -18.55
CA ASP F 336 42.41 30.67 -19.56
C ASP F 336 43.07 29.33 -19.87
N GLY F 337 42.27 28.31 -20.14
CA GLY F 337 42.83 26.98 -20.32
C GLY F 337 42.00 26.00 -21.09
N LEU F 338 42.68 25.10 -21.78
CA LEU F 338 42.05 23.98 -22.47
C LEU F 338 42.62 22.69 -21.91
N LEU F 339 41.73 21.89 -21.33
CA LEU F 339 42.08 20.58 -20.77
C LEU F 339 41.73 19.47 -21.74
N VAL F 340 42.76 18.78 -22.23
CA VAL F 340 42.51 17.68 -23.15
C VAL F 340 42.85 16.37 -22.46
N VAL F 341 41.84 15.51 -22.32
CA VAL F 341 42.04 14.23 -21.67
C VAL F 341 41.39 13.13 -22.50
N GLU F 342 42.15 12.06 -22.69
CA GLU F 342 41.72 10.92 -23.46
C GLU F 342 41.45 9.78 -22.50
N LEU F 343 40.33 9.09 -22.71
CA LEU F 343 39.90 8.03 -21.79
C LEU F 343 39.31 6.86 -22.55
N ASP F 344 39.36 5.68 -21.93
CA ASP F 344 38.67 4.52 -22.48
C ASP F 344 37.35 4.40 -21.74
N LEU F 345 36.24 4.55 -22.47
CA LEU F 345 34.89 4.45 -21.91
C LEU F 345 34.54 3.10 -21.27
N ASN F 346 35.33 2.08 -21.56
CA ASN F 346 35.09 0.75 -20.99
C ASN F 346 35.37 0.68 -19.50
N LEU F 347 36.17 1.61 -18.99
CA LEU F 347 36.47 1.65 -17.57
C LEU F 347 35.22 1.77 -16.71
N CYS F 348 34.17 2.36 -17.28
CA CYS F 348 32.88 2.47 -16.60
C CYS F 348 32.30 1.12 -16.19
N ARG F 349 31.90 0.30 -17.16
CA ARG F 349 31.40 -1.03 -16.85
C ARG F 349 32.39 -1.85 -16.03
N GLN F 350 33.67 -1.79 -16.37
CA GLN F 350 34.68 -2.54 -15.64
C GLN F 350 34.65 -2.30 -14.13
N VAL F 351 34.57 -1.04 -13.74
CA VAL F 351 34.51 -0.70 -12.32
C VAL F 351 33.15 -1.05 -11.71
N LYS F 352 32.08 -0.86 -12.49
CA LYS F 352 30.73 -1.28 -12.09
C LYS F 352 30.70 -2.74 -11.71
N ASP F 353 31.42 -3.56 -12.48
CA ASP F 353 31.58 -5.00 -12.29
C ASP F 353 32.38 -5.37 -11.04
N PHE F 354 33.43 -4.60 -10.76
CA PHE F 354 34.34 -4.92 -9.69
C PHE F 354 33.83 -4.43 -8.35
N TRP F 355 33.44 -3.17 -8.28
CA TRP F 355 32.92 -2.61 -7.02
C TRP F 355 31.45 -2.91 -6.80
N GLY F 356 30.71 -3.09 -7.89
CA GLY F 356 29.30 -3.44 -7.83
C GLY F 356 28.40 -2.44 -7.10
N PHE F 357 28.68 -1.16 -7.26
CA PHE F 357 27.84 -0.11 -6.67
C PHE F 357 26.38 -0.13 -7.16
N ARG F 358 26.19 -0.42 -8.44
CA ARG F 358 24.87 -0.37 -9.07
C ARG F 358 24.06 -1.59 -8.72
N MET F 359 24.76 -2.70 -8.52
CA MET F 359 24.19 -3.96 -8.10
C MET F 359 23.60 -3.86 -6.68
N THR F 360 24.13 -2.94 -5.86
CA THR F 360 23.74 -2.85 -4.44
C THR F 360 23.00 -1.56 -4.05
N GLN F 361 22.54 -0.81 -5.05
CA GLN F 361 21.97 0.50 -4.77
C GLN F 361 20.65 0.47 -4.02
N ARG F 362 19.89 -0.60 -4.25
CA ARG F 362 18.57 -0.78 -3.64
C ARG F 362 17.64 0.42 -3.92
N VAL F 363 17.60 0.80 -5.20
CA VAL F 363 16.80 1.93 -5.65
C VAL F 363 15.32 1.84 -5.27
N PRO F 364 14.70 0.64 -5.42
CA PRO F 364 13.29 0.51 -5.02
C PRO F 364 13.02 1.03 -3.62
N LEU F 365 13.96 0.72 -2.70
CA LEU F 365 13.87 1.12 -1.31
C LEU F 365 13.92 2.63 -1.15
N TYR F 366 14.84 3.27 -1.87
CA TYR F 366 15.00 4.73 -1.75
C TYR F 366 13.92 5.48 -2.51
N ALA F 367 13.37 4.87 -3.55
CA ALA F 367 12.26 5.44 -4.29
C ALA F 367 11.06 5.57 -3.36
N GLU F 368 10.87 4.55 -2.53
CA GLU F 368 9.76 4.51 -1.58
C GLU F 368 10.01 5.45 -0.39
N SER F 369 11.23 5.42 0.16
CA SER F 369 11.59 6.25 1.30
C SER F 369 11.52 7.73 0.98
N PHE F 370 11.91 8.10 -0.24
CA PHE F 370 11.89 9.48 -0.71
C PHE F 370 10.49 9.98 -0.93
N LYS F 371 9.62 9.09 -1.40
CA LYS F 371 8.22 9.39 -1.61
C LYS F 371 7.55 9.73 -0.27
N LYS F 372 7.84 8.91 0.75
CA LYS F 372 7.31 9.11 2.10
C LYS F 372 7.74 10.47 2.61
N ALA F 373 9.02 10.76 2.42
CA ALA F 373 9.65 11.97 2.97
C ALA F 373 9.05 13.23 2.38
N SER F 374 8.60 13.14 1.14
CA SER F 374 8.07 14.28 0.39
C SER F 374 6.64 14.58 0.73
N GLU F 375 5.97 13.62 1.36
CA GLU F 375 4.54 13.74 1.68
C GLU F 375 4.31 14.68 2.86
N HIS F 376 3.08 15.18 2.97
CA HIS F 376 2.74 16.18 3.98
C HIS F 376 2.80 15.62 5.36
N GLY F 377 2.25 14.43 5.57
CA GLY F 377 2.18 13.82 6.90
C GLY F 377 3.47 13.19 7.39
N PHE F 378 4.60 13.53 6.76
CA PHE F 378 5.87 12.87 7.04
C PHE F 378 6.32 12.97 8.50
N LYS F 379 6.45 11.79 9.13
CA LYS F 379 7.04 11.66 10.47
C LYS F 379 8.38 10.95 10.34
N PRO F 380 9.48 11.69 10.52
CA PRO F 380 10.81 11.09 10.40
C PRO F 380 11.03 9.89 11.32
N GLN F 381 11.90 9.00 10.88
CA GLN F 381 12.22 7.78 11.61
C GLN F 381 13.23 8.05 12.73
N ILE F 382 12.74 8.70 13.78
CA ILE F 382 13.54 9.09 14.94
C ILE F 382 13.23 8.16 16.10
N ILE F 383 14.26 7.55 16.67
CA ILE F 383 14.13 6.70 17.85
C ILE F 383 14.51 7.45 19.11
N LYS F 384 13.55 7.57 20.04
CA LYS F 384 13.71 8.27 21.31
C LYS F 384 14.00 7.29 22.43
N GLU F 385 14.50 7.77 23.56
CA GLU F 385 14.68 6.90 24.72
C GLU F 385 13.38 6.72 25.48
N THR F 386 13.08 5.47 25.80
CA THR F 386 11.77 5.09 26.31
C THR F 386 11.64 5.32 27.81
N LEU G 6 -1.31 61.40 -0.49
CA LEU G 6 -2.73 61.48 -0.02
C LEU G 6 -2.93 60.66 1.25
N LYS G 7 -4.19 60.49 1.68
CA LYS G 7 -4.53 59.78 2.94
C LYS G 7 -5.80 58.90 2.84
N ASN G 8 -6.75 59.28 1.97
CA ASN G 8 -7.86 58.40 1.55
C ASN G 8 -8.61 58.91 0.30
N LEU G 9 -8.57 58.12 -0.78
CA LEU G 9 -9.19 58.50 -2.07
C LEU G 9 -10.69 58.80 -1.94
N ASN G 10 -11.40 57.98 -1.17
CA ASN G 10 -12.82 58.18 -0.93
C ASN G 10 -13.08 59.53 -0.29
N ASP G 11 -12.29 59.86 0.73
CA ASP G 11 -12.43 61.14 1.44
C ASP G 11 -12.08 62.33 0.56
N CYS G 12 -11.10 62.14 -0.33
CA CYS G 12 -10.71 63.15 -1.31
C CYS G 12 -11.80 63.42 -2.35
N LEU G 13 -12.48 62.36 -2.79
CA LEU G 13 -13.56 62.48 -3.78
C LEU G 13 -14.82 63.16 -3.24
N GLU G 14 -15.09 62.96 -1.94
CA GLU G 14 -16.25 63.59 -1.31
C GLU G 14 -15.93 64.99 -0.80
N LYS G 15 -14.66 65.37 -0.84
CA LYS G 15 -14.22 66.71 -0.42
C LYS G 15 -14.05 67.66 -1.61
N HIS G 16 -14.41 67.21 -2.81
CA HIS G 16 -14.15 68.00 -4.02
C HIS G 16 -15.26 67.94 -5.08
N LEU G 17 -16.28 67.11 -4.86
CA LEU G 17 -17.33 66.93 -5.88
C LEU G 17 -18.76 67.20 -5.38
N PRO G 18 -19.54 67.97 -6.18
CA PRO G 18 -20.98 68.13 -5.96
C PRO G 18 -21.66 66.78 -5.70
N PRO G 19 -22.60 66.73 -4.72
CA PRO G 19 -23.16 65.46 -4.20
C PRO G 19 -23.78 64.57 -5.28
N ASP G 20 -24.30 65.22 -6.32
CA ASP G 20 -24.97 64.59 -7.44
C ASP G 20 -24.00 63.85 -8.37
N GLU G 21 -22.84 64.46 -8.57
CA GLU G 21 -21.80 63.91 -9.44
C GLU G 21 -20.99 62.87 -8.67
N LEU G 22 -20.76 63.16 -7.37
CA LEU G 22 -20.11 62.22 -6.44
C LEU G 22 -20.85 60.89 -6.36
N LYS G 23 -22.19 60.96 -6.41
CA LYS G 23 -23.08 59.80 -6.49
C LYS G 23 -22.76 58.92 -7.71
N GLU G 24 -22.42 59.58 -8.82
CA GLU G 24 -22.15 58.92 -10.10
C GLU G 24 -20.74 58.35 -10.17
N VAL G 25 -19.78 59.11 -9.65
CA VAL G 25 -18.39 58.70 -9.65
C VAL G 25 -18.17 57.55 -8.67
N LYS G 26 -18.86 57.59 -7.54
CA LYS G 26 -18.89 56.46 -6.59
C LYS G 26 -19.50 55.21 -7.23
N ARG G 27 -20.48 55.42 -8.09
CA ARG G 27 -21.18 54.33 -8.75
C ARG G 27 -20.27 53.58 -9.72
N ILE G 28 -19.41 54.29 -10.45
CA ILE G 28 -18.49 53.58 -11.35
C ILE G 28 -17.19 53.10 -10.70
N LEU G 29 -16.70 53.82 -9.70
CA LEU G 29 -15.46 53.42 -9.04
C LEU G 29 -15.66 52.30 -8.00
N TYR G 30 -16.58 52.53 -7.08
CA TYR G 30 -16.96 51.52 -6.12
C TYR G 30 -18.20 50.84 -6.71
N GLY G 31 -18.89 50.01 -5.92
CA GLY G 31 -20.04 49.28 -6.46
C GLY G 31 -21.38 49.99 -6.36
N VAL G 32 -21.49 50.93 -5.42
CA VAL G 32 -22.76 51.60 -5.10
C VAL G 32 -22.70 53.11 -5.27
N GLU G 33 -23.84 53.77 -5.00
CA GLU G 33 -23.98 55.24 -5.17
C GLU G 33 -23.62 56.07 -3.92
N GLU G 34 -23.88 55.53 -2.73
CA GLU G 34 -23.28 56.04 -1.48
C GLU G 34 -23.03 54.87 -0.52
N ASP G 35 -21.92 54.96 0.21
CA ASP G 35 -21.44 53.87 1.06
C ASP G 35 -22.50 53.33 2.01
N GLN G 36 -22.57 52.01 2.11
CA GLN G 36 -23.41 51.37 3.10
C GLN G 36 -22.61 51.23 4.40
N THR G 37 -22.61 52.30 5.18
CA THR G 37 -21.90 52.35 6.47
C THR G 37 -22.46 51.33 7.41
N LEU G 38 -21.63 50.90 8.36
CA LEU G 38 -22.07 50.08 9.47
C LEU G 38 -21.78 50.87 10.74
N GLU G 39 -22.78 50.95 11.62
CA GLU G 39 -22.57 51.56 12.92
C GLU G 39 -21.89 50.59 13.86
N LEU G 40 -20.79 51.04 14.43
CA LEU G 40 -19.92 50.20 15.25
C LEU G 40 -20.15 50.46 16.74
N PRO G 41 -20.20 49.38 17.56
CA PRO G 41 -20.24 49.46 19.02
C PRO G 41 -19.39 50.59 19.58
N THR G 42 -19.93 51.31 20.57
CA THR G 42 -19.29 52.51 21.11
C THR G 42 -17.93 52.20 21.76
N SER G 43 -17.85 51.05 22.43
CA SER G 43 -16.64 50.64 23.16
C SER G 43 -15.48 50.24 22.24
N ALA G 44 -15.81 49.76 21.05
CA ALA G 44 -14.82 49.36 20.06
C ALA G 44 -14.11 50.59 19.45
N LYS G 45 -14.89 51.57 19.00
CA LYS G 45 -14.37 52.84 18.51
C LYS G 45 -13.43 53.46 19.52
N ASP G 46 -13.72 53.23 20.80
CA ASP G 46 -12.93 53.78 21.90
C ASP G 46 -11.52 53.20 21.96
N ILE G 47 -11.44 51.87 21.90
CA ILE G 47 -10.14 51.19 21.86
C ILE G 47 -9.30 51.72 20.70
N ALA G 48 -9.93 51.82 19.53
CA ALA G 48 -9.29 52.33 18.33
C ALA G 48 -8.77 53.76 18.48
N GLU G 49 -9.62 54.64 19.02
CA GLU G 49 -9.24 56.04 19.22
C GLU G 49 -8.04 56.16 20.14
N GLN G 50 -8.12 55.51 21.30
CA GLN G 50 -7.06 55.53 22.29
C GLN G 50 -5.70 55.02 21.78
N ASN G 51 -5.72 53.86 21.12
CA ASN G 51 -4.49 53.25 20.58
C ASN G 51 -4.06 53.83 19.22
N GLY G 52 -4.86 54.76 18.70
CA GLY G 52 -4.49 55.54 17.52
C GLY G 52 -4.55 54.77 16.21
N PHE G 53 -5.54 53.89 16.07
CA PHE G 53 -5.75 53.21 14.79
C PHE G 53 -7.17 53.36 14.27
N ASP G 54 -7.29 53.42 12.94
CA ASP G 54 -8.58 53.56 12.28
C ASP G 54 -9.49 52.36 12.48
N ILE G 55 -10.78 52.63 12.64
CA ILE G 55 -11.82 51.61 12.66
C ILE G 55 -12.97 52.09 11.78
N LYS G 56 -13.22 51.37 10.70
CA LYS G 56 -14.38 51.68 9.85
C LYS G 56 -15.25 50.47 9.53
N GLY G 57 -16.55 50.71 9.50
CA GLY G 57 -17.52 49.66 9.34
C GLY G 57 -18.39 49.84 8.12
N TYR G 58 -18.56 48.74 7.38
CA TYR G 58 -19.42 48.73 6.20
C TYR G 58 -20.26 47.45 6.14
N ARG G 59 -21.28 47.48 5.29
CA ARG G 59 -22.26 46.40 5.21
C ARG G 59 -22.53 46.01 3.77
N PHE G 60 -22.48 44.71 3.52
CA PHE G 60 -22.95 44.13 2.26
C PHE G 60 -24.22 43.33 2.59
N THR G 61 -25.13 43.30 1.62
CA THR G 61 -26.47 42.78 1.81
C THR G 61 -26.78 41.74 0.71
N ALA G 62 -27.69 40.80 0.99
CA ALA G 62 -28.20 39.89 -0.05
C ALA G 62 -29.72 39.99 -0.14
N ARG G 63 -30.31 39.40 -1.16
CA ARG G 63 -31.77 39.35 -1.23
C ARG G 63 -32.28 38.21 -0.36
N GLU G 64 -33.51 38.36 0.15
CA GLU G 64 -34.09 37.37 1.05
C GLU G 64 -34.52 36.09 0.31
N GLU G 65 -34.13 34.94 0.83
CA GLU G 65 -34.41 33.66 0.18
C GLU G 65 -35.53 32.90 0.90
N GLN G 66 -36.28 32.10 0.14
CA GLN G 66 -37.36 31.28 0.69
C GLN G 66 -36.88 30.08 1.50
N THR G 67 -35.92 29.33 0.95
CA THR G 67 -35.46 28.07 1.57
C THR G 67 -34.17 28.17 2.40
N ARG G 68 -33.64 29.39 2.54
CA ARG G 68 -32.42 29.56 3.32
C ARG G 68 -32.43 30.86 4.10
N LYS G 69 -32.12 30.75 5.39
CA LYS G 69 -32.04 31.94 6.24
C LYS G 69 -30.79 32.74 5.89
N ARG G 70 -30.86 34.05 6.12
CA ARG G 70 -29.74 34.95 5.87
C ARG G 70 -28.50 34.52 6.66
N ARG G 71 -27.38 34.32 5.96
CA ARG G 71 -26.11 33.96 6.61
C ARG G 71 -25.21 35.17 6.79
N ILE G 72 -25.56 35.99 7.78
CA ILE G 72 -24.82 37.21 8.09
C ILE G 72 -23.54 36.90 8.87
N VAL G 73 -22.42 37.42 8.38
CA VAL G 73 -21.12 37.20 9.00
C VAL G 73 -20.30 38.50 8.97
N ARG G 74 -19.48 38.70 10.01
CA ARG G 74 -18.67 39.91 10.20
C ARG G 74 -17.16 39.59 10.11
N VAL G 75 -16.45 40.29 9.21
CA VAL G 75 -15.00 40.13 9.10
C VAL G 75 -14.21 41.37 9.53
N GLY G 76 -13.08 41.12 10.19
CA GLY G 76 -12.16 42.17 10.60
C GLY G 76 -10.79 42.00 9.94
N ALA G 77 -10.47 42.92 9.04
CA ALA G 77 -9.17 42.98 8.39
C ALA G 77 -8.31 43.99 9.14
N ILE G 78 -7.12 43.56 9.55
CA ILE G 78 -6.22 44.40 10.36
C ILE G 78 -4.91 44.72 9.65
N GLN G 79 -4.73 46.01 9.33
CA GLN G 79 -3.48 46.50 8.76
C GLN G 79 -2.69 47.28 9.82
N ASN G 80 -1.38 47.07 9.82
CA ASN G 80 -0.50 47.73 10.78
C ASN G 80 0.90 47.94 10.23
N SER G 81 1.71 48.69 10.98
CA SER G 81 3.16 48.70 10.76
C SER G 81 3.88 47.94 11.86
N ILE G 82 5.08 47.44 11.54
CA ILE G 82 6.13 47.25 12.54
C ILE G 82 6.41 48.55 13.28
N VAL G 83 7.17 48.45 14.37
CA VAL G 83 6.80 49.10 15.63
C VAL G 83 8.04 49.54 16.41
N ILE G 84 8.96 48.61 16.61
CA ILE G 84 10.30 48.95 17.10
C ILE G 84 11.35 48.67 16.03
N PRO G 85 12.45 49.43 16.08
CA PRO G 85 13.47 49.38 15.04
C PRO G 85 13.98 47.97 14.74
N THR G 86 14.20 47.71 13.45
CA THR G 86 14.65 46.42 12.95
C THR G 86 15.95 45.90 13.59
N THR G 87 16.69 46.80 14.23
CA THR G 87 17.94 46.45 14.92
C THR G 87 17.64 46.32 16.42
N ALA G 88 17.02 45.20 16.78
CA ALA G 88 16.65 44.90 18.17
C ALA G 88 16.32 43.42 18.22
N PRO G 89 16.50 42.76 19.38
CA PRO G 89 16.29 41.33 19.39
C PRO G 89 14.98 40.95 18.69
N ILE G 90 15.07 40.01 17.76
CA ILE G 90 13.92 39.62 16.92
C ILE G 90 12.71 39.23 17.74
N GLU G 91 12.97 38.75 18.95
CA GLU G 91 11.89 38.33 19.85
C GLU G 91 11.16 39.56 20.43
N LYS G 92 11.93 40.61 20.73
CA LYS G 92 11.36 41.89 21.15
C LYS G 92 10.50 42.51 20.03
N GLN G 93 10.99 42.41 18.80
CA GLN G 93 10.28 42.94 17.63
C GLN G 93 8.93 42.24 17.46
N ARG G 94 8.94 40.91 17.47
CA ARG G 94 7.73 40.12 17.30
C ARG G 94 6.75 40.40 18.43
N GLU G 95 7.28 40.59 19.64
CA GLU G 95 6.47 40.85 20.82
C GLU G 95 5.78 42.21 20.82
N ALA G 96 6.42 43.22 20.24
CA ALA G 96 5.83 44.55 20.12
C ALA G 96 4.64 44.54 19.18
N ILE G 97 4.81 43.86 18.05
CA ILE G 97 3.77 43.67 17.04
C ILE G 97 2.61 42.86 17.62
N TRP G 98 2.95 41.81 18.35
CA TRP G 98 2.00 41.00 19.10
C TRP G 98 1.09 41.88 19.97
N ASN G 99 1.70 42.72 20.80
CA ASN G 99 0.98 43.55 21.76
C ASN G 99 0.10 44.62 21.12
N LYS G 100 0.58 45.18 20.02
CA LYS G 100 -0.20 46.15 19.28
C LYS G 100 -1.42 45.48 18.66
N VAL G 101 -1.20 44.36 17.97
CA VAL G 101 -2.26 43.67 17.26
C VAL G 101 -3.23 43.04 18.27
N LYS G 102 -2.71 42.56 19.40
CA LYS G 102 -3.58 41.99 20.44
C LYS G 102 -4.73 42.93 20.76
N THR G 103 -4.45 44.23 20.87
CA THR G 103 -5.49 45.17 21.23
C THR G 103 -6.37 45.49 20.05
N MET G 104 -5.83 45.34 18.83
CA MET G 104 -6.62 45.51 17.60
C MET G 104 -7.64 44.38 17.43
N ILE G 105 -7.21 43.16 17.77
CA ILE G 105 -8.09 41.99 17.74
C ILE G 105 -9.19 42.15 18.77
N LYS G 106 -8.88 42.84 19.87
CA LYS G 106 -9.87 43.13 20.91
C LYS G 106 -10.97 44.05 20.40
N ALA G 107 -10.57 45.12 19.71
CA ALA G 107 -11.53 46.07 19.13
C ALA G 107 -12.42 45.39 18.09
N ALA G 108 -11.82 44.55 17.26
CA ALA G 108 -12.55 43.74 16.29
C ALA G 108 -13.54 42.82 16.99
N ALA G 109 -13.16 42.29 18.16
CA ALA G 109 -14.03 41.41 18.95
C ALA G 109 -15.24 42.18 19.47
N GLU G 110 -15.01 43.38 19.99
CA GLU G 110 -16.12 44.18 20.52
C GLU G 110 -16.98 44.78 19.43
N ALA G 111 -16.40 44.97 18.24
CA ALA G 111 -17.18 45.34 17.06
C ALA G 111 -17.95 44.13 16.52
N GLY G 112 -17.81 42.99 17.22
CA GLY G 112 -18.58 41.78 16.93
C GLY G 112 -18.18 41.02 15.69
N CYS G 113 -16.88 40.99 15.40
CA CYS G 113 -16.39 40.23 14.25
C CYS G 113 -16.40 38.73 14.53
N ASN G 114 -16.47 37.92 13.47
CA ASN G 114 -16.41 36.45 13.61
C ASN G 114 -15.16 35.87 12.96
N ILE G 115 -14.63 36.60 11.98
CA ILE G 115 -13.39 36.21 11.32
C ILE G 115 -12.46 37.41 11.29
N VAL G 116 -11.26 37.24 11.84
CA VAL G 116 -10.27 38.30 11.78
C VAL G 116 -9.01 37.79 11.09
N CYS G 117 -8.39 38.70 10.34
CA CYS G 117 -7.31 38.35 9.46
C CYS G 117 -6.19 39.38 9.47
N THR G 118 -4.95 38.88 9.44
CA THR G 118 -3.76 39.73 9.43
C THR G 118 -3.23 39.95 8.00
N GLN G 119 -2.25 40.83 7.89
CA GLN G 119 -1.51 41.06 6.65
C GLN G 119 -0.48 39.94 6.48
N GLU G 120 0.41 40.09 5.48
CA GLU G 120 1.42 39.07 5.17
C GLU G 120 2.67 39.21 6.01
N ALA G 121 3.14 38.09 6.55
CA ALA G 121 4.27 38.02 7.50
C ALA G 121 4.14 39.11 8.58
N TRP G 122 2.95 39.20 9.18
CA TRP G 122 2.56 40.30 10.06
C TRP G 122 3.43 40.40 11.31
N THR G 123 4.23 39.36 11.53
CA THR G 123 4.94 39.11 12.75
C THR G 123 6.36 39.70 12.73
N MET G 124 6.75 40.26 11.58
CA MET G 124 8.14 40.66 11.32
C MET G 124 8.25 41.84 10.34
N PRO G 125 9.33 42.61 10.44
CA PRO G 125 9.60 43.57 9.36
C PRO G 125 9.87 42.82 8.07
N PHE G 126 9.32 43.32 6.96
CA PHE G 126 9.44 42.63 5.67
C PHE G 126 10.89 42.64 5.17
N ALA G 127 11.69 41.80 5.80
CA ALA G 127 13.16 41.85 5.71
C ALA G 127 13.77 41.22 4.47
N PHE G 128 12.93 40.79 3.54
CA PHE G 128 13.37 40.00 2.40
C PHE G 128 14.13 40.82 1.37
N CYS G 129 14.02 42.14 1.49
CA CYS G 129 14.71 43.08 0.60
C CYS G 129 16.22 43.07 0.73
N THR G 130 16.70 42.77 1.94
CA THR G 130 18.13 42.72 2.22
C THR G 130 18.80 41.47 1.67
N ARG G 131 18.03 40.38 1.57
CA ARG G 131 18.54 39.07 1.15
C ARG G 131 19.53 38.48 2.17
N GLU G 132 19.43 38.93 3.41
CA GLU G 132 20.25 38.43 4.49
C GLU G 132 19.51 37.30 5.19
N LYS G 133 20.24 36.26 5.55
CA LYS G 133 19.66 35.10 6.24
C LYS G 133 19.64 35.29 7.75
N PHE G 134 20.52 36.18 8.24
CA PHE G 134 20.71 36.35 9.67
C PHE G 134 20.52 37.81 10.09
N PRO G 135 19.70 38.05 11.15
CA PRO G 135 19.03 37.03 11.94
C PRO G 135 17.58 36.80 11.51
N TRP G 136 17.25 37.14 10.26
CA TRP G 136 15.87 37.19 9.78
C TRP G 136 15.15 35.86 9.74
N CYS G 137 15.91 34.79 9.58
CA CYS G 137 15.35 33.44 9.51
C CYS G 137 14.87 32.91 10.85
N GLU G 138 15.38 33.50 11.92
CA GLU G 138 14.95 33.11 13.25
C GLU G 138 13.53 33.61 13.57
N PHE G 139 12.98 34.45 12.70
CA PHE G 139 11.58 34.85 12.75
C PHE G 139 10.64 33.70 12.42
N ALA G 140 11.16 32.74 11.65
CA ALA G 140 10.41 31.56 11.20
C ALA G 140 10.09 30.64 12.36
N GLU G 141 8.80 30.34 12.53
CA GLU G 141 8.35 29.44 13.59
C GLU G 141 7.55 28.27 13.03
N GLU G 142 7.15 27.35 13.90
CA GLU G 142 6.29 26.22 13.48
C GLU G 142 4.88 26.72 13.24
N ALA G 143 4.18 26.05 12.33
CA ALA G 143 2.82 26.47 11.97
C ALA G 143 1.81 26.13 13.08
N GLU G 144 1.92 24.94 13.67
CA GLU G 144 0.94 24.47 14.67
C GLU G 144 1.34 24.83 16.10
N ASN G 145 2.62 24.63 16.43
CA ASN G 145 3.10 24.84 17.79
C ASN G 145 3.88 26.13 17.97
N GLY G 146 4.09 26.89 16.90
CA GLY G 146 4.82 28.15 16.96
C GLY G 146 4.16 29.09 17.95
N PRO G 147 4.98 29.86 18.70
CA PRO G 147 4.51 30.86 19.68
C PRO G 147 3.34 31.74 19.22
N THR G 148 3.41 32.25 17.99
CA THR G 148 2.37 33.13 17.46
C THR G 148 1.03 32.43 17.37
N THR G 149 1.03 31.22 16.79
CA THR G 149 -0.16 30.38 16.68
C THR G 149 -0.77 30.10 18.06
N LYS G 150 0.08 29.60 18.96
CA LYS G 150 -0.36 29.24 20.30
C LYS G 150 -0.98 30.46 20.99
N MET G 151 -0.30 31.60 20.92
CA MET G 151 -0.82 32.85 21.52
C MET G 151 -2.16 33.26 20.90
N LEU G 152 -2.18 33.37 19.57
CA LEU G 152 -3.38 33.74 18.81
C LEU G 152 -4.54 32.78 19.07
N ALA G 153 -4.23 31.50 19.19
CA ALA G 153 -5.22 30.44 19.44
C ALA G 153 -6.07 30.72 20.68
N GLU G 154 -5.45 31.34 21.69
CA GLU G 154 -6.13 31.71 22.93
C GLU G 154 -7.17 32.81 22.72
N LEU G 155 -6.78 33.88 22.03
CA LEU G 155 -7.70 34.97 21.72
C LEU G 155 -8.85 34.46 20.84
N ALA G 156 -8.59 33.42 20.07
CA ALA G 156 -9.63 32.80 19.25
C ALA G 156 -10.67 32.09 20.09
N LYS G 157 -10.23 31.29 21.06
CA LYS G 157 -11.15 30.59 21.98
C LYS G 157 -11.93 31.60 22.81
N ALA G 158 -11.22 32.60 23.34
CA ALA G 158 -11.78 33.61 24.23
C ALA G 158 -12.80 34.53 23.56
N TYR G 159 -12.51 34.98 22.35
CA TYR G 159 -13.45 35.87 21.65
C TYR G 159 -14.40 35.11 20.72
N ASN G 160 -14.27 33.78 20.69
CA ASN G 160 -15.08 32.93 19.82
C ASN G 160 -15.08 33.41 18.36
N MET G 161 -13.89 33.47 17.78
CA MET G 161 -13.73 33.93 16.41
C MET G 161 -12.59 33.20 15.70
N VAL G 162 -12.78 32.95 14.41
CA VAL G 162 -11.76 32.37 13.53
C VAL G 162 -10.69 33.41 13.24
N ILE G 163 -9.44 33.08 13.54
CA ILE G 163 -8.33 33.98 13.22
C ILE G 163 -7.45 33.35 12.17
N ILE G 164 -7.24 34.08 11.08
CA ILE G 164 -6.26 33.69 10.06
C ILE G 164 -5.11 34.67 10.12
N HIS G 165 -3.90 34.13 10.17
CA HIS G 165 -2.71 34.97 10.15
C HIS G 165 -1.59 34.42 9.27
N SER G 166 -0.69 35.29 8.85
CA SER G 166 0.39 34.89 7.97
C SER G 166 1.74 35.05 8.63
N ILE G 167 2.54 33.98 8.62
CA ILE G 167 3.87 33.99 9.25
C ILE G 167 4.91 33.29 8.40
N LEU G 168 6.19 33.46 8.75
CA LEU G 168 7.27 32.64 8.21
C LEU G 168 7.22 31.31 8.92
N GLU G 169 7.17 30.23 8.14
CA GLU G 169 7.05 28.88 8.68
C GLU G 169 8.34 28.09 8.50
N ARG G 170 8.84 27.53 9.60
CA ARG G 170 9.90 26.55 9.54
C ARG G 170 9.26 25.19 9.73
N ASP G 171 9.43 24.34 8.73
CA ASP G 171 8.89 22.99 8.74
C ASP G 171 10.00 22.12 9.27
N MET G 172 9.78 21.51 10.44
CA MET G 172 10.85 20.75 11.09
C MET G 172 11.07 19.40 10.43
N GLU G 173 9.98 18.67 10.22
CA GLU G 173 10.01 17.33 9.65
C GLU G 173 10.64 17.25 8.25
N HIS G 174 10.35 18.26 7.42
CA HIS G 174 10.86 18.33 6.06
C HIS G 174 12.12 19.21 5.95
N GLY G 175 13.21 18.79 6.60
CA GLY G 175 14.52 19.45 6.48
C GLY G 175 14.64 20.90 6.93
N GLU G 176 13.89 21.27 7.98
CA GLU G 176 13.94 22.61 8.56
C GLU G 176 13.77 23.75 7.55
N THR G 177 12.97 23.50 6.52
CA THR G 177 12.81 24.45 5.43
C THR G 177 11.85 25.57 5.80
N ILE G 178 12.05 26.74 5.21
CA ILE G 178 11.21 27.90 5.45
C ILE G 178 10.14 28.03 4.36
N TRP G 179 8.93 28.45 4.75
CA TRP G 179 7.79 28.60 3.85
C TRP G 179 7.02 29.85 4.23
N ASN G 180 6.25 30.37 3.28
CA ASN G 180 5.37 31.50 3.54
C ASN G 180 3.97 30.95 3.72
N THR G 181 3.47 30.97 4.95
CA THR G 181 2.25 30.23 5.34
C THR G 181 1.16 31.10 5.98
N ALA G 182 -0.08 30.89 5.55
CA ALA G 182 -1.25 31.38 6.28
C ALA G 182 -1.80 30.24 7.16
N VAL G 183 -2.09 30.53 8.43
CA VAL G 183 -2.63 29.51 9.35
C VAL G 183 -4.05 29.92 9.77
N VAL G 184 -4.98 28.99 9.68
CA VAL G 184 -6.36 29.27 10.08
C VAL G 184 -6.60 28.62 11.43
N ILE G 185 -6.98 29.46 12.39
CA ILE G 185 -7.29 29.04 13.75
C ILE G 185 -8.80 29.17 13.92
N SER G 186 -9.44 28.06 14.27
CA SER G 186 -10.89 28.02 14.43
C SER G 186 -11.35 28.78 15.68
N ASN G 187 -12.64 29.09 15.72
CA ASN G 187 -13.24 29.78 16.86
C ASN G 187 -13.34 28.90 18.12
N SER G 188 -13.04 27.61 17.96
CA SER G 188 -12.95 26.68 19.09
C SER G 188 -11.60 26.81 19.79
N GLY G 189 -10.64 27.42 19.11
CA GLY G 189 -9.30 27.54 19.64
C GLY G 189 -8.33 26.60 18.96
N ARG G 190 -8.87 25.55 18.33
CA ARG G 190 -8.00 24.55 17.73
C ARG G 190 -7.55 24.87 16.30
N TYR G 191 -6.28 24.52 16.02
CA TYR G 191 -5.62 24.69 14.73
C TYR G 191 -6.37 23.93 13.62
N LEU G 192 -6.93 24.66 12.66
CA LEU G 192 -7.62 24.03 11.52
C LEU G 192 -6.64 23.46 10.49
N GLY G 193 -5.62 24.24 10.17
CA GLY G 193 -4.71 23.90 9.07
C GLY G 193 -3.96 25.11 8.52
N LYS G 194 -3.18 24.86 7.48
CA LYS G 194 -2.27 25.84 6.94
C LYS G 194 -2.35 25.84 5.41
N HIS G 195 -1.88 26.91 4.79
CA HIS G 195 -1.79 26.98 3.34
C HIS G 195 -0.57 27.79 2.96
N ARG G 196 0.27 27.21 2.11
CA ARG G 196 1.51 27.85 1.67
C ARG G 196 1.38 28.62 0.36
N LYS G 197 1.95 29.82 0.33
CA LYS G 197 1.97 30.71 -0.82
C LYS G 197 2.33 29.98 -2.12
N ASN G 198 1.40 29.99 -3.08
CA ASN G 198 1.57 29.26 -4.34
C ASN G 198 2.49 29.92 -5.33
N HIS G 199 2.48 31.25 -5.36
CA HIS G 199 3.27 32.00 -6.32
C HIS G 199 4.32 32.89 -5.68
N ILE G 200 5.59 32.63 -5.99
CA ILE G 200 6.67 33.31 -5.29
C ILE G 200 7.37 34.40 -6.12
N PRO G 201 7.28 35.67 -5.66
CA PRO G 201 7.86 36.81 -6.37
C PRO G 201 9.39 36.87 -6.33
N ARG G 202 9.99 37.39 -7.41
CA ARG G 202 11.43 37.69 -7.42
C ARG G 202 11.68 39.06 -8.03
N VAL G 203 10.61 39.83 -8.18
CA VAL G 203 10.64 41.18 -8.74
C VAL G 203 11.16 42.23 -7.74
N GLY G 204 12.26 42.89 -8.11
CA GLY G 204 12.78 44.05 -7.39
C GLY G 204 13.30 43.78 -5.98
N ASP G 205 12.70 44.46 -5.00
CA ASP G 205 13.06 44.34 -3.59
C ASP G 205 12.47 43.07 -2.98
N PHE G 206 11.50 42.50 -3.67
CA PHE G 206 10.76 41.40 -3.14
C PHE G 206 11.43 40.10 -3.54
N ASN G 207 12.58 39.83 -2.92
CA ASN G 207 13.36 38.65 -3.23
C ASN G 207 12.95 37.48 -2.35
N GLU G 208 11.70 37.08 -2.47
CA GLU G 208 11.12 36.05 -1.63
C GLU G 208 11.56 34.67 -2.09
N SER G 209 11.96 34.56 -3.36
CA SER G 209 12.44 33.29 -3.92
C SER G 209 13.79 32.87 -3.33
N THR G 210 14.41 33.78 -2.59
CA THR G 210 15.67 33.51 -1.91
C THR G 210 15.41 32.76 -0.62
N TYR G 211 14.21 32.93 -0.05
CA TYR G 211 13.90 32.40 1.27
C TYR G 211 13.02 31.14 1.29
N TYR G 212 12.18 30.94 0.27
CA TYR G 212 11.32 29.77 0.19
C TYR G 212 10.85 29.43 -1.21
N MET G 213 10.50 28.17 -1.40
CA MET G 213 10.03 27.66 -2.68
C MET G 213 8.52 27.81 -2.86
N GLU G 214 8.03 27.30 -3.98
CA GLU G 214 6.61 27.37 -4.29
C GLU G 214 5.78 26.42 -3.41
N GLY G 215 4.64 26.92 -2.94
CA GLY G 215 3.75 26.20 -2.02
C GLY G 215 3.15 24.93 -2.59
N ASN G 216 3.16 23.88 -1.77
CA ASN G 216 2.73 22.55 -2.16
C ASN G 216 1.47 22.11 -1.42
N THR G 217 0.72 23.07 -0.86
CA THR G 217 -0.54 22.73 -0.18
C THR G 217 -1.75 22.78 -1.11
N GLY G 218 -1.52 23.04 -2.40
CA GLY G 218 -2.60 23.08 -3.38
C GLY G 218 -3.43 24.33 -3.21
N HIS G 219 -4.76 24.18 -3.18
CA HIS G 219 -5.68 25.33 -3.05
C HIS G 219 -6.78 25.10 -2.02
N PRO G 220 -6.42 24.90 -0.73
CA PRO G 220 -7.39 24.52 0.28
C PRO G 220 -8.44 25.58 0.58
N VAL G 221 -9.66 25.10 0.83
CA VAL G 221 -10.74 25.92 1.37
C VAL G 221 -11.11 25.38 2.77
N PHE G 222 -11.21 26.29 3.73
CA PHE G 222 -11.48 25.86 5.09
C PHE G 222 -12.96 26.05 5.38
N GLU G 223 -13.62 24.96 5.77
CA GLU G 223 -15.02 25.05 6.20
C GLU G 223 -15.11 25.36 7.68
N THR G 224 -15.27 26.64 7.98
CA THR G 224 -15.53 27.08 9.31
C THR G 224 -17.01 27.40 9.41
N GLU G 225 -17.51 27.56 10.64
CA GLU G 225 -18.93 27.85 10.89
C GLU G 225 -19.32 29.30 10.55
N PHE G 226 -18.39 30.05 9.97
CA PHE G 226 -18.67 31.39 9.51
C PHE G 226 -18.39 31.53 8.01
N GLY G 227 -18.38 30.40 7.31
CA GLY G 227 -18.20 30.41 5.86
C GLY G 227 -17.03 29.57 5.38
N LYS G 228 -16.99 29.37 4.07
CA LYS G 228 -15.92 28.64 3.42
C LYS G 228 -14.83 29.64 3.10
N LEU G 229 -13.73 29.57 3.85
CA LEU G 229 -12.65 30.57 3.77
C LEU G 229 -11.43 30.09 3.00
N ALA G 230 -10.77 31.01 2.30
CA ALA G 230 -9.53 30.70 1.61
C ALA G 230 -8.56 31.86 1.73
N VAL G 231 -7.27 31.54 1.68
CA VAL G 231 -6.24 32.55 1.75
C VAL G 231 -5.36 32.50 0.50
N ASN G 232 -5.32 33.63 -0.19
CA ASN G 232 -4.50 33.85 -1.38
C ASN G 232 -3.37 34.81 -0.97
N ILE G 233 -2.14 34.29 -0.82
CA ILE G 233 -1.06 35.10 -0.23
C ILE G 233 -0.27 35.98 -1.23
N CYS G 234 -0.26 37.28 -0.93
CA CYS G 234 0.50 38.36 -1.63
C CYS G 234 0.59 38.31 -3.16
N TYR G 235 1.75 37.95 -3.68
CA TYR G 235 2.03 37.89 -5.13
C TYR G 235 1.04 37.00 -5.92
N GLY G 236 0.51 35.96 -5.26
CA GLY G 236 -0.58 35.13 -5.82
C GLY G 236 -1.80 35.94 -6.22
N ARG G 237 -1.85 37.18 -5.72
CA ARG G 237 -2.82 38.20 -6.10
C ARG G 237 -2.88 38.40 -7.63
N HIS G 238 -1.74 38.20 -8.27
CA HIS G 238 -1.54 38.47 -9.69
C HIS G 238 -1.99 37.35 -10.61
N HIS G 239 -2.18 36.16 -10.06
CA HIS G 239 -2.53 35.02 -10.91
C HIS G 239 -4.02 34.70 -10.86
N PRO G 240 -4.79 35.14 -11.89
CA PRO G 240 -6.25 34.92 -11.88
C PRO G 240 -6.65 33.45 -11.86
N GLN G 241 -5.76 32.59 -12.37
CA GLN G 241 -5.94 31.14 -12.32
C GLN G 241 -5.88 30.63 -10.87
N ASN G 242 -5.12 31.34 -10.03
CA ASN G 242 -5.01 31.00 -8.61
C ASN G 242 -6.34 31.27 -7.93
N TRP G 243 -6.80 32.53 -7.99
CA TRP G 243 -8.11 32.92 -7.50
C TRP G 243 -9.17 31.94 -7.99
N MET G 244 -9.11 31.60 -9.27
CA MET G 244 -10.12 30.73 -9.89
C MET G 244 -10.19 29.34 -9.25
N MET G 245 -9.06 28.78 -8.86
CA MET G 245 -9.03 27.43 -8.28
C MET G 245 -9.62 27.37 -6.86
N PHE G 246 -9.36 28.39 -6.06
CA PHE G 246 -10.06 28.54 -4.77
C PHE G 246 -11.56 28.60 -5.00
N GLY G 247 -11.98 29.28 -6.07
CA GLY G 247 -13.38 29.34 -6.45
C GLY G 247 -13.93 27.96 -6.73
N LEU G 248 -13.23 27.21 -7.59
CA LEU G 248 -13.63 25.85 -7.98
C LEU G 248 -13.70 24.91 -6.79
N ASN G 249 -12.91 25.20 -5.74
CA ASN G 249 -12.96 24.43 -4.51
C ASN G 249 -14.04 24.90 -3.54
N GLY G 250 -14.82 25.89 -3.95
CA GLY G 250 -16.04 26.30 -3.25
C GLY G 250 -15.94 27.43 -2.25
N ALA G 251 -14.90 28.26 -2.38
CA ALA G 251 -14.67 29.36 -1.44
C ALA G 251 -15.81 30.39 -1.46
N GLU G 252 -15.99 31.10 -0.35
CA GLU G 252 -16.99 32.17 -0.23
C GLU G 252 -16.34 33.53 0.15
N ILE G 253 -15.33 33.48 1.03
CA ILE G 253 -14.52 34.66 1.29
C ILE G 253 -13.06 34.26 1.12
N VAL G 254 -12.36 34.96 0.23
CA VAL G 254 -10.94 34.71 0.04
C VAL G 254 -10.13 35.93 0.46
N PHE G 255 -9.36 35.75 1.54
CA PHE G 255 -8.51 36.78 2.09
C PHE G 255 -7.23 36.87 1.28
N ASN G 256 -6.71 38.08 1.17
CA ASN G 256 -5.53 38.35 0.39
C ASN G 256 -4.50 39.12 1.24
N PRO G 257 -3.80 38.44 2.18
CA PRO G 257 -2.76 39.11 2.98
C PRO G 257 -1.56 39.48 2.09
N SER G 258 -1.13 40.75 2.17
CA SER G 258 -0.12 41.29 1.25
C SER G 258 0.93 42.18 1.92
N ALA G 259 1.99 42.47 1.18
CA ALA G 259 2.97 43.49 1.57
C ALA G 259 3.56 44.07 0.31
N THR G 260 3.04 45.22 -0.14
CA THR G 260 3.59 45.88 -1.33
C THR G 260 3.81 47.38 -1.17
N ILE G 261 4.99 47.83 -1.60
CA ILE G 261 5.31 49.24 -1.90
C ILE G 261 4.91 49.32 -3.37
N GLY G 262 4.51 50.43 -3.97
CA GLY G 262 5.27 51.63 -4.24
C GLY G 262 4.59 52.14 -5.51
N ARG G 263 5.38 52.67 -6.43
CA ARG G 263 4.84 53.50 -7.51
C ARG G 263 4.17 52.73 -8.64
N LEU G 264 4.78 51.63 -9.07
CA LEU G 264 4.20 50.82 -10.15
C LEU G 264 3.12 49.84 -9.66
N SER G 265 3.25 49.39 -8.41
CA SER G 265 2.34 48.38 -7.82
C SER G 265 0.99 48.92 -7.28
N GLU G 266 0.93 50.22 -6.99
CA GLU G 266 -0.26 50.83 -6.39
C GLU G 266 -1.51 50.90 -7.30
N PRO G 267 -1.34 51.20 -8.61
CA PRO G 267 -2.55 51.29 -9.42
C PRO G 267 -3.21 49.93 -9.62
N LEU G 268 -2.45 48.85 -9.51
CA LEU G 268 -3.06 47.53 -9.67
C LEU G 268 -3.82 47.06 -8.42
N TRP G 269 -3.70 47.81 -7.31
CA TRP G 269 -4.33 47.41 -6.04
C TRP G 269 -5.84 47.42 -6.10
N SER G 270 -6.40 48.44 -6.74
CA SER G 270 -7.85 48.58 -6.89
C SER G 270 -8.42 47.65 -7.96
N ILE G 271 -7.53 47.03 -8.73
CA ILE G 271 -7.91 46.20 -9.87
C ILE G 271 -7.97 44.70 -9.54
N GLU G 272 -6.84 44.14 -9.12
CA GLU G 272 -6.65 42.69 -9.10
C GLU G 272 -7.60 41.92 -8.22
N ALA G 273 -7.63 42.30 -6.94
CA ALA G 273 -8.49 41.66 -5.94
C ALA G 273 -9.96 41.80 -6.29
N ARG G 274 -10.31 42.98 -6.80
CA ARG G 274 -11.67 43.29 -7.24
C ARG G 274 -12.17 42.34 -8.33
N ASN G 275 -11.38 42.19 -9.40
CA ASN G 275 -11.76 41.29 -10.51
C ASN G 275 -12.05 39.88 -10.02
N ALA G 276 -11.14 39.35 -9.22
CA ALA G 276 -11.26 38.00 -8.66
C ALA G 276 -12.62 37.76 -8.03
N ALA G 277 -13.12 38.78 -7.33
CA ALA G 277 -14.41 38.74 -6.61
C ALA G 277 -15.58 38.68 -7.56
N ILE G 278 -15.52 39.49 -8.62
CA ILE G 278 -16.48 39.49 -9.71
C ILE G 278 -16.46 38.16 -10.49
N ALA G 279 -15.26 37.76 -10.90
CA ALA G 279 -15.07 36.62 -11.78
C ALA G 279 -15.44 35.31 -11.14
N ASN G 280 -15.06 35.14 -9.88
CA ASN G 280 -15.34 33.89 -9.17
C ASN G 280 -16.63 33.90 -8.37
N SER G 281 -17.24 35.08 -8.27
CA SER G 281 -18.50 35.30 -7.55
C SER G 281 -18.41 34.89 -6.09
N TYR G 282 -17.45 35.53 -5.40
CA TYR G 282 -17.30 35.40 -3.97
C TYR G 282 -16.70 36.68 -3.38
N PHE G 283 -16.46 36.68 -2.07
CA PHE G 283 -15.94 37.85 -1.36
C PHE G 283 -14.43 37.88 -1.29
N THR G 284 -13.88 39.09 -1.32
CA THR G 284 -12.46 39.27 -1.45
C THR G 284 -11.97 40.27 -0.41
N VAL G 285 -10.98 39.89 0.40
CA VAL G 285 -10.44 40.77 1.44
C VAL G 285 -8.94 41.04 1.28
N PRO G 286 -8.58 42.01 0.43
CA PRO G 286 -7.18 42.44 0.30
C PRO G 286 -6.66 43.23 1.50
N ILE G 287 -5.66 42.70 2.21
CA ILE G 287 -5.04 43.39 3.34
C ILE G 287 -3.57 43.71 3.03
N ASN G 288 -3.13 44.94 3.31
CA ASN G 288 -1.74 45.38 3.06
C ASN G 288 -1.10 46.10 4.24
N ARG G 289 0.18 45.75 4.49
CA ARG G 289 1.03 46.39 5.49
C ARG G 289 1.05 47.91 5.31
N VAL G 290 1.46 48.61 6.36
CA VAL G 290 1.51 50.08 6.33
C VAL G 290 2.84 50.65 6.88
N GLY G 291 3.16 51.90 6.52
CA GLY G 291 4.39 52.56 6.97
C GLY G 291 5.61 52.16 6.17
N THR G 292 6.74 52.77 6.48
CA THR G 292 8.01 52.42 5.83
C THR G 292 9.04 51.93 6.86
N GLU G 293 9.83 50.93 6.48
CA GLU G 293 10.74 50.25 7.41
C GLU G 293 12.19 50.40 6.99
N GLN G 294 13.09 50.56 7.97
CA GLN G 294 14.52 50.76 7.68
C GLN G 294 15.42 49.73 8.35
N PHE G 295 16.41 49.26 7.60
CA PHE G 295 17.20 48.08 7.95
C PHE G 295 18.63 48.40 8.31
N PRO G 296 19.29 47.57 9.14
CA PRO G 296 20.64 47.83 9.62
C PRO G 296 21.64 48.19 8.53
N ASN G 297 21.85 47.32 7.55
CA ASN G 297 22.84 47.57 6.48
C ASN G 297 22.22 47.85 5.12
N GLU G 298 22.97 48.55 4.28
CA GLU G 298 22.54 48.96 2.96
C GLU G 298 22.33 47.77 2.01
N TYR G 299 21.42 47.96 1.05
CA TYR G 299 21.08 46.96 0.01
C TYR G 299 20.71 47.64 -1.30
N THR G 300 20.84 46.91 -2.41
CA THR G 300 20.40 47.39 -3.72
C THR G 300 19.13 46.68 -4.18
N SER G 301 18.32 47.37 -4.98
CA SER G 301 17.01 46.84 -5.34
C SER G 301 16.90 46.35 -6.79
N GLY G 302 18.02 46.11 -7.46
CA GLY G 302 17.99 45.53 -8.81
C GLY G 302 17.71 46.52 -9.92
N ASP G 303 17.44 47.77 -9.53
CA ASP G 303 17.45 48.91 -10.45
C ASP G 303 18.88 49.43 -10.62
N GLY G 304 19.05 50.50 -11.38
CA GLY G 304 20.37 51.13 -11.49
C GLY G 304 20.85 51.85 -10.24
N ASN G 305 19.90 52.18 -9.35
CA ASN G 305 20.10 53.04 -8.16
C ASN G 305 21.19 52.63 -7.18
N LYS G 306 21.61 53.60 -6.38
CA LYS G 306 22.57 53.41 -5.29
C LYS G 306 21.94 52.68 -4.12
N ALA G 307 22.78 52.05 -3.29
CA ALA G 307 22.34 51.28 -2.11
C ALA G 307 21.69 52.17 -1.08
N HIS G 308 20.68 51.62 -0.38
CA HIS G 308 19.99 52.35 0.68
C HIS G 308 19.56 51.42 1.80
N LYS G 309 18.98 51.99 2.86
CA LYS G 309 18.60 51.24 4.06
C LYS G 309 17.07 51.19 4.22
N GLU G 310 16.42 52.20 3.66
CA GLU G 310 14.99 52.42 3.76
C GLU G 310 14.21 51.49 2.82
N PHE G 311 13.09 50.95 3.29
CA PHE G 311 12.20 50.12 2.46
C PHE G 311 10.77 50.61 2.60
N GLY G 312 10.16 51.00 1.49
CA GLY G 312 8.78 51.46 1.54
C GLY G 312 8.47 52.58 0.58
N PRO G 313 7.31 53.27 0.77
CA PRO G 313 6.36 52.99 1.85
C PRO G 313 5.28 51.98 1.47
N PHE G 314 4.95 51.09 2.41
CA PHE G 314 3.79 50.21 2.24
C PHE G 314 2.52 51.04 2.32
N TYR G 315 1.64 50.87 1.36
CA TYR G 315 0.55 51.83 1.15
C TYR G 315 -0.82 51.45 1.74
N GLY G 316 -0.82 50.50 2.68
CA GLY G 316 -2.05 50.02 3.30
C GLY G 316 -3.19 49.90 2.31
N SER G 317 -4.28 50.63 2.58
CA SER G 317 -5.45 50.72 1.69
C SER G 317 -6.23 49.40 1.55
N SER G 318 -6.41 48.72 2.68
CA SER G 318 -7.20 47.49 2.72
C SER G 318 -8.69 47.78 2.43
N TYR G 319 -9.36 46.82 1.80
CA TYR G 319 -10.80 46.92 1.49
C TYR G 319 -11.43 45.55 1.33
N VAL G 320 -12.74 45.50 1.08
CA VAL G 320 -13.42 44.24 0.75
C VAL G 320 -14.21 44.34 -0.57
N ALA G 321 -14.06 43.33 -1.41
CA ALA G 321 -14.75 43.29 -2.68
C ALA G 321 -15.84 42.23 -2.67
N ALA G 322 -17.00 42.63 -3.19
CA ALA G 322 -18.19 41.78 -3.20
C ALA G 322 -18.40 41.09 -4.55
N PRO G 323 -19.09 39.93 -4.55
CA PRO G 323 -19.30 39.08 -5.72
C PRO G 323 -20.11 39.74 -6.83
N ASP G 324 -20.86 40.77 -6.46
CA ASP G 324 -21.75 41.45 -7.39
C ASP G 324 -21.09 42.67 -8.02
N GLY G 325 -19.83 42.93 -7.64
CA GLY G 325 -19.06 44.01 -8.24
C GLY G 325 -18.90 45.22 -7.35
N SER G 326 -19.62 45.24 -6.23
CA SER G 326 -19.49 46.34 -5.26
C SER G 326 -18.25 46.16 -4.36
N ARG G 327 -17.82 47.25 -3.72
CA ARG G 327 -16.64 47.22 -2.85
C ARG G 327 -16.63 48.31 -1.78
N THR G 328 -16.02 47.95 -0.65
CA THR G 328 -15.76 48.85 0.47
C THR G 328 -14.74 49.92 0.06
N PRO G 329 -14.94 51.19 0.46
CA PRO G 329 -13.81 52.14 0.48
C PRO G 329 -12.56 51.53 1.14
N SER G 330 -11.38 52.08 0.82
CA SER G 330 -10.16 51.60 1.48
C SER G 330 -9.90 52.26 2.82
N LEU G 331 -9.07 51.61 3.64
CA LEU G 331 -8.53 52.22 4.84
C LEU G 331 -7.44 53.22 4.46
N SER G 332 -6.79 53.80 5.48
CA SER G 332 -5.68 54.77 5.31
C SER G 332 -4.50 54.21 4.50
N ARG G 333 -3.76 55.09 3.83
CA ARG G 333 -2.52 54.73 3.10
C ARG G 333 -1.31 54.61 4.04
N ASP G 334 -1.43 55.20 5.24
CA ASP G 334 -0.28 55.48 6.12
C ASP G 334 -0.55 55.24 7.61
N LYS G 335 -1.77 54.86 7.95
CA LYS G 335 -2.13 54.70 9.36
C LYS G 335 -2.67 53.30 9.63
N ASP G 336 -2.32 52.77 10.80
CA ASP G 336 -2.85 51.49 11.27
C ASP G 336 -4.37 51.49 11.24
N GLY G 337 -4.96 50.34 10.93
CA GLY G 337 -6.39 50.29 10.76
C GLY G 337 -7.04 48.93 10.92
N LEU G 338 -8.29 48.97 11.40
CA LEU G 338 -9.13 47.80 11.51
C LEU G 338 -10.37 48.02 10.67
N LEU G 339 -10.55 47.17 9.66
CA LEU G 339 -11.71 47.24 8.79
C LEU G 339 -12.73 46.18 9.19
N VAL G 340 -13.90 46.63 9.63
CA VAL G 340 -14.98 45.73 10.01
C VAL G 340 -16.07 45.80 8.96
N VAL G 341 -16.32 44.68 8.29
CA VAL G 341 -17.42 44.62 7.33
C VAL G 341 -18.29 43.41 7.60
N GLU G 342 -19.61 43.63 7.57
CA GLU G 342 -20.63 42.61 7.74
C GLU G 342 -21.26 42.31 6.38
N LEU G 343 -21.40 41.03 6.08
CA LEU G 343 -21.88 40.58 4.77
C LEU G 343 -22.82 39.40 4.91
N ASP G 344 -23.73 39.25 3.94
CA ASP G 344 -24.57 38.06 3.84
C ASP G 344 -23.93 37.13 2.82
N LEU G 345 -23.44 35.99 3.29
CA LEU G 345 -22.80 34.99 2.44
C LEU G 345 -23.69 34.44 1.29
N ASN G 346 -25.02 34.68 1.38
CA ASN G 346 -25.99 34.23 0.36
C ASN G 346 -25.76 34.92 -0.97
N LEU G 347 -25.21 36.13 -0.92
CA LEU G 347 -24.96 36.94 -2.10
C LEU G 347 -24.13 36.20 -3.15
N CYS G 348 -23.24 35.30 -2.68
CA CYS G 348 -22.45 34.44 -3.55
C CYS G 348 -23.32 33.62 -4.52
N ARG G 349 -24.06 32.64 -4.00
CA ARG G 349 -24.96 31.82 -4.82
C ARG G 349 -25.89 32.69 -5.66
N GLN G 350 -26.43 33.75 -5.06
CA GLN G 350 -27.35 34.63 -5.75
C GLN G 350 -26.78 35.18 -7.04
N VAL G 351 -25.54 35.68 -6.96
CA VAL G 351 -24.84 36.24 -8.11
C VAL G 351 -24.48 35.14 -9.12
N LYS G 352 -24.00 34.01 -8.61
CA LYS G 352 -23.74 32.81 -9.42
C LYS G 352 -24.91 32.46 -10.31
N ASP G 353 -26.11 32.52 -9.73
CA ASP G 353 -27.37 32.19 -10.41
C ASP G 353 -27.79 33.25 -11.43
N PHE G 354 -27.52 34.51 -11.14
CA PHE G 354 -27.98 35.60 -11.99
C PHE G 354 -27.03 35.82 -13.19
N TRP G 355 -25.73 35.90 -12.90
CA TRP G 355 -24.74 36.09 -13.96
C TRP G 355 -24.32 34.78 -14.63
N GLY G 356 -24.38 33.68 -13.89
CA GLY G 356 -24.05 32.36 -14.42
C GLY G 356 -22.61 32.19 -14.92
N PHE G 357 -21.65 32.82 -14.24
CA PHE G 357 -20.25 32.70 -14.64
C PHE G 357 -19.74 31.27 -14.54
N ARG G 358 -20.19 30.56 -13.53
CA ARG G 358 -19.70 29.21 -13.23
C ARG G 358 -20.34 28.17 -14.13
N MET G 359 -21.56 28.45 -14.59
CA MET G 359 -22.19 27.53 -15.54
C MET G 359 -21.65 27.69 -16.98
N THR G 360 -20.91 28.76 -17.25
CA THR G 360 -20.34 29.03 -18.57
C THR G 360 -18.79 28.95 -18.64
N GLN G 361 -18.17 28.49 -17.56
CA GLN G 361 -16.70 28.46 -17.40
C GLN G 361 -15.97 27.62 -18.46
N ARG G 362 -16.58 26.51 -18.86
CA ARG G 362 -15.97 25.54 -19.79
C ARG G 362 -14.65 25.02 -19.28
N VAL G 363 -14.59 24.69 -17.99
CA VAL G 363 -13.37 24.17 -17.37
C VAL G 363 -12.71 23.02 -18.13
N PRO G 364 -13.50 22.04 -18.62
CA PRO G 364 -12.84 20.91 -19.29
C PRO G 364 -11.99 21.37 -20.47
N LEU G 365 -12.46 22.39 -21.18
CA LEU G 365 -11.74 22.94 -22.33
C LEU G 365 -10.44 23.58 -21.90
N TYR G 366 -10.49 24.36 -20.82
CA TYR G 366 -9.29 25.04 -20.33
C TYR G 366 -8.31 24.08 -19.65
N ALA G 367 -8.85 23.02 -19.05
CA ALA G 367 -8.03 21.97 -18.47
C ALA G 367 -7.17 21.35 -19.56
N GLU G 368 -7.80 21.13 -20.72
CA GLU G 368 -7.11 20.53 -21.88
C GLU G 368 -6.15 21.50 -22.56
N SER G 369 -6.57 22.74 -22.77
CA SER G 369 -5.75 23.77 -23.40
C SER G 369 -4.49 24.08 -22.61
N PHE G 370 -4.62 24.10 -21.28
CA PHE G 370 -3.51 24.38 -20.36
C PHE G 370 -2.51 23.24 -20.33
N LYS G 371 -3.03 22.02 -20.41
CA LYS G 371 -2.21 20.81 -20.47
C LYS G 371 -1.31 20.84 -21.70
N LYS G 372 -1.89 21.15 -22.87
CA LYS G 372 -1.13 21.22 -24.10
C LYS G 372 -0.07 22.30 -24.01
N ALA G 373 -0.45 23.46 -23.46
CA ALA G 373 0.45 24.62 -23.38
C ALA G 373 1.66 24.36 -22.52
N SER G 374 1.53 23.51 -21.51
CA SER G 374 2.61 23.23 -20.57
C SER G 374 3.56 22.15 -21.07
N GLU G 375 3.14 21.44 -22.12
CA GLU G 375 3.97 20.40 -22.71
C GLU G 375 5.17 20.95 -23.50
N HIS G 376 6.17 20.09 -23.71
CA HIS G 376 7.39 20.48 -24.40
C HIS G 376 7.16 20.84 -25.85
N GLY G 377 6.42 20.00 -26.56
CA GLY G 377 6.23 20.20 -28.00
C GLY G 377 5.26 21.30 -28.37
N PHE G 378 4.97 22.19 -27.43
CA PHE G 378 3.88 23.15 -27.60
C PHE G 378 4.06 24.09 -28.79
N LYS G 379 3.10 24.03 -29.71
CA LYS G 379 3.04 24.97 -30.81
C LYS G 379 1.80 25.83 -30.69
N PRO G 380 1.97 27.14 -30.43
CA PRO G 380 0.83 27.99 -30.13
C PRO G 380 -0.09 28.09 -31.33
N GLN G 381 -1.37 28.35 -31.06
CA GLN G 381 -2.40 28.48 -32.09
C GLN G 381 -2.33 29.86 -32.76
N ILE G 382 -1.30 30.04 -33.58
CA ILE G 382 -1.08 31.28 -34.32
C ILE G 382 -1.51 31.08 -35.77
N ILE G 383 -2.36 31.97 -36.27
CA ILE G 383 -2.76 31.97 -37.67
C ILE G 383 -1.96 33.03 -38.46
N LYS G 384 -1.23 32.56 -39.47
CA LYS G 384 -0.41 33.39 -40.35
C LYS G 384 -1.18 33.74 -41.62
N GLU G 385 -0.70 34.76 -42.35
CA GLU G 385 -1.22 35.07 -43.69
C GLU G 385 -0.70 34.06 -44.72
N THR G 386 -1.61 33.45 -45.50
CA THR G 386 -1.27 32.40 -46.48
C THR G 386 -0.61 32.97 -47.73
N ASN H 8 -18.02 62.01 -19.03
CA ASN H 8 -16.60 61.63 -19.19
C ASN H 8 -15.86 61.69 -17.85
N LEU H 9 -15.67 60.54 -17.21
CA LEU H 9 -15.10 60.48 -15.85
C LEU H 9 -13.78 61.25 -15.71
N ASN H 10 -12.93 61.13 -16.71
CA ASN H 10 -11.65 61.84 -16.71
C ASN H 10 -11.84 63.35 -16.71
N ASP H 11 -12.73 63.82 -17.56
CA ASP H 11 -13.08 65.24 -17.65
C ASP H 11 -13.67 65.78 -16.35
N CYS H 12 -14.47 64.95 -15.67
CA CYS H 12 -15.09 65.34 -14.42
C CYS H 12 -14.07 65.44 -13.28
N LEU H 13 -13.06 64.58 -13.29
CA LEU H 13 -12.02 64.58 -12.26
C LEU H 13 -11.04 65.75 -12.38
N GLU H 14 -10.81 66.19 -13.62
CA GLU H 14 -9.96 67.34 -13.87
C GLU H 14 -10.72 68.68 -13.77
N LYS H 15 -12.04 68.60 -13.63
CA LYS H 15 -12.89 69.78 -13.48
C LYS H 15 -13.31 70.05 -12.02
N HIS H 16 -12.79 69.28 -11.08
CA HIS H 16 -13.19 69.42 -9.68
C HIS H 16 -12.06 69.25 -8.66
N LEU H 17 -10.87 68.91 -9.14
CA LEU H 17 -9.74 68.64 -8.24
C LEU H 17 -8.53 69.57 -8.44
N PRO H 18 -7.90 70.03 -7.32
CA PRO H 18 -6.64 70.77 -7.37
C PRO H 18 -5.56 69.92 -8.05
N PRO H 19 -4.75 70.54 -8.92
CA PRO H 19 -3.88 69.83 -9.87
C PRO H 19 -2.88 68.85 -9.23
N ASP H 20 -2.43 69.15 -8.01
CA ASP H 20 -1.50 68.24 -7.32
C ASP H 20 -2.22 67.03 -6.70
N GLU H 21 -3.51 67.18 -6.37
CA GLU H 21 -4.33 66.04 -5.94
C GLU H 21 -4.80 65.19 -7.14
N LEU H 22 -5.23 65.88 -8.21
CA LEU H 22 -5.60 65.25 -9.48
C LEU H 22 -4.49 64.33 -9.95
N LYS H 23 -3.25 64.80 -9.83
CA LYS H 23 -2.07 64.02 -10.20
C LYS H 23 -1.96 62.68 -9.39
N GLU H 24 -2.44 62.70 -8.15
CA GLU H 24 -2.42 61.50 -7.31
C GLU H 24 -3.63 60.58 -7.56
N VAL H 25 -4.80 61.20 -7.78
CA VAL H 25 -6.04 60.50 -8.12
C VAL H 25 -5.88 59.74 -9.44
N LYS H 26 -5.25 60.40 -10.41
CA LYS H 26 -5.00 59.80 -11.71
C LYS H 26 -3.94 58.69 -11.64
N ARG H 27 -2.98 58.80 -10.72
CA ARG H 27 -1.97 57.74 -10.60
C ARG H 27 -2.55 56.45 -10.07
N ILE H 28 -3.57 56.58 -9.21
CA ILE H 28 -4.24 55.43 -8.60
C ILE H 28 -5.32 54.81 -9.51
N LEU H 29 -6.08 55.66 -10.20
CA LEU H 29 -7.15 55.21 -11.11
C LEU H 29 -6.60 54.71 -12.45
N TYR H 30 -5.92 55.59 -13.16
CA TYR H 30 -5.23 55.23 -14.39
C TYR H 30 -3.79 54.86 -14.00
N GLY H 31 -2.94 54.62 -14.99
CA GLY H 31 -1.62 54.10 -14.67
C GLY H 31 -0.56 55.13 -14.36
N VAL H 32 -0.80 56.35 -14.85
CA VAL H 32 0.19 57.43 -14.79
C VAL H 32 -0.37 58.67 -14.06
N GLU H 33 0.43 59.73 -14.03
CA GLU H 33 0.17 60.92 -13.23
C GLU H 33 -0.54 61.98 -14.04
N GLU H 34 -0.16 62.07 -15.31
CA GLU H 34 -0.71 62.99 -16.30
C GLU H 34 -0.84 62.27 -17.63
N ASP H 35 -2.01 62.41 -18.27
CA ASP H 35 -2.28 61.77 -19.57
C ASP H 35 -1.10 61.87 -20.54
N GLN H 36 -0.76 60.74 -21.15
CA GLN H 36 0.22 60.75 -22.22
C GLN H 36 -0.52 60.95 -23.55
N THR H 37 -0.85 62.22 -23.80
CA THR H 37 -1.56 62.68 -25.00
C THR H 37 -0.76 62.33 -26.24
N LEU H 38 -1.48 62.06 -27.33
CA LEU H 38 -0.86 61.92 -28.63
C LEU H 38 -1.45 62.97 -29.54
N GLU H 39 -0.61 63.73 -30.23
CA GLU H 39 -1.14 64.75 -31.11
C GLU H 39 -1.57 64.15 -32.45
N LEU H 40 -2.81 64.44 -32.84
CA LEU H 40 -3.39 63.80 -34.01
C LEU H 40 -3.42 64.76 -35.20
N PRO H 41 -2.97 64.29 -36.39
CA PRO H 41 -3.02 65.05 -37.63
C PRO H 41 -4.27 65.88 -37.78
N THR H 42 -4.12 67.10 -38.29
CA THR H 42 -5.22 68.06 -38.33
C THR H 42 -6.35 67.62 -39.23
N SER H 43 -6.01 66.96 -40.33
CA SER H 43 -6.97 66.42 -41.29
C SER H 43 -7.92 65.38 -40.67
N ALA H 44 -7.40 64.58 -39.74
CA ALA H 44 -8.16 63.54 -39.05
C ALA H 44 -9.22 64.14 -38.14
N LYS H 45 -8.76 65.01 -37.23
CA LYS H 45 -9.65 65.71 -36.31
C LYS H 45 -10.76 66.48 -37.04
N ASP H 46 -10.49 66.90 -38.26
CA ASP H 46 -11.48 67.61 -39.07
C ASP H 46 -12.63 66.69 -39.46
N ILE H 47 -12.29 65.51 -39.97
CA ILE H 47 -13.29 64.52 -40.37
C ILE H 47 -14.23 64.22 -39.19
N ALA H 48 -13.64 63.97 -38.03
CA ALA H 48 -14.38 63.67 -36.80
C ALA H 48 -15.27 64.84 -36.38
N GLU H 49 -14.69 66.04 -36.37
CA GLU H 49 -15.41 67.28 -36.09
C GLU H 49 -16.70 67.38 -36.92
N GLN H 50 -16.56 67.26 -38.24
CA GLN H 50 -17.66 67.40 -39.18
C GLN H 50 -18.72 66.31 -39.05
N ASN H 51 -18.29 65.06 -38.90
CA ASN H 51 -19.20 63.92 -38.76
C ASN H 51 -19.74 63.73 -37.34
N GLY H 52 -19.32 64.59 -36.41
CA GLY H 52 -19.86 64.60 -35.05
C GLY H 52 -19.46 63.44 -34.17
N PHE H 53 -18.24 62.94 -34.33
CA PHE H 53 -17.70 61.93 -33.41
C PHE H 53 -16.38 62.30 -32.74
N ASP H 54 -16.20 61.83 -31.51
CA ASP H 54 -14.98 62.05 -30.73
C ASP H 54 -13.77 61.42 -31.40
N ILE H 55 -12.63 62.09 -31.30
CA ILE H 55 -11.34 61.52 -31.68
C ILE H 55 -10.30 61.89 -30.63
N LYS H 56 -9.76 60.89 -29.95
CA LYS H 56 -8.76 61.13 -28.91
C LYS H 56 -7.55 60.26 -29.11
N GLY H 57 -6.38 60.87 -28.94
CA GLY H 57 -5.09 60.19 -29.11
C GLY H 57 -4.30 60.08 -27.83
N TYR H 58 -3.78 58.88 -27.56
CA TYR H 58 -2.91 58.62 -26.41
C TYR H 58 -1.70 57.76 -26.80
N ARG H 59 -0.68 57.75 -25.94
CA ARG H 59 0.56 57.06 -26.26
C ARG H 59 1.07 56.22 -25.09
N PHE H 60 1.54 55.01 -25.42
CA PHE H 60 2.27 54.15 -24.49
C PHE H 60 3.67 53.96 -24.99
N THR H 61 4.62 53.99 -24.07
CA THR H 61 6.02 53.90 -24.42
C THR H 61 6.68 52.71 -23.76
N ALA H 62 7.79 52.25 -24.33
CA ALA H 62 8.57 51.20 -23.71
C ALA H 62 10.01 51.66 -23.53
N ARG H 63 10.79 50.87 -22.83
CA ARG H 63 12.21 51.14 -22.68
C ARG H 63 12.97 50.80 -23.98
N GLU H 64 14.06 51.52 -24.22
CA GLU H 64 14.94 51.32 -25.36
C GLU H 64 15.72 50.02 -25.18
N GLU H 65 15.73 49.17 -26.20
CA GLU H 65 16.42 47.88 -26.10
C GLU H 65 17.63 47.78 -27.03
N GLN H 66 18.63 47.02 -26.62
CA GLN H 66 19.88 46.88 -27.39
C GLN H 66 19.76 46.00 -28.63
N THR H 67 19.12 44.83 -28.50
CA THR H 67 19.04 43.87 -29.62
C THR H 67 17.77 43.96 -30.45
N ARG H 68 16.92 44.94 -30.17
CA ARG H 68 15.61 45.05 -30.83
C ARG H 68 15.19 46.51 -31.03
N LYS H 69 14.80 46.87 -32.25
CA LYS H 69 14.28 48.23 -32.47
C LYS H 69 12.84 48.35 -31.95
N ARG H 70 12.45 49.58 -31.59
CA ARG H 70 11.13 49.85 -31.05
C ARG H 70 10.08 49.42 -32.04
N ARG H 71 9.10 48.66 -31.57
CA ARG H 71 8.06 48.18 -32.44
C ARG H 71 6.79 48.99 -32.22
N ILE H 72 6.80 50.23 -32.70
CA ILE H 72 5.70 51.16 -32.50
C ILE H 72 4.54 50.84 -33.44
N VAL H 73 3.33 50.77 -32.87
CA VAL H 73 2.12 50.45 -33.62
C VAL H 73 0.95 51.29 -33.14
N ARG H 74 0.08 51.68 -34.08
CA ARG H 74 -1.07 52.53 -33.78
C ARG H 74 -2.38 51.80 -33.98
N VAL H 75 -3.23 51.77 -32.94
CA VAL H 75 -4.55 51.14 -33.07
C VAL H 75 -5.71 52.10 -32.93
N GLY H 76 -6.78 51.79 -33.66
CA GLY H 76 -7.99 52.59 -33.65
C GLY H 76 -9.20 51.78 -33.25
N ALA H 77 -9.70 52.07 -32.05
CA ALA H 77 -10.92 51.49 -31.56
C ALA H 77 -12.09 52.38 -31.96
N ILE H 78 -13.14 51.76 -32.49
CA ILE H 78 -14.31 52.50 -33.00
C ILE H 78 -15.61 52.18 -32.26
N GLN H 79 -16.12 53.16 -31.50
CA GLN H 79 -17.42 52.99 -30.85
C GLN H 79 -18.45 53.85 -31.55
N ASN H 80 -19.63 53.28 -31.80
CA ASN H 80 -20.71 54.01 -32.46
C ASN H 80 -22.08 53.61 -31.92
N SER H 81 -23.13 54.25 -32.46
CA SER H 81 -24.48 53.73 -32.31
C SER H 81 -25.09 53.37 -33.65
N ILE H 82 -26.15 52.58 -33.63
CA ILE H 82 -26.98 52.36 -34.82
C ILE H 82 -27.62 53.67 -35.28
N VAL H 83 -27.99 53.72 -36.56
CA VAL H 83 -28.39 54.97 -37.19
C VAL H 83 -29.89 55.03 -37.41
N ILE H 84 -30.39 54.21 -38.34
CA ILE H 84 -31.80 54.27 -38.73
C ILE H 84 -32.63 53.30 -37.90
N PRO H 85 -33.84 53.72 -37.55
CA PRO H 85 -34.73 52.93 -36.66
C PRO H 85 -34.82 51.43 -37.03
N THR H 86 -34.82 50.58 -36.00
CA THR H 86 -34.81 49.11 -36.16
C THR H 86 -35.99 48.57 -37.01
N THR H 87 -36.95 49.44 -37.29
CA THR H 87 -38.12 49.14 -38.12
C THR H 87 -37.86 49.64 -39.55
N ALA H 88 -36.89 49.03 -40.23
CA ALA H 88 -36.47 49.46 -41.58
C ALA H 88 -35.75 48.29 -42.25
N PRO H 89 -35.89 48.16 -43.58
CA PRO H 89 -35.26 47.00 -44.25
C PRO H 89 -33.87 46.79 -43.66
N ILE H 90 -33.61 45.57 -43.18
CA ILE H 90 -32.34 45.27 -42.50
C ILE H 90 -31.08 45.60 -43.34
N GLU H 91 -31.21 45.56 -44.67
CA GLU H 91 -30.12 45.91 -45.56
C GLU H 91 -29.79 47.39 -45.57
N LYS H 92 -30.82 48.23 -45.44
CA LYS H 92 -30.61 49.67 -45.30
C LYS H 92 -30.11 50.06 -43.90
N GLN H 93 -30.47 49.28 -42.89
CA GLN H 93 -29.91 49.47 -41.55
C GLN H 93 -28.40 49.19 -41.55
N ARG H 94 -28.00 48.06 -42.12
CA ARG H 94 -26.58 47.70 -42.25
C ARG H 94 -25.81 48.75 -43.07
N GLU H 95 -26.40 49.13 -44.21
CA GLU H 95 -25.88 50.15 -45.10
C GLU H 95 -25.61 51.53 -44.44
N ALA H 96 -26.49 51.94 -43.53
CA ALA H 96 -26.32 53.21 -42.82
C ALA H 96 -25.13 53.19 -41.83
N ILE H 97 -25.00 52.10 -41.07
CA ILE H 97 -23.87 51.91 -40.16
C ILE H 97 -22.57 51.73 -40.95
N TRP H 98 -22.63 50.92 -42.02
CA TRP H 98 -21.58 50.89 -43.04
C TRP H 98 -21.04 52.27 -43.39
N ASN H 99 -21.94 53.17 -43.80
CA ASN H 99 -21.57 54.51 -44.26
C ASN H 99 -21.03 55.43 -43.17
N LYS H 100 -21.53 55.29 -41.94
CA LYS H 100 -20.95 56.04 -40.82
C LYS H 100 -19.55 55.57 -40.48
N VAL H 101 -19.40 54.25 -40.37
CA VAL H 101 -18.13 53.65 -39.93
C VAL H 101 -17.09 53.84 -41.03
N LYS H 102 -17.53 53.72 -42.28
CA LYS H 102 -16.67 54.03 -43.44
C LYS H 102 -15.84 55.28 -43.21
N THR H 103 -16.50 56.35 -42.73
CA THR H 103 -15.81 57.63 -42.60
C THR H 103 -15.03 57.73 -41.30
N MET H 104 -15.39 56.90 -40.31
CA MET H 104 -14.61 56.81 -39.07
C MET H 104 -13.28 56.10 -39.33
N ILE H 105 -13.35 55.02 -40.12
CA ILE H 105 -12.17 54.25 -40.52
C ILE H 105 -11.24 55.15 -41.36
N LYS H 106 -11.83 56.08 -42.09
CA LYS H 106 -11.04 57.07 -42.85
C LYS H 106 -10.25 57.97 -41.90
N ALA H 107 -10.93 58.45 -40.85
CA ALA H 107 -10.31 59.31 -39.84
C ALA H 107 -9.15 58.58 -39.19
N ALA H 108 -9.39 57.32 -38.81
CA ALA H 108 -8.35 56.48 -38.21
C ALA H 108 -7.19 56.24 -39.17
N ALA H 109 -7.51 56.22 -40.46
CA ALA H 109 -6.49 56.10 -41.52
C ALA H 109 -5.61 57.33 -41.58
N GLU H 110 -6.26 58.50 -41.53
CA GLU H 110 -5.63 59.83 -41.47
C GLU H 110 -4.77 60.03 -40.24
N ALA H 111 -5.26 59.58 -39.09
CA ALA H 111 -4.50 59.63 -37.86
C ALA H 111 -3.42 58.54 -37.83
N GLY H 112 -3.34 57.79 -38.94
CA GLY H 112 -2.25 56.83 -39.18
C GLY H 112 -2.28 55.57 -38.35
N CYS H 113 -3.46 55.01 -38.13
CA CYS H 113 -3.57 53.72 -37.45
C CYS H 113 -3.12 52.57 -38.36
N ASN H 114 -2.70 51.46 -37.76
CA ASN H 114 -2.36 50.24 -38.53
C ASN H 114 -3.33 49.11 -38.25
N ILE H 115 -4.06 49.21 -37.14
CA ILE H 115 -5.04 48.22 -36.78
C ILE H 115 -6.30 48.95 -36.33
N VAL H 116 -7.42 48.63 -36.97
CA VAL H 116 -8.70 49.20 -36.59
C VAL H 116 -9.68 48.11 -36.19
N CYS H 117 -10.44 48.40 -35.13
CA CYS H 117 -11.31 47.39 -34.54
C CYS H 117 -12.72 47.90 -34.18
N THR H 118 -13.73 47.11 -34.51
CA THR H 118 -15.13 47.46 -34.32
C THR H 118 -15.68 46.94 -32.98
N GLN H 119 -16.88 47.36 -32.59
CA GLN H 119 -17.53 46.77 -31.42
C GLN H 119 -18.14 45.42 -31.78
N GLU H 120 -18.92 44.82 -30.86
CA GLU H 120 -19.57 43.53 -31.14
C GLU H 120 -20.85 43.71 -31.95
N ALA H 121 -21.04 42.82 -32.92
CA ALA H 121 -22.19 42.83 -33.81
C ALA H 121 -22.39 44.24 -34.35
N TRP H 122 -21.28 44.84 -34.77
CA TRP H 122 -21.22 46.26 -35.13
C TRP H 122 -22.16 46.68 -36.27
N THR H 123 -22.64 45.69 -37.00
CA THR H 123 -23.32 45.89 -38.27
C THR H 123 -24.87 45.92 -38.16
N MET H 124 -25.36 45.83 -36.92
CA MET H 124 -26.80 45.61 -36.65
C MET H 124 -27.20 46.11 -35.27
N PRO H 125 -28.46 46.58 -35.11
CA PRO H 125 -28.97 46.83 -33.75
C PRO H 125 -28.92 45.54 -32.91
N PHE H 126 -28.53 45.65 -31.63
CA PHE H 126 -28.36 44.47 -30.80
C PHE H 126 -29.70 43.85 -30.41
N ALA H 127 -30.23 42.98 -31.28
CA ALA H 127 -31.61 42.45 -31.19
C ALA H 127 -31.88 41.59 -29.95
N CYS H 137 -32.04 39.37 -37.04
CA CYS H 137 -31.63 38.00 -37.29
C CYS H 137 -31.10 37.75 -38.73
N GLU H 138 -31.85 38.19 -39.74
CA GLU H 138 -31.36 38.07 -41.13
C GLU H 138 -30.26 39.07 -41.49
N PHE H 139 -29.56 39.57 -40.47
CA PHE H 139 -28.30 40.31 -40.61
C PHE H 139 -27.10 39.36 -40.78
N ALA H 140 -27.24 38.10 -40.36
CA ALA H 140 -26.18 37.09 -40.41
C ALA H 140 -25.66 36.91 -41.81
N GLU H 141 -24.34 37.02 -41.96
CA GLU H 141 -23.70 36.80 -43.26
C GLU H 141 -22.56 35.78 -43.18
N GLU H 142 -21.96 35.47 -44.32
CA GLU H 142 -20.81 34.58 -44.33
C GLU H 142 -19.57 35.34 -43.84
N ALA H 143 -18.64 34.61 -43.21
CA ALA H 143 -17.47 35.22 -42.58
C ALA H 143 -16.46 35.70 -43.62
N GLU H 144 -16.28 34.92 -44.67
CA GLU H 144 -15.25 35.24 -45.65
C GLU H 144 -15.78 35.98 -46.89
N ASN H 145 -16.98 35.64 -47.35
CA ASN H 145 -17.52 36.22 -48.58
C ASN H 145 -18.74 37.10 -48.28
N GLY H 146 -19.04 37.27 -46.99
CA GLY H 146 -20.13 38.16 -46.57
C GLY H 146 -19.89 39.58 -47.03
N PRO H 147 -20.96 40.32 -47.36
CA PRO H 147 -20.88 41.69 -47.89
C PRO H 147 -20.01 42.63 -47.05
N THR H 148 -20.14 42.53 -45.74
CA THR H 148 -19.43 43.39 -44.78
C THR H 148 -17.93 43.14 -44.81
N THR H 149 -17.52 41.88 -44.74
CA THR H 149 -16.13 41.49 -44.90
C THR H 149 -15.57 41.92 -46.26
N LYS H 150 -16.30 41.60 -47.34
CA LYS H 150 -15.93 42.00 -48.70
C LYS H 150 -15.67 43.49 -48.79
N MET H 151 -16.62 44.27 -48.28
CA MET H 151 -16.54 45.73 -48.32
C MET H 151 -15.38 46.27 -47.48
N LEU H 152 -15.27 45.80 -46.23
CA LEU H 152 -14.18 46.21 -45.35
C LEU H 152 -12.80 45.77 -45.84
N ALA H 153 -12.73 44.63 -46.52
CA ALA H 153 -11.48 44.15 -47.11
C ALA H 153 -10.86 45.17 -48.09
N GLU H 154 -11.74 45.94 -48.74
CA GLU H 154 -11.37 47.00 -49.66
C GLU H 154 -10.64 48.14 -48.96
N LEU H 155 -11.26 48.63 -47.89
CA LEU H 155 -10.68 49.70 -47.08
C LEU H 155 -9.37 49.29 -46.43
N ALA H 156 -9.23 48.00 -46.12
CA ALA H 156 -7.99 47.44 -45.60
C ALA H 156 -6.82 47.49 -46.60
N LYS H 157 -7.06 47.06 -47.84
CA LYS H 157 -6.03 47.14 -48.89
C LYS H 157 -5.66 48.58 -49.19
N ALA H 158 -6.68 49.43 -49.29
CA ALA H 158 -6.52 50.84 -49.65
C ALA H 158 -5.78 51.63 -48.57
N TYR H 159 -6.15 51.43 -47.32
CA TYR H 159 -5.51 52.13 -46.20
C TYR H 159 -4.29 51.40 -45.61
N ASN H 160 -3.90 50.28 -46.20
CA ASN H 160 -2.87 49.38 -45.64
C ASN H 160 -2.97 49.27 -44.10
N MET H 161 -4.10 48.75 -43.65
CA MET H 161 -4.34 48.48 -42.24
C MET H 161 -5.11 47.21 -42.01
N VAL H 162 -4.80 46.54 -40.91
CA VAL H 162 -5.50 45.34 -40.49
C VAL H 162 -6.84 45.78 -39.89
N ILE H 163 -7.93 45.15 -40.35
CA ILE H 163 -9.26 45.47 -39.83
C ILE H 163 -9.88 44.26 -39.15
N ILE H 164 -10.11 44.38 -37.85
CA ILE H 164 -10.81 43.37 -37.09
C ILE H 164 -12.26 43.82 -36.89
N HIS H 165 -13.21 42.96 -37.27
CA HIS H 165 -14.62 43.29 -37.10
C HIS H 165 -15.47 42.10 -36.60
N SER H 166 -16.55 42.43 -35.90
CA SER H 166 -17.42 41.44 -35.27
C SER H 166 -18.86 41.45 -35.85
N ILE H 167 -19.26 40.31 -36.41
CA ILE H 167 -20.54 40.16 -37.10
C ILE H 167 -21.36 38.97 -36.57
N LEU H 168 -22.57 38.82 -37.10
CA LEU H 168 -23.28 37.56 -37.01
C LEU H 168 -22.87 36.66 -38.19
N GLU H 169 -22.40 35.46 -37.89
CA GLU H 169 -21.99 34.53 -38.94
C GLU H 169 -23.03 33.46 -39.16
N ARG H 170 -23.48 33.30 -40.41
CA ARG H 170 -24.19 32.09 -40.81
C ARG H 170 -23.22 31.20 -41.58
N ASP H 171 -23.02 29.99 -41.05
CA ASP H 171 -22.09 29.05 -41.66
C ASP H 171 -22.89 28.17 -42.59
N MET H 172 -22.54 28.18 -43.87
CA MET H 172 -23.26 27.38 -44.86
C MET H 172 -23.04 25.87 -44.71
N GLU H 173 -21.77 25.47 -44.84
CA GLU H 173 -21.37 24.04 -44.81
C GLU H 173 -21.90 23.26 -43.61
N HIS H 174 -21.82 23.83 -42.42
CA HIS H 174 -22.33 23.12 -41.28
C HIS H 174 -23.74 23.62 -40.92
N GLY H 175 -24.68 23.30 -41.81
CA GLY H 175 -26.12 23.40 -41.56
C GLY H 175 -26.67 24.79 -41.31
N GLU H 176 -26.18 25.76 -42.09
CA GLU H 176 -26.59 27.19 -41.97
C GLU H 176 -26.78 27.67 -40.52
N THR H 177 -25.84 27.32 -39.65
CA THR H 177 -25.87 27.67 -38.23
C THR H 177 -25.36 29.10 -38.00
N ILE H 178 -25.90 29.76 -36.97
CA ILE H 178 -25.52 31.14 -36.62
C ILE H 178 -24.46 31.19 -35.51
N TRP H 179 -23.51 32.11 -35.66
CA TRP H 179 -22.38 32.27 -34.74
C TRP H 179 -22.05 33.74 -34.50
N ASN H 180 -21.53 34.04 -33.30
CA ASN H 180 -20.95 35.35 -32.99
C ASN H 180 -19.45 35.33 -33.28
N THR H 181 -19.06 36.04 -34.33
CA THR H 181 -17.72 35.88 -34.90
C THR H 181 -16.98 37.19 -35.16
N ALA H 182 -15.73 37.24 -34.72
CA ALA H 182 -14.82 38.31 -35.15
C ALA H 182 -13.96 37.84 -36.31
N VAL H 183 -13.86 38.68 -37.35
CA VAL H 183 -13.00 38.37 -38.49
C VAL H 183 -11.80 39.31 -38.58
N VAL H 184 -10.65 38.72 -38.89
CA VAL H 184 -9.40 39.46 -39.00
C VAL H 184 -9.05 39.59 -40.49
N ILE H 185 -9.07 40.83 -40.99
CA ILE H 185 -8.69 41.12 -42.37
C ILE H 185 -7.32 41.79 -42.37
N SER H 186 -6.37 41.15 -43.06
CA SER H 186 -4.99 41.62 -43.21
C SER H 186 -4.91 42.95 -43.98
N ASN H 187 -3.85 43.72 -43.72
CA ASN H 187 -3.62 44.98 -44.44
C ASN H 187 -3.32 44.76 -45.93
N SER H 188 -3.10 43.50 -46.29
CA SER H 188 -2.99 43.07 -47.69
C SER H 188 -4.34 43.11 -48.37
N GLY H 189 -5.39 43.10 -47.57
CA GLY H 189 -6.75 43.03 -48.07
C GLY H 189 -7.32 41.63 -47.94
N ARG H 190 -6.43 40.64 -47.84
CA ARG H 190 -6.83 39.22 -47.81
C ARG H 190 -7.31 38.80 -46.42
N TYR H 191 -8.39 38.01 -46.41
CA TYR H 191 -9.04 37.48 -45.20
C TYR H 191 -8.07 36.55 -44.44
N LEU H 192 -7.74 36.93 -43.21
CA LEU H 192 -6.83 36.14 -42.40
C LEU H 192 -7.47 34.90 -41.76
N GLY H 193 -8.71 35.06 -41.30
CA GLY H 193 -9.40 34.05 -40.52
C GLY H 193 -10.43 34.63 -39.56
N LYS H 194 -11.01 33.76 -38.75
CA LYS H 194 -12.09 34.13 -37.87
C LYS H 194 -11.97 33.50 -36.48
N HIS H 195 -12.64 34.10 -35.51
CA HIS H 195 -12.79 33.47 -34.21
C HIS H 195 -14.19 33.65 -33.65
N ARG H 196 -14.73 32.54 -33.12
CA ARG H 196 -16.09 32.49 -32.60
C ARG H 196 -16.14 32.61 -31.08
N LYS H 197 -17.05 33.46 -30.61
CA LYS H 197 -17.34 33.71 -29.19
C LYS H 197 -17.24 32.44 -28.33
N ASN H 198 -16.23 32.36 -27.48
CA ASN H 198 -16.05 31.16 -26.65
C ASN H 198 -17.07 31.03 -25.51
N HIS H 199 -17.56 32.14 -25.00
CA HIS H 199 -18.51 32.09 -23.86
C HIS H 199 -19.87 32.75 -24.14
N ILE H 200 -20.95 32.00 -23.91
CA ILE H 200 -22.30 32.43 -24.27
C ILE H 200 -23.15 32.75 -23.04
N PRO H 201 -23.74 33.97 -22.97
CA PRO H 201 -24.47 34.38 -21.74
C PRO H 201 -25.82 33.70 -21.59
N MET H 213 -24.88 29.04 -28.88
CA MET H 213 -24.01 27.97 -29.35
C MET H 213 -22.53 28.34 -29.15
N GLU H 214 -21.87 27.63 -28.23
CA GLU H 214 -20.49 27.98 -27.85
C GLU H 214 -19.39 27.71 -28.90
N GLY H 215 -18.42 28.62 -28.95
CA GLY H 215 -17.39 28.65 -29.98
C GLY H 215 -16.43 27.48 -29.97
N ASN H 216 -16.19 26.93 -31.15
CA ASN H 216 -15.26 25.79 -31.40
C ASN H 216 -13.91 26.16 -32.08
N THR H 217 -13.61 27.46 -32.19
CA THR H 217 -12.39 27.93 -32.85
C THR H 217 -11.16 27.96 -31.92
N GLY H 218 -11.36 27.61 -30.65
CA GLY H 218 -10.26 27.61 -29.67
C GLY H 218 -9.90 28.99 -29.17
N HIS H 219 -8.62 29.32 -29.20
CA HIS H 219 -8.13 30.65 -28.77
C HIS H 219 -7.08 31.17 -29.77
N PRO H 220 -7.51 31.50 -31.02
CA PRO H 220 -6.56 31.84 -32.08
C PRO H 220 -5.85 33.18 -31.86
N VAL H 221 -4.55 33.19 -32.18
CA VAL H 221 -3.72 34.40 -32.22
C VAL H 221 -3.35 34.65 -33.68
N PHE H 222 -3.58 35.87 -34.15
CA PHE H 222 -3.26 36.18 -35.53
C PHE H 222 -1.96 36.93 -35.59
N GLU H 223 -1.04 36.38 -36.37
CA GLU H 223 0.28 36.95 -36.50
C GLU H 223 0.29 37.88 -37.71
N THR H 224 -0.02 39.13 -37.44
CA THR H 224 0.02 40.18 -38.44
C THR H 224 1.35 40.89 -38.33
N GLU H 225 1.69 41.70 -39.34
CA GLU H 225 2.93 42.46 -39.31
C GLU H 225 2.85 43.68 -38.37
N PHE H 226 1.76 43.82 -37.63
CA PHE H 226 1.63 44.89 -36.65
C PHE H 226 1.32 44.30 -35.28
N GLY H 227 1.78 43.08 -35.06
CA GLY H 227 1.66 42.44 -33.77
C GLY H 227 0.80 41.18 -33.78
N LYS H 228 0.96 40.37 -32.76
CA LYS H 228 0.13 39.19 -32.58
C LYS H 228 -1.18 39.62 -31.94
N LEU H 229 -2.26 39.53 -32.71
CA LEU H 229 -3.55 40.02 -32.26
C LEU H 229 -4.49 38.89 -31.87
N ALA H 230 -5.41 39.19 -30.95
CA ALA H 230 -6.42 38.25 -30.51
C ALA H 230 -7.71 38.96 -30.22
N VAL H 231 -8.83 38.27 -30.42
CA VAL H 231 -10.15 38.84 -30.14
C VAL H 231 -10.90 38.03 -29.09
N ASN H 232 -11.19 38.66 -27.96
CA ASN H 232 -12.01 38.06 -26.91
C ASN H 232 -13.38 38.73 -26.95
N ILE H 233 -14.40 37.96 -27.31
CA ILE H 233 -15.71 38.56 -27.64
C ILE H 233 -16.64 38.72 -26.43
N CYS H 234 -17.19 39.92 -26.32
CA CYS H 234 -18.21 40.31 -25.34
C CYS H 234 -18.14 39.62 -23.98
N TYR H 235 -19.10 38.73 -23.71
CA TYR H 235 -19.23 38.00 -22.45
C TYR H 235 -17.95 37.29 -21.99
N GLY H 236 -17.11 36.87 -22.94
CA GLY H 236 -15.78 36.27 -22.66
C GLY H 236 -14.90 37.14 -21.79
N ARG H 237 -15.20 38.45 -21.81
CA ARG H 237 -14.66 39.49 -20.91
C ARG H 237 -14.63 39.04 -19.44
N HIS H 238 -15.68 38.35 -19.02
CA HIS H 238 -15.85 37.96 -17.64
C HIS H 238 -15.01 36.73 -17.24
N HIS H 239 -14.43 36.03 -18.22
CA HIS H 239 -13.71 34.79 -17.94
C HIS H 239 -12.17 34.92 -17.96
N PRO H 240 -11.54 35.05 -16.79
CA PRO H 240 -10.09 35.24 -16.68
C PRO H 240 -9.24 34.14 -17.35
N GLN H 241 -9.75 32.92 -17.31
CA GLN H 241 -9.09 31.79 -17.96
C GLN H 241 -9.15 31.90 -19.50
N ASN H 242 -10.15 32.63 -20.02
CA ASN H 242 -10.25 32.93 -21.45
C ASN H 242 -9.09 33.83 -21.86
N TRP H 243 -8.99 34.99 -21.20
CA TRP H 243 -7.87 35.89 -21.38
C TRP H 243 -6.54 35.14 -21.28
N MET H 244 -6.38 34.34 -20.21
CA MET H 244 -5.12 33.62 -19.95
C MET H 244 -4.69 32.71 -21.11
N MET H 245 -5.64 32.10 -21.80
CA MET H 245 -5.28 31.21 -22.90
C MET H 245 -4.79 32.00 -24.12
N PHE H 246 -5.41 33.13 -24.41
CA PHE H 246 -4.91 33.98 -25.50
C PHE H 246 -3.46 34.35 -25.21
N GLY H 247 -3.21 34.69 -23.95
CA GLY H 247 -1.86 34.96 -23.44
C GLY H 247 -0.91 33.81 -23.69
N LEU H 248 -1.31 32.62 -23.27
CA LEU H 248 -0.52 31.41 -23.47
C LEU H 248 -0.19 31.14 -24.95
N ASN H 249 -1.06 31.62 -25.84
CA ASN H 249 -0.86 31.49 -27.27
C ASN H 249 0.01 32.61 -27.85
N GLY H 250 0.46 33.50 -26.99
CA GLY H 250 1.42 34.51 -27.38
C GLY H 250 0.88 35.86 -27.82
N ALA H 251 -0.39 36.15 -27.52
CA ALA H 251 -1.01 37.42 -27.90
C ALA H 251 -0.24 38.62 -27.34
N GLU H 252 -0.32 39.75 -28.04
CA GLU H 252 0.33 41.00 -27.67
C GLU H 252 -0.69 42.14 -27.50
N ILE H 253 -1.66 42.18 -28.41
CA ILE H 253 -2.83 43.04 -28.26
C ILE H 253 -4.06 42.15 -28.32
N VAL H 254 -4.90 42.21 -27.29
CA VAL H 254 -6.17 41.48 -27.28
C VAL H 254 -7.36 42.43 -27.26
N PHE H 255 -8.03 42.52 -28.40
CA PHE H 255 -9.22 43.36 -28.55
C PHE H 255 -10.43 42.70 -27.86
N ASN H 256 -11.31 43.50 -27.28
CA ASN H 256 -12.51 42.98 -26.64
C ASN H 256 -13.78 43.73 -27.10
N PRO H 257 -14.25 43.48 -28.34
CA PRO H 257 -15.50 44.09 -28.76
C PRO H 257 -16.67 43.57 -27.91
N SER H 258 -17.53 44.48 -27.46
CA SER H 258 -18.65 44.11 -26.62
C SER H 258 -19.92 44.87 -26.97
N ALA H 259 -20.95 44.59 -26.17
CA ALA H 259 -22.19 45.36 -26.15
C ALA H 259 -22.85 45.20 -24.78
N THR H 260 -22.69 46.18 -23.90
CA THR H 260 -23.31 46.07 -22.59
C THR H 260 -24.01 47.33 -22.12
N ILE H 261 -25.23 47.11 -21.65
CA ILE H 261 -25.97 48.10 -20.90
C ILE H 261 -25.75 47.81 -19.44
N GLY H 262 -25.93 48.84 -18.63
CA GLY H 262 -26.61 48.69 -17.37
C GLY H 262 -25.95 49.17 -16.11
N ARG H 263 -26.80 49.37 -15.11
CA ARG H 263 -26.38 49.84 -13.78
C ARG H 263 -25.44 48.84 -13.12
N LEU H 264 -25.73 47.55 -13.31
CA LEU H 264 -24.98 46.47 -12.68
C LEU H 264 -23.67 46.16 -13.42
N SER H 265 -23.71 46.30 -14.75
CA SER H 265 -22.59 45.94 -15.61
C SER H 265 -21.50 47.01 -15.65
N GLU H 266 -21.90 48.25 -15.40
CA GLU H 266 -20.99 49.39 -15.60
C GLU H 266 -19.74 49.39 -14.72
N PRO H 267 -19.88 49.09 -13.40
CA PRO H 267 -18.68 49.16 -12.55
C PRO H 267 -17.65 48.11 -12.96
N LEU H 268 -18.10 47.02 -13.55
CA LEU H 268 -17.20 45.95 -13.99
C LEU H 268 -16.33 46.36 -15.17
N TRP H 269 -16.79 47.34 -15.96
CA TRP H 269 -16.11 47.72 -17.20
C TRP H 269 -14.66 48.22 -17.01
N SER H 270 -14.44 49.00 -15.95
CA SER H 270 -13.12 49.55 -15.59
C SER H 270 -12.19 48.48 -15.00
N ILE H 271 -12.77 47.37 -14.58
CA ILE H 271 -12.02 46.33 -13.88
C ILE H 271 -11.50 45.24 -14.80
N GLU H 272 -12.42 44.57 -15.47
CA GLU H 272 -12.14 43.25 -16.04
C GLU H 272 -11.05 43.21 -17.10
N ALA H 273 -11.26 43.97 -18.17
CA ALA H 273 -10.31 44.02 -19.25
C ALA H 273 -8.92 44.55 -18.82
N ARG H 274 -8.92 45.40 -17.80
CA ARG H 274 -7.70 45.97 -17.22
C ARG H 274 -6.87 44.88 -16.56
N ASN H 275 -7.53 44.07 -15.73
CA ASN H 275 -6.90 42.97 -15.01
C ASN H 275 -6.21 42.02 -15.97
N ALA H 276 -6.94 41.66 -17.01
CA ALA H 276 -6.44 40.86 -18.10
C ALA H 276 -5.11 41.34 -18.63
N ALA H 277 -4.99 42.66 -18.85
CA ALA H 277 -3.76 43.25 -19.40
C ALA H 277 -2.62 43.03 -18.45
N ILE H 278 -2.87 43.35 -17.18
CA ILE H 278 -1.94 43.19 -16.04
C ILE H 278 -1.44 41.75 -15.93
N ALA H 279 -2.40 40.85 -15.77
CA ALA H 279 -2.16 39.43 -15.51
C ALA H 279 -1.40 38.72 -16.62
N ASN H 280 -1.82 38.97 -17.86
CA ASN H 280 -1.21 38.32 -19.03
C ASN H 280 -0.08 39.10 -19.68
N SER H 281 0.16 40.32 -19.20
CA SER H 281 1.23 41.17 -19.69
C SER H 281 1.16 41.33 -21.20
N TYR H 282 0.03 41.87 -21.64
CA TYR H 282 -0.17 42.32 -23.02
C TYR H 282 -1.18 43.48 -23.05
N PHE H 283 -1.37 44.06 -24.24
CA PHE H 283 -2.32 45.17 -24.39
C PHE H 283 -3.76 44.69 -24.51
N THR H 284 -4.67 45.50 -23.99
CA THR H 284 -6.10 45.16 -23.95
C THR H 284 -6.97 46.33 -24.49
N VAL H 285 -7.87 46.03 -25.42
CA VAL H 285 -8.64 47.08 -26.08
C VAL H 285 -10.15 46.79 -25.96
N PRO H 286 -10.76 47.09 -24.81
CA PRO H 286 -12.21 46.88 -24.72
C PRO H 286 -13.04 47.98 -25.39
N ILE H 287 -13.83 47.60 -26.39
CA ILE H 287 -14.68 48.53 -27.13
C ILE H 287 -16.14 48.23 -26.76
N ASN H 288 -16.97 49.26 -26.70
CA ASN H 288 -18.38 49.07 -26.38
C ASN H 288 -19.30 49.95 -27.21
N ARG H 289 -20.47 49.39 -27.51
CA ARG H 289 -21.56 50.08 -28.19
C ARG H 289 -21.96 51.40 -27.53
N VAL H 290 -22.63 52.25 -28.29
CA VAL H 290 -23.09 53.55 -27.77
C VAL H 290 -24.57 53.87 -28.10
N GLY H 291 -25.20 54.65 -27.23
CA GLY H 291 -26.60 55.08 -27.42
C GLY H 291 -27.63 54.08 -26.91
N THR H 292 -28.89 54.40 -27.15
CA THR H 292 -30.03 53.60 -26.72
C THR H 292 -30.83 53.13 -27.94
N GLU H 293 -31.22 51.85 -27.96
CA GLU H 293 -31.86 51.24 -29.13
C GLU H 293 -33.29 50.80 -28.83
N GLN H 294 -34.19 50.89 -29.82
CA GLN H 294 -35.57 50.42 -29.66
C GLN H 294 -36.23 49.97 -30.97
N GLY H 312 -31.29 50.80 -23.78
CA GLY H 312 -30.59 51.98 -23.25
C GLY H 312 -30.28 51.90 -21.76
N PRO H 313 -29.07 52.39 -21.36
CA PRO H 313 -28.04 52.97 -22.23
C PRO H 313 -26.87 52.01 -22.55
N PHE H 314 -26.44 51.97 -23.82
CA PHE H 314 -25.16 51.36 -24.16
C PHE H 314 -24.10 52.40 -23.85
N TYR H 315 -23.37 52.16 -22.74
CA TYR H 315 -22.55 53.19 -22.09
C TYR H 315 -21.14 53.43 -22.64
N GLY H 316 -20.87 52.99 -23.86
CA GLY H 316 -19.59 53.29 -24.54
C GLY H 316 -18.37 53.12 -23.64
N SER H 317 -17.58 54.18 -23.49
CA SER H 317 -16.44 54.20 -22.55
C SER H 317 -15.29 53.26 -22.95
N SER H 318 -15.03 53.15 -24.25
CA SER H 318 -13.91 52.34 -24.74
C SER H 318 -12.59 52.88 -24.21
N TYR H 319 -11.62 52.00 -23.99
CA TYR H 319 -10.29 52.44 -23.57
C TYR H 319 -9.22 51.40 -23.90
N VAL H 320 -7.96 51.73 -23.68
CA VAL H 320 -6.89 50.74 -23.82
C VAL H 320 -6.18 50.56 -22.48
N ALA H 321 -5.87 49.31 -22.14
CA ALA H 321 -5.08 49.01 -20.95
C ALA H 321 -3.72 48.39 -21.32
N ALA H 322 -2.69 48.78 -20.57
CA ALA H 322 -1.31 48.39 -20.84
C ALA H 322 -0.83 47.29 -19.90
N PRO H 323 0.12 46.46 -20.37
CA PRO H 323 0.70 45.35 -19.61
C PRO H 323 1.38 45.76 -18.31
N ASP H 324 1.77 47.02 -18.20
CA ASP H 324 2.45 47.52 -16.99
C ASP H 324 1.46 48.00 -15.92
N GLY H 325 0.19 48.09 -16.28
CA GLY H 325 -0.85 48.55 -15.36
C GLY H 325 -1.47 49.90 -15.70
N SER H 326 -0.81 50.65 -16.58
CA SER H 326 -1.34 51.93 -17.04
C SER H 326 -2.50 51.76 -18.02
N ARG H 327 -3.30 52.81 -18.18
CA ARG H 327 -4.46 52.77 -19.06
C ARG H 327 -4.90 54.13 -19.59
N THR H 328 -5.37 54.10 -20.84
CA THR H 328 -5.99 55.24 -21.47
C THR H 328 -7.27 55.67 -20.73
N PRO H 329 -7.50 56.98 -20.60
CA PRO H 329 -8.85 57.47 -20.30
C PRO H 329 -9.91 56.89 -21.25
N SER H 330 -11.17 56.86 -20.80
CA SER H 330 -12.24 56.33 -21.63
C SER H 330 -12.82 57.38 -22.58
N LEU H 331 -13.34 56.90 -23.71
CA LEU H 331 -14.14 57.74 -24.59
C LEU H 331 -15.49 58.06 -23.91
N SER H 332 -16.34 58.82 -24.60
CA SER H 332 -17.60 59.30 -24.02
C SER H 332 -18.58 58.15 -23.76
N ARG H 333 -19.53 58.37 -22.85
CA ARG H 333 -20.51 57.32 -22.53
C ARG H 333 -21.77 57.32 -23.39
N ASP H 334 -21.87 58.30 -24.30
CA ASP H 334 -23.09 58.47 -25.10
C ASP H 334 -22.82 59.06 -26.49
N LYS H 335 -21.56 59.32 -26.81
CA LYS H 335 -21.21 59.86 -28.11
C LYS H 335 -20.33 58.92 -28.92
N ASP H 336 -20.57 58.88 -30.22
CA ASP H 336 -19.72 58.18 -31.18
C ASP H 336 -18.25 58.58 -31.00
N GLY H 337 -17.35 57.61 -31.06
CA GLY H 337 -15.93 57.91 -30.84
C GLY H 337 -14.95 57.05 -31.63
N LEU H 338 -13.78 57.64 -31.90
CA LEU H 338 -12.63 56.92 -32.42
C LEU H 338 -11.48 57.13 -31.46
N LEU H 339 -11.03 56.05 -30.83
CA LEU H 339 -9.87 56.11 -29.94
C LEU H 339 -8.60 55.69 -30.69
N VAL H 340 -7.66 56.62 -30.83
CA VAL H 340 -6.37 56.33 -31.46
C VAL H 340 -5.34 56.23 -30.37
N VAL H 341 -4.66 55.10 -30.27
CA VAL H 341 -3.51 55.00 -29.35
C VAL H 341 -2.30 54.31 -29.99
N GLU H 342 -1.14 54.96 -29.85
CA GLU H 342 0.12 54.38 -30.32
C GLU H 342 0.86 53.74 -29.16
N LEU H 343 1.39 52.54 -29.42
CA LEU H 343 2.03 51.78 -28.37
C LEU H 343 3.30 51.12 -28.86
N ASP H 344 4.19 50.83 -27.92
CA ASP H 344 5.43 50.15 -28.22
C ASP H 344 5.31 48.69 -27.79
N LEU H 345 5.22 47.79 -28.77
CA LEU H 345 4.94 46.38 -28.51
C LEU H 345 5.99 45.68 -27.64
N ASN H 346 7.15 46.31 -27.48
CA ASN H 346 8.24 45.76 -26.65
C ASN H 346 7.96 45.84 -25.15
N LEU H 347 6.99 46.67 -24.77
CA LEU H 347 6.55 46.80 -23.38
C LEU H 347 6.12 45.44 -22.82
N CYS H 348 5.57 44.61 -23.72
CA CYS H 348 5.11 43.26 -23.40
C CYS H 348 6.21 42.43 -22.76
N ARG H 349 7.21 42.07 -23.55
CA ARG H 349 8.33 41.26 -23.04
C ARG H 349 8.98 41.90 -21.80
N GLN H 350 9.22 43.20 -21.86
CA GLN H 350 9.85 43.91 -20.76
C GLN H 350 9.13 43.78 -19.43
N VAL H 351 7.80 43.89 -19.46
CA VAL H 351 7.02 43.71 -18.23
C VAL H 351 7.05 42.23 -17.79
N LYS H 352 7.01 41.31 -18.76
CA LYS H 352 7.10 39.89 -18.47
C LYS H 352 8.41 39.57 -17.77
N ASP H 353 9.49 40.22 -18.19
CA ASP H 353 10.82 39.94 -17.62
C ASP H 353 11.00 40.57 -16.25
N PHE H 354 10.33 41.69 -15.98
CA PHE H 354 10.51 42.38 -14.70
C PHE H 354 9.62 41.83 -13.59
N TRP H 355 8.33 41.70 -13.89
CA TRP H 355 7.37 41.12 -12.95
C TRP H 355 7.41 39.60 -12.90
N GLY H 356 7.72 38.96 -14.04
CA GLY H 356 7.81 37.50 -14.16
C GLY H 356 6.55 36.68 -13.94
N PHE H 357 5.39 37.19 -14.40
CA PHE H 357 4.13 36.51 -14.13
C PHE H 357 4.06 35.17 -14.82
N ARG H 358 4.62 35.10 -16.01
CA ARG H 358 4.50 33.91 -16.82
C ARG H 358 5.54 32.88 -16.40
N MET H 359 6.60 33.35 -15.74
CA MET H 359 7.62 32.50 -15.15
C MET H 359 7.10 31.78 -13.92
N THR H 360 6.08 32.35 -13.26
CA THR H 360 5.52 31.80 -12.02
C THR H 360 4.07 31.33 -12.14
N GLN H 361 3.61 31.05 -13.36
CA GLN H 361 2.21 30.65 -13.58
C GLN H 361 1.86 29.27 -13.05
N ARG H 362 2.84 28.35 -13.10
CA ARG H 362 2.65 26.95 -12.71
C ARG H 362 1.53 26.28 -13.53
N VAL H 363 1.52 26.54 -14.83
CA VAL H 363 0.53 26.00 -15.75
C VAL H 363 0.29 24.48 -15.55
N PRO H 364 1.36 23.65 -15.43
CA PRO H 364 1.14 22.23 -15.25
C PRO H 364 0.21 21.89 -14.09
N LEU H 365 0.38 22.58 -12.96
CA LEU H 365 -0.43 22.39 -11.76
C LEU H 365 -1.91 22.73 -11.96
N TYR H 366 -2.18 23.82 -12.68
CA TYR H 366 -3.54 24.24 -12.94
C TYR H 366 -4.21 23.39 -14.00
N ALA H 367 -3.43 22.93 -14.97
CA ALA H 367 -3.92 21.97 -15.95
C ALA H 367 -4.51 20.77 -15.21
N GLU H 368 -3.74 20.29 -14.24
CA GLU H 368 -4.11 19.13 -13.45
C GLU H 368 -5.29 19.41 -12.54
N SER H 369 -5.27 20.56 -11.86
CA SER H 369 -6.38 21.00 -10.97
C SER H 369 -7.72 21.17 -11.69
N PHE H 370 -7.67 21.72 -12.91
CA PHE H 370 -8.86 22.00 -13.68
C PHE H 370 -9.45 20.73 -14.28
N LYS H 371 -8.58 19.77 -14.59
CA LYS H 371 -9.00 18.46 -15.10
C LYS H 371 -9.77 17.69 -14.02
N LYS H 372 -9.20 17.65 -12.82
CA LYS H 372 -9.81 16.97 -11.68
C LYS H 372 -11.13 17.64 -11.29
N ALA H 373 -11.18 18.96 -11.33
CA ALA H 373 -12.42 19.69 -11.04
C ALA H 373 -13.55 19.47 -12.05
N SER H 374 -13.22 19.21 -13.31
CA SER H 374 -14.24 19.04 -14.36
C SER H 374 -14.78 17.62 -14.42
N GLU H 375 -14.08 16.70 -13.77
CA GLU H 375 -14.48 15.30 -13.72
C GLU H 375 -15.68 15.08 -12.78
N HIS H 376 -16.40 13.99 -13.01
CA HIS H 376 -17.70 13.77 -12.40
C HIS H 376 -17.57 13.44 -10.92
N GLY H 377 -16.53 12.68 -10.55
CA GLY H 377 -16.29 12.30 -9.17
C GLY H 377 -15.68 13.40 -8.30
N PHE H 378 -15.77 14.64 -8.78
CA PHE H 378 -15.10 15.78 -8.15
C PHE H 378 -15.42 16.00 -6.68
N LYS H 379 -14.46 15.69 -5.82
CA LYS H 379 -14.53 15.95 -4.38
C LYS H 379 -13.68 17.19 -4.07
N PRO H 380 -14.33 18.35 -3.86
CA PRO H 380 -13.59 19.60 -3.60
C PRO H 380 -12.66 19.54 -2.39
N GLN H 381 -11.58 20.31 -2.44
CA GLN H 381 -10.57 20.35 -1.37
C GLN H 381 -11.02 21.23 -0.22
N ILE H 382 -12.03 20.77 0.53
CA ILE H 382 -12.51 21.44 1.74
C ILE H 382 -11.87 20.80 2.98
N ILE H 383 -11.33 21.65 3.85
CA ILE H 383 -10.80 21.22 5.15
C ILE H 383 -11.84 21.51 6.25
N LYS H 384 -12.31 20.46 6.91
CA LYS H 384 -13.32 20.56 7.98
C LYS H 384 -12.67 20.47 9.36
N GLU H 385 -13.42 20.89 10.39
CA GLU H 385 -12.94 20.76 11.77
C GLU H 385 -13.12 19.35 12.34
N THR H 386 -12.03 18.84 12.88
CA THR H 386 -11.89 17.44 13.25
C THR H 386 -12.57 17.13 14.57
#